data_2B3W
#
_entry.id   2B3W
#
_entity_poly.entity_id   1
_entity_poly.type   'polypeptide(L)'
_entity_poly.pdbx_seq_one_letter_code
;MPVRAQRIQHVMQDTIINFYSTSDDYGDFSNFAAWPIKVDGKTWPTSEHYFQAQKFLDEKYREEIRRVSSPMVAARMGRD
RSKPLRKNWESVKEQVMRKALRAKFEQHAELRALLLATAPAKLVEHTENDAYWGDGGHGKGKNRLGYLLMELREQLAIEK
LEHHHHHH
;
_entity_poly.pdbx_strand_id   A
#
# COMPACT_ATOMS: atom_id res chain seq x y z
N MET A 1 -0.08 -10.81 17.87
CA MET A 1 0.04 -9.64 16.97
C MET A 1 0.95 -8.59 17.60
N PRO A 2 2.25 -8.68 17.33
CA PRO A 2 3.24 -7.74 17.84
C PRO A 2 3.57 -6.64 16.84
N VAL A 3 3.23 -5.41 17.20
CA VAL A 3 3.60 -4.26 16.38
C VAL A 3 5.07 -3.95 16.57
N ARG A 4 5.91 -4.65 15.81
CA ARG A 4 7.35 -4.50 15.96
C ARG A 4 8.02 -4.30 14.61
N ALA A 5 9.17 -3.65 14.65
CA ALA A 5 10.09 -3.68 13.53
C ALA A 5 10.76 -5.05 13.52
N GLN A 6 10.88 -5.65 12.34
CA GLN A 6 11.38 -7.02 12.21
C GLN A 6 10.40 -8.02 12.83
N ARG A 7 9.23 -8.19 12.20
CA ARG A 7 8.26 -9.20 12.63
C ARG A 7 8.94 -10.57 12.59
N ILE A 8 9.51 -10.87 11.44
CA ILE A 8 10.46 -11.96 11.32
C ILE A 8 11.84 -11.34 11.31
N GLN A 9 12.57 -11.50 12.40
CA GLN A 9 13.87 -10.87 12.56
C GLN A 9 14.84 -11.36 11.50
N HIS A 10 14.93 -10.60 10.40
CA HIS A 10 15.72 -10.98 9.23
C HIS A 10 15.19 -12.29 8.64
N VAL A 11 14.37 -12.16 7.59
CA VAL A 11 13.82 -13.35 6.93
C VAL A 11 14.92 -14.21 6.34
N MET A 12 14.54 -15.42 5.92
CA MET A 12 15.50 -16.43 5.46
C MET A 12 16.22 -15.96 4.20
N GLN A 13 15.58 -16.21 3.05
CA GLN A 13 16.13 -15.89 1.75
C GLN A 13 15.26 -16.54 0.67
N ASP A 14 14.70 -15.71 -0.22
CA ASP A 14 13.81 -16.20 -1.27
C ASP A 14 12.53 -16.77 -0.67
N THR A 15 12.19 -16.30 0.51
CA THR A 15 11.00 -16.76 1.21
C THR A 15 9.76 -16.13 0.60
N ILE A 16 8.96 -16.96 -0.06
CA ILE A 16 7.71 -16.48 -0.65
C ILE A 16 6.66 -16.31 0.44
N ILE A 17 6.35 -15.07 0.75
CA ILE A 17 5.41 -14.77 1.80
C ILE A 17 4.00 -14.55 1.24
N ASN A 18 3.18 -15.58 1.31
CA ASN A 18 1.77 -15.47 0.93
C ASN A 18 0.95 -15.08 2.15
N PHE A 19 0.51 -13.84 2.19
CA PHE A 19 -0.19 -13.34 3.36
C PHE A 19 -1.61 -12.93 2.99
N TYR A 20 -2.57 -13.37 3.81
CA TYR A 20 -3.92 -12.83 3.73
C TYR A 20 -4.57 -12.90 5.11
N SER A 21 -4.58 -11.76 5.78
CA SER A 21 -5.16 -11.63 7.13
C SER A 21 -4.95 -10.20 7.63
N THR A 22 -5.90 -9.33 7.32
CA THR A 22 -5.76 -7.91 7.66
C THR A 22 -6.10 -7.64 9.13
N SER A 23 -6.40 -8.70 9.87
CA SER A 23 -6.78 -8.56 11.27
C SER A 23 -5.56 -8.66 12.20
N ASP A 24 -4.41 -9.01 11.65
CA ASP A 24 -3.19 -9.14 12.47
C ASP A 24 -2.01 -8.40 11.84
N ASP A 25 -0.82 -8.71 12.32
CA ASP A 25 0.39 -7.98 11.95
C ASP A 25 0.74 -8.19 10.46
N TYR A 26 0.33 -9.31 9.89
CA TYR A 26 0.58 -9.55 8.47
C TYR A 26 -0.43 -8.81 7.60
N GLY A 27 -1.38 -8.14 8.26
CA GLY A 27 -2.41 -7.42 7.53
C GLY A 27 -1.96 -6.05 7.09
N ASP A 28 -0.88 -5.55 7.67
CA ASP A 28 -0.37 -4.23 7.33
C ASP A 28 0.19 -4.20 5.92
N PHE A 29 0.64 -5.37 5.45
CA PHE A 29 1.15 -5.50 4.11
C PHE A 29 0.04 -5.35 3.09
N SER A 30 -1.19 -5.67 3.51
CA SER A 30 -2.36 -5.41 2.70
C SER A 30 -2.67 -3.92 2.78
N ASN A 31 -2.81 -3.29 1.63
CA ASN A 31 -3.00 -1.83 1.55
C ASN A 31 -4.28 -1.40 2.28
N PHE A 32 -5.20 -2.34 2.46
CA PHE A 32 -6.50 -2.04 3.07
C PHE A 32 -6.36 -1.89 4.61
N ALA A 33 -5.13 -1.95 5.10
CA ALA A 33 -4.87 -1.75 6.52
C ALA A 33 -5.18 -0.31 6.92
N ALA A 34 -5.93 -0.16 8.01
CA ALA A 34 -6.39 1.15 8.47
C ALA A 34 -5.31 1.89 9.23
N TRP A 35 -4.18 2.11 8.58
CA TRP A 35 -3.10 2.90 9.14
C TRP A 35 -3.11 4.30 8.53
N PRO A 36 -3.32 5.33 9.36
CA PRO A 36 -3.41 6.72 8.90
C PRO A 36 -2.16 7.17 8.14
N ILE A 37 -2.36 7.65 6.93
CA ILE A 37 -1.27 8.11 6.09
C ILE A 37 -1.34 9.61 5.84
N LYS A 38 -0.20 10.28 5.88
CA LYS A 38 -0.13 11.71 5.65
C LYS A 38 0.39 11.98 4.24
N VAL A 39 -0.51 12.37 3.35
CA VAL A 39 -0.17 12.52 1.94
C VAL A 39 -0.58 13.89 1.41
N ASP A 40 0.39 14.62 0.88
CA ASP A 40 0.15 15.91 0.23
C ASP A 40 -0.49 16.92 1.17
N GLY A 41 -0.24 16.76 2.46
CA GLY A 41 -0.74 17.72 3.42
C GLY A 41 -1.99 17.27 4.14
N LYS A 42 -2.56 16.14 3.75
CA LYS A 42 -3.79 15.67 4.38
C LYS A 42 -3.62 14.26 4.92
N THR A 43 -4.45 13.92 5.89
CA THR A 43 -4.39 12.61 6.52
C THR A 43 -5.47 11.71 5.95
N TRP A 44 -5.04 10.63 5.32
CA TRP A 44 -5.96 9.68 4.71
C TRP A 44 -6.02 8.43 5.55
N PRO A 45 -7.23 7.91 5.82
CA PRO A 45 -7.42 6.70 6.62
C PRO A 45 -6.70 5.49 6.06
N THR A 46 -6.76 5.34 4.74
CA THR A 46 -6.12 4.22 4.05
C THR A 46 -5.67 4.67 2.66
N SER A 47 -4.93 3.81 1.97
CA SER A 47 -4.40 4.15 0.66
C SER A 47 -5.51 4.28 -0.39
N GLU A 48 -6.57 3.48 -0.24
CA GLU A 48 -7.68 3.48 -1.20
C GLU A 48 -8.35 4.84 -1.27
N HIS A 49 -8.30 5.57 -0.16
CA HIS A 49 -8.91 6.89 -0.08
C HIS A 49 -8.19 7.86 -1.02
N TYR A 50 -6.87 7.87 -0.95
CA TYR A 50 -6.07 8.71 -1.84
C TYR A 50 -6.09 8.13 -3.26
N PHE A 51 -6.09 6.81 -3.33
CA PHE A 51 -6.09 6.10 -4.60
C PHE A 51 -7.32 6.47 -5.44
N GLN A 52 -8.50 6.42 -4.83
CA GLN A 52 -9.72 6.70 -5.57
C GLN A 52 -10.02 8.20 -5.61
N ALA A 53 -9.34 8.97 -4.77
CA ALA A 53 -9.46 10.42 -4.82
C ALA A 53 -8.80 10.95 -6.10
N GLN A 54 -7.78 10.24 -6.55
CA GLN A 54 -7.13 10.55 -7.81
C GLN A 54 -7.78 9.78 -8.96
N LYS A 55 -8.47 8.69 -8.63
CA LYS A 55 -9.22 7.92 -9.63
C LYS A 55 -10.25 8.79 -10.33
N PHE A 56 -11.08 9.44 -9.53
CA PHE A 56 -12.11 10.32 -10.05
C PHE A 56 -11.58 11.73 -10.16
N LEU A 57 -11.96 12.44 -11.21
CA LEU A 57 -11.63 13.84 -11.33
C LEU A 57 -12.82 14.68 -10.90
N ASP A 58 -13.81 14.02 -10.31
CA ASP A 58 -14.95 14.70 -9.72
C ASP A 58 -14.52 15.49 -8.50
N GLU A 59 -14.59 16.80 -8.62
CA GLU A 59 -14.18 17.74 -7.58
C GLU A 59 -14.80 17.40 -6.23
N LYS A 60 -16.13 17.46 -6.18
CA LYS A 60 -16.86 17.33 -4.94
C LYS A 60 -16.91 15.88 -4.48
N TYR A 61 -16.66 14.96 -5.40
CA TYR A 61 -16.66 13.55 -5.07
C TYR A 61 -15.34 13.18 -4.43
N ARG A 62 -14.25 13.79 -4.89
CA ARG A 62 -12.95 13.62 -4.26
C ARG A 62 -13.03 14.07 -2.81
N GLU A 63 -13.68 15.22 -2.60
CA GLU A 63 -13.90 15.73 -1.25
C GLU A 63 -14.67 14.73 -0.38
N GLU A 64 -15.65 14.06 -0.98
CA GLU A 64 -16.41 13.03 -0.27
C GLU A 64 -15.51 11.87 0.14
N ILE A 65 -14.72 11.37 -0.81
CA ILE A 65 -13.85 10.22 -0.55
C ILE A 65 -12.70 10.61 0.37
N ARG A 66 -12.39 11.90 0.40
CA ARG A 66 -11.37 12.43 1.29
C ARG A 66 -11.90 12.56 2.71
N ARG A 67 -13.21 12.78 2.81
CA ARG A 67 -13.86 13.03 4.08
C ARG A 67 -14.25 11.73 4.78
N VAL A 68 -14.65 10.74 4.00
CA VAL A 68 -15.07 9.46 4.56
C VAL A 68 -13.91 8.74 5.26
N SER A 69 -14.06 8.53 6.57
CA SER A 69 -13.04 7.87 7.35
C SER A 69 -13.09 6.36 7.12
N SER A 70 -14.29 5.85 6.90
CA SER A 70 -14.52 4.42 6.70
C SER A 70 -13.88 3.94 5.39
N PRO A 71 -13.03 2.90 5.47
CA PRO A 71 -12.33 2.34 4.31
C PRO A 71 -13.26 1.57 3.36
N MET A 72 -14.18 0.80 3.91
CA MET A 72 -15.05 -0.04 3.10
C MET A 72 -16.05 0.80 2.31
N VAL A 73 -16.41 1.95 2.87
CA VAL A 73 -17.33 2.86 2.20
C VAL A 73 -16.69 3.44 0.95
N ALA A 74 -15.40 3.77 1.03
CA ALA A 74 -14.67 4.28 -0.13
C ALA A 74 -14.66 3.25 -1.25
N ALA A 75 -14.50 1.99 -0.88
CA ALA A 75 -14.51 0.91 -1.86
C ALA A 75 -15.91 0.74 -2.46
N ARG A 76 -16.92 0.90 -1.62
CA ARG A 76 -18.30 0.72 -2.05
C ARG A 76 -18.73 1.78 -3.06
N MET A 77 -18.62 3.05 -2.69
CA MET A 77 -19.08 4.12 -3.57
C MET A 77 -18.01 4.48 -4.60
N GLY A 78 -16.80 3.99 -4.38
CA GLY A 78 -15.74 4.19 -5.34
C GLY A 78 -15.66 3.04 -6.32
N ARG A 79 -16.39 1.96 -6.03
CA ARG A 79 -16.42 0.78 -6.88
C ARG A 79 -16.78 1.13 -8.32
N ASP A 80 -17.73 2.04 -8.48
CA ASP A 80 -18.32 2.33 -9.78
C ASP A 80 -17.27 2.80 -10.79
N ARG A 81 -17.39 2.29 -12.01
CA ARG A 81 -16.52 2.68 -13.09
C ARG A 81 -17.34 3.35 -14.20
N SER A 82 -18.54 3.79 -13.85
CA SER A 82 -19.41 4.47 -14.79
C SER A 82 -19.16 5.98 -14.72
N LYS A 83 -18.75 6.43 -13.55
CA LYS A 83 -18.39 7.83 -13.35
C LYS A 83 -17.20 8.20 -14.22
N PRO A 84 -17.03 9.50 -14.54
CA PRO A 84 -15.89 9.98 -15.33
C PRO A 84 -14.57 9.64 -14.65
N LEU A 85 -13.80 8.77 -15.29
CA LEU A 85 -12.49 8.40 -14.78
C LEU A 85 -11.41 9.16 -15.56
N ARG A 86 -10.21 9.19 -15.02
CA ARG A 86 -9.08 9.81 -15.72
C ARG A 86 -8.73 9.01 -16.96
N LYS A 87 -8.43 9.72 -18.04
CA LYS A 87 -8.09 9.10 -19.32
C LYS A 87 -6.85 8.22 -19.17
N ASN A 88 -6.00 8.59 -18.23
CA ASN A 88 -4.76 7.87 -17.97
C ASN A 88 -4.86 7.02 -16.71
N TRP A 89 -6.08 6.84 -16.20
CA TRP A 89 -6.29 6.11 -14.95
C TRP A 89 -5.78 4.67 -15.05
N GLU A 90 -5.89 4.08 -16.23
CA GLU A 90 -5.46 2.71 -16.42
C GLU A 90 -3.94 2.58 -16.27
N SER A 91 -3.23 3.67 -16.47
CA SER A 91 -1.77 3.66 -16.35
C SER A 91 -1.32 4.21 -15.00
N VAL A 92 -1.92 5.33 -14.58
CA VAL A 92 -1.43 6.07 -13.41
C VAL A 92 -1.75 5.39 -12.08
N LYS A 93 -2.36 4.20 -12.13
CA LYS A 93 -2.62 3.45 -10.90
C LYS A 93 -1.32 3.21 -10.16
N GLU A 94 -0.28 2.87 -10.91
CA GLU A 94 1.04 2.61 -10.36
C GLU A 94 1.58 3.86 -9.67
N GLN A 95 1.34 5.01 -10.28
CA GLN A 95 1.85 6.27 -9.76
C GLN A 95 1.16 6.66 -8.44
N VAL A 96 -0.17 6.64 -8.46
CA VAL A 96 -0.95 7.04 -7.30
C VAL A 96 -0.70 6.10 -6.13
N MET A 97 -0.78 4.81 -6.39
CA MET A 97 -0.62 3.79 -5.35
C MET A 97 0.80 3.79 -4.80
N ARG A 98 1.78 4.03 -5.68
CA ARG A 98 3.18 4.04 -5.27
C ARG A 98 3.43 5.13 -4.23
N LYS A 99 2.86 6.30 -4.46
CA LYS A 99 3.01 7.41 -3.53
C LYS A 99 2.24 7.14 -2.23
N ALA A 100 1.09 6.48 -2.36
CA ALA A 100 0.28 6.13 -1.20
C ALA A 100 1.02 5.12 -0.33
N LEU A 101 1.63 4.12 -0.97
CA LEU A 101 2.42 3.12 -0.26
C LEU A 101 3.64 3.76 0.39
N ARG A 102 4.26 4.70 -0.33
CA ARG A 102 5.37 5.46 0.20
C ARG A 102 4.99 6.12 1.51
N ALA A 103 3.89 6.88 1.48
CA ALA A 103 3.43 7.61 2.64
C ALA A 103 3.06 6.67 3.78
N LYS A 104 2.53 5.50 3.44
CA LYS A 104 2.12 4.52 4.44
C LYS A 104 3.31 4.02 5.26
N PHE A 105 4.32 3.50 4.57
CA PHE A 105 5.46 2.90 5.25
C PHE A 105 6.44 3.96 5.75
N GLU A 106 6.49 5.11 5.10
CA GLU A 106 7.44 6.15 5.49
C GLU A 106 6.94 6.92 6.71
N GLN A 107 5.64 7.22 6.74
CA GLN A 107 5.07 8.02 7.82
C GLN A 107 5.07 7.25 9.14
N HIS A 108 5.28 5.94 9.05
CA HIS A 108 5.40 5.09 10.23
C HIS A 108 6.71 4.32 10.19
N ALA A 109 7.66 4.72 11.02
CA ALA A 109 8.96 4.07 11.08
C ALA A 109 8.81 2.59 11.39
N GLU A 110 7.76 2.25 12.15
CA GLU A 110 7.46 0.88 12.49
C GLU A 110 7.27 0.06 11.21
N LEU A 111 6.49 0.61 10.30
CA LEU A 111 6.14 -0.08 9.06
C LEU A 111 7.31 -0.09 8.10
N ARG A 112 8.04 1.02 8.04
CA ARG A 112 9.20 1.11 7.17
C ARG A 112 10.23 0.05 7.54
N ALA A 113 10.53 -0.05 8.82
CA ALA A 113 11.49 -1.03 9.30
C ALA A 113 10.98 -2.44 9.07
N LEU A 114 9.66 -2.62 9.19
CA LEU A 114 9.03 -3.90 8.93
C LEU A 114 9.17 -4.28 7.46
N LEU A 115 9.08 -3.28 6.59
CA LEU A 115 9.22 -3.50 5.15
C LEU A 115 10.61 -4.01 4.80
N LEU A 116 11.65 -3.34 5.27
CA LEU A 116 13.02 -3.78 5.00
C LEU A 116 13.31 -5.11 5.69
N ALA A 117 12.52 -5.44 6.71
CA ALA A 117 12.66 -6.69 7.43
C ALA A 117 12.30 -7.89 6.56
N THR A 118 11.39 -7.68 5.61
CA THR A 118 10.93 -8.77 4.75
C THR A 118 11.90 -9.03 3.61
N ALA A 119 12.97 -8.26 3.54
CA ALA A 119 14.07 -8.56 2.63
C ALA A 119 15.05 -9.54 3.27
N PRO A 120 15.58 -10.51 2.51
CA PRO A 120 15.26 -10.71 1.10
C PRO A 120 14.23 -11.82 0.86
N ALA A 121 12.97 -11.51 1.16
CA ALA A 121 11.87 -12.40 0.86
C ALA A 121 11.01 -11.79 -0.25
N LYS A 122 10.00 -12.51 -0.69
CA LYS A 122 9.14 -12.00 -1.75
C LYS A 122 7.69 -11.93 -1.26
N LEU A 123 7.13 -10.73 -1.30
CA LEU A 123 5.81 -10.47 -0.75
C LEU A 123 4.73 -10.77 -1.78
N VAL A 124 3.77 -11.61 -1.41
CA VAL A 124 2.68 -11.97 -2.30
C VAL A 124 1.33 -11.84 -1.59
N GLU A 125 0.50 -10.93 -2.11
CA GLU A 125 -0.86 -10.75 -1.59
C GLU A 125 -1.75 -11.83 -2.18
N HIS A 126 -2.51 -12.49 -1.32
CA HIS A 126 -3.30 -13.63 -1.75
C HIS A 126 -4.75 -13.41 -1.35
N THR A 127 -5.44 -12.58 -2.11
CA THR A 127 -6.85 -12.38 -1.89
C THR A 127 -7.64 -13.43 -2.66
N GLU A 128 -8.32 -14.29 -1.92
CA GLU A 128 -9.11 -15.36 -2.51
C GLU A 128 -10.47 -14.80 -2.93
N ASN A 129 -10.45 -13.61 -3.49
CA ASN A 129 -11.67 -12.89 -3.85
C ASN A 129 -11.47 -12.13 -5.15
N ASP A 130 -10.75 -11.02 -5.06
CA ASP A 130 -10.55 -10.11 -6.16
C ASP A 130 -9.07 -10.00 -6.53
N ALA A 131 -8.67 -10.78 -7.51
CA ALA A 131 -7.26 -10.82 -7.92
C ALA A 131 -6.89 -9.58 -8.72
N TYR A 132 -6.52 -8.52 -8.03
CA TYR A 132 -6.05 -7.28 -8.65
C TYR A 132 -5.07 -6.59 -7.71
N TRP A 133 -3.84 -6.38 -8.19
CA TRP A 133 -2.72 -5.87 -7.38
C TRP A 133 -2.18 -6.98 -6.48
N GLY A 134 -2.91 -8.07 -6.42
CA GLY A 134 -2.51 -9.22 -5.67
C GLY A 134 -2.81 -10.44 -6.48
N ASP A 135 -1.90 -11.39 -6.52
CA ASP A 135 -1.97 -12.47 -7.52
C ASP A 135 -3.14 -13.41 -7.26
N GLY A 136 -3.92 -13.09 -6.24
CA GLY A 136 -5.12 -13.83 -5.94
C GLY A 136 -4.85 -15.24 -5.47
N GLY A 137 -5.89 -16.05 -5.50
CA GLY A 137 -5.75 -17.43 -5.08
C GLY A 137 -5.37 -18.35 -6.22
N HIS A 138 -5.56 -17.89 -7.45
CA HIS A 138 -5.35 -18.72 -8.63
C HIS A 138 -4.00 -18.46 -9.29
N GLY A 139 -3.36 -17.34 -8.97
CA GLY A 139 -2.06 -17.06 -9.54
C GLY A 139 -2.16 -16.30 -10.85
N LYS A 140 -2.73 -15.11 -10.78
CA LYS A 140 -2.86 -14.20 -11.92
C LYS A 140 -3.63 -12.97 -11.47
N GLY A 141 -3.03 -12.22 -10.56
CA GLY A 141 -3.74 -11.11 -9.95
C GLY A 141 -3.02 -9.79 -10.08
N LYS A 142 -1.90 -9.79 -10.81
CA LYS A 142 -1.11 -8.58 -10.99
C LYS A 142 -0.54 -8.12 -9.64
N ASN A 143 0.13 -9.05 -8.98
CA ASN A 143 0.74 -8.88 -7.64
C ASN A 143 1.73 -7.71 -7.55
N ARG A 144 1.86 -6.94 -8.62
CA ARG A 144 2.80 -5.81 -8.66
C ARG A 144 2.65 -4.85 -7.48
N LEU A 145 1.55 -4.96 -6.72
CA LEU A 145 1.42 -4.21 -5.46
C LEU A 145 2.54 -4.61 -4.50
N GLY A 146 2.72 -5.92 -4.33
CA GLY A 146 3.81 -6.43 -3.54
C GLY A 146 5.15 -6.08 -4.13
N TYR A 147 5.21 -6.00 -5.46
CA TYR A 147 6.44 -5.61 -6.14
C TYR A 147 6.75 -4.15 -5.88
N LEU A 148 5.74 -3.30 -5.91
CA LEU A 148 5.91 -1.89 -5.58
C LEU A 148 6.46 -1.76 -4.19
N LEU A 149 6.02 -2.64 -3.29
CA LEU A 149 6.53 -2.69 -1.93
C LEU A 149 8.00 -3.09 -1.92
N MET A 150 8.38 -4.01 -2.81
CA MET A 150 9.77 -4.46 -2.91
C MET A 150 10.65 -3.32 -3.41
N GLU A 151 10.21 -2.69 -4.50
CA GLU A 151 10.99 -1.64 -5.14
C GLU A 151 11.03 -0.39 -4.26
N LEU A 152 9.92 -0.12 -3.57
CA LEU A 152 9.87 0.98 -2.61
C LEU A 152 10.87 0.73 -1.49
N ARG A 153 10.90 -0.51 -1.01
CA ARG A 153 11.85 -0.93 0.02
C ARG A 153 13.28 -0.63 -0.41
N GLU A 154 13.58 -0.89 -1.68
CA GLU A 154 14.92 -0.68 -2.19
C GLU A 154 15.24 0.82 -2.24
N GLN A 155 14.24 1.64 -2.54
CA GLN A 155 14.42 3.09 -2.53
C GLN A 155 14.72 3.57 -1.12
N LEU A 156 14.00 3.01 -0.15
CA LEU A 156 14.19 3.34 1.25
C LEU A 156 15.56 2.85 1.72
N ALA A 157 16.03 1.78 1.10
CA ALA A 157 17.34 1.24 1.39
C ALA A 157 18.42 2.20 0.88
N ILE A 158 18.21 2.75 -0.30
CA ILE A 158 19.17 3.71 -0.87
C ILE A 158 19.31 4.93 0.05
N GLU A 159 18.17 5.45 0.50
CA GLU A 159 18.16 6.59 1.43
C GLU A 159 18.87 6.20 2.73
N LYS A 160 18.67 4.96 3.16
CA LYS A 160 19.31 4.46 4.37
C LYS A 160 20.80 4.26 4.14
N LEU A 161 21.18 3.90 2.92
CA LEU A 161 22.58 3.71 2.55
C LEU A 161 23.32 5.05 2.54
N GLU A 162 22.57 6.14 2.63
CA GLU A 162 23.15 7.46 2.75
C GLU A 162 23.52 7.76 4.20
N HIS A 163 23.45 6.74 5.04
CA HIS A 163 23.86 6.86 6.44
C HIS A 163 25.27 7.43 6.59
N HIS A 164 25.36 8.67 7.01
CA HIS A 164 26.63 9.31 7.26
C HIS A 164 26.42 10.43 8.27
N HIS A 165 26.48 10.07 9.54
CA HIS A 165 26.18 10.99 10.62
C HIS A 165 27.05 10.71 11.84
N HIS A 166 27.46 11.77 12.52
CA HIS A 166 28.36 11.66 13.66
C HIS A 166 27.61 11.22 14.92
N HIS A 167 27.28 9.93 14.96
CA HIS A 167 26.59 9.33 16.10
C HIS A 167 26.80 7.82 16.05
N HIS A 168 26.76 7.28 14.85
CA HIS A 168 26.94 5.86 14.63
C HIS A 168 27.49 5.65 13.23
N MET A 1 5.27 3.33 22.13
CA MET A 1 4.77 3.66 20.78
C MET A 1 3.94 2.50 20.22
N PRO A 2 2.90 2.81 19.44
CA PRO A 2 2.01 1.79 18.89
C PRO A 2 2.54 1.18 17.58
N VAL A 3 3.02 -0.05 17.66
CA VAL A 3 3.51 -0.75 16.49
C VAL A 3 3.05 -2.21 16.50
N ARG A 4 3.57 -2.96 17.46
CA ARG A 4 3.21 -4.37 17.64
C ARG A 4 3.49 -5.20 16.37
N ALA A 5 4.42 -4.73 15.56
CA ALA A 5 4.86 -5.49 14.40
C ALA A 5 5.62 -6.73 14.87
N GLN A 6 5.22 -7.89 14.39
CA GLN A 6 5.81 -9.14 14.83
C GLN A 6 7.27 -9.23 14.39
N ARG A 7 7.53 -8.81 13.16
CA ARG A 7 8.88 -8.79 12.58
C ARG A 7 9.44 -10.22 12.42
N ILE A 8 10.57 -10.32 11.75
CA ILE A 8 11.27 -11.58 11.60
C ILE A 8 12.76 -11.39 11.83
N GLN A 9 13.43 -12.42 12.32
CA GLN A 9 14.88 -12.34 12.52
C GLN A 9 15.60 -12.39 11.18
N HIS A 10 15.08 -13.22 10.28
CA HIS A 10 15.64 -13.37 8.95
C HIS A 10 14.66 -14.07 8.05
N VAL A 11 14.97 -14.12 6.76
CA VAL A 11 14.15 -14.87 5.82
C VAL A 11 14.71 -16.28 5.65
N MET A 12 14.02 -17.10 4.89
CA MET A 12 14.43 -18.48 4.69
C MET A 12 14.93 -18.68 3.26
N GLN A 13 15.63 -17.66 2.75
CA GLN A 13 16.15 -17.66 1.37
C GLN A 13 15.01 -17.70 0.36
N ASP A 14 14.73 -16.55 -0.23
CA ASP A 14 13.61 -16.37 -1.16
C ASP A 14 12.32 -16.93 -0.56
N THR A 15 11.72 -16.15 0.31
CA THR A 15 10.51 -16.57 1.00
C THR A 15 9.32 -15.85 0.38
N ILE A 16 8.31 -16.61 0.00
CA ILE A 16 7.10 -16.01 -0.55
C ILE A 16 6.06 -15.86 0.54
N ILE A 17 5.85 -14.63 0.96
CA ILE A 17 4.95 -14.34 2.06
C ILE A 17 3.55 -14.10 1.53
N ASN A 18 2.73 -15.14 1.57
CA ASN A 18 1.33 -15.02 1.21
C ASN A 18 0.54 -14.53 2.40
N PHE A 19 0.23 -13.24 2.40
CA PHE A 19 -0.52 -12.65 3.49
C PHE A 19 -1.85 -12.16 2.98
N TYR A 20 -2.86 -12.19 3.83
CA TYR A 20 -4.17 -11.71 3.46
C TYR A 20 -4.89 -11.17 4.68
N SER A 21 -5.78 -10.19 4.42
CA SER A 21 -6.61 -9.55 5.43
C SER A 21 -5.77 -8.83 6.48
N THR A 22 -6.40 -7.91 7.17
CA THR A 22 -5.74 -7.21 8.24
C THR A 22 -5.84 -8.05 9.52
N SER A 23 -7.07 -8.21 10.00
CA SER A 23 -7.37 -9.04 11.16
C SER A 23 -6.66 -8.54 12.42
N ASP A 24 -5.37 -8.85 12.54
CA ASP A 24 -4.59 -8.44 13.69
C ASP A 24 -3.65 -7.30 13.32
N ASP A 25 -2.73 -6.99 14.21
CA ASP A 25 -1.84 -5.85 14.05
C ASP A 25 -0.89 -6.04 12.88
N TYR A 26 -0.52 -7.29 12.60
CA TYR A 26 0.47 -7.61 11.57
C TYR A 26 -0.15 -7.50 10.17
N GLY A 27 -1.44 -7.18 10.13
CA GLY A 27 -2.12 -6.93 8.87
C GLY A 27 -1.64 -5.66 8.19
N ASP A 28 -0.70 -4.98 8.85
CA ASP A 28 -0.15 -3.71 8.39
C ASP A 28 0.35 -3.76 6.94
N PHE A 29 0.85 -4.91 6.52
CA PHE A 29 1.35 -5.08 5.16
C PHE A 29 0.27 -4.82 4.12
N SER A 30 -0.96 -5.22 4.42
CA SER A 30 -2.07 -5.11 3.48
C SER A 30 -2.30 -3.65 3.08
N ASN A 31 -2.77 -3.44 1.87
CA ASN A 31 -3.05 -2.09 1.37
C ASN A 31 -4.34 -1.58 2.01
N PHE A 32 -5.08 -2.49 2.61
CA PHE A 32 -6.35 -2.16 3.25
C PHE A 32 -6.16 -1.97 4.76
N ALA A 33 -4.90 -1.96 5.19
CA ALA A 33 -4.57 -1.76 6.59
C ALA A 33 -4.85 -0.33 7.01
N ALA A 34 -5.46 -0.15 8.17
CA ALA A 34 -5.88 1.16 8.64
C ALA A 34 -4.73 1.89 9.30
N TRP A 35 -3.73 2.19 8.50
CA TRP A 35 -2.62 3.03 8.93
C TRP A 35 -2.68 4.38 8.24
N PRO A 36 -2.77 5.46 9.02
CA PRO A 36 -2.89 6.82 8.50
C PRO A 36 -1.70 7.22 7.62
N ILE A 37 -2.00 7.81 6.47
CA ILE A 37 -0.97 8.22 5.54
C ILE A 37 -1.01 9.73 5.31
N LYS A 38 0.15 10.33 5.07
CA LYS A 38 0.25 11.75 4.83
C LYS A 38 0.57 12.00 3.37
N VAL A 39 -0.44 12.31 2.57
CA VAL A 39 -0.27 12.46 1.14
C VAL A 39 -0.69 13.85 0.68
N ASP A 40 0.25 14.59 0.09
CA ASP A 40 -0.01 15.94 -0.42
C ASP A 40 -0.43 16.88 0.72
N GLY A 41 0.04 16.57 1.92
CA GLY A 41 -0.31 17.36 3.09
C GLY A 41 -1.65 16.96 3.68
N LYS A 42 -2.29 15.96 3.07
CA LYS A 42 -3.60 15.52 3.51
C LYS A 42 -3.48 14.20 4.27
N THR A 43 -4.30 14.03 5.28
CA THR A 43 -4.22 12.86 6.14
C THR A 43 -5.35 11.89 5.83
N TRP A 44 -5.00 10.77 5.22
CA TRP A 44 -5.98 9.77 4.85
C TRP A 44 -5.94 8.62 5.85
N PRO A 45 -7.11 8.02 6.16
CA PRO A 45 -7.21 6.90 7.10
C PRO A 45 -6.38 5.69 6.65
N THR A 46 -6.24 5.54 5.33
CA THR A 46 -5.44 4.49 4.76
C THR A 46 -5.29 4.72 3.24
N SER A 47 -4.58 3.81 2.58
CA SER A 47 -4.10 4.04 1.22
C SER A 47 -5.23 4.12 0.19
N GLU A 48 -6.24 3.28 0.33
CA GLU A 48 -7.28 3.16 -0.71
C GLU A 48 -8.04 4.48 -0.89
N HIS A 49 -8.23 5.22 0.21
CA HIS A 49 -8.95 6.48 0.18
C HIS A 49 -8.33 7.45 -0.83
N TYR A 50 -7.00 7.52 -0.85
CA TYR A 50 -6.31 8.38 -1.79
C TYR A 50 -6.41 7.81 -3.20
N PHE A 51 -6.30 6.48 -3.29
CA PHE A 51 -6.42 5.79 -4.57
C PHE A 51 -7.79 6.04 -5.19
N GLN A 52 -8.81 6.06 -4.34
CA GLN A 52 -10.18 6.34 -4.77
C GLN A 52 -10.34 7.81 -5.12
N ALA A 53 -9.83 8.68 -4.25
CA ALA A 53 -9.93 10.13 -4.45
C ALA A 53 -9.21 10.56 -5.72
N GLN A 54 -8.04 10.00 -5.96
CA GLN A 54 -7.23 10.39 -7.11
C GLN A 54 -7.66 9.61 -8.35
N LYS A 55 -8.44 8.56 -8.17
CA LYS A 55 -9.03 7.85 -9.29
C LYS A 55 -10.00 8.75 -10.06
N PHE A 56 -10.94 9.34 -9.34
CA PHE A 56 -11.97 10.15 -9.96
C PHE A 56 -11.46 11.55 -10.27
N LEU A 57 -12.15 12.24 -11.16
CA LEU A 57 -11.81 13.61 -11.51
C LEU A 57 -12.73 14.57 -10.77
N ASP A 58 -13.93 14.08 -10.48
CA ASP A 58 -14.95 14.85 -9.78
C ASP A 58 -14.44 15.30 -8.41
N GLU A 59 -14.41 16.61 -8.20
CA GLU A 59 -14.00 17.14 -6.91
C GLU A 59 -15.06 16.82 -5.86
N LYS A 60 -16.32 16.87 -6.28
CA LYS A 60 -17.44 16.56 -5.40
C LYS A 60 -17.36 15.12 -4.88
N TYR A 61 -17.03 14.18 -5.76
CA TYR A 61 -16.92 12.79 -5.36
C TYR A 61 -15.65 12.58 -4.54
N ARG A 62 -14.58 13.27 -4.93
CA ARG A 62 -13.32 13.19 -4.21
C ARG A 62 -13.50 13.72 -2.79
N GLU A 63 -14.25 14.81 -2.65
CA GLU A 63 -14.51 15.39 -1.34
C GLU A 63 -15.46 14.50 -0.56
N GLU A 64 -16.28 13.73 -1.28
CA GLU A 64 -17.18 12.76 -0.67
C GLU A 64 -16.36 11.62 -0.06
N ILE A 65 -15.33 11.21 -0.78
CA ILE A 65 -14.43 10.17 -0.30
C ILE A 65 -13.55 10.72 0.83
N ARG A 66 -13.46 12.04 0.93
CA ARG A 66 -12.77 12.67 2.05
C ARG A 66 -13.66 12.60 3.29
N ARG A 67 -14.97 12.49 3.08
CA ARG A 67 -15.92 12.40 4.18
C ARG A 67 -15.85 11.03 4.85
N VAL A 68 -15.62 9.99 4.05
CA VAL A 68 -15.71 8.62 4.53
C VAL A 68 -14.50 8.24 5.39
N SER A 69 -14.79 7.78 6.60
CA SER A 69 -13.75 7.29 7.49
C SER A 69 -13.54 5.80 7.30
N SER A 70 -14.65 5.08 7.10
CA SER A 70 -14.62 3.63 6.98
C SER A 70 -14.01 3.20 5.64
N PRO A 71 -12.92 2.42 5.69
CA PRO A 71 -12.24 1.90 4.50
C PRO A 71 -13.16 1.18 3.52
N MET A 72 -14.01 0.29 4.05
CA MET A 72 -14.88 -0.53 3.21
C MET A 72 -15.87 0.32 2.43
N VAL A 73 -16.27 1.45 2.99
CA VAL A 73 -17.20 2.34 2.33
C VAL A 73 -16.49 3.12 1.23
N ALA A 74 -15.21 3.43 1.46
CA ALA A 74 -14.41 4.13 0.46
C ALA A 74 -14.29 3.29 -0.81
N ALA A 75 -14.08 1.99 -0.64
CA ALA A 75 -14.05 1.07 -1.76
C ALA A 75 -15.45 0.96 -2.38
N ARG A 76 -16.46 0.94 -1.52
CA ARG A 76 -17.85 0.85 -1.96
C ARG A 76 -18.22 2.01 -2.88
N MET A 77 -17.64 3.19 -2.61
CA MET A 77 -17.85 4.35 -3.47
C MET A 77 -17.26 4.11 -4.85
N GLY A 78 -15.98 3.76 -4.89
CA GLY A 78 -15.29 3.59 -6.16
C GLY A 78 -15.47 2.21 -6.75
N ARG A 79 -16.40 1.44 -6.19
CA ARG A 79 -16.73 0.13 -6.73
C ARG A 79 -17.46 0.28 -8.07
N ASP A 80 -17.94 1.49 -8.33
CA ASP A 80 -18.61 1.79 -9.58
C ASP A 80 -17.72 2.64 -10.48
N ARG A 81 -17.29 2.07 -11.60
CA ARG A 81 -16.45 2.81 -12.54
C ARG A 81 -17.28 3.31 -13.72
N SER A 82 -18.57 3.48 -13.50
CA SER A 82 -19.45 4.07 -14.50
C SER A 82 -19.32 5.59 -14.46
N LYS A 83 -18.63 6.06 -13.43
CA LYS A 83 -18.34 7.48 -13.25
C LYS A 83 -17.16 7.89 -14.12
N PRO A 84 -16.92 9.20 -14.30
CA PRO A 84 -15.84 9.70 -15.15
C PRO A 84 -14.47 9.17 -14.75
N LEU A 85 -13.92 8.29 -15.57
CA LEU A 85 -12.58 7.77 -15.36
C LEU A 85 -11.58 8.62 -16.13
N ARG A 86 -10.38 8.73 -15.60
CA ARG A 86 -9.36 9.60 -16.19
C ARG A 86 -8.62 8.90 -17.32
N LYS A 87 -8.17 9.68 -18.28
CA LYS A 87 -7.46 9.16 -19.45
C LYS A 87 -6.03 8.77 -19.09
N ASN A 88 -5.50 9.39 -18.05
CA ASN A 88 -4.13 9.13 -17.61
C ASN A 88 -4.10 8.01 -16.57
N TRP A 89 -5.24 7.34 -16.39
CA TRP A 89 -5.37 6.33 -15.34
C TRP A 89 -4.33 5.23 -15.46
N GLU A 90 -4.15 4.72 -16.67
CA GLU A 90 -3.22 3.62 -16.91
C GLU A 90 -1.77 4.05 -16.69
N SER A 91 -1.52 5.35 -16.65
CA SER A 91 -0.16 5.85 -16.45
C SER A 91 0.07 6.27 -15.00
N VAL A 92 -0.99 6.71 -14.33
CA VAL A 92 -0.88 7.13 -12.94
C VAL A 92 -1.21 5.97 -12.01
N LYS A 93 -1.52 4.82 -12.58
CA LYS A 93 -1.85 3.62 -11.83
C LYS A 93 -0.74 3.28 -10.84
N GLU A 94 0.45 3.08 -11.38
CA GLU A 94 1.63 2.80 -10.57
C GLU A 94 1.98 3.99 -9.69
N GLN A 95 1.87 5.19 -10.24
CA GLN A 95 2.26 6.41 -9.55
C GLN A 95 1.40 6.63 -8.30
N VAL A 96 0.09 6.63 -8.49
CA VAL A 96 -0.84 6.89 -7.39
C VAL A 96 -0.69 5.83 -6.29
N MET A 97 -0.68 4.58 -6.68
CA MET A 97 -0.64 3.50 -5.71
C MET A 97 0.66 3.50 -4.94
N ARG A 98 1.76 3.78 -5.62
CA ARG A 98 3.06 3.84 -4.97
C ARG A 98 3.20 5.09 -4.11
N LYS A 99 2.42 6.11 -4.42
CA LYS A 99 2.42 7.33 -3.63
C LYS A 99 1.71 7.09 -2.31
N ALA A 100 0.65 6.31 -2.35
CA ALA A 100 -0.08 5.92 -1.16
C ALA A 100 0.74 4.92 -0.34
N LEU A 101 1.35 3.97 -1.03
CA LEU A 101 2.22 2.98 -0.38
C LEU A 101 3.41 3.64 0.26
N ARG A 102 4.01 4.59 -0.46
CA ARG A 102 5.12 5.37 0.07
C ARG A 102 4.73 5.96 1.41
N ALA A 103 3.61 6.65 1.43
CA ALA A 103 3.15 7.34 2.63
C ALA A 103 3.04 6.39 3.83
N LYS A 104 2.49 5.22 3.61
CA LYS A 104 2.28 4.27 4.71
C LYS A 104 3.61 3.84 5.33
N PHE A 105 4.53 3.39 4.50
CA PHE A 105 5.82 2.90 4.99
C PHE A 105 6.77 4.05 5.36
N GLU A 106 6.62 5.19 4.70
CA GLU A 106 7.55 6.30 4.92
C GLU A 106 7.19 7.07 6.20
N GLN A 107 5.91 7.37 6.39
CA GLN A 107 5.48 8.12 7.56
C GLN A 107 5.69 7.30 8.83
N HIS A 108 5.43 6.01 8.75
CA HIS A 108 5.63 5.12 9.88
C HIS A 108 6.91 4.33 9.72
N ALA A 109 7.95 4.78 10.40
CA ALA A 109 9.26 4.15 10.32
C ALA A 109 9.21 2.71 10.81
N GLU A 110 8.21 2.42 11.64
CA GLU A 110 7.96 1.06 12.11
C GLU A 110 7.78 0.11 10.93
N LEU A 111 6.93 0.53 9.99
CA LEU A 111 6.64 -0.29 8.82
C LEU A 111 7.79 -0.23 7.84
N ARG A 112 8.44 0.93 7.81
CA ARG A 112 9.62 1.15 6.96
C ARG A 112 10.68 0.09 7.23
N ALA A 113 11.00 -0.08 8.51
CA ALA A 113 12.00 -1.06 8.94
C ALA A 113 11.51 -2.48 8.70
N LEU A 114 10.21 -2.69 8.89
CA LEU A 114 9.61 -4.01 8.70
C LEU A 114 9.68 -4.42 7.21
N LEU A 115 9.43 -3.46 6.34
CA LEU A 115 9.51 -3.68 4.90
C LEU A 115 10.94 -4.02 4.49
N LEU A 116 11.90 -3.44 5.18
CA LEU A 116 13.30 -3.71 4.92
C LEU A 116 13.75 -5.01 5.59
N ALA A 117 12.95 -5.49 6.52
CA ALA A 117 13.26 -6.72 7.23
C ALA A 117 12.77 -7.95 6.48
N THR A 118 11.68 -7.79 5.73
CA THR A 118 11.13 -8.89 4.96
C THR A 118 12.00 -9.21 3.74
N ALA A 119 12.74 -8.20 3.28
CA ALA A 119 13.74 -8.38 2.22
C ALA A 119 14.54 -9.68 2.39
N PRO A 120 14.71 -10.47 1.31
CA PRO A 120 14.16 -10.20 -0.01
C PRO A 120 12.89 -11.00 -0.31
N ALA A 121 12.12 -11.30 0.72
CA ALA A 121 10.91 -12.11 0.57
C ALA A 121 9.92 -11.46 -0.39
N LYS A 122 9.26 -12.29 -1.20
CA LYS A 122 8.32 -11.81 -2.19
C LYS A 122 6.95 -11.60 -1.55
N LEU A 123 6.54 -10.34 -1.49
CA LEU A 123 5.29 -9.98 -0.82
C LEU A 123 4.09 -10.23 -1.73
N VAL A 124 3.22 -11.14 -1.32
CA VAL A 124 2.03 -11.46 -2.09
C VAL A 124 0.77 -11.38 -1.22
N GLU A 125 -0.13 -10.47 -1.57
CA GLU A 125 -1.40 -10.37 -0.87
C GLU A 125 -2.41 -11.30 -1.54
N HIS A 126 -3.06 -12.14 -0.76
CA HIS A 126 -3.89 -13.19 -1.34
C HIS A 126 -5.34 -12.75 -1.38
N THR A 127 -5.64 -11.91 -2.34
CA THR A 127 -6.97 -11.36 -2.48
C THR A 127 -7.68 -12.02 -3.65
N GLU A 128 -8.55 -12.96 -3.30
CA GLU A 128 -9.24 -13.79 -4.28
C GLU A 128 -10.49 -13.11 -4.82
N ASN A 129 -11.25 -12.50 -3.93
CA ASN A 129 -12.50 -11.86 -4.30
C ASN A 129 -12.27 -10.71 -5.28
N ASP A 130 -11.38 -9.81 -4.91
CA ASP A 130 -11.05 -8.68 -5.76
C ASP A 130 -9.70 -8.88 -6.43
N ALA A 131 -9.72 -9.30 -7.68
CA ALA A 131 -8.48 -9.50 -8.42
C ALA A 131 -7.91 -8.17 -8.88
N TYR A 132 -7.15 -7.53 -7.99
CA TYR A 132 -6.54 -6.24 -8.27
C TYR A 132 -5.54 -5.90 -7.17
N TRP A 133 -4.27 -5.75 -7.56
CA TRP A 133 -3.18 -5.47 -6.62
C TRP A 133 -2.86 -6.69 -5.75
N GLY A 134 -3.42 -7.83 -6.09
CA GLY A 134 -3.16 -9.04 -5.35
C GLY A 134 -2.92 -10.22 -6.26
N ASP A 135 -3.19 -11.41 -5.79
CA ASP A 135 -2.99 -12.60 -6.62
C ASP A 135 -4.27 -12.92 -7.38
N GLY A 136 -5.36 -12.30 -6.97
CA GLY A 136 -6.63 -12.52 -7.62
C GLY A 136 -7.27 -13.83 -7.23
N GLY A 137 -6.58 -14.57 -6.37
CA GLY A 137 -7.05 -15.87 -5.96
C GLY A 137 -6.74 -16.96 -6.97
N HIS A 138 -5.82 -16.68 -7.89
CA HIS A 138 -5.48 -17.64 -8.95
C HIS A 138 -4.23 -17.25 -9.73
N GLY A 139 -3.88 -15.97 -9.76
CA GLY A 139 -2.69 -15.54 -10.46
C GLY A 139 -2.87 -14.22 -11.19
N LYS A 140 -3.94 -14.13 -11.96
CA LYS A 140 -4.26 -12.93 -12.72
C LYS A 140 -4.98 -11.93 -11.83
N GLY A 141 -4.29 -11.48 -10.81
CA GLY A 141 -4.86 -10.49 -9.91
C GLY A 141 -4.00 -9.25 -9.81
N LYS A 142 -2.98 -9.16 -10.65
CA LYS A 142 -2.09 -7.99 -10.71
C LYS A 142 -1.34 -7.81 -9.39
N ASN A 143 -0.50 -8.78 -9.03
CA ASN A 143 0.25 -8.76 -7.78
C ASN A 143 1.36 -7.71 -7.81
N ARG A 144 1.41 -6.94 -8.90
CA ARG A 144 2.39 -5.87 -9.06
C ARG A 144 2.47 -4.99 -7.81
N LEU A 145 1.39 -4.92 -7.03
CA LEU A 145 1.38 -4.19 -5.77
C LEU A 145 2.53 -4.66 -4.88
N GLY A 146 2.67 -5.98 -4.77
CA GLY A 146 3.74 -6.56 -3.98
C GLY A 146 5.10 -6.20 -4.53
N TYR A 147 5.20 -6.14 -5.85
CA TYR A 147 6.43 -5.74 -6.50
C TYR A 147 6.72 -4.27 -6.21
N LEU A 148 5.68 -3.44 -6.25
CA LEU A 148 5.81 -2.03 -5.93
C LEU A 148 6.30 -1.86 -4.50
N LEU A 149 5.77 -2.68 -3.61
CA LEU A 149 6.23 -2.72 -2.22
C LEU A 149 7.72 -3.07 -2.15
N MET A 150 8.10 -4.10 -2.88
CA MET A 150 9.48 -4.56 -2.89
C MET A 150 10.42 -3.54 -3.52
N GLU A 151 9.98 -2.89 -4.60
CA GLU A 151 10.81 -1.87 -5.25
C GLU A 151 10.91 -0.63 -4.38
N LEU A 152 9.81 -0.32 -3.68
CA LEU A 152 9.82 0.77 -2.71
C LEU A 152 10.81 0.46 -1.60
N ARG A 153 10.75 -0.78 -1.11
CA ARG A 153 11.70 -1.28 -0.11
C ARG A 153 13.14 -1.04 -0.55
N GLU A 154 13.40 -1.29 -1.83
CA GLU A 154 14.74 -1.15 -2.37
C GLU A 154 15.23 0.29 -2.26
N GLN A 155 14.32 1.22 -2.48
CA GLN A 155 14.65 2.64 -2.37
C GLN A 155 14.79 3.04 -0.91
N LEU A 156 13.94 2.50 -0.05
CA LEU A 156 13.98 2.82 1.38
C LEU A 156 15.26 2.30 2.02
N ALA A 157 15.86 1.29 1.40
CA ALA A 157 17.16 0.78 1.83
C ALA A 157 18.25 1.79 1.49
N ILE A 158 18.13 2.43 0.34
CA ILE A 158 19.11 3.41 -0.12
C ILE A 158 19.12 4.63 0.81
N GLU A 159 17.94 4.97 1.35
CA GLU A 159 17.82 6.09 2.28
C GLU A 159 18.82 5.99 3.42
N LYS A 160 18.86 4.81 4.03
CA LYS A 160 19.71 4.57 5.18
C LYS A 160 21.09 4.13 4.73
N LEU A 161 21.16 3.63 3.50
CA LEU A 161 22.43 3.26 2.89
C LEU A 161 23.30 4.49 2.74
N GLU A 162 22.64 5.65 2.61
CA GLU A 162 23.31 6.94 2.45
C GLU A 162 24.07 7.36 3.70
N HIS A 163 24.16 6.48 4.69
CA HIS A 163 24.96 6.77 5.89
C HIS A 163 26.43 6.96 5.51
N HIS A 164 26.85 6.39 4.38
CA HIS A 164 28.17 6.69 3.83
C HIS A 164 28.14 8.13 3.31
N HIS A 165 28.80 9.02 4.01
CA HIS A 165 28.62 10.44 3.75
C HIS A 165 29.86 11.11 3.20
N HIS A 166 29.87 11.27 1.89
CA HIS A 166 30.82 12.13 1.22
C HIS A 166 30.01 13.07 0.32
N HIS A 167 28.78 13.32 0.74
CA HIS A 167 27.87 14.15 -0.01
C HIS A 167 28.06 15.61 0.39
N HIS A 168 29.23 16.13 0.08
CA HIS A 168 29.59 17.48 0.43
C HIS A 168 30.61 18.02 -0.58
N MET A 1 -0.20 0.70 22.63
CA MET A 1 -1.10 0.67 21.47
C MET A 1 -1.20 -0.75 20.92
N PRO A 2 -2.39 -1.14 20.42
CA PRO A 2 -2.59 -2.46 19.83
C PRO A 2 -2.05 -2.53 18.40
N VAL A 3 -0.89 -3.12 18.25
CA VAL A 3 -0.28 -3.28 16.94
C VAL A 3 0.14 -4.73 16.71
N ARG A 4 0.61 -5.38 17.79
CA ARG A 4 1.09 -6.76 17.73
C ARG A 4 2.36 -6.87 16.89
N ALA A 5 2.17 -6.92 15.57
CA ALA A 5 3.26 -6.98 14.60
C ALA A 5 4.11 -8.24 14.79
N GLN A 6 3.74 -9.29 14.09
CA GLN A 6 4.51 -10.53 14.11
C GLN A 6 5.87 -10.34 13.45
N ARG A 7 6.91 -10.36 14.27
CA ARG A 7 8.27 -10.21 13.78
C ARG A 7 8.81 -11.57 13.33
N ILE A 8 9.04 -11.70 12.03
CA ILE A 8 9.49 -12.97 11.46
C ILE A 8 10.98 -13.18 11.75
N GLN A 9 11.71 -12.08 11.93
CA GLN A 9 13.17 -12.11 12.16
C GLN A 9 13.88 -12.70 10.95
N HIS A 10 14.09 -11.85 9.94
CA HIS A 10 14.77 -12.25 8.70
C HIS A 10 13.96 -13.27 7.91
N VAL A 11 14.51 -13.69 6.78
CA VAL A 11 13.92 -14.76 5.99
C VAL A 11 14.99 -15.80 5.67
N MET A 12 14.64 -16.78 4.86
CA MET A 12 15.54 -17.90 4.60
C MET A 12 16.36 -17.63 3.35
N GLN A 13 15.70 -17.76 2.20
CA GLN A 13 16.32 -17.53 0.90
C GLN A 13 15.25 -17.67 -0.18
N ASP A 14 15.07 -16.61 -0.95
CA ASP A 14 14.03 -16.57 -1.99
C ASP A 14 12.66 -16.89 -1.37
N THR A 15 12.44 -16.36 -0.19
CA THR A 15 11.22 -16.60 0.55
C THR A 15 10.08 -15.76 -0.04
N ILE A 16 8.89 -16.33 -0.11
CA ILE A 16 7.73 -15.62 -0.62
C ILE A 16 6.69 -15.45 0.47
N ILE A 17 6.36 -14.21 0.75
CA ILE A 17 5.44 -13.90 1.85
C ILE A 17 4.06 -13.56 1.32
N ASN A 18 3.11 -14.43 1.58
CA ASN A 18 1.71 -14.18 1.26
C ASN A 18 1.04 -13.45 2.40
N PHE A 19 0.87 -12.15 2.26
CA PHE A 19 0.26 -11.36 3.31
C PHE A 19 -1.20 -11.05 2.98
N TYR A 20 -2.07 -11.33 3.93
CA TYR A 20 -3.48 -10.97 3.83
C TYR A 20 -4.05 -10.74 5.21
N SER A 21 -5.34 -10.42 5.28
CA SER A 21 -6.02 -10.18 6.55
C SER A 21 -5.56 -8.86 7.18
N THR A 22 -6.19 -7.78 6.74
CA THR A 22 -5.83 -6.45 7.16
C THR A 22 -6.33 -6.12 8.58
N SER A 23 -7.18 -6.98 9.12
CA SER A 23 -7.70 -6.77 10.47
C SER A 23 -6.94 -7.61 11.49
N ASP A 24 -5.92 -8.32 11.04
CA ASP A 24 -5.13 -9.16 11.92
C ASP A 24 -3.91 -8.39 12.44
N ASP A 25 -2.82 -8.37 11.67
CA ASP A 25 -1.65 -7.55 12.01
C ASP A 25 -0.63 -7.55 10.87
N TYR A 26 -0.34 -8.73 10.33
CA TYR A 26 0.70 -8.86 9.31
C TYR A 26 0.14 -8.54 7.93
N GLY A 27 -1.15 -8.32 7.87
CA GLY A 27 -1.81 -7.94 6.63
C GLY A 27 -1.60 -6.48 6.29
N ASP A 28 -0.89 -5.78 7.16
CA ASP A 28 -0.64 -4.33 7.01
C ASP A 28 -0.10 -3.96 5.63
N PHE A 29 0.69 -4.86 5.05
CA PHE A 29 1.33 -4.59 3.74
C PHE A 29 0.30 -4.25 2.65
N SER A 30 -0.96 -4.62 2.89
CA SER A 30 -2.02 -4.32 1.93
C SER A 30 -2.40 -2.85 2.01
N ASN A 31 -2.81 -2.29 0.88
CA ASN A 31 -3.12 -0.86 0.78
C ASN A 31 -4.45 -0.55 1.47
N PHE A 32 -5.18 -1.59 1.84
CA PHE A 32 -6.47 -1.44 2.48
C PHE A 32 -6.31 -1.37 4.01
N ALA A 33 -5.06 -1.30 4.47
CA ALA A 33 -4.76 -1.21 5.90
C ALA A 33 -5.23 0.11 6.47
N ALA A 34 -5.80 0.06 7.67
CA ALA A 34 -6.37 1.22 8.33
C ALA A 34 -5.30 2.05 9.04
N TRP A 35 -4.30 2.48 8.29
CA TRP A 35 -3.25 3.32 8.83
C TRP A 35 -3.23 4.67 8.13
N PRO A 36 -3.51 5.75 8.87
CA PRO A 36 -3.56 7.11 8.32
C PRO A 36 -2.23 7.54 7.70
N ILE A 37 -2.30 8.16 6.54
CA ILE A 37 -1.13 8.60 5.82
C ILE A 37 -1.18 10.10 5.53
N LYS A 38 -0.11 10.62 4.94
CA LYS A 38 -0.04 12.03 4.61
C LYS A 38 0.42 12.19 3.16
N VAL A 39 -0.52 12.44 2.27
CA VAL A 39 -0.22 12.50 0.85
C VAL A 39 -0.52 13.87 0.29
N ASP A 40 0.45 14.42 -0.44
CA ASP A 40 0.32 15.73 -1.10
C ASP A 40 0.11 16.84 -0.08
N GLY A 41 0.27 16.51 1.20
CA GLY A 41 0.11 17.48 2.24
C GLY A 41 -1.19 17.33 3.01
N LYS A 42 -1.95 16.29 2.69
CA LYS A 42 -3.22 16.05 3.37
C LYS A 42 -3.21 14.70 4.05
N THR A 43 -3.89 14.62 5.18
CA THR A 43 -4.04 13.35 5.91
C THR A 43 -5.13 12.50 5.26
N TRP A 44 -4.81 11.24 5.02
CA TRP A 44 -5.77 10.30 4.47
C TRP A 44 -5.91 9.12 5.43
N PRO A 45 -7.15 8.66 5.65
CA PRO A 45 -7.43 7.54 6.57
C PRO A 45 -6.67 6.27 6.18
N THR A 46 -6.54 6.04 4.88
CA THR A 46 -5.84 4.87 4.36
C THR A 46 -5.18 5.23 3.04
N SER A 47 -4.40 4.31 2.49
CA SER A 47 -3.82 4.50 1.17
C SER A 47 -4.91 4.35 0.10
N GLU A 48 -5.92 3.55 0.43
CA GLU A 48 -7.02 3.29 -0.49
C GLU A 48 -7.88 4.54 -0.69
N HIS A 49 -8.05 5.34 0.38
CA HIS A 49 -8.87 6.55 0.30
C HIS A 49 -8.30 7.54 -0.70
N TYR A 50 -6.97 7.62 -0.77
CA TYR A 50 -6.33 8.52 -1.72
C TYR A 50 -6.47 7.96 -3.14
N PHE A 51 -6.37 6.64 -3.24
CA PHE A 51 -6.50 5.96 -4.52
C PHE A 51 -7.89 6.17 -5.11
N GLN A 52 -8.91 5.98 -4.29
CA GLN A 52 -10.30 6.17 -4.72
C GLN A 52 -10.55 7.63 -5.09
N ALA A 53 -10.08 8.53 -4.24
CA ALA A 53 -10.26 9.96 -4.46
C ALA A 53 -9.62 10.40 -5.77
N GLN A 54 -8.47 9.81 -6.09
CA GLN A 54 -7.76 10.15 -7.32
C GLN A 54 -8.51 9.63 -8.54
N LYS A 55 -9.23 8.53 -8.35
CA LYS A 55 -10.06 7.97 -9.41
C LYS A 55 -11.20 8.92 -9.78
N PHE A 56 -11.82 9.48 -8.76
CA PHE A 56 -12.95 10.37 -8.97
C PHE A 56 -12.50 11.72 -9.50
N LEU A 57 -12.83 11.99 -10.77
CA LEU A 57 -12.69 13.32 -11.34
C LEU A 57 -13.94 14.13 -11.02
N ASP A 58 -14.48 13.87 -9.84
CA ASP A 58 -15.68 14.50 -9.36
C ASP A 58 -15.34 15.29 -8.10
N GLU A 59 -15.38 16.61 -8.21
CA GLU A 59 -14.89 17.51 -7.16
C GLU A 59 -15.54 17.21 -5.80
N LYS A 60 -16.87 17.25 -5.74
CA LYS A 60 -17.57 17.07 -4.48
C LYS A 60 -17.52 15.63 -4.00
N TYR A 61 -17.37 14.70 -4.94
CA TYR A 61 -17.27 13.30 -4.58
C TYR A 61 -15.89 13.01 -4.00
N ARG A 62 -14.86 13.65 -4.55
CA ARG A 62 -13.51 13.53 -4.03
C ARG A 62 -13.45 14.06 -2.60
N GLU A 63 -14.15 15.16 -2.38
CA GLU A 63 -14.29 15.73 -1.04
C GLU A 63 -15.00 14.74 -0.13
N GLU A 64 -16.01 14.08 -0.68
CA GLU A 64 -16.78 13.06 0.03
C GLU A 64 -15.91 11.86 0.40
N ILE A 65 -15.00 11.48 -0.48
CA ILE A 65 -14.11 10.36 -0.24
C ILE A 65 -13.17 10.64 0.93
N ARG A 66 -12.75 11.90 1.07
CA ARG A 66 -11.92 12.29 2.21
C ARG A 66 -12.80 12.44 3.44
N ARG A 67 -14.09 12.65 3.23
CA ARG A 67 -15.03 12.87 4.32
C ARG A 67 -15.43 11.56 4.98
N VAL A 68 -15.21 10.44 4.31
CA VAL A 68 -15.53 9.15 4.89
C VAL A 68 -14.29 8.55 5.57
N SER A 69 -14.47 8.10 6.80
CA SER A 69 -13.40 7.46 7.55
C SER A 69 -13.39 5.96 7.25
N SER A 70 -14.51 5.47 6.74
CA SER A 70 -14.66 4.05 6.46
C SER A 70 -14.01 3.68 5.13
N PRO A 71 -13.08 2.71 5.16
CA PRO A 71 -12.40 2.22 3.96
C PRO A 71 -13.35 1.47 3.03
N MET A 72 -14.24 0.68 3.62
CA MET A 72 -15.16 -0.15 2.85
C MET A 72 -16.13 0.71 2.05
N VAL A 73 -16.53 1.84 2.63
CA VAL A 73 -17.42 2.77 1.95
C VAL A 73 -16.72 3.39 0.74
N ALA A 74 -15.48 3.80 0.92
CA ALA A 74 -14.72 4.43 -0.13
C ALA A 74 -14.41 3.44 -1.26
N ALA A 75 -14.08 2.20 -0.88
CA ALA A 75 -13.87 1.14 -1.86
C ALA A 75 -15.15 0.88 -2.64
N ARG A 76 -16.28 0.96 -1.95
CA ARG A 76 -17.58 0.79 -2.60
C ARG A 76 -17.82 1.92 -3.60
N MET A 77 -17.38 3.12 -3.25
CA MET A 77 -17.46 4.27 -4.15
C MET A 77 -16.67 4.00 -5.42
N GLY A 78 -15.39 3.70 -5.23
CA GLY A 78 -14.49 3.53 -6.35
C GLY A 78 -14.59 2.16 -7.00
N ARG A 79 -15.51 1.34 -6.52
CA ARG A 79 -15.75 0.04 -7.14
C ARG A 79 -16.62 0.21 -8.39
N ASP A 80 -17.34 1.34 -8.46
CA ASP A 80 -18.24 1.58 -9.58
C ASP A 80 -17.44 2.05 -10.80
N ARG A 81 -18.11 2.16 -11.94
CA ARG A 81 -17.45 2.52 -13.18
C ARG A 81 -18.25 3.60 -13.92
N SER A 82 -19.34 4.04 -13.31
CA SER A 82 -20.20 5.06 -13.92
C SER A 82 -19.73 6.48 -13.58
N LYS A 83 -18.73 6.58 -12.72
CA LYS A 83 -18.21 7.87 -12.29
C LYS A 83 -17.09 8.34 -13.23
N PRO A 84 -16.91 9.66 -13.36
CA PRO A 84 -15.91 10.26 -14.26
C PRO A 84 -14.49 9.78 -13.97
N LEU A 85 -13.89 9.14 -14.96
CA LEU A 85 -12.52 8.66 -14.85
C LEU A 85 -11.58 9.52 -15.69
N ARG A 86 -10.29 9.32 -15.51
CA ARG A 86 -9.30 10.07 -16.27
C ARG A 86 -8.75 9.22 -17.41
N LYS A 87 -7.91 9.84 -18.22
CA LYS A 87 -7.42 9.22 -19.46
C LYS A 87 -6.69 7.91 -19.21
N ASN A 88 -5.51 7.99 -18.61
CA ASN A 88 -4.69 6.79 -18.39
C ASN A 88 -4.87 6.25 -16.98
N TRP A 89 -6.10 6.34 -16.47
CA TRP A 89 -6.40 5.89 -15.11
C TRP A 89 -6.07 4.42 -14.92
N GLU A 90 -6.27 3.62 -15.95
CA GLU A 90 -6.02 2.19 -15.84
C GLU A 90 -4.52 1.87 -15.81
N SER A 91 -3.72 2.84 -16.23
CA SER A 91 -2.27 2.64 -16.29
C SER A 91 -1.57 3.26 -15.08
N VAL A 92 -2.07 4.41 -14.62
CA VAL A 92 -1.40 5.16 -13.57
C VAL A 92 -1.78 4.69 -12.16
N LYS A 93 -2.61 3.66 -12.07
CA LYS A 93 -3.03 3.13 -10.76
C LYS A 93 -1.83 2.78 -9.89
N GLU A 94 -0.88 2.07 -10.49
CA GLU A 94 0.30 1.60 -9.78
C GLU A 94 1.20 2.76 -9.38
N GLN A 95 1.12 3.87 -10.10
CA GLN A 95 1.87 5.07 -9.77
C GLN A 95 1.24 5.77 -8.57
N VAL A 96 -0.09 5.86 -8.59
CA VAL A 96 -0.83 6.49 -7.50
C VAL A 96 -0.60 5.74 -6.19
N MET A 97 -0.71 4.42 -6.24
CA MET A 97 -0.50 3.60 -5.06
C MET A 97 0.93 3.67 -4.57
N ARG A 98 1.87 3.81 -5.49
CA ARG A 98 3.28 3.89 -5.12
C ARG A 98 3.54 5.10 -4.22
N LYS A 99 2.96 6.24 -4.58
CA LYS A 99 3.12 7.45 -3.78
C LYS A 99 2.40 7.32 -2.44
N ALA A 100 1.21 6.74 -2.48
CA ALA A 100 0.40 6.55 -1.27
C ALA A 100 1.10 5.59 -0.31
N LEU A 101 1.55 4.46 -0.83
CA LEU A 101 2.21 3.45 -0.02
C LEU A 101 3.54 3.96 0.52
N ARG A 102 4.27 4.74 -0.28
CA ARG A 102 5.52 5.31 0.19
C ARG A 102 5.26 6.20 1.41
N ALA A 103 4.26 7.08 1.28
CA ALA A 103 3.92 8.00 2.36
C ALA A 103 3.55 7.23 3.62
N LYS A 104 3.01 6.03 3.44
CA LYS A 104 2.65 5.19 4.57
C LYS A 104 3.90 4.72 5.32
N PHE A 105 4.83 4.11 4.61
CA PHE A 105 6.04 3.56 5.22
C PHE A 105 7.04 4.65 5.61
N GLU A 106 6.80 5.87 5.16
CA GLU A 106 7.61 7.01 5.60
C GLU A 106 7.01 7.62 6.87
N GLN A 107 5.71 7.48 7.03
CA GLN A 107 5.00 8.10 8.12
C GLN A 107 5.02 7.23 9.38
N HIS A 108 5.05 5.91 9.20
CA HIS A 108 5.02 5.00 10.32
C HIS A 108 6.33 4.21 10.42
N ALA A 109 7.10 4.48 11.46
CA ALA A 109 8.41 3.86 11.66
C ALA A 109 8.30 2.35 11.81
N GLU A 110 7.28 1.89 12.52
CA GLU A 110 7.04 0.46 12.72
C GLU A 110 6.99 -0.27 11.39
N LEU A 111 6.24 0.28 10.45
CA LEU A 111 6.03 -0.35 9.16
C LEU A 111 7.29 -0.21 8.30
N ARG A 112 8.01 0.89 8.49
CA ARG A 112 9.27 1.13 7.80
C ARG A 112 10.25 -0.02 8.06
N ALA A 113 10.41 -0.35 9.34
CA ALA A 113 11.33 -1.41 9.74
C ALA A 113 10.79 -2.77 9.32
N LEU A 114 9.48 -2.95 9.44
CA LEU A 114 8.83 -4.20 9.06
C LEU A 114 9.05 -4.51 7.58
N LEU A 115 8.87 -3.48 6.75
CA LEU A 115 9.05 -3.63 5.30
C LEU A 115 10.48 -4.03 4.96
N LEU A 116 11.44 -3.38 5.59
CA LEU A 116 12.85 -3.62 5.29
C LEU A 116 13.31 -4.95 5.90
N ALA A 117 12.55 -5.46 6.86
CA ALA A 117 12.89 -6.72 7.51
C ALA A 117 12.53 -7.92 6.64
N THR A 118 11.60 -7.72 5.71
CA THR A 118 11.18 -8.80 4.82
C THR A 118 12.26 -9.11 3.79
N ALA A 119 13.11 -8.13 3.52
CA ALA A 119 14.22 -8.28 2.58
C ALA A 119 15.01 -9.55 2.83
N PRO A 120 15.38 -10.29 1.77
CA PRO A 120 15.03 -9.96 0.39
C PRO A 120 13.85 -10.77 -0.16
N ALA A 121 12.90 -11.11 0.70
CA ALA A 121 11.78 -11.96 0.32
C ALA A 121 10.84 -11.29 -0.69
N LYS A 122 10.08 -12.12 -1.40
CA LYS A 122 9.11 -11.65 -2.39
C LYS A 122 7.77 -11.39 -1.71
N LEU A 123 7.29 -10.16 -1.81
CA LEU A 123 6.05 -9.77 -1.16
C LEU A 123 4.86 -10.00 -2.10
N VAL A 124 3.98 -10.92 -1.72
CA VAL A 124 2.82 -11.24 -2.55
C VAL A 124 1.53 -11.22 -1.72
N GLU A 125 0.64 -10.28 -2.04
CA GLU A 125 -0.67 -10.26 -1.41
C GLU A 125 -1.51 -11.38 -1.99
N HIS A 126 -1.93 -12.32 -1.17
CA HIS A 126 -2.73 -13.42 -1.66
C HIS A 126 -4.19 -13.01 -1.70
N THR A 127 -4.52 -12.22 -2.71
CA THR A 127 -5.88 -11.76 -2.92
C THR A 127 -6.72 -12.87 -3.52
N GLU A 128 -7.61 -13.44 -2.72
CA GLU A 128 -8.39 -14.58 -3.17
C GLU A 128 -9.84 -14.16 -3.44
N ASN A 129 -10.04 -12.85 -3.55
CA ASN A 129 -11.36 -12.30 -3.85
C ASN A 129 -11.28 -11.38 -5.07
N ASP A 130 -10.10 -10.84 -5.32
CA ASP A 130 -9.85 -10.01 -6.49
C ASP A 130 -8.57 -10.48 -7.18
N ALA A 131 -8.58 -10.56 -8.50
CA ALA A 131 -7.36 -10.88 -9.22
C ALA A 131 -6.76 -9.61 -9.79
N TYR A 132 -5.97 -8.96 -8.94
CA TYR A 132 -5.29 -7.73 -9.29
C TYR A 132 -4.52 -7.26 -8.06
N TRP A 133 -3.32 -6.75 -8.28
CA TRP A 133 -2.46 -6.24 -7.21
C TRP A 133 -1.83 -7.37 -6.39
N GLY A 134 -2.01 -8.61 -6.80
CA GLY A 134 -1.45 -9.69 -6.02
C GLY A 134 -1.56 -11.04 -6.66
N ASP A 135 -2.35 -11.90 -6.03
CA ASP A 135 -2.36 -13.32 -6.35
C ASP A 135 -3.51 -13.69 -7.27
N GLY A 136 -4.72 -13.25 -6.92
CA GLY A 136 -5.89 -13.58 -7.70
C GLY A 136 -6.46 -14.95 -7.36
N GLY A 137 -5.76 -15.69 -6.52
CA GLY A 137 -6.20 -17.02 -6.15
C GLY A 137 -5.56 -18.08 -7.01
N HIS A 138 -4.48 -17.69 -7.69
CA HIS A 138 -3.77 -18.57 -8.61
C HIS A 138 -2.43 -17.97 -9.03
N GLY A 139 -1.88 -17.08 -8.20
CA GLY A 139 -0.57 -16.49 -8.47
C GLY A 139 -0.61 -15.36 -9.49
N LYS A 140 -1.31 -15.58 -10.59
CA LYS A 140 -1.31 -14.65 -11.71
C LYS A 140 -2.40 -13.61 -11.53
N GLY A 141 -2.19 -12.77 -10.54
CA GLY A 141 -3.09 -11.67 -10.23
C GLY A 141 -2.37 -10.35 -10.25
N LYS A 142 -1.18 -10.34 -10.84
CA LYS A 142 -0.35 -9.14 -10.97
C LYS A 142 0.25 -8.73 -9.64
N ASN A 143 1.32 -9.41 -9.28
CA ASN A 143 2.06 -9.16 -8.04
C ASN A 143 2.75 -7.79 -8.04
N ARG A 144 2.51 -6.99 -9.08
CA ARG A 144 3.19 -5.70 -9.22
C ARG A 144 2.93 -4.79 -8.02
N LEU A 145 1.86 -5.01 -7.27
CA LEU A 145 1.62 -4.23 -6.05
C LEU A 145 2.70 -4.56 -5.02
N GLY A 146 2.93 -5.84 -4.82
CA GLY A 146 4.01 -6.27 -3.95
C GLY A 146 5.35 -5.87 -4.52
N TYR A 147 5.42 -5.78 -5.84
CA TYR A 147 6.62 -5.30 -6.52
C TYR A 147 6.83 -3.83 -6.24
N LEU A 148 5.74 -3.06 -6.17
CA LEU A 148 5.79 -1.67 -5.76
C LEU A 148 6.38 -1.58 -4.36
N LEU A 149 5.87 -2.43 -3.47
CA LEU A 149 6.35 -2.51 -2.10
C LEU A 149 7.81 -2.92 -2.06
N MET A 150 8.20 -3.83 -2.94
CA MET A 150 9.56 -4.32 -2.99
C MET A 150 10.51 -3.26 -3.55
N GLU A 151 10.09 -2.53 -4.58
CA GLU A 151 10.90 -1.45 -5.11
C GLU A 151 11.00 -0.32 -4.08
N LEU A 152 9.90 -0.06 -3.39
CA LEU A 152 9.89 0.90 -2.30
C LEU A 152 10.83 0.44 -1.20
N ARG A 153 10.72 -0.84 -0.85
CA ARG A 153 11.61 -1.48 0.12
C ARG A 153 13.07 -1.24 -0.26
N GLU A 154 13.36 -1.41 -1.54
CA GLU A 154 14.72 -1.27 -2.05
C GLU A 154 15.18 0.19 -1.96
N GLN A 155 14.27 1.10 -2.24
CA GLN A 155 14.56 2.54 -2.19
C GLN A 155 14.70 3.02 -0.75
N LEU A 156 13.91 2.45 0.14
CA LEU A 156 14.01 2.77 1.55
C LEU A 156 15.24 2.12 2.15
N ALA A 157 15.69 1.04 1.50
CA ALA A 157 16.90 0.35 1.89
C ALA A 157 18.12 1.19 1.51
N ILE A 158 17.98 2.04 0.51
CA ILE A 158 19.03 2.97 0.14
C ILE A 158 19.37 3.88 1.32
N GLU A 159 18.33 4.32 2.03
CA GLU A 159 18.52 5.10 3.25
C GLU A 159 19.25 4.27 4.30
N LYS A 160 18.91 2.99 4.37
CA LYS A 160 19.55 2.04 5.27
C LYS A 160 21.03 1.88 4.91
N LEU A 161 21.30 1.82 3.61
CA LEU A 161 22.67 1.69 3.12
C LEU A 161 23.48 2.95 3.40
N GLU A 162 22.89 4.11 3.10
CA GLU A 162 23.59 5.39 3.24
C GLU A 162 23.51 5.92 4.68
N HIS A 163 23.05 5.10 5.61
CA HIS A 163 22.98 5.53 6.99
C HIS A 163 24.39 5.74 7.54
N HIS A 164 24.53 6.80 8.31
CA HIS A 164 25.82 7.29 8.78
C HIS A 164 25.60 8.70 9.30
N HIS A 165 24.80 9.45 8.56
CA HIS A 165 24.41 10.79 8.95
C HIS A 165 22.93 11.01 8.64
N HIS A 166 22.15 9.93 8.72
CA HIS A 166 20.71 10.01 8.58
C HIS A 166 20.08 9.71 9.92
N HIS A 167 20.15 10.69 10.82
CA HIS A 167 19.84 10.49 12.25
C HIS A 167 20.99 9.71 12.91
N HIS A 168 21.44 8.68 12.21
CA HIS A 168 22.66 7.97 12.54
C HIS A 168 23.02 7.05 11.37
N MET A 1 -4.81 -2.33 18.44
CA MET A 1 -3.61 -3.03 18.96
C MET A 1 -2.37 -2.16 18.76
N PRO A 2 -1.35 -2.32 19.60
CA PRO A 2 -0.11 -1.57 19.49
C PRO A 2 0.81 -2.11 18.40
N VAL A 3 2.05 -1.66 18.38
CA VAL A 3 3.00 -2.11 17.38
C VAL A 3 3.65 -3.41 17.80
N ARG A 4 2.99 -4.51 17.48
CA ARG A 4 3.49 -5.84 17.79
C ARG A 4 3.96 -6.55 16.54
N ALA A 5 4.43 -5.75 15.58
CA ALA A 5 4.92 -6.28 14.32
C ALA A 5 6.27 -6.98 14.49
N GLN A 6 6.23 -8.19 15.03
CA GLN A 6 7.43 -8.97 15.23
C GLN A 6 7.11 -10.46 15.18
N ARG A 7 7.70 -11.14 14.22
CA ARG A 7 7.56 -12.59 14.10
C ARG A 7 8.62 -13.12 13.15
N ILE A 8 8.95 -12.32 12.14
CA ILE A 8 10.00 -12.67 11.21
C ILE A 8 11.34 -12.19 11.75
N GLN A 9 12.16 -13.13 12.18
CA GLN A 9 13.49 -12.81 12.71
C GLN A 9 14.33 -12.16 11.63
N HIS A 10 14.56 -12.90 10.56
CA HIS A 10 15.27 -12.42 9.39
C HIS A 10 15.17 -13.47 8.30
N VAL A 11 14.73 -13.07 7.12
CA VAL A 11 14.59 -14.01 6.01
C VAL A 11 15.95 -14.44 5.50
N MET A 12 16.02 -15.65 4.96
CA MET A 12 17.27 -16.19 4.44
C MET A 12 17.62 -15.55 3.12
N GLN A 13 16.80 -15.82 2.11
CA GLN A 13 16.93 -15.25 0.78
C GLN A 13 15.90 -15.89 -0.15
N ASP A 14 15.72 -17.19 0.04
CA ASP A 14 14.77 -17.98 -0.75
C ASP A 14 13.37 -17.85 -0.15
N THR A 15 13.22 -16.89 0.75
CA THR A 15 11.99 -16.72 1.48
C THR A 15 10.96 -15.93 0.68
N ILE A 16 9.72 -16.38 0.77
CA ILE A 16 8.61 -15.67 0.15
C ILE A 16 7.55 -15.39 1.20
N ILE A 17 7.25 -14.13 1.41
CA ILE A 17 6.25 -13.75 2.39
C ILE A 17 4.88 -13.69 1.72
N ASN A 18 4.11 -14.74 1.94
CA ASN A 18 2.75 -14.79 1.44
C ASN A 18 1.82 -14.26 2.49
N PHE A 19 1.40 -13.02 2.32
CA PHE A 19 0.59 -12.36 3.33
C PHE A 19 -0.85 -12.21 2.87
N TYR A 20 -1.69 -11.72 3.76
CA TYR A 20 -3.11 -11.57 3.48
C TYR A 20 -3.60 -10.23 3.98
N SER A 21 -4.89 -9.99 3.80
CA SER A 21 -5.51 -8.72 4.15
C SER A 21 -5.47 -8.45 5.66
N THR A 22 -6.13 -7.37 6.07
CA THR A 22 -6.03 -6.83 7.42
C THR A 22 -6.62 -7.74 8.51
N SER A 23 -7.10 -8.91 8.11
CA SER A 23 -7.60 -9.88 9.08
C SER A 23 -6.49 -10.85 9.48
N ASP A 24 -5.27 -10.49 9.11
CA ASP A 24 -4.09 -11.30 9.41
C ASP A 24 -3.02 -10.42 10.07
N ASP A 25 -2.00 -11.03 10.64
CA ASP A 25 -0.89 -10.30 11.25
C ASP A 25 -0.18 -9.46 10.21
N TYR A 26 -0.09 -9.99 9.00
CA TYR A 26 0.57 -9.29 7.90
C TYR A 26 -0.37 -8.25 7.27
N GLY A 27 -1.58 -8.18 7.80
CA GLY A 27 -2.62 -7.32 7.22
C GLY A 27 -2.23 -5.86 7.13
N ASP A 28 -1.28 -5.41 7.94
CA ASP A 28 -0.84 -4.03 7.89
C ASP A 28 -0.06 -3.73 6.60
N PHE A 29 0.33 -4.78 5.90
CA PHE A 29 0.94 -4.63 4.57
C PHE A 29 -0.10 -4.25 3.53
N SER A 30 -1.29 -4.84 3.65
CA SER A 30 -2.34 -4.70 2.65
C SER A 30 -2.78 -3.25 2.44
N ASN A 31 -3.38 -3.00 1.29
CA ASN A 31 -3.80 -1.66 0.89
C ASN A 31 -4.96 -1.16 1.73
N PHE A 32 -5.67 -2.09 2.36
CA PHE A 32 -6.86 -1.76 3.13
C PHE A 32 -6.49 -1.51 4.59
N ALA A 33 -5.20 -1.49 4.88
CA ALA A 33 -4.72 -1.27 6.23
C ALA A 33 -4.91 0.19 6.63
N ALA A 34 -5.53 0.40 7.79
CA ALA A 34 -5.88 1.73 8.25
C ALA A 34 -4.68 2.44 8.87
N TRP A 35 -3.65 2.62 8.05
CA TRP A 35 -2.48 3.38 8.44
C TRP A 35 -2.42 4.67 7.64
N PRO A 36 -2.61 5.82 8.31
CA PRO A 36 -2.68 7.13 7.66
C PRO A 36 -1.45 7.47 6.82
N ILE A 37 -1.68 7.81 5.57
CA ILE A 37 -0.61 8.16 4.65
C ILE A 37 -0.54 9.68 4.47
N LYS A 38 0.68 10.20 4.31
CA LYS A 38 0.87 11.64 4.18
C LYS A 38 1.25 11.98 2.75
N VAL A 39 0.25 12.30 1.95
CA VAL A 39 0.46 12.57 0.54
C VAL A 39 -0.01 13.97 0.19
N ASP A 40 0.86 14.74 -0.45
CA ASP A 40 0.55 16.12 -0.85
C ASP A 40 0.40 17.00 0.40
N GLY A 41 0.89 16.49 1.52
CA GLY A 41 0.75 17.19 2.77
C GLY A 41 -0.60 16.94 3.40
N LYS A 42 -1.33 15.98 2.85
CA LYS A 42 -2.65 15.64 3.34
C LYS A 42 -2.63 14.28 4.00
N THR A 43 -3.40 14.14 5.06
CA THR A 43 -3.48 12.88 5.78
C THR A 43 -4.66 12.05 5.28
N TRP A 44 -4.37 10.93 4.65
CA TRP A 44 -5.40 10.03 4.19
C TRP A 44 -5.45 8.82 5.11
N PRO A 45 -6.64 8.51 5.67
CA PRO A 45 -6.81 7.42 6.64
C PRO A 45 -6.47 6.05 6.08
N THR A 46 -6.36 5.97 4.76
CA THR A 46 -6.07 4.71 4.10
C THR A 46 -5.63 4.97 2.67
N SER A 47 -4.81 4.07 2.13
CA SER A 47 -4.40 4.15 0.73
C SER A 47 -5.63 4.12 -0.17
N GLU A 48 -6.65 3.38 0.25
CA GLU A 48 -7.93 3.28 -0.45
C GLU A 48 -8.53 4.66 -0.71
N HIS A 49 -8.47 5.53 0.30
CA HIS A 49 -9.10 6.85 0.21
C HIS A 49 -8.38 7.74 -0.79
N TYR A 50 -7.05 7.65 -0.83
CA TYR A 50 -6.29 8.42 -1.81
C TYR A 50 -6.55 7.86 -3.21
N PHE A 51 -6.70 6.54 -3.28
CA PHE A 51 -6.99 5.83 -4.52
C PHE A 51 -8.26 6.38 -5.16
N GLN A 52 -9.34 6.43 -4.38
CA GLN A 52 -10.63 6.92 -4.87
C GLN A 52 -10.57 8.40 -5.21
N ALA A 53 -10.06 9.19 -4.27
CA ALA A 53 -10.00 10.64 -4.43
C ALA A 53 -9.19 11.02 -5.66
N GLN A 54 -8.22 10.20 -6.01
CA GLN A 54 -7.41 10.43 -7.19
C GLN A 54 -8.16 10.01 -8.45
N LYS A 55 -8.82 8.86 -8.36
CA LYS A 55 -9.56 8.30 -9.49
C LYS A 55 -10.61 9.27 -10.01
N PHE A 56 -11.26 9.96 -9.09
CA PHE A 56 -12.28 10.94 -9.45
C PHE A 56 -11.66 12.33 -9.57
N LEU A 57 -12.09 13.06 -10.58
CA LEU A 57 -11.57 14.39 -10.82
C LEU A 57 -12.64 15.44 -10.58
N ASP A 58 -13.67 15.04 -9.86
CA ASP A 58 -14.71 15.95 -9.42
C ASP A 58 -14.42 16.43 -8.01
N GLU A 59 -14.44 17.74 -7.81
CA GLU A 59 -14.10 18.33 -6.52
C GLU A 59 -15.07 17.86 -5.44
N LYS A 60 -16.37 17.92 -5.72
CA LYS A 60 -17.38 17.49 -4.76
C LYS A 60 -17.20 16.03 -4.35
N TYR A 61 -16.99 15.17 -5.33
CA TYR A 61 -16.92 13.73 -5.06
C TYR A 61 -15.59 13.38 -4.39
N ARG A 62 -14.53 14.10 -4.74
CA ARG A 62 -13.25 13.92 -4.07
C ARG A 62 -13.36 14.34 -2.62
N GLU A 63 -14.17 15.35 -2.36
CA GLU A 63 -14.41 15.83 -1.01
C GLU A 63 -15.25 14.81 -0.23
N GLU A 64 -16.10 14.09 -0.93
CA GLU A 64 -16.86 12.99 -0.33
C GLU A 64 -15.91 11.94 0.21
N ILE A 65 -14.94 11.54 -0.62
CA ILE A 65 -13.96 10.52 -0.24
C ILE A 65 -13.12 10.98 0.95
N ARG A 66 -12.80 12.27 0.96
CA ARG A 66 -11.94 12.84 2.00
C ARG A 66 -12.70 12.91 3.34
N ARG A 67 -14.02 12.95 3.26
CA ARG A 67 -14.84 13.16 4.45
C ARG A 67 -15.42 11.85 4.99
N VAL A 68 -14.90 10.72 4.53
CA VAL A 68 -15.30 9.44 5.09
C VAL A 68 -14.10 8.74 5.72
N SER A 69 -14.28 8.24 6.93
CA SER A 69 -13.22 7.53 7.62
C SER A 69 -13.20 6.07 7.20
N SER A 70 -14.39 5.55 6.87
CA SER A 70 -14.53 4.17 6.47
C SER A 70 -14.16 3.99 5.00
N PRO A 71 -13.17 3.11 4.73
CA PRO A 71 -12.74 2.81 3.36
C PRO A 71 -13.77 1.99 2.61
N MET A 72 -14.49 1.14 3.33
CA MET A 72 -15.51 0.29 2.71
C MET A 72 -16.60 1.14 2.07
N VAL A 73 -16.97 2.23 2.73
CA VAL A 73 -17.96 3.15 2.19
C VAL A 73 -17.48 3.74 0.88
N ALA A 74 -16.26 4.29 0.90
CA ALA A 74 -15.67 4.90 -0.28
C ALA A 74 -15.48 3.88 -1.40
N ALA A 75 -15.05 2.68 -1.02
CA ALA A 75 -14.83 1.61 -1.97
C ALA A 75 -16.11 1.24 -2.71
N ARG A 76 -17.18 1.00 -1.96
CA ARG A 76 -18.44 0.55 -2.55
C ARG A 76 -19.04 1.60 -3.48
N MET A 77 -19.11 2.85 -3.03
CA MET A 77 -19.71 3.90 -3.85
C MET A 77 -18.70 4.50 -4.82
N GLY A 78 -17.45 4.12 -4.68
CA GLY A 78 -16.42 4.57 -5.59
C GLY A 78 -16.18 3.60 -6.74
N ARG A 79 -16.64 2.35 -6.57
CA ARG A 79 -16.38 1.32 -7.58
C ARG A 79 -17.44 1.24 -8.66
N ASP A 80 -18.47 2.07 -8.60
CA ASP A 80 -19.43 2.10 -9.70
C ASP A 80 -18.88 2.98 -10.80
N ARG A 81 -18.92 2.46 -12.02
CA ARG A 81 -18.26 3.11 -13.15
C ARG A 81 -19.29 3.76 -14.07
N SER A 82 -20.45 4.05 -13.51
CA SER A 82 -21.48 4.79 -14.23
C SER A 82 -21.04 6.25 -14.40
N LYS A 83 -20.38 6.77 -13.37
CA LYS A 83 -19.82 8.11 -13.42
C LYS A 83 -18.43 8.07 -14.05
N PRO A 84 -17.95 9.19 -14.58
CA PRO A 84 -16.67 9.25 -15.30
C PRO A 84 -15.46 9.11 -14.38
N LEU A 85 -14.36 8.63 -14.97
CA LEU A 85 -13.10 8.53 -14.27
C LEU A 85 -12.07 9.34 -15.03
N ARG A 86 -10.88 9.52 -14.47
CA ARG A 86 -9.82 10.18 -15.21
C ARG A 86 -9.34 9.25 -16.32
N LYS A 87 -9.05 9.85 -17.47
CA LYS A 87 -8.79 9.09 -18.70
C LYS A 87 -7.59 8.16 -18.57
N ASN A 88 -6.49 8.68 -18.03
CA ASN A 88 -5.24 7.91 -17.94
C ASN A 88 -5.19 7.06 -16.67
N TRP A 89 -6.35 6.74 -16.13
CA TRP A 89 -6.44 5.98 -14.88
C TRP A 89 -5.75 4.62 -15.00
N GLU A 90 -5.85 4.01 -16.17
CA GLU A 90 -5.27 2.69 -16.41
C GLU A 90 -3.76 2.67 -16.17
N SER A 91 -3.12 3.80 -16.41
CA SER A 91 -1.67 3.88 -16.27
C SER A 91 -1.29 4.40 -14.88
N VAL A 92 -2.02 5.39 -14.39
CA VAL A 92 -1.69 6.01 -13.12
C VAL A 92 -2.14 5.16 -11.94
N LYS A 93 -2.90 4.11 -12.22
CA LYS A 93 -3.42 3.22 -11.18
C LYS A 93 -2.28 2.70 -10.28
N GLU A 94 -1.19 2.27 -10.89
CA GLU A 94 -0.05 1.76 -10.14
C GLU A 94 0.76 2.91 -9.54
N GLN A 95 0.75 4.06 -10.21
CA GLN A 95 1.48 5.23 -9.74
C GLN A 95 0.84 5.77 -8.47
N VAL A 96 -0.49 5.81 -8.47
CA VAL A 96 -1.26 6.22 -7.30
C VAL A 96 -0.98 5.30 -6.13
N MET A 97 -1.03 4.00 -6.39
CA MET A 97 -0.75 3.00 -5.38
C MET A 97 0.66 3.15 -4.83
N ARG A 98 1.61 3.43 -5.72
CA ARG A 98 2.99 3.60 -5.32
C ARG A 98 3.14 4.78 -4.36
N LYS A 99 2.47 5.89 -4.68
CA LYS A 99 2.50 7.07 -3.81
C LYS A 99 1.91 6.75 -2.45
N ALA A 100 0.79 6.05 -2.46
CA ALA A 100 0.09 5.68 -1.23
C ALA A 100 0.95 4.75 -0.38
N LEU A 101 1.57 3.76 -1.02
CA LEU A 101 2.42 2.81 -0.32
C LEU A 101 3.70 3.49 0.18
N ARG A 102 4.27 4.35 -0.66
CA ARG A 102 5.48 5.08 -0.30
C ARG A 102 5.24 5.91 0.95
N ALA A 103 4.19 6.73 0.92
CA ALA A 103 3.87 7.59 2.04
C ALA A 103 3.48 6.76 3.27
N LYS A 104 2.98 5.56 3.01
CA LYS A 104 2.61 4.64 4.08
C LYS A 104 3.82 4.20 4.89
N PHE A 105 4.83 3.68 4.20
CA PHE A 105 6.04 3.20 4.87
C PHE A 105 6.99 4.36 5.20
N GLU A 106 6.66 5.56 4.75
CA GLU A 106 7.42 6.76 5.13
C GLU A 106 6.80 7.41 6.36
N GLN A 107 5.47 7.37 6.45
CA GLN A 107 4.76 7.95 7.58
C GLN A 107 5.07 7.17 8.86
N HIS A 108 5.05 5.85 8.76
CA HIS A 108 5.25 5.00 9.91
C HIS A 108 6.55 4.20 9.78
N ALA A 109 7.51 4.54 10.62
CA ALA A 109 8.80 3.84 10.64
C ALA A 109 8.61 2.40 11.10
N GLU A 110 7.52 2.14 11.82
CA GLU A 110 7.17 0.79 12.24
C GLU A 110 7.06 -0.12 11.02
N LEU A 111 6.31 0.35 10.03
CA LEU A 111 6.10 -0.40 8.80
C LEU A 111 7.39 -0.47 8.00
N ARG A 112 8.14 0.62 8.00
CA ARG A 112 9.43 0.66 7.33
C ARG A 112 10.37 -0.41 7.90
N ALA A 113 10.37 -0.54 9.22
CA ALA A 113 11.20 -1.54 9.89
C ALA A 113 10.78 -2.94 9.50
N LEU A 114 9.46 -3.16 9.45
CA LEU A 114 8.91 -4.45 9.07
C LEU A 114 9.23 -4.77 7.61
N LEU A 115 9.14 -3.76 6.77
CA LEU A 115 9.41 -3.89 5.35
C LEU A 115 10.88 -4.23 5.10
N LEU A 116 11.77 -3.68 5.93
CA LEU A 116 13.19 -3.95 5.81
C LEU A 116 13.58 -5.17 6.63
N ALA A 117 12.62 -5.73 7.36
CA ALA A 117 12.82 -7.00 8.05
C ALA A 117 12.56 -8.15 7.10
N THR A 118 11.61 -7.96 6.19
CA THR A 118 11.30 -8.95 5.18
C THR A 118 12.36 -8.96 4.08
N ALA A 119 13.17 -7.90 4.06
CA ALA A 119 14.27 -7.78 3.12
C ALA A 119 15.26 -8.94 3.29
N PRO A 120 15.77 -9.50 2.18
CA PRO A 120 15.41 -9.14 0.81
C PRO A 120 14.49 -10.16 0.14
N ALA A 121 13.54 -10.69 0.88
CA ALA A 121 12.66 -11.74 0.36
C ALA A 121 11.59 -11.17 -0.58
N LYS A 122 10.78 -12.06 -1.16
CA LYS A 122 9.74 -11.64 -2.09
C LYS A 122 8.42 -11.42 -1.37
N LEU A 123 7.80 -10.27 -1.63
CA LEU A 123 6.51 -9.93 -1.03
C LEU A 123 5.37 -10.35 -1.97
N VAL A 124 4.59 -11.32 -1.53
CA VAL A 124 3.53 -11.86 -2.36
C VAL A 124 2.22 -11.97 -1.56
N GLU A 125 1.26 -11.10 -1.84
CA GLU A 125 -0.03 -11.16 -1.17
C GLU A 125 -0.85 -12.30 -1.77
N HIS A 126 -1.17 -13.28 -0.95
CA HIS A 126 -1.95 -14.40 -1.42
C HIS A 126 -3.41 -14.03 -1.30
N THR A 127 -4.07 -13.92 -2.43
CA THR A 127 -5.48 -13.67 -2.46
C THR A 127 -6.14 -14.54 -3.51
N GLU A 128 -6.94 -15.47 -3.06
CA GLU A 128 -7.77 -16.25 -3.96
C GLU A 128 -9.19 -15.69 -3.93
N ASN A 129 -9.25 -14.45 -3.45
CA ASN A 129 -10.50 -13.72 -3.37
C ASN A 129 -10.64 -12.83 -4.59
N ASP A 130 -9.54 -12.16 -4.93
CA ASP A 130 -9.46 -11.32 -6.12
C ASP A 130 -8.21 -11.69 -6.90
N ALA A 131 -8.13 -11.22 -8.13
CA ALA A 131 -6.94 -11.42 -8.93
C ALA A 131 -6.54 -10.14 -9.65
N TYR A 132 -5.78 -9.29 -8.97
CA TYR A 132 -5.28 -8.06 -9.60
C TYR A 132 -4.06 -7.49 -8.87
N TRP A 133 -4.03 -7.61 -7.56
CA TRP A 133 -2.92 -7.07 -6.78
C TRP A 133 -2.20 -8.16 -5.99
N GLY A 134 -2.37 -9.42 -6.39
CA GLY A 134 -1.81 -10.51 -5.62
C GLY A 134 -1.46 -11.70 -6.48
N ASP A 135 -1.52 -12.90 -5.91
CA ASP A 135 -1.24 -14.11 -6.68
C ASP A 135 -2.47 -14.54 -7.46
N GLY A 136 -3.62 -13.98 -7.12
CA GLY A 136 -4.84 -14.26 -7.85
C GLY A 136 -5.32 -15.69 -7.68
N GLY A 137 -4.96 -16.29 -6.55
CA GLY A 137 -5.40 -17.63 -6.22
C GLY A 137 -4.67 -18.73 -6.98
N HIS A 138 -4.17 -18.44 -8.17
CA HIS A 138 -3.60 -19.48 -9.02
C HIS A 138 -2.24 -19.06 -9.59
N GLY A 139 -1.68 -17.98 -9.06
CA GLY A 139 -0.35 -17.56 -9.49
C GLY A 139 -0.39 -16.43 -10.50
N LYS A 140 -1.47 -16.35 -11.26
CA LYS A 140 -1.63 -15.29 -12.25
C LYS A 140 -2.67 -14.29 -11.77
N GLY A 141 -2.31 -13.54 -10.75
CA GLY A 141 -3.20 -12.53 -10.23
C GLY A 141 -2.57 -11.16 -10.21
N LYS A 142 -1.47 -11.02 -10.95
CA LYS A 142 -0.76 -9.74 -11.06
C LYS A 142 -0.23 -9.28 -9.70
N ASN A 143 0.86 -9.91 -9.28
CA ASN A 143 1.45 -9.67 -7.96
C ASN A 143 2.24 -8.37 -7.96
N ARG A 144 2.18 -7.64 -9.07
CA ARG A 144 2.90 -6.39 -9.27
C ARG A 144 2.78 -5.43 -8.07
N LEU A 145 1.73 -5.59 -7.26
CA LEU A 145 1.60 -4.82 -6.02
C LEU A 145 2.83 -5.04 -5.14
N GLY A 146 3.20 -6.30 -4.98
CA GLY A 146 4.37 -6.64 -4.18
C GLY A 146 5.65 -6.17 -4.83
N TYR A 147 5.63 -6.06 -6.16
CA TYR A 147 6.79 -5.57 -6.89
C TYR A 147 6.99 -4.09 -6.61
N LEU A 148 5.90 -3.35 -6.50
CA LEU A 148 5.93 -1.95 -6.12
C LEU A 148 6.56 -1.82 -4.74
N LEU A 149 6.15 -2.72 -3.85
CA LEU A 149 6.69 -2.77 -2.49
C LEU A 149 8.17 -3.13 -2.51
N MET A 150 8.57 -3.96 -3.47
CA MET A 150 9.97 -4.34 -3.62
C MET A 150 10.83 -3.12 -3.91
N GLU A 151 10.41 -2.31 -4.87
CA GLU A 151 11.17 -1.13 -5.26
C GLU A 151 11.16 -0.09 -4.14
N LEU A 152 10.02 0.02 -3.46
CA LEU A 152 9.92 0.90 -2.31
C LEU A 152 10.86 0.43 -1.20
N ARG A 153 10.89 -0.87 -0.98
CA ARG A 153 11.78 -1.47 0.00
C ARG A 153 13.23 -1.20 -0.37
N GLU A 154 13.53 -1.33 -1.67
CA GLU A 154 14.86 -1.06 -2.20
C GLU A 154 15.27 0.38 -1.88
N GLN A 155 14.33 1.29 -2.06
CA GLN A 155 14.56 2.71 -1.81
C GLN A 155 14.78 2.98 -0.32
N LEU A 156 13.94 2.40 0.51
CA LEU A 156 14.03 2.60 1.95
C LEU A 156 15.29 1.92 2.50
N ALA A 157 15.72 0.86 1.83
CA ALA A 157 16.96 0.18 2.18
C ALA A 157 18.12 1.13 2.06
N ILE A 158 18.17 1.87 0.96
CA ILE A 158 19.24 2.84 0.73
C ILE A 158 19.12 4.02 1.70
N GLU A 159 17.89 4.38 2.03
CA GLU A 159 17.63 5.45 3.00
C GLU A 159 18.34 5.14 4.32
N LYS A 160 18.08 3.95 4.84
CA LYS A 160 18.67 3.52 6.10
C LYS A 160 20.13 3.11 5.91
N LEU A 161 20.47 2.71 4.68
CA LEU A 161 21.84 2.34 4.34
C LEU A 161 22.72 3.57 4.33
N GLU A 162 22.13 4.70 3.95
CA GLU A 162 22.83 5.97 3.94
C GLU A 162 23.06 6.43 5.37
N HIS A 163 21.96 6.58 6.12
CA HIS A 163 21.95 6.93 7.55
C HIS A 163 22.95 8.03 7.92
N HIS A 164 23.25 8.91 6.99
CA HIS A 164 24.14 10.03 7.23
C HIS A 164 23.31 11.28 7.45
N HIS A 165 22.20 11.36 6.74
CA HIS A 165 21.26 12.46 6.95
C HIS A 165 20.60 12.36 8.31
N HIS A 166 20.58 13.46 9.03
CA HIS A 166 20.02 13.50 10.37
C HIS A 166 18.66 14.17 10.33
N HIS A 167 18.08 14.42 11.50
CA HIS A 167 16.80 15.10 11.56
C HIS A 167 17.02 16.61 11.62
N HIS A 168 16.31 17.34 10.76
CA HIS A 168 16.48 18.79 10.64
C HIS A 168 17.86 19.10 10.08
N MET A 1 -1.84 -0.16 23.70
CA MET A 1 -1.28 -1.31 22.97
C MET A 1 -0.33 -0.85 21.87
N PRO A 2 0.96 -1.18 21.98
CA PRO A 2 1.95 -0.83 20.98
C PRO A 2 2.00 -1.87 19.86
N VAL A 3 2.47 -1.46 18.69
CA VAL A 3 2.64 -2.38 17.59
C VAL A 3 3.80 -3.33 17.88
N ARG A 4 3.53 -4.63 17.81
CA ARG A 4 4.55 -5.62 18.10
C ARG A 4 5.43 -5.83 16.88
N ALA A 5 6.42 -4.98 16.73
CA ALA A 5 7.30 -4.99 15.58
C ALA A 5 8.45 -5.96 15.74
N GLN A 6 8.14 -7.17 16.23
CA GLN A 6 9.15 -8.21 16.31
C GLN A 6 9.34 -8.81 14.93
N ARG A 7 10.29 -8.26 14.21
CA ARG A 7 10.50 -8.54 12.80
C ARG A 7 11.19 -9.86 12.59
N ILE A 8 11.11 -10.38 11.37
CA ILE A 8 11.75 -11.64 11.03
C ILE A 8 13.26 -11.50 11.12
N GLN A 9 13.90 -12.39 11.87
CA GLN A 9 15.35 -12.36 12.04
C GLN A 9 16.04 -12.93 10.80
N HIS A 10 15.89 -12.20 9.68
CA HIS A 10 16.37 -12.64 8.37
C HIS A 10 15.49 -13.74 7.81
N VAL A 11 14.96 -13.50 6.62
CA VAL A 11 14.10 -14.47 5.95
C VAL A 11 14.93 -15.50 5.20
N MET A 12 14.25 -16.44 4.56
CA MET A 12 14.91 -17.50 3.81
C MET A 12 15.08 -17.08 2.36
N GLN A 13 15.93 -17.79 1.64
CA GLN A 13 16.20 -17.49 0.24
C GLN A 13 14.90 -17.56 -0.56
N ASP A 14 14.50 -16.42 -1.12
CA ASP A 14 13.28 -16.31 -1.91
C ASP A 14 12.07 -16.85 -1.15
N THR A 15 11.62 -16.09 -0.17
CA THR A 15 10.44 -16.45 0.59
C THR A 15 9.22 -15.73 0.03
N ILE A 16 8.22 -16.49 -0.37
CA ILE A 16 6.99 -15.89 -0.86
C ILE A 16 6.11 -15.51 0.32
N ILE A 17 6.19 -14.25 0.72
CA ILE A 17 5.41 -13.78 1.83
C ILE A 17 4.08 -13.24 1.34
N ASN A 18 3.09 -14.14 1.32
CA ASN A 18 1.75 -13.78 0.91
C ASN A 18 0.90 -13.48 2.14
N PHE A 19 0.70 -12.20 2.37
CA PHE A 19 0.06 -11.75 3.59
C PHE A 19 -1.39 -11.34 3.33
N TYR A 20 -2.28 -11.83 4.17
CA TYR A 20 -3.67 -11.41 4.13
C TYR A 20 -4.28 -11.50 5.53
N SER A 21 -4.36 -10.35 6.18
CA SER A 21 -4.85 -10.23 7.55
C SER A 21 -4.72 -8.79 8.00
N THR A 22 -5.40 -7.91 7.30
CA THR A 22 -5.25 -6.46 7.48
C THR A 22 -5.92 -5.96 8.77
N SER A 23 -6.47 -6.90 9.54
CA SER A 23 -7.14 -6.58 10.79
C SER A 23 -6.30 -5.71 11.72
N ASP A 24 -5.35 -6.33 12.40
CA ASP A 24 -4.47 -5.65 13.34
C ASP A 24 -3.44 -6.62 13.86
N ASP A 25 -2.39 -6.84 13.08
CA ASP A 25 -1.41 -7.87 13.37
C ASP A 25 -0.20 -7.75 12.43
N TYR A 26 -0.04 -8.71 11.53
CA TYR A 26 1.06 -8.68 10.57
C TYR A 26 0.57 -8.19 9.21
N GLY A 27 -0.75 -8.20 9.03
CA GLY A 27 -1.34 -7.82 7.76
C GLY A 27 -1.30 -6.32 7.50
N ASP A 28 -0.75 -5.57 8.45
CA ASP A 28 -0.65 -4.12 8.34
C ASP A 28 0.30 -3.69 7.21
N PHE A 29 0.89 -4.69 6.55
CA PHE A 29 1.64 -4.45 5.32
C PHE A 29 0.71 -3.96 4.20
N SER A 30 -0.53 -4.43 4.24
CA SER A 30 -1.51 -4.14 3.20
C SER A 30 -1.82 -2.64 3.10
N ASN A 31 -2.28 -2.23 1.93
CA ASN A 31 -2.65 -0.84 1.68
C ASN A 31 -3.93 -0.47 2.43
N PHE A 32 -4.74 -1.48 2.73
CA PHE A 32 -5.99 -1.28 3.46
C PHE A 32 -5.74 -1.08 4.96
N ALA A 33 -4.48 -1.15 5.37
CA ALA A 33 -4.12 -1.04 6.78
C ALA A 33 -4.46 0.34 7.31
N ALA A 34 -5.05 0.39 8.50
CA ALA A 34 -5.57 1.61 9.07
C ALA A 34 -4.46 2.46 9.69
N TRP A 35 -3.49 2.81 8.89
CA TRP A 35 -2.40 3.66 9.32
C TRP A 35 -2.43 4.96 8.53
N PRO A 36 -2.86 6.05 9.18
CA PRO A 36 -3.06 7.36 8.52
C PRO A 36 -1.81 7.86 7.81
N ILE A 37 -2.00 8.41 6.62
CA ILE A 37 -0.91 8.92 5.82
C ILE A 37 -1.12 10.39 5.44
N LYS A 38 -0.03 11.15 5.53
CA LYS A 38 -0.06 12.57 5.19
C LYS A 38 0.46 12.76 3.77
N VAL A 39 -0.43 13.07 2.84
CA VAL A 39 -0.04 13.14 1.43
C VAL A 39 -0.38 14.50 0.82
N ASP A 40 0.67 15.25 0.47
CA ASP A 40 0.55 16.50 -0.27
C ASP A 40 -0.38 17.49 0.41
N GLY A 41 -0.32 17.51 1.74
CA GLY A 41 -1.06 18.51 2.49
C GLY A 41 -2.42 18.02 2.98
N LYS A 42 -2.77 16.78 2.66
CA LYS A 42 -4.04 16.24 3.11
C LYS A 42 -3.84 14.89 3.78
N THR A 43 -4.65 14.63 4.79
CA THR A 43 -4.50 13.43 5.58
C THR A 43 -5.49 12.36 5.13
N TRP A 44 -4.97 11.20 4.76
CA TRP A 44 -5.79 10.10 4.28
C TRP A 44 -5.75 8.96 5.30
N PRO A 45 -6.91 8.38 5.63
CA PRO A 45 -7.01 7.30 6.63
C PRO A 45 -6.21 6.06 6.23
N THR A 46 -6.27 5.71 4.95
CA THR A 46 -5.62 4.53 4.44
C THR A 46 -5.11 4.78 3.02
N SER A 47 -4.45 3.80 2.43
CA SER A 47 -3.81 3.99 1.13
C SER A 47 -4.82 4.06 -0.01
N GLU A 48 -5.81 3.16 0.00
CA GLU A 48 -6.74 3.06 -1.14
C GLU A 48 -7.76 4.20 -1.12
N HIS A 49 -7.82 4.94 -0.02
CA HIS A 49 -8.66 6.14 0.02
C HIS A 49 -8.04 7.24 -0.84
N TYR A 50 -6.72 7.32 -0.82
CA TYR A 50 -5.99 8.24 -1.68
C TYR A 50 -6.05 7.73 -3.12
N PHE A 51 -6.00 6.41 -3.24
CA PHE A 51 -6.15 5.73 -4.52
C PHE A 51 -7.50 6.06 -5.15
N GLN A 52 -8.57 5.78 -4.43
CA GLN A 52 -9.92 6.03 -4.91
C GLN A 52 -10.20 7.53 -5.10
N ALA A 53 -9.44 8.37 -4.40
CA ALA A 53 -9.57 9.81 -4.57
C ALA A 53 -8.92 10.26 -5.87
N GLN A 54 -7.69 9.81 -6.09
CA GLN A 54 -6.94 10.20 -7.27
C GLN A 54 -7.55 9.57 -8.53
N LYS A 55 -8.41 8.59 -8.29
CA LYS A 55 -9.15 7.89 -9.36
C LYS A 55 -10.02 8.87 -10.13
N PHE A 56 -10.55 9.86 -9.42
CA PHE A 56 -11.44 10.84 -10.02
C PHE A 56 -10.75 12.20 -10.12
N LEU A 57 -11.23 13.04 -11.02
CA LEU A 57 -10.63 14.34 -11.26
C LEU A 57 -11.57 15.46 -10.81
N ASP A 58 -12.35 15.18 -9.76
CA ASP A 58 -13.27 16.17 -9.20
C ASP A 58 -13.18 16.16 -7.68
N GLU A 59 -12.78 17.30 -7.10
CA GLU A 59 -12.60 17.42 -5.64
C GLU A 59 -13.91 17.27 -4.87
N LYS A 60 -15.05 17.36 -5.56
CA LYS A 60 -16.34 17.19 -4.89
C LYS A 60 -16.55 15.73 -4.54
N TYR A 61 -16.44 14.85 -5.53
CA TYR A 61 -16.58 13.41 -5.29
C TYR A 61 -15.35 12.89 -4.55
N ARG A 62 -14.23 13.56 -4.70
CA ARG A 62 -13.02 13.22 -3.97
C ARG A 62 -13.16 13.59 -2.49
N GLU A 63 -13.98 14.60 -2.23
CA GLU A 63 -14.34 14.93 -0.86
C GLU A 63 -15.25 13.83 -0.30
N GLU A 64 -16.05 13.25 -1.19
CA GLU A 64 -16.90 12.12 -0.82
C GLU A 64 -16.02 10.92 -0.44
N ILE A 65 -14.94 10.72 -1.20
CA ILE A 65 -13.95 9.68 -0.91
C ILE A 65 -13.24 9.99 0.41
N ARG A 66 -13.13 11.27 0.71
CA ARG A 66 -12.58 11.72 1.98
C ARG A 66 -13.59 11.50 3.11
N ARG A 67 -14.87 11.56 2.75
CA ARG A 67 -15.95 11.42 3.72
C ARG A 67 -16.22 9.96 4.06
N VAL A 68 -15.92 9.07 3.13
CA VAL A 68 -16.11 7.64 3.39
C VAL A 68 -15.05 7.16 4.38
N SER A 69 -15.45 7.01 5.64
CA SER A 69 -14.53 6.61 6.69
C SER A 69 -14.23 5.11 6.60
N SER A 70 -15.16 4.35 6.04
CA SER A 70 -14.97 2.93 5.87
C SER A 70 -14.08 2.65 4.65
N PRO A 71 -13.08 1.75 4.81
CA PRO A 71 -12.07 1.46 3.77
C PRO A 71 -12.66 0.89 2.48
N MET A 72 -13.21 -0.32 2.57
CA MET A 72 -13.66 -1.06 1.38
C MET A 72 -14.88 -0.38 0.74
N VAL A 73 -15.65 0.33 1.55
CA VAL A 73 -16.82 1.04 1.04
C VAL A 73 -16.43 2.11 0.03
N ALA A 74 -15.22 2.65 0.18
CA ALA A 74 -14.70 3.67 -0.74
C ALA A 74 -14.67 3.12 -2.17
N ALA A 75 -14.13 1.92 -2.32
CA ALA A 75 -14.07 1.27 -3.61
C ALA A 75 -15.44 0.75 -4.03
N ARG A 76 -16.27 0.39 -3.05
CA ARG A 76 -17.60 -0.13 -3.33
C ARG A 76 -18.44 0.95 -4.02
N MET A 77 -18.45 2.16 -3.47
CA MET A 77 -19.17 3.25 -4.10
C MET A 77 -18.36 3.80 -5.27
N GLY A 78 -17.04 3.59 -5.21
CA GLY A 78 -16.16 4.00 -6.28
C GLY A 78 -16.22 3.06 -7.47
N ARG A 79 -17.02 2.00 -7.33
CA ARG A 79 -17.35 1.12 -8.45
C ARG A 79 -18.20 1.84 -9.49
N ASP A 80 -18.81 2.94 -9.08
CA ASP A 80 -19.68 3.70 -9.97
C ASP A 80 -18.86 4.37 -11.06
N ARG A 81 -19.34 4.25 -12.29
CA ARG A 81 -18.61 4.75 -13.44
C ARG A 81 -19.40 5.84 -14.15
N SER A 82 -20.39 6.39 -13.45
CA SER A 82 -21.18 7.49 -13.99
C SER A 82 -20.64 8.82 -13.46
N LYS A 83 -19.61 8.71 -12.64
CA LYS A 83 -18.89 9.88 -12.13
C LYS A 83 -17.68 10.12 -13.02
N PRO A 84 -17.19 11.37 -13.12
CA PRO A 84 -16.06 11.68 -13.98
C PRO A 84 -14.74 11.16 -13.41
N LEU A 85 -14.26 10.07 -13.97
CA LEU A 85 -12.99 9.52 -13.58
C LEU A 85 -11.97 9.71 -14.70
N ARG A 86 -10.71 9.44 -14.38
CA ARG A 86 -9.64 9.66 -15.33
C ARG A 86 -9.48 8.44 -16.24
N LYS A 87 -9.37 8.66 -17.54
CA LYS A 87 -9.31 7.57 -18.50
C LYS A 87 -7.98 6.82 -18.40
N ASN A 88 -6.92 7.55 -18.08
CA ASN A 88 -5.59 6.96 -17.95
C ASN A 88 -5.37 6.38 -16.58
N TRP A 89 -6.44 6.30 -15.78
CA TRP A 89 -6.38 5.68 -14.48
C TRP A 89 -5.83 4.26 -14.59
N GLU A 90 -6.11 3.63 -15.73
CA GLU A 90 -5.62 2.28 -16.01
C GLU A 90 -4.10 2.17 -15.83
N SER A 91 -3.38 3.25 -16.10
CA SER A 91 -1.93 3.25 -16.00
C SER A 91 -1.46 3.88 -14.69
N VAL A 92 -2.04 5.03 -14.34
CA VAL A 92 -1.54 5.81 -13.21
C VAL A 92 -1.93 5.19 -11.87
N LYS A 93 -2.82 4.21 -11.89
CA LYS A 93 -3.25 3.53 -10.67
C LYS A 93 -2.07 2.81 -10.02
N GLU A 94 -1.13 2.37 -10.84
CA GLU A 94 0.08 1.71 -10.34
C GLU A 94 0.94 2.73 -9.60
N GLN A 95 1.00 3.94 -10.15
CA GLN A 95 1.79 5.01 -9.59
C GLN A 95 1.18 5.54 -8.30
N VAL A 96 -0.15 5.68 -8.31
CA VAL A 96 -0.87 6.20 -7.15
C VAL A 96 -0.72 5.26 -5.95
N MET A 97 -0.77 3.96 -6.20
CA MET A 97 -0.56 2.98 -5.14
C MET A 97 0.85 3.12 -4.56
N ARG A 98 1.84 3.22 -5.43
CA ARG A 98 3.23 3.39 -4.99
C ARG A 98 3.39 4.72 -4.23
N LYS A 99 2.62 5.71 -4.64
CA LYS A 99 2.60 7.01 -3.98
C LYS A 99 2.09 6.86 -2.55
N ALA A 100 0.95 6.20 -2.42
CA ALA A 100 0.32 6.00 -1.10
C ALA A 100 1.17 5.09 -0.24
N LEU A 101 1.71 4.03 -0.83
CA LEU A 101 2.57 3.10 -0.11
C LEU A 101 3.85 3.78 0.35
N ARG A 102 4.34 4.71 -0.45
CA ARG A 102 5.54 5.47 -0.09
C ARG A 102 5.28 6.22 1.21
N ALA A 103 4.20 6.99 1.24
CA ALA A 103 3.82 7.74 2.43
C ALA A 103 3.54 6.79 3.60
N LYS A 104 2.94 5.65 3.29
CA LYS A 104 2.62 4.65 4.29
C LYS A 104 3.85 4.26 5.12
N PHE A 105 4.93 3.88 4.45
CA PHE A 105 6.14 3.44 5.13
C PHE A 105 7.07 4.61 5.48
N GLU A 106 6.77 5.82 5.00
CA GLU A 106 7.56 6.99 5.38
C GLU A 106 6.96 7.70 6.58
N GLN A 107 5.63 7.68 6.70
CA GLN A 107 4.96 8.32 7.82
C GLN A 107 5.03 7.45 9.07
N HIS A 108 5.07 6.14 8.87
CA HIS A 108 5.13 5.21 10.00
C HIS A 108 6.43 4.43 9.99
N ALA A 109 7.35 4.83 10.87
CA ALA A 109 8.64 4.15 11.00
C ALA A 109 8.45 2.72 11.49
N GLU A 110 7.33 2.51 12.19
CA GLU A 110 6.91 1.18 12.60
C GLU A 110 6.93 0.24 11.39
N LEU A 111 6.19 0.65 10.37
CA LEU A 111 6.03 -0.14 9.16
C LEU A 111 7.31 -0.07 8.33
N ARG A 112 8.00 1.06 8.40
CA ARG A 112 9.27 1.25 7.70
C ARG A 112 10.23 0.09 7.97
N ALA A 113 10.58 -0.09 9.23
CA ALA A 113 11.53 -1.12 9.61
C ALA A 113 10.93 -2.51 9.46
N LEU A 114 9.63 -2.63 9.71
CA LEU A 114 8.94 -3.90 9.58
C LEU A 114 9.00 -4.39 8.13
N LEU A 115 8.85 -3.47 7.19
CA LEU A 115 8.91 -3.79 5.78
C LEU A 115 10.33 -4.19 5.37
N LEU A 116 11.30 -3.39 5.74
CA LEU A 116 12.68 -3.62 5.32
C LEU A 116 13.23 -4.94 5.82
N ALA A 117 12.68 -5.43 6.93
CA ALA A 117 13.13 -6.68 7.53
C ALA A 117 12.68 -7.91 6.75
N THR A 118 11.84 -7.73 5.74
CA THR A 118 11.36 -8.86 4.94
C THR A 118 12.31 -9.17 3.80
N ALA A 119 13.21 -8.23 3.50
CA ALA A 119 14.22 -8.43 2.46
C ALA A 119 15.04 -9.70 2.72
N PRO A 120 15.40 -10.44 1.65
CA PRO A 120 15.03 -10.14 0.27
C PRO A 120 13.86 -11.01 -0.24
N ALA A 121 12.85 -11.20 0.60
CA ALA A 121 11.70 -12.03 0.25
C ALA A 121 10.80 -11.33 -0.77
N LYS A 122 9.88 -12.10 -1.35
CA LYS A 122 8.95 -11.59 -2.35
C LYS A 122 7.60 -11.35 -1.70
N LEU A 123 7.15 -10.10 -1.73
CA LEU A 123 5.91 -9.72 -1.05
C LEU A 123 4.72 -9.89 -1.99
N VAL A 124 3.72 -10.65 -1.54
CA VAL A 124 2.57 -10.97 -2.37
C VAL A 124 1.26 -10.79 -1.61
N GLU A 125 0.29 -10.15 -2.24
CA GLU A 125 -1.07 -10.11 -1.71
C GLU A 125 -1.76 -11.40 -2.10
N HIS A 126 -2.52 -11.98 -1.18
CA HIS A 126 -3.20 -13.22 -1.47
C HIS A 126 -4.67 -13.17 -1.09
N THR A 127 -5.47 -12.55 -1.93
CA THR A 127 -6.90 -12.71 -1.86
C THR A 127 -7.26 -13.94 -2.68
N GLU A 128 -8.46 -14.45 -2.55
CA GLU A 128 -8.81 -15.67 -3.25
C GLU A 128 -10.23 -15.58 -3.78
N ASN A 129 -10.40 -14.68 -4.75
CA ASN A 129 -11.66 -14.49 -5.45
C ASN A 129 -11.39 -13.73 -6.75
N ASP A 130 -10.58 -12.68 -6.63
CA ASP A 130 -10.06 -11.94 -7.77
C ASP A 130 -8.55 -11.90 -7.68
N ALA A 131 -7.92 -11.26 -8.64
CA ALA A 131 -6.49 -10.99 -8.57
C ALA A 131 -6.28 -9.48 -8.71
N TYR A 132 -6.36 -8.75 -7.61
CA TYR A 132 -6.45 -7.30 -7.69
C TYR A 132 -5.09 -6.63 -7.49
N TRP A 133 -4.37 -7.01 -6.45
CA TRP A 133 -3.05 -6.45 -6.20
C TRP A 133 -2.10 -7.53 -5.71
N GLY A 134 -2.39 -8.77 -6.08
CA GLY A 134 -1.58 -9.87 -5.65
C GLY A 134 -1.83 -11.09 -6.49
N ASP A 135 -2.86 -11.84 -6.14
CA ASP A 135 -3.18 -13.06 -6.86
C ASP A 135 -4.61 -13.48 -6.64
N GLY A 136 -5.09 -14.38 -7.50
CA GLY A 136 -6.41 -14.95 -7.35
C GLY A 136 -6.34 -16.31 -6.69
N GLY A 137 -5.27 -16.51 -5.94
CA GLY A 137 -5.04 -17.79 -5.27
C GLY A 137 -4.60 -18.90 -6.20
N HIS A 138 -3.77 -18.57 -7.20
CA HIS A 138 -3.28 -19.58 -8.15
C HIS A 138 -1.84 -19.30 -8.60
N GLY A 139 -1.43 -18.03 -8.57
CA GLY A 139 -0.06 -17.68 -8.86
C GLY A 139 0.14 -17.18 -10.29
N LYS A 140 -0.60 -16.14 -10.64
CA LYS A 140 -0.51 -15.48 -11.93
C LYS A 140 -1.68 -14.51 -12.08
N GLY A 141 -1.66 -13.43 -11.32
CA GLY A 141 -2.79 -12.52 -11.35
C GLY A 141 -2.41 -11.06 -11.48
N LYS A 142 -1.74 -10.51 -10.47
CA LYS A 142 -1.49 -9.07 -10.44
C LYS A 142 -0.67 -8.69 -9.20
N ASN A 143 0.45 -9.37 -9.01
CA ASN A 143 1.34 -9.19 -7.85
C ASN A 143 2.06 -7.83 -7.89
N ARG A 144 1.70 -7.00 -8.85
CA ARG A 144 2.36 -5.72 -9.07
C ARG A 144 2.32 -4.81 -7.83
N LEU A 145 1.37 -5.04 -6.92
CA LEU A 145 1.34 -4.25 -5.68
C LEU A 145 2.58 -4.57 -4.86
N GLY A 146 2.90 -5.85 -4.77
CA GLY A 146 4.11 -6.29 -4.09
C GLY A 146 5.34 -5.82 -4.85
N TYR A 147 5.22 -5.74 -6.16
CA TYR A 147 6.29 -5.22 -7.01
C TYR A 147 6.56 -3.76 -6.65
N LEU A 148 5.50 -3.00 -6.41
CA LEU A 148 5.62 -1.62 -5.95
C LEU A 148 6.29 -1.59 -4.58
N LEU A 149 5.83 -2.48 -3.69
CA LEU A 149 6.38 -2.59 -2.35
C LEU A 149 7.86 -2.93 -2.36
N MET A 150 8.22 -3.92 -3.18
CA MET A 150 9.60 -4.39 -3.24
C MET A 150 10.55 -3.32 -3.76
N GLU A 151 10.16 -2.60 -4.81
CA GLU A 151 10.98 -1.50 -5.31
C GLU A 151 11.11 -0.41 -4.27
N LEU A 152 9.99 -0.04 -3.63
CA LEU A 152 9.99 0.95 -2.57
C LEU A 152 10.90 0.50 -1.43
N ARG A 153 10.77 -0.76 -1.06
CA ARG A 153 11.60 -1.38 -0.03
C ARG A 153 13.08 -1.28 -0.38
N GLU A 154 13.41 -1.53 -1.64
CA GLU A 154 14.78 -1.42 -2.12
C GLU A 154 15.26 0.03 -2.05
N GLN A 155 14.38 0.96 -2.39
CA GLN A 155 14.72 2.38 -2.34
C GLN A 155 14.94 2.83 -0.90
N LEU A 156 14.10 2.35 0.01
CA LEU A 156 14.22 2.71 1.41
C LEU A 156 15.51 2.13 2.00
N ALA A 157 15.88 0.94 1.54
CA ALA A 157 17.12 0.30 1.97
C ALA A 157 18.33 1.12 1.55
N ILE A 158 18.31 1.62 0.32
CA ILE A 158 19.42 2.42 -0.21
C ILE A 158 19.49 3.78 0.49
N GLU A 159 18.33 4.42 0.65
CA GLU A 159 18.25 5.71 1.33
C GLU A 159 18.71 5.61 2.78
N LYS A 160 18.53 4.43 3.37
CA LYS A 160 18.94 4.20 4.74
C LYS A 160 20.39 3.72 4.78
N LEU A 161 20.82 3.06 3.72
CA LEU A 161 22.17 2.50 3.65
C LEU A 161 23.22 3.60 3.71
N GLU A 162 22.89 4.74 3.12
CA GLU A 162 23.83 5.85 3.03
C GLU A 162 23.89 6.65 4.34
N HIS A 163 23.31 6.13 5.41
CA HIS A 163 23.32 6.82 6.70
C HIS A 163 24.69 6.71 7.38
N HIS A 164 25.57 5.90 6.81
CA HIS A 164 26.87 5.64 7.43
C HIS A 164 27.76 6.87 7.41
N HIS A 165 28.33 7.18 6.25
CA HIS A 165 29.14 8.37 6.09
C HIS A 165 28.53 9.24 5.00
N HIS A 166 27.92 10.34 5.41
CA HIS A 166 27.12 11.16 4.51
C HIS A 166 26.72 12.46 5.19
N HIS A 167 27.00 13.59 4.54
CA HIS A 167 26.61 14.89 5.06
C HIS A 167 25.24 15.29 4.52
N HIS A 168 25.18 15.62 3.23
CA HIS A 168 23.93 15.96 2.59
C HIS A 168 23.89 15.39 1.18
N MET A 1 0.62 3.84 19.68
CA MET A 1 -0.10 2.58 19.43
C MET A 1 0.89 1.44 19.19
N PRO A 2 0.94 0.48 20.12
CA PRO A 2 1.81 -0.69 20.00
C PRO A 2 1.36 -1.62 18.88
N VAL A 3 1.92 -1.43 17.69
CA VAL A 3 1.55 -2.22 16.52
C VAL A 3 2.23 -3.58 16.54
N ARG A 4 3.35 -3.68 17.25
CA ARG A 4 4.17 -4.90 17.29
C ARG A 4 4.80 -5.17 15.93
N ALA A 5 4.00 -5.74 15.01
CA ALA A 5 4.42 -6.02 13.64
C ALA A 5 5.39 -7.21 13.56
N GLN A 6 6.31 -7.28 14.52
CA GLN A 6 7.31 -8.34 14.55
C GLN A 6 6.67 -9.69 14.86
N ARG A 7 6.48 -10.49 13.83
CA ARG A 7 6.12 -11.90 14.02
C ARG A 7 7.29 -12.77 13.61
N ILE A 8 7.91 -12.40 12.50
CA ILE A 8 9.16 -13.01 12.07
C ILE A 8 10.31 -12.05 12.30
N GLN A 9 11.52 -12.56 12.36
CA GLN A 9 12.68 -11.73 12.59
C GLN A 9 13.86 -12.26 11.80
N HIS A 10 14.25 -11.52 10.76
CA HIS A 10 15.35 -11.91 9.87
C HIS A 10 14.99 -13.16 9.06
N VAL A 11 14.75 -12.99 7.78
CA VAL A 11 14.46 -14.11 6.91
C VAL A 11 15.76 -14.74 6.42
N MET A 12 15.64 -15.92 5.82
CA MET A 12 16.80 -16.64 5.33
C MET A 12 17.27 -16.11 3.98
N GLN A 13 16.67 -16.59 2.90
CA GLN A 13 17.10 -16.22 1.55
C GLN A 13 15.95 -15.85 0.65
N ASP A 14 15.20 -16.85 0.25
CA ASP A 14 14.17 -16.68 -0.77
C ASP A 14 12.92 -17.43 -0.36
N THR A 15 12.09 -16.76 0.41
CA THR A 15 10.84 -17.33 0.86
C THR A 15 9.67 -16.52 0.32
N ILE A 16 8.55 -17.20 0.10
CA ILE A 16 7.33 -16.55 -0.35
C ILE A 16 6.45 -16.20 0.83
N ILE A 17 6.28 -14.92 1.09
CA ILE A 17 5.44 -14.48 2.19
C ILE A 17 4.04 -14.15 1.69
N ASN A 18 3.11 -15.08 1.93
CA ASN A 18 1.72 -14.88 1.54
C ASN A 18 0.98 -14.12 2.63
N PHE A 19 0.74 -12.85 2.38
CA PHE A 19 0.03 -12.02 3.33
C PHE A 19 -1.36 -11.67 2.81
N TYR A 20 -2.36 -11.87 3.66
CA TYR A 20 -3.72 -11.50 3.31
C TYR A 20 -4.50 -11.15 4.57
N SER A 21 -5.29 -10.08 4.47
CA SER A 21 -6.12 -9.60 5.58
C SER A 21 -5.27 -8.92 6.66
N THR A 22 -5.69 -7.72 7.06
CA THR A 22 -4.97 -6.94 8.06
C THR A 22 -4.79 -7.72 9.36
N SER A 23 -5.74 -8.60 9.66
CA SER A 23 -5.68 -9.46 10.83
C SER A 23 -5.66 -8.66 12.14
N ASP A 24 -4.49 -8.23 12.57
CA ASP A 24 -4.37 -7.46 13.80
C ASP A 24 -3.05 -6.68 13.86
N ASP A 25 -1.95 -7.28 13.44
CA ASP A 25 -0.66 -6.55 13.43
C ASP A 25 0.16 -6.80 12.15
N TYR A 26 0.39 -8.07 11.81
CA TYR A 26 1.25 -8.41 10.68
C TYR A 26 0.55 -8.22 9.34
N GLY A 27 -0.76 -7.97 9.40
CA GLY A 27 -1.54 -7.84 8.19
C GLY A 27 -1.37 -6.50 7.50
N ASP A 28 -0.54 -5.64 8.08
CA ASP A 28 -0.30 -4.29 7.53
C ASP A 28 0.12 -4.33 6.06
N PHE A 29 0.70 -5.44 5.64
CA PHE A 29 1.12 -5.60 4.24
C PHE A 29 -0.06 -5.55 3.28
N SER A 30 -1.27 -5.76 3.80
CA SER A 30 -2.47 -5.65 2.98
C SER A 30 -2.84 -4.18 2.81
N ASN A 31 -3.21 -3.80 1.59
CA ASN A 31 -3.47 -2.40 1.26
C ASN A 31 -4.67 -1.86 2.00
N PHE A 32 -5.47 -2.76 2.55
CA PHE A 32 -6.69 -2.35 3.23
C PHE A 32 -6.42 -2.06 4.71
N ALA A 33 -5.15 -1.78 5.04
CA ALA A 33 -4.80 -1.32 6.37
C ALA A 33 -5.37 0.09 6.61
N ALA A 34 -5.20 0.61 7.81
CA ALA A 34 -5.78 1.91 8.14
C ALA A 34 -4.77 2.80 8.88
N TRP A 35 -3.90 3.43 8.12
CA TRP A 35 -2.92 4.36 8.69
C TRP A 35 -3.09 5.75 8.09
N PRO A 36 -3.02 6.80 8.92
CA PRO A 36 -3.11 8.18 8.46
C PRO A 36 -1.85 8.62 7.71
N ILE A 37 -1.98 8.83 6.41
CA ILE A 37 -0.85 9.23 5.61
C ILE A 37 -0.94 10.70 5.22
N LYS A 38 0.02 11.48 5.68
CA LYS A 38 0.05 12.90 5.37
C LYS A 38 0.66 13.13 3.98
N VAL A 39 -0.20 13.26 2.99
CA VAL A 39 0.23 13.43 1.62
C VAL A 39 -0.25 14.77 1.06
N ASP A 40 0.68 15.57 0.56
CA ASP A 40 0.36 16.88 -0.02
C ASP A 40 -0.27 17.80 1.03
N GLY A 41 0.11 17.56 2.28
CA GLY A 41 -0.39 18.36 3.38
C GLY A 41 -1.76 17.91 3.86
N LYS A 42 -2.22 16.79 3.33
CA LYS A 42 -3.55 16.29 3.65
C LYS A 42 -3.45 14.94 4.33
N THR A 43 -4.26 14.76 5.37
CA THR A 43 -4.26 13.52 6.11
C THR A 43 -5.24 12.52 5.48
N TRP A 44 -4.72 11.62 4.67
CA TRP A 44 -5.54 10.60 4.04
C TRP A 44 -5.61 9.37 4.92
N PRO A 45 -6.82 8.91 5.25
CA PRO A 45 -7.02 7.71 6.07
C PRO A 45 -6.69 6.42 5.31
N THR A 46 -5.43 6.30 4.89
CA THR A 46 -4.87 5.10 4.27
C THR A 46 -4.97 5.15 2.75
N SER A 47 -4.23 4.25 2.09
CA SER A 47 -4.09 4.24 0.65
C SER A 47 -5.45 4.24 -0.06
N GLU A 48 -6.37 3.42 0.42
CA GLU A 48 -7.74 3.33 -0.13
C GLU A 48 -8.33 4.71 -0.45
N HIS A 49 -8.18 5.66 0.48
CA HIS A 49 -8.78 6.97 0.31
C HIS A 49 -8.02 7.80 -0.71
N TYR A 50 -6.68 7.81 -0.60
CA TYR A 50 -5.85 8.50 -1.59
C TYR A 50 -6.06 7.89 -2.98
N PHE A 51 -6.26 6.59 -3.01
CA PHE A 51 -6.47 5.83 -4.24
C PHE A 51 -7.71 6.33 -4.99
N GLN A 52 -8.85 6.30 -4.32
CA GLN A 52 -10.12 6.68 -4.94
C GLN A 52 -10.15 8.17 -5.28
N ALA A 53 -9.51 8.98 -4.45
CA ALA A 53 -9.46 10.42 -4.68
C ALA A 53 -8.68 10.75 -5.95
N GLN A 54 -7.70 9.91 -6.26
CA GLN A 54 -6.89 10.10 -7.46
C GLN A 54 -7.58 9.45 -8.66
N LYS A 55 -8.38 8.44 -8.37
CA LYS A 55 -9.10 7.68 -9.39
C LYS A 55 -10.17 8.53 -10.06
N PHE A 56 -10.96 9.20 -9.26
CA PHE A 56 -12.02 10.06 -9.77
C PHE A 56 -11.49 11.47 -9.97
N LEU A 57 -11.94 12.14 -11.03
CA LEU A 57 -11.55 13.52 -11.27
C LEU A 57 -12.66 14.46 -10.87
N ASP A 58 -13.74 13.91 -10.34
CA ASP A 58 -14.87 14.71 -9.87
C ASP A 58 -14.49 15.42 -8.58
N GLU A 59 -14.61 16.74 -8.59
CA GLU A 59 -14.14 17.57 -7.49
C GLU A 59 -14.93 17.28 -6.21
N LYS A 60 -16.25 17.31 -6.30
CA LYS A 60 -17.10 17.09 -5.13
C LYS A 60 -16.98 15.66 -4.65
N TYR A 61 -16.80 14.73 -5.57
CA TYR A 61 -16.69 13.33 -5.22
C TYR A 61 -15.37 13.09 -4.48
N ARG A 62 -14.33 13.82 -4.86
CA ARG A 62 -13.06 13.76 -4.13
C ARG A 62 -13.25 14.23 -2.69
N GLU A 63 -14.12 15.22 -2.53
CA GLU A 63 -14.51 15.68 -1.20
C GLU A 63 -15.16 14.55 -0.42
N GLU A 64 -16.07 13.83 -1.07
CA GLU A 64 -16.72 12.66 -0.46
C GLU A 64 -15.70 11.56 -0.13
N ILE A 65 -14.68 11.42 -0.96
CA ILE A 65 -13.66 10.40 -0.73
C ILE A 65 -12.91 10.66 0.58
N ARG A 66 -12.64 11.93 0.86
CA ARG A 66 -11.93 12.29 2.09
C ARG A 66 -12.93 12.56 3.21
N ARG A 67 -14.21 12.43 2.89
CA ARG A 67 -15.28 12.66 3.85
C ARG A 67 -15.50 11.40 4.68
N VAL A 68 -15.24 10.25 4.07
CA VAL A 68 -15.49 8.98 4.73
C VAL A 68 -14.26 8.51 5.50
N SER A 69 -14.48 8.08 6.72
CA SER A 69 -13.41 7.55 7.56
C SER A 69 -13.17 6.09 7.19
N SER A 70 -14.25 5.37 6.92
CA SER A 70 -14.17 3.95 6.63
C SER A 70 -13.71 3.73 5.19
N PRO A 71 -12.64 2.94 5.01
CA PRO A 71 -12.12 2.59 3.69
C PRO A 71 -13.11 1.73 2.90
N MET A 72 -13.93 0.98 3.63
CA MET A 72 -14.93 0.11 3.02
C MET A 72 -15.91 0.92 2.18
N VAL A 73 -16.28 2.09 2.69
CA VAL A 73 -17.22 2.96 1.99
C VAL A 73 -16.58 3.49 0.71
N ALA A 74 -15.31 3.88 0.81
CA ALA A 74 -14.57 4.39 -0.34
C ALA A 74 -14.50 3.35 -1.45
N ALA A 75 -14.15 2.12 -1.09
CA ALA A 75 -14.10 1.03 -2.06
C ALA A 75 -15.46 0.78 -2.69
N ARG A 76 -16.49 0.70 -1.84
CA ARG A 76 -17.85 0.41 -2.29
C ARG A 76 -18.31 1.44 -3.32
N MET A 77 -18.16 2.71 -2.99
CA MET A 77 -18.58 3.78 -3.90
C MET A 77 -17.53 4.03 -4.98
N GLY A 78 -16.35 3.45 -4.79
CA GLY A 78 -15.29 3.58 -5.78
C GLY A 78 -15.47 2.60 -6.92
N ARG A 79 -16.30 1.59 -6.70
CA ARG A 79 -16.65 0.63 -7.75
C ARG A 79 -17.70 1.20 -8.69
N ASP A 80 -18.28 2.34 -8.31
CA ASP A 80 -19.36 2.97 -9.08
C ASP A 80 -18.81 3.57 -10.37
N ARG A 81 -19.55 3.42 -11.46
CA ARG A 81 -19.10 3.92 -12.75
C ARG A 81 -20.11 4.90 -13.35
N SER A 82 -20.96 5.46 -12.50
CA SER A 82 -21.85 6.52 -12.92
C SER A 82 -21.25 7.87 -12.53
N LYS A 83 -20.03 7.81 -12.02
CA LYS A 83 -19.27 9.00 -11.67
C LYS A 83 -18.21 9.25 -12.74
N PRO A 84 -17.70 10.48 -12.84
CA PRO A 84 -16.65 10.82 -13.80
C PRO A 84 -15.34 10.06 -13.54
N LEU A 85 -15.04 9.10 -14.40
CA LEU A 85 -13.81 8.35 -14.33
C LEU A 85 -12.79 8.90 -15.31
N ARG A 86 -11.50 8.76 -14.98
CA ARG A 86 -10.44 9.26 -15.83
C ARG A 86 -9.91 8.13 -16.71
N LYS A 87 -9.61 8.46 -17.96
CA LYS A 87 -9.11 7.46 -18.92
C LYS A 87 -7.65 7.18 -18.66
N ASN A 88 -6.95 8.16 -18.13
CA ASN A 88 -5.53 8.04 -17.80
C ASN A 88 -5.34 7.38 -16.45
N TRP A 89 -6.40 6.75 -15.96
CA TRP A 89 -6.34 6.00 -14.72
C TRP A 89 -5.38 4.84 -14.86
N GLU A 90 -5.36 4.23 -16.04
CA GLU A 90 -4.47 3.11 -16.30
C GLU A 90 -3.01 3.56 -16.25
N SER A 91 -2.78 4.81 -16.64
CA SER A 91 -1.44 5.37 -16.69
C SER A 91 -0.89 5.61 -15.27
N VAL A 92 -1.72 6.22 -14.43
CA VAL A 92 -1.30 6.59 -13.09
C VAL A 92 -1.62 5.50 -12.07
N LYS A 93 -2.24 4.43 -12.55
CA LYS A 93 -2.67 3.30 -11.73
C LYS A 93 -1.54 2.83 -10.80
N GLU A 94 -0.39 2.55 -11.40
CA GLU A 94 0.78 2.09 -10.68
C GLU A 94 1.31 3.18 -9.76
N GLN A 95 1.32 4.41 -10.26
CA GLN A 95 1.85 5.55 -9.52
C GLN A 95 1.05 5.78 -8.24
N VAL A 96 -0.28 5.82 -8.37
CA VAL A 96 -1.15 6.07 -7.23
C VAL A 96 -0.94 5.02 -6.14
N MET A 97 -0.94 3.75 -6.55
CA MET A 97 -0.75 2.65 -5.60
C MET A 97 0.61 2.76 -4.90
N ARG A 98 1.68 2.87 -5.67
CA ARG A 98 3.02 2.87 -5.10
C ARG A 98 3.30 4.14 -4.31
N LYS A 99 2.67 5.25 -4.71
CA LYS A 99 2.85 6.52 -4.00
C LYS A 99 2.16 6.46 -2.64
N ALA A 100 0.97 5.89 -2.61
CA ALA A 100 0.23 5.74 -1.36
C ALA A 100 0.95 4.79 -0.42
N LEU A 101 1.43 3.69 -0.99
CA LEU A 101 2.21 2.72 -0.23
C LEU A 101 3.50 3.35 0.28
N ARG A 102 4.15 4.12 -0.58
CA ARG A 102 5.37 4.84 -0.19
C ARG A 102 5.09 5.72 1.02
N ALA A 103 4.03 6.51 0.93
CA ALA A 103 3.68 7.45 2.00
C ALA A 103 3.50 6.74 3.34
N LYS A 104 2.93 5.54 3.32
CA LYS A 104 2.67 4.81 4.54
C LYS A 104 3.98 4.37 5.20
N PHE A 105 4.81 3.65 4.44
CA PHE A 105 6.07 3.13 4.98
C PHE A 105 7.07 4.25 5.22
N GLU A 106 6.97 5.31 4.42
CA GLU A 106 7.85 6.48 4.56
C GLU A 106 7.58 7.20 5.87
N GLN A 107 6.30 7.38 6.17
CA GLN A 107 5.89 8.19 7.31
C GLN A 107 5.88 7.40 8.61
N HIS A 108 5.61 6.11 8.53
CA HIS A 108 5.62 5.26 9.73
C HIS A 108 6.82 4.31 9.71
N ALA A 109 7.76 4.58 10.61
CA ALA A 109 8.99 3.81 10.69
C ALA A 109 8.74 2.38 11.13
N GLU A 110 7.65 2.17 11.88
CA GLU A 110 7.28 0.84 12.34
C GLU A 110 7.07 -0.09 11.15
N LEU A 111 6.30 0.40 10.20
CA LEU A 111 5.93 -0.39 9.04
C LEU A 111 7.12 -0.52 8.09
N ARG A 112 7.92 0.53 8.01
CA ARG A 112 9.12 0.50 7.18
C ARG A 112 10.12 -0.50 7.75
N ALA A 113 10.22 -0.55 9.07
CA ALA A 113 11.07 -1.54 9.73
C ALA A 113 10.59 -2.94 9.40
N LEU A 114 9.28 -3.14 9.48
CA LEU A 114 8.66 -4.41 9.16
C LEU A 114 8.93 -4.79 7.70
N LEU A 115 8.73 -3.82 6.81
CA LEU A 115 8.94 -4.03 5.38
C LEU A 115 10.39 -4.44 5.09
N LEU A 116 11.34 -3.68 5.61
CA LEU A 116 12.75 -3.95 5.36
C LEU A 116 13.24 -5.19 6.13
N ALA A 117 12.42 -5.68 7.06
CA ALA A 117 12.78 -6.87 7.83
C ALA A 117 12.44 -8.14 7.06
N THR A 118 11.53 -8.03 6.10
CA THR A 118 11.12 -9.18 5.30
C THR A 118 12.12 -9.42 4.16
N ALA A 119 12.87 -8.39 3.81
CA ALA A 119 13.86 -8.49 2.74
C ALA A 119 14.92 -9.54 3.08
N PRO A 120 15.37 -10.31 2.07
CA PRO A 120 14.93 -10.19 0.68
C PRO A 120 13.89 -11.23 0.28
N ALA A 121 12.93 -11.50 1.15
CA ALA A 121 11.86 -12.45 0.83
C ALA A 121 10.90 -11.85 -0.19
N LYS A 122 10.07 -12.68 -0.79
CA LYS A 122 9.15 -12.23 -1.81
C LYS A 122 7.78 -11.92 -1.23
N LEU A 123 7.33 -10.70 -1.49
CA LEU A 123 6.05 -10.24 -1.01
C LEU A 123 4.95 -10.63 -1.98
N VAL A 124 4.23 -11.68 -1.64
CA VAL A 124 3.16 -12.17 -2.49
C VAL A 124 1.82 -12.04 -1.79
N GLU A 125 1.02 -11.08 -2.24
CA GLU A 125 -0.32 -10.91 -1.71
C GLU A 125 -1.21 -11.99 -2.29
N HIS A 126 -1.79 -12.81 -1.42
CA HIS A 126 -2.59 -13.92 -1.90
C HIS A 126 -4.03 -13.45 -2.06
N THR A 127 -4.26 -12.74 -3.14
CA THR A 127 -5.58 -12.28 -3.50
C THR A 127 -6.20 -13.24 -4.50
N GLU A 128 -7.14 -14.04 -4.01
CA GLU A 128 -7.72 -15.11 -4.79
C GLU A 128 -9.06 -14.69 -5.41
N ASN A 129 -9.55 -13.53 -4.98
CA ASN A 129 -10.77 -12.97 -5.54
C ASN A 129 -10.40 -11.95 -6.62
N ASP A 130 -10.42 -12.41 -7.87
CA ASP A 130 -9.95 -11.62 -9.01
C ASP A 130 -8.43 -11.44 -8.98
N ALA A 131 -7.85 -11.25 -10.14
CA ALA A 131 -6.43 -10.92 -10.21
C ALA A 131 -6.25 -9.42 -10.39
N TYR A 132 -6.25 -8.71 -9.27
CA TYR A 132 -6.12 -7.27 -9.26
C TYR A 132 -5.12 -6.86 -8.19
N TRP A 133 -3.90 -6.53 -8.63
CA TRP A 133 -2.79 -6.26 -7.73
C TRP A 133 -2.44 -7.51 -6.92
N GLY A 134 -2.91 -8.65 -7.43
CA GLY A 134 -2.70 -9.92 -6.77
C GLY A 134 -2.61 -11.02 -7.80
N ASP A 135 -1.97 -12.11 -7.46
CA ASP A 135 -1.66 -13.15 -8.44
C ASP A 135 -2.77 -14.19 -8.57
N GLY A 136 -4.01 -13.75 -8.42
CA GLY A 136 -5.16 -14.64 -8.55
C GLY A 136 -5.11 -15.78 -7.56
N GLY A 137 -4.36 -15.60 -6.48
CA GLY A 137 -4.21 -16.63 -5.47
C GLY A 137 -3.22 -17.70 -5.89
N HIS A 138 -3.43 -18.27 -7.06
CA HIS A 138 -2.61 -19.40 -7.53
C HIS A 138 -1.17 -18.99 -7.83
N GLY A 139 -0.94 -17.76 -8.26
CA GLY A 139 0.42 -17.32 -8.53
C GLY A 139 0.64 -16.90 -9.97
N LYS A 140 -0.33 -16.17 -10.51
CA LYS A 140 -0.23 -15.60 -11.84
C LYS A 140 -1.40 -14.67 -12.11
N GLY A 141 -1.27 -13.41 -11.72
CA GLY A 141 -2.29 -12.45 -12.07
C GLY A 141 -1.77 -11.04 -12.17
N LYS A 142 -1.31 -10.48 -11.05
CA LYS A 142 -0.89 -9.08 -10.99
C LYS A 142 -0.07 -8.80 -9.73
N ASN A 143 0.86 -9.72 -9.42
CA ASN A 143 1.77 -9.57 -8.28
C ASN A 143 2.66 -8.32 -8.39
N ARG A 144 2.42 -7.50 -9.42
CA ARG A 144 3.19 -6.28 -9.62
C ARG A 144 3.08 -5.35 -8.42
N LEU A 145 2.00 -5.50 -7.64
CA LEU A 145 1.83 -4.72 -6.41
C LEU A 145 2.95 -5.05 -5.43
N GLY A 146 3.16 -6.34 -5.20
CA GLY A 146 4.24 -6.76 -4.33
C GLY A 146 5.59 -6.42 -4.92
N TYR A 147 5.68 -6.43 -6.24
CA TYR A 147 6.90 -6.05 -6.94
C TYR A 147 7.20 -4.57 -6.72
N LEU A 148 6.15 -3.75 -6.76
CA LEU A 148 6.30 -2.32 -6.46
C LEU A 148 6.77 -2.13 -5.03
N LEU A 149 6.25 -2.96 -4.13
CA LEU A 149 6.68 -2.95 -2.73
C LEU A 149 8.15 -3.33 -2.62
N MET A 150 8.60 -4.26 -3.45
CA MET A 150 10.00 -4.67 -3.46
C MET A 150 10.88 -3.48 -3.83
N GLU A 151 10.53 -2.84 -4.94
CA GLU A 151 11.28 -1.68 -5.43
C GLU A 151 11.21 -0.53 -4.42
N LEU A 152 10.02 -0.32 -3.89
CA LEU A 152 9.80 0.73 -2.89
C LEU A 152 10.63 0.47 -1.64
N ARG A 153 10.60 -0.76 -1.17
CA ARG A 153 11.37 -1.15 0.00
C ARG A 153 12.86 -0.90 -0.21
N GLU A 154 13.33 -1.18 -1.42
CA GLU A 154 14.73 -0.96 -1.76
C GLU A 154 15.06 0.52 -1.72
N GLN A 155 14.15 1.33 -2.26
CA GLN A 155 14.32 2.78 -2.28
C GLN A 155 14.33 3.35 -0.87
N LEU A 156 13.48 2.82 0.00
CA LEU A 156 13.42 3.29 1.38
C LEU A 156 14.55 2.71 2.20
N ALA A 157 15.22 1.71 1.63
CA ALA A 157 16.40 1.14 2.25
C ALA A 157 17.61 2.03 1.98
N ILE A 158 17.60 2.67 0.81
CA ILE A 158 18.66 3.61 0.45
C ILE A 158 18.76 4.73 1.49
N GLU A 159 17.62 5.19 2.00
CA GLU A 159 17.62 6.22 3.03
C GLU A 159 18.31 5.72 4.29
N LYS A 160 18.15 4.42 4.58
CA LYS A 160 18.79 3.83 5.73
C LYS A 160 20.29 3.67 5.50
N LEU A 161 20.68 3.58 4.23
CA LEU A 161 22.10 3.52 3.88
C LEU A 161 22.75 4.89 4.08
N GLU A 162 21.92 5.94 4.04
CA GLU A 162 22.40 7.31 4.21
C GLU A 162 22.71 7.61 5.67
N HIS A 163 22.70 6.58 6.52
CA HIS A 163 23.03 6.74 7.93
C HIS A 163 24.54 6.85 8.12
N HIS A 164 25.28 6.66 7.03
CA HIS A 164 26.73 6.75 7.06
C HIS A 164 27.17 8.16 6.70
N HIS A 165 27.90 8.81 7.58
CA HIS A 165 28.31 10.20 7.38
C HIS A 165 29.70 10.26 6.73
N HIS A 166 30.30 11.45 6.77
CA HIS A 166 31.63 11.68 6.18
C HIS A 166 31.58 11.62 4.65
N HIS A 167 30.50 12.14 4.08
CA HIS A 167 30.37 12.21 2.63
C HIS A 167 29.38 13.29 2.23
N HIS A 168 29.91 14.42 1.75
CA HIS A 168 29.10 15.53 1.29
C HIS A 168 29.82 16.27 0.18
N MET A 1 5.88 -2.77 23.55
CA MET A 1 5.94 -3.04 22.09
C MET A 1 5.15 -2.00 21.32
N PRO A 2 5.84 -1.18 20.52
CA PRO A 2 5.19 -0.23 19.62
C PRO A 2 4.72 -0.94 18.36
N VAL A 3 3.48 -1.41 18.38
CA VAL A 3 2.93 -2.27 17.32
C VAL A 3 3.58 -3.66 17.41
N ARG A 4 2.79 -4.71 17.22
CA ARG A 4 3.30 -6.07 17.28
C ARG A 4 3.94 -6.46 15.96
N ALA A 5 4.80 -5.59 15.46
CA ALA A 5 5.59 -5.85 14.28
C ALA A 5 6.86 -6.60 14.67
N GLN A 6 7.76 -6.81 13.70
CA GLN A 6 9.00 -7.53 13.95
C GLN A 6 8.72 -8.94 14.46
N ARG A 7 7.60 -9.52 14.00
CA ARG A 7 7.20 -10.87 14.42
C ARG A 7 8.33 -11.85 14.14
N ILE A 8 8.87 -11.77 12.93
CA ILE A 8 10.06 -12.53 12.57
C ILE A 8 11.24 -11.58 12.47
N GLN A 9 12.30 -11.88 13.22
CA GLN A 9 13.46 -11.00 13.30
C GLN A 9 14.20 -10.93 11.96
N HIS A 10 14.26 -12.06 11.28
CA HIS A 10 15.02 -12.15 10.04
C HIS A 10 14.45 -13.25 9.16
N VAL A 11 14.23 -12.94 7.90
CA VAL A 11 13.68 -13.91 6.97
C VAL A 11 14.78 -14.78 6.38
N MET A 12 14.39 -15.68 5.49
CA MET A 12 15.33 -16.60 4.87
C MET A 12 15.70 -16.10 3.48
N GLN A 13 16.76 -16.66 2.91
CA GLN A 13 17.15 -16.31 1.55
C GLN A 13 16.06 -16.79 0.59
N ASP A 14 15.37 -15.83 -0.02
CA ASP A 14 14.22 -16.10 -0.89
C ASP A 14 13.07 -16.71 -0.08
N THR A 15 12.31 -15.85 0.57
CA THR A 15 11.15 -16.27 1.33
C THR A 15 9.90 -15.71 0.69
N ILE A 16 8.98 -16.57 0.29
CA ILE A 16 7.76 -16.10 -0.33
C ILE A 16 6.64 -16.04 0.70
N ILE A 17 6.30 -14.82 1.09
CA ILE A 17 5.32 -14.60 2.13
C ILE A 17 3.97 -14.22 1.54
N ASN A 18 3.07 -15.19 1.49
CA ASN A 18 1.71 -14.96 1.04
C ASN A 18 0.86 -14.52 2.21
N PHE A 19 0.54 -13.24 2.26
CA PHE A 19 -0.25 -12.71 3.35
C PHE A 19 -1.63 -12.31 2.86
N TYR A 20 -2.53 -12.06 3.79
CA TYR A 20 -3.87 -11.61 3.45
C TYR A 20 -4.44 -10.74 4.56
N SER A 21 -4.82 -9.51 4.19
CA SER A 21 -5.39 -8.52 5.10
C SER A 21 -4.45 -8.24 6.28
N THR A 22 -4.91 -7.40 7.21
CA THR A 22 -4.07 -6.94 8.29
C THR A 22 -3.96 -7.96 9.42
N SER A 23 -5.00 -8.78 9.57
CA SER A 23 -5.10 -9.79 10.64
C SER A 23 -4.84 -9.18 12.03
N ASP A 24 -3.58 -9.20 12.47
CA ASP A 24 -3.21 -8.60 13.74
C ASP A 24 -2.42 -7.31 13.51
N ASP A 25 -1.10 -7.42 13.49
CA ASP A 25 -0.23 -6.25 13.29
C ASP A 25 0.83 -6.53 12.23
N TYR A 26 0.78 -7.72 11.66
CA TYR A 26 1.79 -8.12 10.68
C TYR A 26 1.25 -8.00 9.26
N GLY A 27 -0.06 -7.84 9.15
CA GLY A 27 -0.71 -7.82 7.85
C GLY A 27 -0.90 -6.42 7.30
N ASP A 28 -0.44 -5.43 8.06
CA ASP A 28 -0.65 -4.02 7.72
C ASP A 28 0.01 -3.62 6.40
N PHE A 29 0.65 -4.57 5.73
CA PHE A 29 1.14 -4.36 4.37
C PHE A 29 -0.01 -4.07 3.42
N SER A 30 -1.18 -4.65 3.72
CA SER A 30 -2.37 -4.53 2.88
C SER A 30 -2.79 -3.07 2.68
N ASN A 31 -3.45 -2.80 1.56
CA ASN A 31 -3.90 -1.45 1.24
C ASN A 31 -5.13 -1.09 2.04
N PHE A 32 -5.78 -2.09 2.61
CA PHE A 32 -6.95 -1.90 3.44
C PHE A 32 -6.54 -1.62 4.88
N ALA A 33 -5.23 -1.48 5.10
CA ALA A 33 -4.71 -1.15 6.43
C ALA A 33 -5.27 0.17 6.93
N ALA A 34 -5.49 0.27 8.24
CA ALA A 34 -6.16 1.42 8.83
C ALA A 34 -5.17 2.51 9.23
N TRP A 35 -3.99 2.49 8.64
CA TRP A 35 -2.96 3.47 8.96
C TRP A 35 -3.08 4.69 8.05
N PRO A 36 -3.19 5.88 8.66
CA PRO A 36 -3.32 7.13 7.92
C PRO A 36 -2.04 7.47 7.15
N ILE A 37 -2.19 7.74 5.87
CA ILE A 37 -1.06 8.08 5.02
C ILE A 37 -1.00 9.58 4.76
N LYS A 38 0.20 10.13 4.81
CA LYS A 38 0.38 11.56 4.62
C LYS A 38 0.86 11.84 3.20
N VAL A 39 -0.06 12.27 2.34
CA VAL A 39 0.27 12.53 0.95
C VAL A 39 0.10 14.01 0.64
N ASP A 40 1.16 14.63 0.12
CA ASP A 40 1.17 16.04 -0.29
C ASP A 40 1.21 16.95 0.93
N GLY A 41 0.17 16.82 1.70
CA GLY A 41 0.02 17.56 2.94
C GLY A 41 -1.31 17.24 3.56
N LYS A 42 -1.80 16.04 3.28
CA LYS A 42 -3.14 15.64 3.67
C LYS A 42 -3.09 14.24 4.25
N THR A 43 -3.88 14.01 5.29
CA THR A 43 -3.86 12.75 5.98
C THR A 43 -5.04 11.87 5.56
N TRP A 44 -4.76 10.85 4.77
CA TRP A 44 -5.79 9.95 4.29
C TRP A 44 -5.89 8.75 5.23
N PRO A 45 -7.09 8.52 5.79
CA PRO A 45 -7.33 7.47 6.80
C PRO A 45 -6.76 6.10 6.41
N THR A 46 -6.81 5.76 5.12
CA THR A 46 -6.32 4.47 4.64
C THR A 46 -5.77 4.62 3.22
N SER A 47 -5.04 3.63 2.76
CA SER A 47 -4.48 3.65 1.42
C SER A 47 -5.60 3.66 0.37
N GLU A 48 -6.65 2.88 0.62
CA GLU A 48 -7.81 2.84 -0.28
C GLU A 48 -8.43 4.21 -0.48
N HIS A 49 -8.47 5.01 0.58
CA HIS A 49 -9.08 6.34 0.50
C HIS A 49 -8.39 7.22 -0.52
N TYR A 50 -7.06 7.20 -0.51
CA TYR A 50 -6.28 8.00 -1.44
C TYR A 50 -6.45 7.48 -2.87
N PHE A 51 -6.50 6.15 -3.00
CA PHE A 51 -6.64 5.54 -4.31
C PHE A 51 -7.97 5.93 -4.95
N GLN A 52 -9.05 5.87 -4.18
CA GLN A 52 -10.37 6.20 -4.70
C GLN A 52 -10.48 7.69 -4.97
N ALA A 53 -9.81 8.50 -4.15
CA ALA A 53 -9.85 9.95 -4.30
C ALA A 53 -9.18 10.40 -5.60
N GLN A 54 -8.02 9.84 -5.89
CA GLN A 54 -7.28 10.19 -7.09
C GLN A 54 -7.81 9.46 -8.31
N LYS A 55 -8.66 8.46 -8.08
CA LYS A 55 -9.33 7.75 -9.16
C LYS A 55 -10.29 8.67 -9.91
N PHE A 56 -10.81 9.67 -9.21
CA PHE A 56 -11.76 10.60 -9.80
C PHE A 56 -11.15 11.98 -9.95
N LEU A 57 -11.82 12.81 -10.73
CA LEU A 57 -11.41 14.20 -10.90
C LEU A 57 -12.56 15.13 -10.51
N ASP A 58 -13.63 14.51 -10.04
CA ASP A 58 -14.83 15.24 -9.66
C ASP A 58 -14.64 15.92 -8.31
N GLU A 59 -15.12 17.15 -8.20
CA GLU A 59 -15.04 17.90 -6.96
C GLU A 59 -15.85 17.21 -5.87
N LYS A 60 -17.14 16.98 -6.15
CA LYS A 60 -18.08 16.45 -5.17
C LYS A 60 -17.63 15.11 -4.62
N TYR A 61 -17.26 14.20 -5.50
CA TYR A 61 -16.96 12.83 -5.11
C TYR A 61 -15.65 12.75 -4.35
N ARG A 62 -14.65 13.49 -4.83
CA ARG A 62 -13.34 13.53 -4.18
C ARG A 62 -13.44 14.17 -2.80
N GLU A 63 -14.38 15.11 -2.66
CA GLU A 63 -14.67 15.73 -1.37
C GLU A 63 -15.18 14.67 -0.39
N GLU A 64 -16.14 13.86 -0.85
CA GLU A 64 -16.73 12.81 -0.03
C GLU A 64 -15.69 11.79 0.41
N ILE A 65 -14.95 11.25 -0.55
CA ILE A 65 -13.98 10.20 -0.29
C ILE A 65 -12.86 10.66 0.64
N ARG A 66 -12.56 11.96 0.61
CA ARG A 66 -11.51 12.52 1.45
C ARG A 66 -11.96 12.60 2.91
N ARG A 67 -13.23 12.85 3.14
CA ARG A 67 -13.72 13.08 4.49
C ARG A 67 -14.37 11.83 5.10
N VAL A 68 -14.70 10.86 4.27
CA VAL A 68 -15.30 9.62 4.77
C VAL A 68 -14.24 8.81 5.52
N SER A 69 -14.55 8.41 6.74
CA SER A 69 -13.63 7.64 7.54
C SER A 69 -13.73 6.15 7.23
N SER A 70 -14.95 5.70 6.93
CA SER A 70 -15.22 4.31 6.63
C SER A 70 -14.40 3.82 5.42
N PRO A 71 -13.50 2.85 5.66
CA PRO A 71 -12.64 2.30 4.61
C PRO A 71 -13.39 1.44 3.61
N MET A 72 -14.26 0.58 4.12
CA MET A 72 -15.00 -0.36 3.30
C MET A 72 -15.93 0.39 2.35
N VAL A 73 -16.59 1.41 2.87
CA VAL A 73 -17.50 2.23 2.08
C VAL A 73 -16.74 3.01 1.00
N ALA A 74 -15.56 3.53 1.37
CA ALA A 74 -14.74 4.30 0.45
C ALA A 74 -14.36 3.48 -0.77
N ALA A 75 -13.95 2.24 -0.55
CA ALA A 75 -13.58 1.35 -1.63
C ALA A 75 -14.81 0.86 -2.40
N ARG A 76 -15.90 0.66 -1.67
CA ARG A 76 -17.13 0.14 -2.25
C ARG A 76 -17.72 1.11 -3.26
N MET A 77 -17.78 2.38 -2.90
CA MET A 77 -18.30 3.41 -3.80
C MET A 77 -17.16 4.06 -4.58
N GLY A 78 -15.94 3.64 -4.28
CA GLY A 78 -14.78 4.21 -4.93
C GLY A 78 -14.51 3.59 -6.28
N ARG A 79 -14.46 2.27 -6.34
CA ARG A 79 -14.23 1.58 -7.59
C ARG A 79 -15.53 1.44 -8.38
N ASP A 80 -16.45 2.34 -8.13
CA ASP A 80 -17.71 2.44 -8.85
C ASP A 80 -17.47 3.01 -10.26
N ARG A 81 -18.39 2.74 -11.18
CA ARG A 81 -18.29 3.25 -12.54
C ARG A 81 -19.51 4.08 -12.94
N SER A 82 -20.39 4.36 -11.98
CA SER A 82 -21.48 5.31 -12.23
C SER A 82 -20.89 6.70 -12.39
N LYS A 83 -19.75 6.92 -11.75
CA LYS A 83 -19.05 8.18 -11.84
C LYS A 83 -17.98 8.07 -12.95
N PRO A 84 -17.59 9.21 -13.56
CA PRO A 84 -16.62 9.21 -14.67
C PRO A 84 -15.21 8.87 -14.21
N LEU A 85 -14.31 8.69 -15.17
CA LEU A 85 -12.94 8.32 -14.86
C LEU A 85 -11.95 9.28 -15.53
N ARG A 86 -10.68 9.11 -15.21
CA ARG A 86 -9.62 9.91 -15.79
C ARG A 86 -9.19 9.31 -17.13
N LYS A 87 -8.68 10.14 -18.01
CA LYS A 87 -8.21 9.66 -19.32
C LYS A 87 -6.84 9.02 -19.17
N ASN A 88 -6.09 9.51 -18.19
CA ASN A 88 -4.78 8.96 -17.88
C ASN A 88 -4.89 7.88 -16.81
N TRP A 89 -6.12 7.44 -16.56
CA TRP A 89 -6.37 6.42 -15.55
C TRP A 89 -5.59 5.15 -15.87
N GLU A 90 -5.34 4.92 -17.14
CA GLU A 90 -4.57 3.75 -17.57
C GLU A 90 -3.14 3.81 -17.06
N SER A 91 -2.56 5.01 -17.04
CA SER A 91 -1.16 5.18 -16.67
C SER A 91 -0.98 5.41 -15.17
N VAL A 92 -2.03 5.83 -14.49
CA VAL A 92 -1.89 6.26 -13.11
C VAL A 92 -2.36 5.21 -12.10
N LYS A 93 -2.95 4.10 -12.56
CA LYS A 93 -3.41 3.05 -11.64
C LYS A 93 -2.31 2.62 -10.69
N GLU A 94 -1.26 2.04 -11.26
CA GLU A 94 -0.17 1.49 -10.48
C GLU A 94 0.87 2.56 -10.17
N GLN A 95 0.67 3.74 -10.74
CA GLN A 95 1.53 4.87 -10.46
C GLN A 95 1.10 5.52 -9.14
N VAL A 96 -0.21 5.74 -9.01
CA VAL A 96 -0.78 6.27 -7.78
C VAL A 96 -0.60 5.28 -6.63
N MET A 97 -0.74 3.99 -6.93
CA MET A 97 -0.55 2.95 -5.94
C MET A 97 0.88 2.95 -5.41
N ARG A 98 1.86 3.09 -6.31
CA ARG A 98 3.25 3.20 -5.89
C ARG A 98 3.43 4.38 -4.92
N LYS A 99 2.82 5.50 -5.27
CA LYS A 99 2.88 6.71 -4.47
C LYS A 99 2.25 6.48 -3.10
N ALA A 100 1.11 5.81 -3.08
CA ALA A 100 0.40 5.50 -1.86
C ALA A 100 1.17 4.49 -1.01
N LEU A 101 1.80 3.53 -1.67
CA LEU A 101 2.61 2.54 -0.97
C LEU A 101 3.80 3.21 -0.29
N ARG A 102 4.44 4.13 -1.00
CA ARG A 102 5.55 4.88 -0.42
C ARG A 102 5.06 5.70 0.76
N ALA A 103 3.91 6.33 0.61
CA ALA A 103 3.33 7.11 1.69
C ALA A 103 3.08 6.24 2.91
N LYS A 104 2.52 5.06 2.67
CA LYS A 104 2.21 4.11 3.73
C LYS A 104 3.44 3.76 4.56
N PHE A 105 4.46 3.24 3.89
CA PHE A 105 5.63 2.72 4.58
C PHE A 105 6.61 3.83 4.98
N GLU A 106 6.85 4.78 4.10
CA GLU A 106 7.88 5.78 4.34
C GLU A 106 7.45 6.81 5.39
N GLN A 107 6.14 6.96 5.58
CA GLN A 107 5.63 7.85 6.62
C GLN A 107 5.60 7.15 7.97
N HIS A 108 5.24 5.87 7.97
CA HIS A 108 5.18 5.11 9.21
C HIS A 108 6.45 4.30 9.40
N ALA A 109 7.30 4.76 10.30
CA ALA A 109 8.56 4.07 10.61
C ALA A 109 8.28 2.65 11.08
N GLU A 110 7.13 2.46 11.71
CA GLU A 110 6.68 1.14 12.15
C GLU A 110 6.64 0.18 10.96
N LEU A 111 5.96 0.61 9.90
CA LEU A 111 5.76 -0.21 8.73
C LEU A 111 7.01 -0.22 7.86
N ARG A 112 7.74 0.89 7.88
CA ARG A 112 8.98 1.01 7.11
C ARG A 112 10.00 0.00 7.61
N ALA A 113 10.11 -0.11 8.93
CA ALA A 113 11.02 -1.08 9.53
C ALA A 113 10.54 -2.50 9.28
N LEU A 114 9.22 -2.68 9.27
CA LEU A 114 8.62 -3.98 9.01
C LEU A 114 8.93 -4.42 7.59
N LEU A 115 8.81 -3.50 6.65
CA LEU A 115 9.11 -3.78 5.25
C LEU A 115 10.58 -4.16 5.07
N LEU A 116 11.46 -3.47 5.78
CA LEU A 116 12.88 -3.73 5.70
C LEU A 116 13.25 -4.97 6.52
N ALA A 117 12.34 -5.41 7.37
CA ALA A 117 12.53 -6.62 8.15
C ALA A 117 12.22 -7.85 7.32
N THR A 118 11.24 -7.74 6.44
CA THR A 118 10.87 -8.83 5.55
C THR A 118 11.90 -9.00 4.42
N ALA A 119 12.77 -8.01 4.28
CA ALA A 119 13.87 -8.08 3.32
C ALA A 119 14.76 -9.30 3.57
N PRO A 120 15.13 -10.06 2.51
CA PRO A 120 14.69 -9.89 1.14
C PRO A 120 13.69 -10.96 0.69
N ALA A 121 12.48 -10.92 1.24
CA ALA A 121 11.45 -11.90 0.90
C ALA A 121 10.61 -11.43 -0.30
N LYS A 122 9.97 -12.39 -0.97
CA LYS A 122 9.08 -12.11 -2.08
C LYS A 122 7.67 -11.85 -1.54
N LEU A 123 7.26 -10.59 -1.52
CA LEU A 123 6.00 -10.19 -0.92
C LEU A 123 4.82 -10.45 -1.86
N VAL A 124 3.89 -11.29 -1.41
CA VAL A 124 2.72 -11.64 -2.21
C VAL A 124 1.45 -11.60 -1.37
N GLU A 125 0.47 -10.81 -1.79
CA GLU A 125 -0.84 -10.83 -1.15
C GLU A 125 -1.79 -11.67 -1.97
N HIS A 126 -2.58 -12.50 -1.31
CA HIS A 126 -3.49 -13.40 -2.00
C HIS A 126 -4.88 -12.78 -2.01
N THR A 127 -5.08 -11.82 -2.88
CA THR A 127 -6.33 -11.07 -2.88
C THR A 127 -7.28 -11.57 -3.97
N GLU A 128 -8.17 -12.46 -3.56
CA GLU A 128 -9.27 -12.87 -4.41
C GLU A 128 -10.40 -11.85 -4.28
N ASN A 129 -10.04 -10.71 -3.70
CA ASN A 129 -10.93 -9.56 -3.60
C ASN A 129 -10.89 -8.79 -4.92
N ASP A 130 -9.68 -8.46 -5.34
CA ASP A 130 -9.47 -7.72 -6.58
C ASP A 130 -8.20 -8.21 -7.27
N ALA A 131 -8.37 -8.93 -8.38
CA ALA A 131 -7.23 -9.50 -9.08
C ALA A 131 -6.52 -8.45 -9.93
N TYR A 132 -5.60 -7.74 -9.29
CA TYR A 132 -4.79 -6.73 -9.96
C TYR A 132 -3.66 -6.28 -9.05
N TRP A 133 -3.89 -6.36 -7.74
CA TRP A 133 -2.88 -5.97 -6.78
C TRP A 133 -2.38 -7.19 -6.01
N GLY A 134 -1.52 -7.96 -6.66
CA GLY A 134 -1.01 -9.17 -6.04
C GLY A 134 -1.51 -10.41 -6.75
N ASP A 135 -1.84 -11.44 -6.00
CA ASP A 135 -2.41 -12.64 -6.59
C ASP A 135 -3.92 -12.50 -6.72
N GLY A 136 -4.44 -12.85 -7.88
CA GLY A 136 -5.87 -12.74 -8.12
C GLY A 136 -6.65 -13.94 -7.63
N GLY A 137 -6.17 -14.54 -6.55
CA GLY A 137 -6.89 -15.63 -5.93
C GLY A 137 -6.70 -16.97 -6.61
N HIS A 138 -5.71 -17.08 -7.49
CA HIS A 138 -5.47 -18.36 -8.17
C HIS A 138 -4.02 -18.51 -8.64
N GLY A 139 -3.13 -17.64 -8.17
CA GLY A 139 -1.72 -17.80 -8.45
C GLY A 139 -1.21 -16.95 -9.59
N LYS A 140 -2.06 -16.10 -10.14
CA LYS A 140 -1.62 -15.19 -11.19
C LYS A 140 -2.66 -14.10 -11.44
N GLY A 141 -2.45 -12.96 -10.84
CA GLY A 141 -3.29 -11.82 -11.13
C GLY A 141 -2.47 -10.63 -11.59
N LYS A 142 -1.63 -10.11 -10.71
CA LYS A 142 -0.70 -9.05 -11.06
C LYS A 142 0.16 -8.72 -9.83
N ASN A 143 1.21 -9.51 -9.65
CA ASN A 143 2.08 -9.43 -8.47
C ASN A 143 2.85 -8.10 -8.40
N ARG A 144 2.55 -7.19 -9.32
CA ARG A 144 3.30 -5.94 -9.42
C ARG A 144 3.14 -5.09 -8.16
N LEU A 145 2.06 -5.30 -7.41
CA LEU A 145 1.88 -4.61 -6.13
C LEU A 145 3.05 -4.93 -5.20
N GLY A 146 3.34 -6.22 -5.05
CA GLY A 146 4.48 -6.64 -4.26
C GLY A 146 5.79 -6.22 -4.88
N TYR A 147 5.81 -6.10 -6.21
CA TYR A 147 7.00 -5.65 -6.91
C TYR A 147 7.29 -4.19 -6.60
N LEU A 148 6.23 -3.39 -6.52
CA LEU A 148 6.33 -2.00 -6.12
C LEU A 148 6.91 -1.92 -4.72
N LEU A 149 6.49 -2.87 -3.87
CA LEU A 149 7.01 -2.97 -2.52
C LEU A 149 8.49 -3.32 -2.53
N MET A 150 8.89 -4.18 -3.47
CA MET A 150 10.30 -4.53 -3.63
C MET A 150 11.11 -3.31 -4.01
N GLU A 151 10.65 -2.61 -5.05
CA GLU A 151 11.34 -1.43 -5.56
C GLU A 151 11.45 -0.37 -4.47
N LEU A 152 10.36 -0.15 -3.75
CA LEU A 152 10.32 0.80 -2.65
C LEU A 152 11.22 0.35 -1.50
N ARG A 153 11.20 -0.94 -1.22
CA ARG A 153 11.99 -1.52 -0.13
C ARG A 153 13.47 -1.22 -0.34
N GLU A 154 13.93 -1.39 -1.59
CA GLU A 154 15.30 -1.05 -1.95
C GLU A 154 15.60 0.42 -1.63
N GLN A 155 14.67 1.29 -2.00
CA GLN A 155 14.82 2.72 -1.78
C GLN A 155 14.91 3.01 -0.29
N LEU A 156 13.97 2.49 0.48
CA LEU A 156 13.89 2.78 1.92
C LEU A 156 15.13 2.26 2.64
N ALA A 157 15.70 1.18 2.13
CA ALA A 157 16.94 0.64 2.67
C ALA A 157 18.10 1.58 2.38
N ILE A 158 18.20 2.02 1.13
CA ILE A 158 19.27 2.93 0.72
C ILE A 158 19.16 4.28 1.45
N GLU A 159 17.93 4.75 1.62
CA GLU A 159 17.67 6.02 2.29
C GLU A 159 18.29 6.02 3.69
N LYS A 160 18.06 4.94 4.43
CA LYS A 160 18.58 4.84 5.79
C LYS A 160 20.02 4.32 5.76
N LEU A 161 20.41 3.77 4.63
CA LEU A 161 21.78 3.31 4.43
C LEU A 161 22.69 4.53 4.27
N GLU A 162 22.08 5.66 3.95
CA GLU A 162 22.79 6.94 3.84
C GLU A 162 23.14 7.49 5.22
N HIS A 163 22.97 6.66 6.26
CA HIS A 163 23.31 7.07 7.61
C HIS A 163 24.79 7.48 7.74
N HIS A 164 25.05 8.78 7.62
CA HIS A 164 26.40 9.29 7.82
C HIS A 164 26.46 10.20 9.03
N HIS A 165 26.76 9.58 10.17
CA HIS A 165 27.00 10.29 11.43
C HIS A 165 25.75 11.03 11.94
N HIS A 166 24.59 10.75 11.33
CA HIS A 166 23.34 11.35 11.79
C HIS A 166 23.06 10.90 13.22
N HIS A 167 23.28 9.61 13.46
CA HIS A 167 23.31 9.07 14.80
C HIS A 167 24.46 8.09 14.90
N HIS A 168 24.65 7.35 13.82
CA HIS A 168 25.73 6.40 13.70
C HIS A 168 26.05 6.22 12.23
N MET A 1 2.59 -4.96 23.09
CA MET A 1 2.56 -3.93 22.04
C MET A 1 1.38 -4.16 21.10
N PRO A 2 0.62 -3.10 20.78
CA PRO A 2 -0.41 -3.17 19.75
C PRO A 2 0.21 -3.38 18.38
N VAL A 3 1.27 -2.62 18.12
CA VAL A 3 2.07 -2.79 16.93
C VAL A 3 3.36 -3.50 17.30
N ARG A 4 3.42 -4.79 17.03
CA ARG A 4 4.54 -5.61 17.47
C ARG A 4 5.67 -5.58 16.45
N ALA A 5 6.68 -4.79 16.73
CA ALA A 5 7.86 -4.71 15.86
C ALA A 5 8.81 -5.86 16.17
N GLN A 6 9.15 -6.63 15.14
CA GLN A 6 10.04 -7.78 15.31
C GLN A 6 10.84 -8.02 14.05
N ARG A 7 12.04 -8.55 14.21
CA ARG A 7 12.95 -8.76 13.09
C ARG A 7 12.75 -10.13 12.47
N ILE A 8 12.44 -10.18 11.18
CA ILE A 8 12.44 -11.44 10.46
C ILE A 8 13.75 -11.58 9.69
N GLN A 9 14.55 -12.55 10.08
CA GLN A 9 15.85 -12.76 9.46
C GLN A 9 16.03 -14.22 9.06
N HIS A 10 17.07 -14.48 8.28
CA HIS A 10 17.30 -15.80 7.69
C HIS A 10 16.11 -16.16 6.81
N VAL A 11 15.87 -15.33 5.81
CA VAL A 11 14.68 -15.46 4.97
C VAL A 11 14.88 -16.49 3.86
N MET A 12 15.92 -17.30 4.01
CA MET A 12 16.15 -18.45 3.12
C MET A 12 16.41 -18.01 1.68
N GLN A 13 17.19 -16.93 1.53
CA GLN A 13 17.56 -16.39 0.21
C GLN A 13 16.38 -15.75 -0.48
N ASP A 14 15.45 -16.57 -0.89
CA ASP A 14 14.31 -16.14 -1.67
C ASP A 14 13.05 -16.86 -1.20
N THR A 15 12.40 -16.28 -0.20
CA THR A 15 11.16 -16.83 0.30
C THR A 15 9.98 -16.03 -0.23
N ILE A 16 8.90 -16.72 -0.55
CA ILE A 16 7.69 -16.08 -1.02
C ILE A 16 6.75 -15.88 0.15
N ILE A 17 6.64 -14.64 0.61
CA ILE A 17 5.84 -14.35 1.79
C ILE A 17 4.41 -14.04 1.39
N ASN A 18 3.50 -14.90 1.82
CA ASN A 18 2.09 -14.78 1.47
C ASN A 18 1.35 -14.01 2.54
N PHE A 19 0.95 -12.79 2.23
CA PHE A 19 0.18 -11.99 3.15
C PHE A 19 -1.22 -11.74 2.59
N TYR A 20 -2.22 -12.29 3.26
CA TYR A 20 -3.59 -12.01 2.89
C TYR A 20 -4.49 -12.10 4.12
N SER A 21 -4.83 -10.94 4.66
CA SER A 21 -5.66 -10.80 5.86
C SER A 21 -5.46 -9.42 6.46
N THR A 22 -6.50 -8.61 6.45
CA THR A 22 -6.42 -7.29 7.04
C THR A 22 -6.76 -7.35 8.54
N SER A 23 -7.00 -8.55 9.03
CA SER A 23 -7.38 -8.76 10.43
C SER A 23 -6.26 -9.44 11.21
N ASP A 24 -5.04 -9.37 10.68
CA ASP A 24 -3.91 -9.99 11.36
C ASP A 24 -2.79 -8.98 11.56
N ASP A 25 -1.92 -9.26 12.52
CA ASP A 25 -0.81 -8.38 12.87
C ASP A 25 0.16 -8.25 11.69
N TYR A 26 0.29 -9.33 10.92
CA TYR A 26 1.20 -9.34 9.77
C TYR A 26 0.48 -8.81 8.54
N GLY A 27 -0.79 -8.48 8.72
CA GLY A 27 -1.63 -8.01 7.63
C GLY A 27 -1.33 -6.59 7.20
N ASP A 28 -0.36 -5.97 7.86
CA ASP A 28 0.03 -4.58 7.57
C ASP A 28 0.32 -4.34 6.08
N PHE A 29 0.80 -5.38 5.41
CA PHE A 29 1.16 -5.26 3.99
C PHE A 29 -0.07 -5.17 3.10
N SER A 30 -1.25 -5.23 3.71
CA SER A 30 -2.50 -5.07 2.98
C SER A 30 -2.72 -3.60 2.62
N ASN A 31 -3.21 -3.35 1.42
CA ASN A 31 -3.50 -1.98 0.98
C ASN A 31 -4.79 -1.49 1.60
N PHE A 32 -5.45 -2.36 2.34
CA PHE A 32 -6.69 -2.02 3.03
C PHE A 32 -6.42 -1.89 4.52
N ALA A 33 -5.14 -1.85 4.88
CA ALA A 33 -4.73 -1.75 6.28
C ALA A 33 -5.17 -0.40 6.87
N ALA A 34 -5.69 -0.45 8.09
CA ALA A 34 -6.26 0.72 8.75
C ALA A 34 -5.17 1.63 9.31
N TRP A 35 -4.29 2.08 8.44
CA TRP A 35 -3.23 3.00 8.83
C TRP A 35 -3.44 4.37 8.20
N PRO A 36 -3.60 5.40 9.03
CA PRO A 36 -3.72 6.78 8.56
C PRO A 36 -2.41 7.26 7.95
N ILE A 37 -2.52 7.91 6.79
CA ILE A 37 -1.35 8.37 6.06
C ILE A 37 -1.39 9.88 5.85
N LYS A 38 -0.22 10.46 5.67
CA LYS A 38 -0.09 11.90 5.47
C LYS A 38 0.49 12.15 4.08
N VAL A 39 -0.35 12.64 3.17
CA VAL A 39 0.05 12.79 1.78
C VAL A 39 -0.21 14.20 1.28
N ASP A 40 0.82 14.83 0.70
CA ASP A 40 0.70 16.14 0.05
C ASP A 40 0.55 17.27 1.07
N GLY A 41 0.14 16.92 2.27
CA GLY A 41 -0.21 17.91 3.26
C GLY A 41 -1.60 17.64 3.79
N LYS A 42 -2.20 16.57 3.30
CA LYS A 42 -3.54 16.19 3.70
C LYS A 42 -3.50 14.93 4.55
N THR A 43 -4.24 14.93 5.64
CA THR A 43 -4.35 13.77 6.49
C THR A 43 -5.40 12.81 5.95
N TRP A 44 -4.97 11.62 5.55
CA TRP A 44 -5.89 10.60 5.05
C TRP A 44 -6.07 9.52 6.10
N PRO A 45 -7.32 9.14 6.41
CA PRO A 45 -7.63 8.14 7.44
C PRO A 45 -7.08 6.75 7.08
N THR A 46 -6.92 6.49 5.80
CA THR A 46 -6.46 5.19 5.34
C THR A 46 -5.89 5.30 3.92
N SER A 47 -5.30 4.21 3.42
CA SER A 47 -4.56 4.24 2.15
C SER A 47 -5.50 4.22 0.94
N GLU A 48 -6.47 3.31 0.95
CA GLU A 48 -7.41 3.17 -0.17
C GLU A 48 -8.20 4.46 -0.38
N HIS A 49 -8.35 5.25 0.67
CA HIS A 49 -9.02 6.55 0.58
C HIS A 49 -8.30 7.46 -0.41
N TYR A 50 -6.97 7.49 -0.35
CA TYR A 50 -6.19 8.31 -1.26
C TYR A 50 -6.31 7.77 -2.68
N PHE A 51 -6.20 6.47 -2.82
CA PHE A 51 -6.32 5.80 -4.11
C PHE A 51 -7.69 6.06 -4.73
N GLN A 52 -8.72 5.89 -3.93
CA GLN A 52 -10.10 6.06 -4.37
C GLN A 52 -10.37 7.50 -4.79
N ALA A 53 -9.72 8.43 -4.12
CA ALA A 53 -9.91 9.85 -4.38
C ALA A 53 -9.25 10.27 -5.70
N GLN A 54 -8.01 9.84 -5.91
CA GLN A 54 -7.27 10.21 -7.10
C GLN A 54 -7.73 9.40 -8.31
N LYS A 55 -8.55 8.39 -8.03
CA LYS A 55 -9.17 7.58 -9.06
C LYS A 55 -10.10 8.42 -9.94
N PHE A 56 -10.67 9.46 -9.36
CA PHE A 56 -11.62 10.31 -10.06
C PHE A 56 -11.01 11.67 -10.36
N LEU A 57 -11.67 12.44 -11.23
CA LEU A 57 -11.16 13.73 -11.66
C LEU A 57 -11.77 14.86 -10.84
N ASP A 58 -13.05 14.72 -10.51
CA ASP A 58 -13.77 15.75 -9.77
C ASP A 58 -13.16 15.94 -8.37
N GLU A 59 -12.81 17.18 -8.05
CA GLU A 59 -12.10 17.48 -6.81
C GLU A 59 -12.99 17.32 -5.59
N LYS A 60 -14.28 17.61 -5.73
CA LYS A 60 -15.21 17.44 -4.62
C LYS A 60 -15.29 15.96 -4.27
N TYR A 61 -15.33 15.11 -5.29
CA TYR A 61 -15.41 13.68 -5.10
C TYR A 61 -14.15 13.14 -4.44
N ARG A 62 -13.00 13.77 -4.72
CA ARG A 62 -11.75 13.39 -4.06
C ARG A 62 -11.85 13.65 -2.57
N GLU A 63 -12.37 14.82 -2.22
CA GLU A 63 -12.54 15.20 -0.83
C GLU A 63 -13.76 14.49 -0.24
N GLU A 64 -14.62 13.97 -1.11
CA GLU A 64 -15.79 13.22 -0.69
C GLU A 64 -15.36 11.93 -0.03
N ILE A 65 -14.42 11.24 -0.66
CA ILE A 65 -13.84 10.03 -0.08
C ILE A 65 -12.97 10.41 1.12
N ARG A 66 -12.36 11.58 1.07
CA ARG A 66 -11.56 12.06 2.20
C ARG A 66 -12.48 12.50 3.35
N ARG A 67 -13.77 12.59 3.07
CA ARG A 67 -14.74 13.03 4.06
C ARG A 67 -15.20 11.85 4.92
N VAL A 68 -14.79 10.66 4.54
CA VAL A 68 -15.19 9.46 5.23
C VAL A 68 -13.99 8.78 5.88
N SER A 69 -14.19 8.30 7.10
CA SER A 69 -13.14 7.58 7.81
C SER A 69 -13.25 6.09 7.50
N SER A 70 -14.48 5.63 7.31
CA SER A 70 -14.72 4.23 6.99
C SER A 70 -14.21 3.89 5.60
N PRO A 71 -13.29 2.91 5.51
CA PRO A 71 -12.71 2.47 4.24
C PRO A 71 -13.73 1.81 3.32
N MET A 72 -14.69 1.13 3.93
CA MET A 72 -15.72 0.42 3.17
C MET A 72 -16.62 1.40 2.44
N VAL A 73 -16.99 2.48 3.11
CA VAL A 73 -17.82 3.52 2.52
C VAL A 73 -17.07 4.22 1.38
N ALA A 74 -15.77 4.39 1.56
CA ALA A 74 -14.91 4.97 0.52
C ALA A 74 -14.95 4.11 -0.74
N ALA A 75 -14.86 2.79 -0.54
CA ALA A 75 -14.93 1.84 -1.64
C ALA A 75 -16.30 1.91 -2.32
N ARG A 76 -17.34 2.05 -1.51
CA ARG A 76 -18.70 2.16 -2.01
C ARG A 76 -18.83 3.31 -3.00
N MET A 77 -18.41 4.49 -2.58
CA MET A 77 -18.53 5.69 -3.40
C MET A 77 -17.54 5.64 -4.57
N GLY A 78 -16.41 4.98 -4.36
CA GLY A 78 -15.41 4.89 -5.38
C GLY A 78 -15.69 3.81 -6.40
N ARG A 79 -16.71 3.00 -6.14
CA ARG A 79 -17.09 1.95 -7.08
C ARG A 79 -18.10 2.47 -8.11
N ASP A 80 -18.48 3.74 -7.97
CA ASP A 80 -19.44 4.34 -8.88
C ASP A 80 -18.83 4.54 -10.26
N ARG A 81 -19.32 3.79 -11.23
CA ARG A 81 -18.78 3.83 -12.58
C ARG A 81 -19.62 4.78 -13.44
N SER A 82 -20.50 5.53 -12.79
CA SER A 82 -21.29 6.54 -13.48
C SER A 82 -20.43 7.74 -13.83
N LYS A 83 -19.35 7.90 -13.07
CA LYS A 83 -18.42 8.99 -13.26
C LYS A 83 -17.52 8.72 -14.47
N PRO A 84 -17.12 9.78 -15.19
CA PRO A 84 -16.15 9.66 -16.28
C PRO A 84 -14.80 9.17 -15.76
N LEU A 85 -14.36 8.03 -16.28
CA LEU A 85 -13.11 7.41 -15.83
C LEU A 85 -11.92 7.99 -16.58
N ARG A 86 -10.77 8.00 -15.93
CA ARG A 86 -9.55 8.53 -16.52
C ARG A 86 -9.07 7.63 -17.65
N LYS A 87 -8.77 8.23 -18.80
CA LYS A 87 -8.36 7.48 -19.99
C LYS A 87 -7.11 6.66 -19.70
N ASN A 88 -6.15 7.25 -19.02
CA ASN A 88 -4.91 6.57 -18.70
C ASN A 88 -4.89 6.11 -17.25
N TRP A 89 -6.07 5.75 -16.73
CA TRP A 89 -6.18 5.28 -15.36
C TRP A 89 -5.34 4.03 -15.14
N GLU A 90 -5.34 3.13 -16.13
CA GLU A 90 -4.57 1.90 -16.03
C GLU A 90 -3.06 2.19 -16.05
N SER A 91 -2.69 3.32 -16.63
CA SER A 91 -1.29 3.68 -16.76
C SER A 91 -0.77 4.36 -15.49
N VAL A 92 -1.69 4.88 -14.68
CA VAL A 92 -1.32 5.53 -13.43
C VAL A 92 -1.84 4.74 -12.23
N LYS A 93 -2.37 3.56 -12.51
CA LYS A 93 -2.98 2.71 -11.49
C LYS A 93 -1.95 2.36 -10.40
N GLU A 94 -0.81 1.85 -10.83
CA GLU A 94 0.24 1.47 -9.91
C GLU A 94 1.00 2.71 -9.43
N GLN A 95 0.99 3.76 -10.25
CA GLN A 95 1.58 5.04 -9.87
C GLN A 95 0.92 5.58 -8.60
N VAL A 96 -0.40 5.72 -8.64
CA VAL A 96 -1.14 6.24 -7.50
C VAL A 96 -0.98 5.32 -6.29
N MET A 97 -1.07 4.02 -6.52
CA MET A 97 -0.97 3.05 -5.43
C MET A 97 0.41 3.06 -4.79
N ARG A 98 1.47 3.10 -5.60
CA ARG A 98 2.82 3.09 -5.07
C ARG A 98 3.12 4.37 -4.28
N LYS A 99 2.45 5.46 -4.67
CA LYS A 99 2.62 6.73 -4.00
C LYS A 99 1.95 6.69 -2.62
N ALA A 100 0.76 6.09 -2.57
CA ALA A 100 0.06 5.91 -1.31
C ALA A 100 0.80 4.92 -0.42
N LEU A 101 1.33 3.87 -1.03
CA LEU A 101 2.10 2.87 -0.30
C LEU A 101 3.33 3.48 0.33
N ARG A 102 4.01 4.36 -0.40
CA ARG A 102 5.18 5.02 0.15
C ARG A 102 4.78 5.84 1.37
N ALA A 103 3.72 6.63 1.24
CA ALA A 103 3.25 7.47 2.34
C ALA A 103 2.95 6.63 3.58
N LYS A 104 2.43 5.43 3.36
CA LYS A 104 2.12 4.52 4.45
C LYS A 104 3.37 4.18 5.27
N PHE A 105 4.44 3.79 4.59
CA PHE A 105 5.67 3.40 5.26
C PHE A 105 6.53 4.62 5.65
N GLU A 106 6.38 5.72 4.92
CA GLU A 106 7.17 6.92 5.18
C GLU A 106 6.68 7.66 6.42
N GLN A 107 5.37 7.66 6.64
CA GLN A 107 4.78 8.36 7.78
C GLN A 107 4.83 7.49 9.03
N HIS A 108 5.15 6.22 8.86
CA HIS A 108 5.25 5.31 9.97
C HIS A 108 6.57 4.54 9.92
N ALA A 109 7.54 5.01 10.71
CA ALA A 109 8.86 4.38 10.78
C ALA A 109 8.73 2.94 11.24
N GLU A 110 7.70 2.68 12.04
CA GLU A 110 7.38 1.32 12.49
C GLU A 110 7.24 0.40 11.29
N LEU A 111 6.43 0.82 10.33
CA LEU A 111 6.12 0.02 9.17
C LEU A 111 7.29 0.03 8.19
N ARG A 112 7.99 1.16 8.14
CA ARG A 112 9.15 1.31 7.27
C ARG A 112 10.20 0.24 7.59
N ALA A 113 10.40 0.00 8.87
CA ALA A 113 11.34 -1.02 9.32
C ALA A 113 10.83 -2.41 9.01
N LEU A 114 9.53 -2.63 9.24
CA LEU A 114 8.90 -3.92 8.97
C LEU A 114 9.07 -4.29 7.49
N LEU A 115 8.86 -3.33 6.61
CA LEU A 115 9.00 -3.54 5.18
C LEU A 115 10.44 -3.91 4.81
N LEU A 116 11.40 -3.17 5.37
CA LEU A 116 12.81 -3.38 5.03
C LEU A 116 13.33 -4.70 5.61
N ALA A 117 12.62 -5.24 6.59
CA ALA A 117 13.02 -6.49 7.23
C ALA A 117 12.77 -7.69 6.32
N THR A 118 11.87 -7.54 5.36
CA THR A 118 11.49 -8.65 4.49
C THR A 118 12.58 -8.94 3.44
N ALA A 119 13.33 -7.90 3.08
CA ALA A 119 14.39 -8.03 2.08
C ALA A 119 15.31 -9.24 2.35
N PRO A 120 15.67 -9.99 1.29
CA PRO A 120 15.23 -9.76 -0.09
C PRO A 120 14.11 -10.73 -0.51
N ALA A 121 13.24 -11.08 0.43
CA ALA A 121 12.13 -12.00 0.17
C ALA A 121 11.16 -11.41 -0.85
N LYS A 122 10.39 -12.29 -1.47
CA LYS A 122 9.38 -11.88 -2.44
C LYS A 122 8.05 -11.63 -1.73
N LEU A 123 7.57 -10.40 -1.82
CA LEU A 123 6.30 -10.04 -1.22
C LEU A 123 5.16 -10.34 -2.18
N VAL A 124 4.31 -11.31 -1.82
CA VAL A 124 3.25 -11.74 -2.70
C VAL A 124 1.91 -11.81 -1.95
N GLU A 125 0.91 -11.15 -2.49
CA GLU A 125 -0.44 -11.26 -1.97
C GLU A 125 -1.07 -12.51 -2.57
N HIS A 126 -1.85 -13.23 -1.79
CA HIS A 126 -2.38 -14.50 -2.27
C HIS A 126 -3.91 -14.50 -2.29
N THR A 127 -4.46 -13.85 -3.29
CA THR A 127 -5.88 -13.90 -3.57
C THR A 127 -6.25 -15.20 -4.27
N GLU A 128 -7.36 -15.81 -3.86
CA GLU A 128 -7.86 -17.01 -4.50
C GLU A 128 -9.27 -16.78 -5.06
N ASN A 129 -9.80 -15.59 -4.84
CA ASN A 129 -11.17 -15.28 -5.26
C ASN A 129 -11.18 -14.61 -6.64
N ASP A 130 -9.99 -14.33 -7.16
CA ASP A 130 -9.81 -13.70 -8.46
C ASP A 130 -8.31 -13.59 -8.71
N ALA A 131 -7.90 -12.79 -9.68
CA ALA A 131 -6.49 -12.56 -9.92
C ALA A 131 -6.23 -11.07 -10.14
N TYR A 132 -6.03 -10.34 -9.05
CA TYR A 132 -5.87 -8.89 -9.12
C TYR A 132 -5.07 -8.38 -7.92
N TRP A 133 -3.95 -7.71 -8.21
CA TRP A 133 -3.06 -7.14 -7.19
C TRP A 133 -2.42 -8.21 -6.31
N GLY A 134 -2.37 -9.44 -6.80
CA GLY A 134 -1.76 -10.50 -6.03
C GLY A 134 -1.73 -11.80 -6.79
N ASP A 135 -2.46 -12.78 -6.29
CA ASP A 135 -2.52 -14.09 -6.94
C ASP A 135 -3.93 -14.35 -7.49
N GLY A 136 -4.06 -15.45 -8.22
CA GLY A 136 -5.33 -15.87 -8.74
C GLY A 136 -5.69 -17.26 -8.25
N GLY A 137 -5.07 -17.66 -7.14
CA GLY A 137 -5.34 -18.94 -6.54
C GLY A 137 -4.46 -20.05 -7.07
N HIS A 138 -3.15 -19.78 -7.20
CA HIS A 138 -2.21 -20.78 -7.72
C HIS A 138 -0.76 -20.29 -7.64
N GLY A 139 -0.54 -19.00 -7.87
CA GLY A 139 0.80 -18.46 -7.84
C GLY A 139 1.12 -17.60 -9.05
N LYS A 140 0.12 -16.85 -9.52
CA LYS A 140 0.28 -15.98 -10.69
C LYS A 140 -1.04 -15.24 -10.99
N GLY A 141 -1.22 -14.08 -10.42
CA GLY A 141 -2.38 -13.28 -10.77
C GLY A 141 -2.00 -11.90 -11.24
N LYS A 142 -1.42 -11.11 -10.34
CA LYS A 142 -0.93 -9.77 -10.62
C LYS A 142 -0.04 -9.30 -9.48
N ASN A 143 1.20 -9.77 -9.47
CA ASN A 143 2.13 -9.54 -8.37
C ASN A 143 2.60 -8.08 -8.35
N ARG A 144 2.03 -7.26 -9.22
CA ARG A 144 2.38 -5.85 -9.32
C ARG A 144 2.36 -5.17 -7.95
N LEU A 145 1.39 -5.54 -7.11
CA LEU A 145 1.26 -4.94 -5.79
C LEU A 145 2.49 -5.24 -4.93
N GLY A 146 2.77 -6.52 -4.74
CA GLY A 146 3.93 -6.92 -3.95
C GLY A 146 5.23 -6.46 -4.60
N TYR A 147 5.21 -6.36 -5.92
CA TYR A 147 6.36 -5.89 -6.66
C TYR A 147 6.61 -4.42 -6.35
N LEU A 148 5.54 -3.64 -6.26
CA LEU A 148 5.64 -2.22 -5.88
C LEU A 148 6.24 -2.10 -4.49
N LEU A 149 5.79 -2.98 -3.59
CA LEU A 149 6.30 -3.01 -2.23
C LEU A 149 7.80 -3.30 -2.21
N MET A 150 8.25 -4.15 -3.13
CA MET A 150 9.65 -4.51 -3.22
C MET A 150 10.45 -3.40 -3.91
N GLU A 151 9.82 -2.74 -4.88
CA GLU A 151 10.41 -1.56 -5.51
C GLU A 151 10.63 -0.48 -4.45
N LEU A 152 9.59 -0.26 -3.65
CA LEU A 152 9.63 0.73 -2.58
C LEU A 152 10.65 0.32 -1.51
N ARG A 153 10.72 -0.98 -1.24
CA ARG A 153 11.65 -1.50 -0.25
C ARG A 153 13.10 -1.17 -0.63
N GLU A 154 13.42 -1.32 -1.92
CA GLU A 154 14.76 -0.96 -2.40
C GLU A 154 14.98 0.55 -2.31
N GLN A 155 13.91 1.30 -2.52
CA GLN A 155 13.96 2.76 -2.41
C GLN A 155 14.25 3.19 -0.97
N LEU A 156 13.47 2.69 -0.04
CA LEU A 156 13.57 3.10 1.36
C LEU A 156 14.88 2.63 1.98
N ALA A 157 15.44 1.57 1.39
CA ALA A 157 16.69 0.99 1.87
C ALA A 157 17.85 1.96 1.74
N ILE A 158 17.99 2.56 0.56
CA ILE A 158 19.08 3.50 0.30
C ILE A 158 18.93 4.75 1.18
N GLU A 159 17.70 5.18 1.38
CA GLU A 159 17.42 6.35 2.22
C GLU A 159 17.79 6.07 3.67
N LYS A 160 17.79 4.78 4.03
CA LYS A 160 18.21 4.35 5.36
C LYS A 160 19.70 4.61 5.56
N LEU A 161 20.45 4.61 4.47
CA LEU A 161 21.88 4.92 4.51
C LEU A 161 22.08 6.42 4.61
N GLU A 162 21.20 7.16 3.94
CA GLU A 162 21.29 8.62 3.92
C GLU A 162 20.61 9.24 5.13
N HIS A 163 20.28 8.41 6.12
CA HIS A 163 19.61 8.90 7.33
C HIS A 163 20.50 9.90 8.09
N HIS A 164 21.78 9.91 7.75
CA HIS A 164 22.74 10.82 8.36
C HIS A 164 22.33 12.27 8.06
N HIS A 165 21.93 12.98 9.11
CA HIS A 165 21.50 14.37 9.02
C HIS A 165 20.28 14.50 8.09
N HIS A 166 19.54 13.41 7.95
CA HIS A 166 18.31 13.42 7.15
C HIS A 166 17.20 14.11 7.95
N HIS A 167 17.34 14.06 9.26
CA HIS A 167 16.45 14.80 10.15
C HIS A 167 17.22 15.24 11.38
N HIS A 168 17.75 16.46 11.33
CA HIS A 168 18.48 17.03 12.45
C HIS A 168 18.64 18.52 12.23
N MET A 1 -2.32 1.57 21.65
CA MET A 1 -2.34 1.20 20.21
C MET A 1 -1.53 -0.07 19.98
N PRO A 2 -1.95 -0.89 19.01
CA PRO A 2 -1.30 -2.16 18.71
C PRO A 2 -0.15 -2.03 17.73
N VAL A 3 0.84 -2.92 17.86
CA VAL A 3 1.96 -3.00 16.94
C VAL A 3 2.74 -4.30 17.18
N ARG A 4 2.41 -5.33 16.42
CA ARG A 4 3.00 -6.65 16.59
C ARG A 4 4.00 -6.92 15.46
N ALA A 5 4.73 -5.89 15.07
CA ALA A 5 5.68 -5.97 13.96
C ALA A 5 6.99 -6.65 14.37
N GLN A 6 6.92 -7.55 15.33
CA GLN A 6 8.09 -8.27 15.81
C GLN A 6 7.91 -9.78 15.66
N ARG A 7 7.06 -10.17 14.72
CA ARG A 7 6.80 -11.58 14.48
C ARG A 7 7.97 -12.23 13.75
N ILE A 8 8.37 -11.63 12.63
CA ILE A 8 9.49 -12.14 11.84
C ILE A 8 10.71 -11.26 12.03
N GLN A 9 11.72 -11.81 12.70
CA GLN A 9 12.97 -11.08 12.93
C GLN A 9 13.96 -11.30 11.79
N HIS A 10 13.83 -10.49 10.74
CA HIS A 10 14.73 -10.56 9.58
C HIS A 10 14.59 -11.89 8.84
N VAL A 11 14.19 -11.82 7.58
CA VAL A 11 14.09 -13.01 6.75
C VAL A 11 15.47 -13.57 6.46
N MET A 12 15.52 -14.82 6.02
CA MET A 12 16.77 -15.53 5.82
C MET A 12 17.40 -15.15 4.49
N GLN A 13 16.90 -15.77 3.43
CA GLN A 13 17.37 -15.52 2.07
C GLN A 13 16.43 -16.21 1.09
N ASP A 14 15.81 -15.43 0.21
CA ASP A 14 14.77 -15.95 -0.69
C ASP A 14 13.62 -16.53 0.11
N THR A 15 12.68 -15.67 0.45
CA THR A 15 11.53 -16.09 1.23
C THR A 15 10.26 -15.50 0.61
N ILE A 16 9.37 -16.37 0.15
CA ILE A 16 8.12 -15.90 -0.43
C ILE A 16 7.13 -15.63 0.70
N ILE A 17 6.96 -14.36 1.05
CA ILE A 17 6.08 -13.99 2.13
C ILE A 17 4.68 -13.74 1.62
N ASN A 18 3.78 -14.66 1.94
CA ASN A 18 2.39 -14.55 1.52
C ASN A 18 1.57 -13.84 2.59
N PHE A 19 1.21 -12.60 2.30
CA PHE A 19 0.31 -11.86 3.18
C PHE A 19 -1.05 -11.81 2.52
N TYR A 20 -2.11 -11.71 3.31
CA TYR A 20 -3.45 -11.73 2.76
C TYR A 20 -4.42 -10.93 3.60
N SER A 21 -4.83 -9.77 3.10
CA SER A 21 -5.86 -8.94 3.73
C SER A 21 -5.35 -8.23 4.98
N THR A 22 -6.18 -7.32 5.48
CA THR A 22 -5.83 -6.44 6.59
C THR A 22 -5.99 -7.11 7.95
N SER A 23 -6.36 -8.39 7.94
CA SER A 23 -6.67 -9.13 9.16
C SER A 23 -5.43 -9.54 9.96
N ASP A 24 -4.33 -8.82 9.76
CA ASP A 24 -3.07 -9.13 10.43
C ASP A 24 -2.21 -7.88 10.47
N ASP A 25 -1.19 -7.87 11.32
CA ASP A 25 -0.23 -6.77 11.38
C ASP A 25 0.47 -6.61 10.04
N TYR A 26 0.73 -7.75 9.40
CA TYR A 26 1.34 -7.77 8.08
C TYR A 26 0.32 -7.42 7.00
N GLY A 27 -0.92 -7.21 7.44
CA GLY A 27 -1.98 -6.82 6.53
C GLY A 27 -1.85 -5.38 6.10
N ASP A 28 -0.86 -4.68 6.67
CA ASP A 28 -0.56 -3.31 6.28
C ASP A 28 0.03 -3.30 4.87
N PHE A 29 0.59 -4.43 4.46
CA PHE A 29 1.13 -4.59 3.12
C PHE A 29 0.00 -4.57 2.09
N SER A 30 -1.20 -4.94 2.52
CA SER A 30 -2.37 -4.89 1.67
C SER A 30 -2.78 -3.44 1.44
N ASN A 31 -3.06 -3.08 0.19
CA ASN A 31 -3.35 -1.70 -0.19
C ASN A 31 -4.49 -1.08 0.62
N PHE A 32 -5.36 -1.92 1.17
CA PHE A 32 -6.43 -1.44 2.04
C PHE A 32 -5.85 -0.95 3.36
N ALA A 33 -5.07 -1.81 4.01
CA ALA A 33 -4.47 -1.56 5.33
C ALA A 33 -5.46 -0.90 6.31
N ALA A 34 -4.92 -0.22 7.31
CA ALA A 34 -5.73 0.46 8.32
C ALA A 34 -4.94 1.57 9.00
N TRP A 35 -3.91 2.05 8.32
CA TRP A 35 -3.02 3.07 8.88
C TRP A 35 -3.16 4.39 8.11
N PRO A 36 -3.44 5.48 8.83
CA PRO A 36 -3.60 6.80 8.24
C PRO A 36 -2.29 7.32 7.62
N ILE A 37 -2.43 8.01 6.50
CA ILE A 37 -1.28 8.55 5.79
C ILE A 37 -1.41 10.07 5.65
N LYS A 38 -0.28 10.74 5.54
CA LYS A 38 -0.25 12.19 5.42
C LYS A 38 0.34 12.57 4.07
N VAL A 39 -0.53 12.80 3.08
CA VAL A 39 -0.07 13.13 1.75
C VAL A 39 -0.34 14.60 1.45
N ASP A 40 0.74 15.35 1.22
CA ASP A 40 0.66 16.78 0.88
C ASP A 40 0.18 17.60 2.09
N GLY A 41 0.03 16.92 3.21
CA GLY A 41 -0.51 17.55 4.40
C GLY A 41 -1.94 17.14 4.65
N LYS A 42 -2.48 16.33 3.75
CA LYS A 42 -3.83 15.84 3.87
C LYS A 42 -3.83 14.48 4.56
N THR A 43 -4.58 14.36 5.64
CA THR A 43 -4.68 13.09 6.36
C THR A 43 -5.70 12.18 5.69
N TRP A 44 -5.20 11.13 5.08
CA TRP A 44 -6.05 10.11 4.50
C TRP A 44 -6.08 8.91 5.45
N PRO A 45 -7.28 8.42 5.81
CA PRO A 45 -7.44 7.32 6.77
C PRO A 45 -6.63 6.07 6.40
N THR A 46 -6.29 5.94 5.13
CA THR A 46 -5.45 4.86 4.65
C THR A 46 -5.24 5.01 3.14
N SER A 47 -4.38 4.17 2.58
CA SER A 47 -4.00 4.25 1.17
C SER A 47 -5.20 4.07 0.24
N GLU A 48 -6.17 3.26 0.66
CA GLU A 48 -7.41 3.06 -0.08
C GLU A 48 -8.07 4.40 -0.45
N HIS A 49 -8.08 5.33 0.49
CA HIS A 49 -8.75 6.61 0.30
C HIS A 49 -8.03 7.46 -0.74
N TYR A 50 -6.72 7.31 -0.83
CA TYR A 50 -5.94 8.03 -1.83
C TYR A 50 -6.16 7.39 -3.19
N PHE A 51 -6.38 6.08 -3.19
CA PHE A 51 -6.67 5.32 -4.40
C PHE A 51 -8.00 5.80 -5.00
N GLN A 52 -9.03 5.81 -4.17
CA GLN A 52 -10.36 6.26 -4.60
C GLN A 52 -10.36 7.73 -4.99
N ALA A 53 -9.66 8.55 -4.23
CA ALA A 53 -9.64 9.99 -4.46
C ALA A 53 -8.94 10.35 -5.78
N GLN A 54 -8.02 9.52 -6.22
CA GLN A 54 -7.31 9.76 -7.47
C GLN A 54 -7.88 8.90 -8.60
N LYS A 55 -8.80 8.01 -8.24
CA LYS A 55 -9.46 7.13 -9.20
C LYS A 55 -10.27 7.95 -10.19
N PHE A 56 -10.91 8.99 -9.68
CA PHE A 56 -11.74 9.85 -10.50
C PHE A 56 -11.05 11.20 -10.71
N LEU A 57 -11.48 11.92 -11.73
CA LEU A 57 -11.08 13.31 -11.91
C LEU A 57 -12.16 14.20 -11.30
N ASP A 58 -12.83 13.64 -10.31
CA ASP A 58 -13.94 14.27 -9.64
C ASP A 58 -13.47 14.94 -8.36
N GLU A 59 -13.39 16.27 -8.37
CA GLU A 59 -12.92 17.02 -7.21
C GLU A 59 -13.87 16.85 -6.03
N LYS A 60 -15.16 16.77 -6.30
CA LYS A 60 -16.16 16.67 -5.24
C LYS A 60 -15.98 15.38 -4.46
N TYR A 61 -15.84 14.27 -5.18
CA TYR A 61 -15.70 12.99 -4.53
C TYR A 61 -14.37 12.86 -3.80
N ARG A 62 -13.35 13.55 -4.29
CA ARG A 62 -12.06 13.57 -3.60
C ARG A 62 -12.22 14.15 -2.21
N GLU A 63 -13.00 15.22 -2.12
CA GLU A 63 -13.31 15.85 -0.84
C GLU A 63 -14.14 14.89 0.02
N GLU A 64 -15.06 14.18 -0.61
CA GLU A 64 -15.98 13.32 0.09
C GLU A 64 -15.30 12.04 0.58
N ILE A 65 -14.38 11.52 -0.23
CA ILE A 65 -13.57 10.38 0.17
C ILE A 65 -12.70 10.75 1.36
N ARG A 66 -12.27 12.01 1.41
CA ARG A 66 -11.48 12.50 2.52
C ARG A 66 -12.36 12.68 3.77
N ARG A 67 -13.65 12.88 3.56
CA ARG A 67 -14.58 13.07 4.67
C ARG A 67 -14.78 11.77 5.45
N VAL A 68 -14.72 10.64 4.76
CA VAL A 68 -14.99 9.35 5.41
C VAL A 68 -13.70 8.72 5.91
N SER A 69 -13.75 8.21 7.13
CA SER A 69 -12.62 7.48 7.70
C SER A 69 -12.71 6.00 7.34
N SER A 70 -13.91 5.55 7.02
CA SER A 70 -14.13 4.16 6.66
C SER A 70 -13.69 3.90 5.22
N PRO A 71 -12.81 2.90 5.03
CA PRO A 71 -12.35 2.50 3.70
C PRO A 71 -13.43 1.77 2.91
N MET A 72 -14.28 1.04 3.61
CA MET A 72 -15.33 0.28 2.97
C MET A 72 -16.39 1.22 2.40
N VAL A 73 -16.68 2.29 3.12
CA VAL A 73 -17.63 3.29 2.67
C VAL A 73 -17.07 4.05 1.47
N ALA A 74 -15.77 4.34 1.52
CA ALA A 74 -15.11 5.05 0.43
C ALA A 74 -15.12 4.21 -0.85
N ALA A 75 -14.65 2.97 -0.73
CA ALA A 75 -14.65 2.05 -1.85
C ALA A 75 -16.06 1.82 -2.38
N ARG A 76 -17.03 1.81 -1.48
CA ARG A 76 -18.43 1.65 -1.87
C ARG A 76 -18.88 2.81 -2.76
N MET A 77 -18.44 4.01 -2.41
CA MET A 77 -18.80 5.20 -3.17
C MET A 77 -18.06 5.25 -4.50
N GLY A 78 -16.81 4.78 -4.51
CA GLY A 78 -16.03 4.75 -5.73
C GLY A 78 -16.17 3.43 -6.47
N ARG A 79 -17.05 2.58 -5.98
CA ARG A 79 -17.31 1.27 -6.58
C ARG A 79 -17.87 1.37 -8.00
N ASP A 80 -18.80 2.29 -8.21
CA ASP A 80 -19.54 2.35 -9.48
C ASP A 80 -18.79 3.17 -10.53
N ARG A 81 -19.35 3.22 -11.75
CA ARG A 81 -18.69 3.86 -12.88
C ARG A 81 -19.48 5.07 -13.35
N SER A 82 -20.54 5.42 -12.62
CA SER A 82 -21.38 6.56 -12.99
C SER A 82 -20.60 7.87 -12.91
N LYS A 83 -19.59 7.90 -12.04
CA LYS A 83 -18.79 9.10 -11.85
C LYS A 83 -17.61 9.08 -12.82
N PRO A 84 -17.17 10.27 -13.29
CA PRO A 84 -16.14 10.39 -14.34
C PRO A 84 -14.87 9.57 -14.04
N LEU A 85 -14.65 8.55 -14.87
CA LEU A 85 -13.45 7.72 -14.79
C LEU A 85 -12.35 8.34 -15.65
N ARG A 86 -11.10 8.04 -15.31
CA ARG A 86 -9.97 8.60 -16.03
C ARG A 86 -9.49 7.63 -17.11
N LYS A 87 -9.06 8.17 -18.24
CA LYS A 87 -8.58 7.34 -19.34
C LYS A 87 -7.15 6.88 -19.07
N ASN A 88 -6.41 7.69 -18.32
CA ASN A 88 -5.03 7.37 -17.97
C ASN A 88 -4.99 6.49 -16.74
N TRP A 89 -6.16 5.97 -16.34
CA TRP A 89 -6.25 5.06 -15.21
C TRP A 89 -5.41 3.80 -15.47
N GLU A 90 -5.11 3.57 -16.74
CA GLU A 90 -4.25 2.47 -17.13
C GLU A 90 -2.81 2.68 -16.67
N SER A 91 -2.33 3.91 -16.77
CA SER A 91 -0.92 4.19 -16.51
C SER A 91 -0.67 4.78 -15.12
N VAL A 92 -1.73 4.99 -14.35
CA VAL A 92 -1.57 5.61 -13.04
C VAL A 92 -1.87 4.65 -11.88
N LYS A 93 -2.21 3.40 -12.20
CA LYS A 93 -2.51 2.43 -11.14
C LYS A 93 -1.28 2.23 -10.27
N GLU A 94 -0.18 1.88 -10.91
CA GLU A 94 1.07 1.62 -10.22
C GLU A 94 1.62 2.91 -9.62
N GLN A 95 1.29 4.04 -10.24
CA GLN A 95 1.76 5.34 -9.78
C GLN A 95 1.09 5.71 -8.46
N VAL A 96 -0.24 5.69 -8.46
CA VAL A 96 -1.01 6.05 -7.27
C VAL A 96 -0.71 5.10 -6.12
N MET A 97 -0.66 3.81 -6.43
CA MET A 97 -0.35 2.79 -5.43
C MET A 97 1.04 3.03 -4.83
N ARG A 98 2.03 3.21 -5.68
CA ARG A 98 3.41 3.38 -5.24
C ARG A 98 3.54 4.61 -4.34
N LYS A 99 2.88 5.70 -4.74
CA LYS A 99 2.95 6.95 -4.00
C LYS A 99 2.28 6.80 -2.64
N ALA A 100 1.07 6.24 -2.63
CA ALA A 100 0.32 6.07 -1.40
C ALA A 100 1.04 5.12 -0.45
N LEU A 101 1.66 4.09 -1.00
CA LEU A 101 2.39 3.12 -0.20
C LEU A 101 3.63 3.76 0.42
N ARG A 102 4.36 4.55 -0.35
CA ARG A 102 5.55 5.22 0.17
C ARG A 102 5.17 6.14 1.31
N ALA A 103 4.12 6.93 1.10
CA ALA A 103 3.66 7.88 2.11
C ALA A 103 3.16 7.16 3.35
N LYS A 104 2.75 5.91 3.19
CA LYS A 104 2.29 5.11 4.32
C LYS A 104 3.47 4.61 5.14
N PHE A 105 4.46 4.03 4.48
CA PHE A 105 5.65 3.53 5.16
C PHE A 105 6.52 4.68 5.66
N GLU A 106 6.47 5.82 4.99
CA GLU A 106 7.17 7.01 5.47
C GLU A 106 6.45 7.60 6.67
N GLN A 107 5.12 7.53 6.66
CA GLN A 107 4.32 8.11 7.72
C GLN A 107 4.53 7.37 9.03
N HIS A 108 4.74 6.07 8.94
CA HIS A 108 4.89 5.24 10.12
C HIS A 108 6.24 4.54 10.11
N ALA A 109 7.12 4.97 11.01
CA ALA A 109 8.48 4.44 11.08
C ALA A 109 8.48 2.94 11.41
N GLU A 110 7.51 2.49 12.19
CA GLU A 110 7.43 1.10 12.58
C GLU A 110 6.98 0.23 11.40
N LEU A 111 6.19 0.82 10.50
CA LEU A 111 5.78 0.13 9.29
C LEU A 111 6.93 0.06 8.31
N ARG A 112 7.69 1.15 8.24
CA ARG A 112 8.87 1.21 7.38
C ARG A 112 9.89 0.17 7.82
N ALA A 113 10.10 0.07 9.13
CA ALA A 113 11.00 -0.93 9.68
C ALA A 113 10.45 -2.34 9.47
N LEU A 114 9.13 -2.46 9.46
CA LEU A 114 8.48 -3.74 9.19
C LEU A 114 8.73 -4.16 7.74
N LEU A 115 8.52 -3.22 6.83
CA LEU A 115 8.75 -3.46 5.40
C LEU A 115 10.21 -3.85 5.14
N LEU A 116 11.13 -3.13 5.75
CA LEU A 116 12.55 -3.39 5.54
C LEU A 116 13.01 -4.65 6.26
N ALA A 117 12.21 -5.12 7.21
CA ALA A 117 12.50 -6.37 7.91
C ALA A 117 12.18 -7.57 7.03
N THR A 118 11.33 -7.37 6.03
CA THR A 118 10.98 -8.43 5.11
C THR A 118 12.00 -8.51 3.97
N ALA A 119 12.92 -7.56 3.94
CA ALA A 119 14.02 -7.59 2.99
C ALA A 119 15.09 -8.58 3.45
N PRO A 120 15.72 -9.31 2.50
CA PRO A 120 15.46 -9.23 1.08
C PRO A 120 14.54 -10.36 0.57
N ALA A 121 13.45 -10.61 1.27
CA ALA A 121 12.49 -11.63 0.85
C ALA A 121 11.59 -11.10 -0.27
N LYS A 122 10.72 -11.96 -0.78
CA LYS A 122 9.86 -11.61 -1.90
C LYS A 122 8.41 -11.46 -1.43
N LEU A 123 7.80 -10.33 -1.75
CA LEU A 123 6.47 -9.98 -1.24
C LEU A 123 5.37 -10.44 -2.20
N VAL A 124 4.48 -11.29 -1.72
CA VAL A 124 3.39 -11.82 -2.54
C VAL A 124 2.08 -11.89 -1.73
N GLU A 125 1.06 -11.19 -2.20
CA GLU A 125 -0.27 -11.32 -1.59
C GLU A 125 -1.07 -12.35 -2.37
N HIS A 126 -1.66 -13.31 -1.67
CA HIS A 126 -2.38 -14.36 -2.36
C HIS A 126 -3.87 -14.02 -2.37
N THR A 127 -4.25 -13.11 -3.26
CA THR A 127 -5.62 -12.69 -3.39
C THR A 127 -6.45 -13.72 -4.13
N GLU A 128 -7.06 -14.62 -3.37
CA GLU A 128 -7.79 -15.74 -3.95
C GLU A 128 -9.28 -15.39 -4.04
N ASN A 129 -9.68 -14.35 -3.34
CA ASN A 129 -11.07 -13.89 -3.35
C ASN A 129 -11.29 -12.90 -4.48
N ASP A 130 -10.27 -12.11 -4.77
CA ASP A 130 -10.32 -11.13 -5.84
C ASP A 130 -8.96 -11.07 -6.52
N ALA A 131 -8.91 -11.55 -7.75
CA ALA A 131 -7.64 -11.72 -8.46
C ALA A 131 -7.15 -10.39 -9.04
N TYR A 132 -6.44 -9.63 -8.22
CA TYR A 132 -5.76 -8.43 -8.66
C TYR A 132 -4.83 -7.93 -7.56
N TRP A 133 -3.71 -7.32 -7.97
CA TRP A 133 -2.72 -6.76 -7.05
C TRP A 133 -1.99 -7.85 -6.27
N GLY A 134 -2.13 -9.10 -6.71
CA GLY A 134 -1.50 -10.18 -6.00
C GLY A 134 -1.35 -11.43 -6.85
N ASP A 135 -1.26 -12.56 -6.19
CA ASP A 135 -1.13 -13.85 -6.87
C ASP A 135 -2.39 -14.17 -7.65
N GLY A 136 -3.53 -13.68 -7.18
CA GLY A 136 -4.78 -13.92 -7.86
C GLY A 136 -5.33 -15.31 -7.59
N GLY A 137 -4.61 -16.07 -6.77
CA GLY A 137 -5.06 -17.39 -6.41
C GLY A 137 -4.59 -18.45 -7.38
N HIS A 138 -3.71 -18.07 -8.30
CA HIS A 138 -3.21 -18.98 -9.33
C HIS A 138 -2.04 -18.36 -10.10
N GLY A 139 -1.33 -17.43 -9.47
CA GLY A 139 -0.18 -16.82 -10.11
C GLY A 139 -0.54 -15.62 -10.98
N LYS A 140 -1.49 -15.80 -11.88
CA LYS A 140 -1.87 -14.76 -12.81
C LYS A 140 -2.96 -13.88 -12.23
N GLY A 141 -2.61 -13.17 -11.17
CA GLY A 141 -3.50 -12.18 -10.59
C GLY A 141 -2.86 -10.81 -10.54
N LYS A 142 -1.76 -10.68 -11.28
CA LYS A 142 -1.00 -9.43 -11.37
C LYS A 142 -0.46 -9.02 -10.00
N ASN A 143 0.64 -9.65 -9.61
CA ASN A 143 1.28 -9.44 -8.30
C ASN A 143 2.02 -8.12 -8.29
N ARG A 144 1.86 -7.36 -9.38
CA ARG A 144 2.44 -6.02 -9.55
C ARG A 144 2.54 -5.24 -8.24
N LEU A 145 1.53 -5.39 -7.37
CA LEU A 145 1.51 -4.67 -6.10
C LEU A 145 2.72 -5.05 -5.23
N GLY A 146 2.91 -6.35 -5.03
CA GLY A 146 4.05 -6.81 -4.25
C GLY A 146 5.36 -6.47 -4.91
N TYR A 147 5.34 -6.32 -6.23
CA TYR A 147 6.51 -5.92 -6.97
C TYR A 147 6.81 -4.44 -6.70
N LEU A 148 5.76 -3.62 -6.70
CA LEU A 148 5.89 -2.21 -6.36
C LEU A 148 6.39 -2.08 -4.93
N LEU A 149 5.85 -2.92 -4.06
CA LEU A 149 6.28 -2.98 -2.67
C LEU A 149 7.75 -3.36 -2.58
N MET A 150 8.18 -4.29 -3.43
CA MET A 150 9.57 -4.70 -3.45
C MET A 150 10.48 -3.61 -3.98
N GLU A 151 10.02 -2.88 -5.00
CA GLU A 151 10.75 -1.72 -5.50
C GLU A 151 10.87 -0.68 -4.40
N LEU A 152 9.75 -0.41 -3.73
CA LEU A 152 9.71 0.54 -2.63
C LEU A 152 10.59 0.07 -1.48
N ARG A 153 10.52 -1.22 -1.19
CA ARG A 153 11.35 -1.84 -0.17
C ARG A 153 12.83 -1.67 -0.49
N GLU A 154 13.17 -1.86 -1.76
CA GLU A 154 14.54 -1.66 -2.23
C GLU A 154 14.92 -0.18 -2.07
N GLN A 155 14.00 0.68 -2.46
CA GLN A 155 14.21 2.12 -2.40
C GLN A 155 14.35 2.60 -0.96
N LEU A 156 13.52 2.06 -0.07
CA LEU A 156 13.55 2.47 1.33
C LEU A 156 14.74 1.86 2.04
N ALA A 157 15.24 0.76 1.50
CA ALA A 157 16.48 0.18 2.00
C ALA A 157 17.63 1.11 1.70
N ILE A 158 17.65 1.64 0.48
CA ILE A 158 18.63 2.65 0.08
C ILE A 158 18.43 3.91 0.92
N GLU A 159 17.17 4.27 1.16
CA GLU A 159 16.82 5.42 1.98
C GLU A 159 17.30 5.21 3.41
N LYS A 160 17.30 3.96 3.86
CA LYS A 160 17.79 3.61 5.17
C LYS A 160 19.31 3.66 5.19
N LEU A 161 19.93 3.11 4.14
CA LEU A 161 21.39 3.17 3.96
C LEU A 161 21.85 4.62 3.86
N GLU A 162 20.91 5.51 3.59
CA GLU A 162 21.16 6.93 3.51
C GLU A 162 21.26 7.56 4.90
N HIS A 163 21.33 6.74 5.94
CA HIS A 163 21.60 7.22 7.31
C HIS A 163 22.90 8.05 7.36
N HIS A 164 22.79 9.29 6.90
CA HIS A 164 23.92 10.20 6.83
C HIS A 164 23.41 11.62 7.04
N HIS A 165 24.33 12.56 7.13
CA HIS A 165 24.00 13.96 6.90
C HIS A 165 24.58 14.34 5.55
N HIS A 166 23.87 13.88 4.51
CA HIS A 166 24.34 13.92 3.12
C HIS A 166 24.77 15.32 2.71
N HIS A 167 23.95 16.30 3.02
CA HIS A 167 24.26 17.68 2.72
C HIS A 167 23.87 18.56 3.90
N HIS A 168 22.85 18.12 4.62
CA HIS A 168 22.36 18.82 5.79
C HIS A 168 21.99 17.82 6.88
N MET A 1 -1.42 -5.29 15.39
CA MET A 1 -2.10 -4.01 15.70
C MET A 1 -1.27 -3.12 16.62
N PRO A 2 -0.73 -3.64 17.76
CA PRO A 2 0.07 -2.83 18.69
C PRO A 2 1.50 -2.58 18.19
N VAL A 3 1.69 -2.75 16.87
CA VAL A 3 2.97 -2.55 16.18
C VAL A 3 4.17 -3.12 16.94
N ARG A 4 4.47 -4.38 16.65
CA ARG A 4 5.61 -5.05 17.25
C ARG A 4 6.76 -5.10 16.26
N ALA A 5 6.41 -5.19 14.97
CA ALA A 5 7.37 -5.25 13.88
C ALA A 5 8.35 -6.41 14.07
N GLN A 6 7.83 -7.63 13.94
CA GLN A 6 8.66 -8.82 14.05
C GLN A 6 9.64 -8.91 12.88
N ARG A 7 10.91 -9.07 13.21
CA ARG A 7 11.97 -9.01 12.21
C ARG A 7 12.41 -10.41 11.77
N ILE A 8 12.69 -10.55 10.48
CA ILE A 8 13.15 -11.81 9.93
C ILE A 8 14.64 -12.02 10.25
N GLN A 9 14.97 -13.23 10.68
CA GLN A 9 16.35 -13.54 11.05
C GLN A 9 17.16 -13.94 9.83
N HIS A 10 16.61 -14.83 9.01
CA HIS A 10 17.31 -15.34 7.85
C HIS A 10 16.37 -15.52 6.67
N VAL A 11 16.62 -14.78 5.60
CA VAL A 11 15.92 -15.00 4.34
C VAL A 11 16.72 -16.01 3.53
N MET A 12 16.08 -16.58 2.53
CA MET A 12 16.70 -17.65 1.75
C MET A 12 16.71 -17.29 0.26
N GLN A 13 16.51 -16.00 -0.03
CA GLN A 13 16.40 -15.49 -1.40
C GLN A 13 15.12 -15.95 -2.06
N ASP A 14 14.96 -17.26 -2.17
CA ASP A 14 13.78 -17.87 -2.75
C ASP A 14 12.64 -17.88 -1.75
N THR A 15 12.68 -16.97 -0.79
CA THR A 15 11.64 -16.85 0.20
C THR A 15 10.48 -16.02 -0.34
N ILE A 16 9.41 -16.69 -0.71
CA ILE A 16 8.22 -16.01 -1.16
C ILE A 16 7.19 -15.97 -0.04
N ILE A 17 7.00 -14.79 0.52
CA ILE A 17 6.15 -14.65 1.68
C ILE A 17 4.73 -14.32 1.25
N ASN A 18 3.82 -15.27 1.48
CA ASN A 18 2.44 -15.13 1.11
C ASN A 18 1.61 -14.73 2.32
N PHE A 19 1.02 -13.55 2.27
CA PHE A 19 0.18 -13.07 3.35
C PHE A 19 -1.28 -12.99 2.90
N TYR A 20 -2.16 -12.69 3.83
CA TYR A 20 -3.57 -12.55 3.54
C TYR A 20 -4.16 -11.40 4.34
N SER A 21 -4.33 -10.26 3.69
CA SER A 21 -4.88 -9.05 4.32
C SER A 21 -4.15 -8.76 5.64
N THR A 22 -4.88 -8.26 6.63
CA THR A 22 -4.28 -7.93 7.92
C THR A 22 -4.02 -9.19 8.75
N SER A 23 -5.09 -9.73 9.35
CA SER A 23 -5.00 -10.95 10.17
C SER A 23 -4.23 -10.71 11.48
N ASP A 24 -2.96 -10.34 11.36
CA ASP A 24 -2.08 -10.17 12.51
C ASP A 24 -1.35 -8.83 12.42
N ASP A 25 -0.30 -8.67 13.22
CA ASP A 25 0.46 -7.41 13.25
C ASP A 25 1.27 -7.25 11.97
N TYR A 26 1.49 -8.37 11.28
CA TYR A 26 2.18 -8.37 10.00
C TYR A 26 1.24 -7.91 8.87
N GLY A 27 -0.02 -7.71 9.23
CA GLY A 27 -1.04 -7.38 8.25
C GLY A 27 -0.92 -5.97 7.67
N ASP A 28 0.07 -5.22 8.13
CA ASP A 28 0.30 -3.86 7.66
C ASP A 28 0.52 -3.82 6.14
N PHE A 29 0.97 -4.94 5.58
CA PHE A 29 1.21 -5.04 4.14
C PHE A 29 -0.09 -4.93 3.36
N SER A 30 -1.21 -5.06 4.04
CA SER A 30 -2.51 -4.87 3.43
C SER A 30 -2.88 -3.39 3.46
N ASN A 31 -3.32 -2.87 2.33
CA ASN A 31 -3.65 -1.45 2.21
C ASN A 31 -4.97 -1.10 2.87
N PHE A 32 -5.55 -2.05 3.60
CA PHE A 32 -6.77 -1.80 4.34
C PHE A 32 -6.44 -1.51 5.81
N ALA A 33 -5.14 -1.45 6.10
CA ALA A 33 -4.68 -1.12 7.44
C ALA A 33 -4.93 0.35 7.75
N ALA A 34 -5.39 0.62 8.98
CA ALA A 34 -5.80 1.96 9.37
C ALA A 34 -4.61 2.79 9.86
N TRP A 35 -3.64 2.97 8.99
CA TRP A 35 -2.50 3.83 9.30
C TRP A 35 -2.65 5.17 8.62
N PRO A 36 -2.84 6.25 9.42
CA PRO A 36 -3.04 7.60 8.91
C PRO A 36 -1.85 8.09 8.09
N ILE A 37 -2.14 8.64 6.92
CA ILE A 37 -1.11 9.14 6.02
C ILE A 37 -1.35 10.59 5.64
N LYS A 38 -0.31 11.39 5.77
CA LYS A 38 -0.36 12.81 5.39
C LYS A 38 -0.02 12.95 3.91
N VAL A 39 -1.06 13.07 3.08
CA VAL A 39 -0.87 13.07 1.63
C VAL A 39 -1.52 14.31 1.01
N ASP A 40 -0.74 15.02 0.20
CA ASP A 40 -1.22 16.19 -0.53
C ASP A 40 -1.73 17.28 0.40
N GLY A 41 -1.29 17.22 1.66
CA GLY A 41 -1.65 18.25 2.61
C GLY A 41 -2.64 17.78 3.65
N LYS A 42 -3.29 16.65 3.44
CA LYS A 42 -4.36 16.24 4.32
C LYS A 42 -4.10 14.85 4.90
N THR A 43 -4.78 14.51 5.98
CA THR A 43 -4.59 13.24 6.64
C THR A 43 -5.64 12.23 6.19
N TRP A 44 -5.19 11.18 5.52
CA TRP A 44 -6.09 10.13 5.06
C TRP A 44 -6.09 8.98 6.06
N PRO A 45 -7.28 8.53 6.49
CA PRO A 45 -7.43 7.49 7.52
C PRO A 45 -6.89 6.14 7.08
N THR A 46 -6.86 5.92 5.77
CA THR A 46 -6.39 4.66 5.20
C THR A 46 -5.89 4.88 3.77
N SER A 47 -5.12 3.95 3.26
CA SER A 47 -4.53 4.06 1.93
C SER A 47 -5.62 4.02 0.84
N GLU A 48 -6.65 3.21 1.05
CA GLU A 48 -7.68 3.03 0.04
C GLU A 48 -8.56 4.28 -0.11
N HIS A 49 -8.61 5.12 0.93
CA HIS A 49 -9.33 6.38 0.85
C HIS A 49 -8.72 7.29 -0.20
N TYR A 50 -7.39 7.37 -0.20
CA TYR A 50 -6.69 8.21 -1.15
C TYR A 50 -6.79 7.63 -2.55
N PHE A 51 -6.63 6.32 -2.64
CA PHE A 51 -6.70 5.63 -3.92
C PHE A 51 -8.06 5.85 -4.59
N GLN A 52 -9.13 5.73 -3.80
CA GLN A 52 -10.48 5.92 -4.32
C GLN A 52 -10.72 7.38 -4.68
N ALA A 53 -10.16 8.29 -3.88
CA ALA A 53 -10.36 9.71 -4.10
C ALA A 53 -9.64 10.21 -5.36
N GLN A 54 -8.45 9.69 -5.59
CA GLN A 54 -7.65 10.13 -6.74
C GLN A 54 -8.10 9.42 -8.02
N LYS A 55 -8.80 8.31 -7.84
CA LYS A 55 -9.35 7.55 -8.97
C LYS A 55 -10.32 8.40 -9.78
N PHE A 56 -10.99 9.32 -9.10
CA PHE A 56 -11.95 10.20 -9.77
C PHE A 56 -11.29 11.53 -10.13
N LEU A 57 -11.49 11.96 -11.36
CA LEU A 57 -11.09 13.30 -11.76
C LEU A 57 -12.23 14.28 -11.48
N ASP A 58 -13.31 13.74 -10.94
CA ASP A 58 -14.41 14.56 -10.44
C ASP A 58 -14.08 14.97 -9.01
N GLU A 59 -13.82 16.24 -8.82
CA GLU A 59 -13.33 16.72 -7.54
C GLU A 59 -14.45 16.83 -6.51
N LYS A 60 -15.68 16.69 -6.95
CA LYS A 60 -16.82 16.73 -6.04
C LYS A 60 -16.87 15.42 -5.25
N TYR A 61 -16.70 14.30 -5.96
CA TYR A 61 -16.57 13.01 -5.30
C TYR A 61 -15.30 12.95 -4.48
N ARG A 62 -14.22 13.54 -5.00
CA ARG A 62 -12.94 13.54 -4.31
C ARG A 62 -13.05 14.26 -2.97
N GLU A 63 -13.84 15.34 -2.93
CA GLU A 63 -14.12 16.04 -1.69
C GLU A 63 -14.83 15.11 -0.71
N GLU A 64 -15.86 14.43 -1.20
CA GLU A 64 -16.67 13.54 -0.38
C GLU A 64 -15.83 12.42 0.21
N ILE A 65 -15.06 11.76 -0.64
CA ILE A 65 -14.25 10.61 -0.24
C ILE A 65 -13.17 11.00 0.78
N ARG A 66 -12.73 12.26 0.71
CA ARG A 66 -11.71 12.76 1.65
C ARG A 66 -12.32 13.04 3.02
N ARG A 67 -13.63 13.30 3.05
CA ARG A 67 -14.29 13.71 4.29
C ARG A 67 -14.88 12.51 5.03
N VAL A 68 -14.99 11.37 4.35
CA VAL A 68 -15.54 10.19 4.98
C VAL A 68 -14.45 9.41 5.73
N SER A 69 -14.74 9.04 6.96
CA SER A 69 -13.81 8.25 7.75
C SER A 69 -14.07 6.76 7.50
N SER A 70 -15.13 6.48 6.76
CA SER A 70 -15.53 5.11 6.47
C SER A 70 -14.83 4.56 5.24
N PRO A 71 -14.00 3.53 5.41
CA PRO A 71 -13.27 2.89 4.32
C PRO A 71 -14.19 2.14 3.37
N MET A 72 -15.02 1.26 3.91
CA MET A 72 -15.88 0.40 3.10
C MET A 72 -16.85 1.23 2.27
N VAL A 73 -17.37 2.28 2.87
CA VAL A 73 -18.29 3.19 2.18
C VAL A 73 -17.57 3.88 1.02
N ALA A 74 -16.31 4.26 1.26
CA ALA A 74 -15.50 4.91 0.24
C ALA A 74 -15.19 3.95 -0.90
N ALA A 75 -14.69 2.77 -0.55
CA ALA A 75 -14.32 1.76 -1.52
C ALA A 75 -15.51 1.38 -2.41
N ARG A 76 -16.69 1.27 -1.80
CA ARG A 76 -17.87 0.85 -2.54
C ARG A 76 -18.26 1.89 -3.59
N MET A 77 -18.43 3.14 -3.18
CA MET A 77 -18.84 4.19 -4.10
C MET A 77 -17.68 4.61 -4.99
N GLY A 78 -16.47 4.30 -4.56
CA GLY A 78 -15.29 4.63 -5.34
C GLY A 78 -15.02 3.60 -6.40
N ARG A 79 -15.55 2.39 -6.20
CA ARG A 79 -15.41 1.30 -7.16
C ARG A 79 -16.29 1.54 -8.38
N ASP A 80 -17.14 2.56 -8.28
CA ASP A 80 -18.05 2.95 -9.36
C ASP A 80 -17.30 3.13 -10.67
N ARG A 81 -17.83 2.54 -11.73
CA ARG A 81 -17.19 2.59 -13.05
C ARG A 81 -18.04 3.41 -14.01
N SER A 82 -19.24 3.79 -13.56
CA SER A 82 -20.16 4.55 -14.40
C SER A 82 -19.77 6.02 -14.41
N LYS A 83 -18.99 6.42 -13.41
CA LYS A 83 -18.48 7.78 -13.32
C LYS A 83 -17.36 8.00 -14.33
N PRO A 84 -17.04 9.27 -14.64
CA PRO A 84 -15.96 9.59 -15.57
C PRO A 84 -14.59 9.14 -15.05
N LEU A 85 -13.99 8.20 -15.75
CA LEU A 85 -12.67 7.71 -15.39
C LEU A 85 -11.59 8.54 -16.08
N ARG A 86 -10.36 8.39 -15.65
CA ARG A 86 -9.26 9.15 -16.21
C ARG A 86 -8.72 8.45 -17.45
N LYS A 87 -8.33 9.22 -18.45
CA LYS A 87 -7.80 8.66 -19.70
C LYS A 87 -6.57 7.81 -19.43
N ASN A 88 -5.64 8.35 -18.66
CA ASN A 88 -4.40 7.64 -18.33
C ASN A 88 -4.51 6.93 -16.99
N TRP A 89 -5.72 6.47 -16.66
CA TRP A 89 -5.98 5.81 -15.39
C TRP A 89 -5.05 4.61 -15.16
N GLU A 90 -4.86 3.79 -16.19
CA GLU A 90 -4.03 2.58 -16.03
C GLU A 90 -2.55 2.94 -15.85
N SER A 91 -2.19 4.15 -16.23
CA SER A 91 -0.82 4.61 -16.12
C SER A 91 -0.58 5.27 -14.76
N VAL A 92 -1.52 6.11 -14.33
CA VAL A 92 -1.41 6.78 -13.05
C VAL A 92 -1.79 5.84 -11.91
N LYS A 93 -2.47 4.76 -12.26
CA LYS A 93 -2.84 3.71 -11.31
C LYS A 93 -1.63 3.26 -10.52
N GLU A 94 -0.57 2.95 -11.24
CA GLU A 94 0.67 2.48 -10.67
C GLU A 94 1.29 3.53 -9.76
N GLN A 95 1.19 4.79 -10.18
CA GLN A 95 1.85 5.89 -9.49
C GLN A 95 1.07 6.31 -8.25
N VAL A 96 -0.24 6.40 -8.37
CA VAL A 96 -1.10 6.74 -7.23
C VAL A 96 -0.95 5.70 -6.13
N MET A 97 -0.91 4.43 -6.53
CA MET A 97 -0.72 3.35 -5.58
C MET A 97 0.64 3.48 -4.89
N ARG A 98 1.69 3.75 -5.68
CA ARG A 98 3.02 3.94 -5.11
C ARG A 98 3.06 5.14 -4.18
N LYS A 99 2.36 6.20 -4.57
CA LYS A 99 2.31 7.42 -3.76
C LYS A 99 1.69 7.13 -2.39
N ALA A 100 0.60 6.38 -2.39
CA ALA A 100 -0.06 5.99 -1.15
C ALA A 100 0.83 5.04 -0.35
N LEU A 101 1.42 4.06 -1.04
CA LEU A 101 2.31 3.09 -0.41
C LEU A 101 3.50 3.80 0.22
N ARG A 102 4.15 4.66 -0.54
CA ARG A 102 5.32 5.38 -0.06
C ARG A 102 4.98 6.20 1.16
N ALA A 103 3.89 6.96 1.07
CA ALA A 103 3.46 7.80 2.18
C ALA A 103 3.24 6.97 3.44
N LYS A 104 2.69 5.79 3.25
CA LYS A 104 2.32 4.93 4.36
C LYS A 104 3.57 4.33 5.03
N PHE A 105 4.51 3.82 4.23
CA PHE A 105 5.71 3.20 4.78
C PHE A 105 6.79 4.23 5.15
N GLU A 106 6.95 5.26 4.35
CA GLU A 106 8.03 6.21 4.55
C GLU A 106 7.74 7.17 5.71
N GLN A 107 6.48 7.53 5.90
CA GLN A 107 6.11 8.43 6.99
C GLN A 107 5.92 7.67 8.30
N HIS A 108 6.07 6.35 8.23
CA HIS A 108 5.97 5.51 9.41
C HIS A 108 7.21 4.63 9.54
N ALA A 109 8.14 5.04 10.39
CA ALA A 109 9.38 4.30 10.62
C ALA A 109 9.08 2.87 11.06
N GLU A 110 7.98 2.71 11.78
CA GLU A 110 7.54 1.42 12.25
C GLU A 110 7.35 0.46 11.08
N LEU A 111 6.62 0.94 10.08
CA LEU A 111 6.24 0.13 8.94
C LEU A 111 7.41 -0.03 7.99
N ARG A 112 8.27 0.98 7.93
CA ARG A 112 9.48 0.91 7.13
C ARG A 112 10.34 -0.26 7.60
N ALA A 113 10.48 -0.40 8.91
CA ALA A 113 11.25 -1.48 9.50
C ALA A 113 10.66 -2.83 9.11
N LEU A 114 9.35 -2.95 9.25
CA LEU A 114 8.64 -4.17 8.90
C LEU A 114 8.85 -4.52 7.43
N LEU A 115 8.67 -3.53 6.56
CA LEU A 115 8.83 -3.71 5.12
C LEU A 115 10.24 -4.12 4.76
N LEU A 116 11.22 -3.37 5.25
CA LEU A 116 12.62 -3.60 4.91
C LEU A 116 13.17 -4.88 5.52
N ALA A 117 12.43 -5.43 6.48
CA ALA A 117 12.84 -6.68 7.10
C ALA A 117 12.65 -7.87 6.16
N THR A 118 11.77 -7.72 5.17
CA THR A 118 11.46 -8.80 4.24
C THR A 118 12.54 -8.94 3.17
N ALA A 119 13.19 -7.83 2.84
CA ALA A 119 14.20 -7.81 1.78
C ALA A 119 15.26 -8.89 1.96
N PRO A 120 15.65 -9.58 0.88
CA PRO A 120 15.07 -9.44 -0.46
C PRO A 120 14.07 -10.55 -0.82
N ALA A 121 13.21 -10.92 0.13
CA ALA A 121 12.19 -11.94 -0.12
C ALA A 121 11.12 -11.42 -1.08
N LYS A 122 10.41 -12.33 -1.72
CA LYS A 122 9.39 -11.95 -2.68
C LYS A 122 8.04 -11.75 -2.00
N LEU A 123 7.49 -10.55 -2.14
CA LEU A 123 6.22 -10.21 -1.50
C LEU A 123 5.05 -10.53 -2.43
N VAL A 124 4.30 -11.56 -2.10
CA VAL A 124 3.16 -11.98 -2.91
C VAL A 124 1.97 -12.34 -2.02
N GLU A 125 0.88 -11.60 -2.17
CA GLU A 125 -0.34 -11.95 -1.46
C GLU A 125 -1.16 -12.89 -2.33
N HIS A 126 -1.25 -14.14 -1.92
CA HIS A 126 -2.02 -15.11 -2.68
C HIS A 126 -3.49 -14.99 -2.34
N THR A 127 -4.13 -13.97 -2.90
CA THR A 127 -5.55 -13.79 -2.76
C THR A 127 -6.24 -14.48 -3.92
N GLU A 128 -6.73 -15.68 -3.66
CA GLU A 128 -7.26 -16.54 -4.70
C GLU A 128 -8.68 -16.13 -5.09
N ASN A 129 -9.30 -15.33 -4.24
CA ASN A 129 -10.64 -14.82 -4.51
C ASN A 129 -10.58 -13.39 -5.01
N ASP A 130 -10.94 -13.20 -6.27
CA ASP A 130 -10.89 -11.90 -6.95
C ASP A 130 -9.46 -11.47 -7.25
N ALA A 131 -9.11 -11.48 -8.53
CA ALA A 131 -7.78 -11.11 -8.96
C ALA A 131 -7.65 -9.60 -9.15
N TYR A 132 -7.19 -8.90 -8.12
CA TYR A 132 -6.99 -7.46 -8.20
C TYR A 132 -6.02 -7.00 -7.12
N TRP A 133 -4.84 -6.57 -7.55
CA TRP A 133 -3.76 -6.13 -6.64
C TRP A 133 -3.17 -7.30 -5.86
N GLY A 134 -3.58 -8.50 -6.24
CA GLY A 134 -3.06 -9.70 -5.61
C GLY A 134 -2.52 -10.63 -6.67
N ASP A 135 -2.37 -11.90 -6.37
CA ASP A 135 -1.91 -12.84 -7.38
C ASP A 135 -3.10 -13.42 -8.13
N GLY A 136 -4.29 -13.23 -7.57
CA GLY A 136 -5.50 -13.72 -8.21
C GLY A 136 -5.59 -15.22 -8.20
N GLY A 137 -4.80 -15.84 -7.34
CA GLY A 137 -4.78 -17.27 -7.22
C GLY A 137 -3.79 -17.95 -8.14
N HIS A 138 -2.91 -17.18 -8.78
CA HIS A 138 -1.91 -17.75 -9.68
C HIS A 138 -0.75 -16.79 -9.96
N GLY A 139 -1.03 -15.50 -10.08
CA GLY A 139 0.02 -14.54 -10.35
C GLY A 139 -0.50 -13.38 -11.18
N LYS A 140 -1.20 -13.72 -12.26
CA LYS A 140 -1.81 -12.72 -13.14
C LYS A 140 -3.07 -12.14 -12.49
N GLY A 141 -2.89 -11.55 -11.33
CA GLY A 141 -3.96 -10.86 -10.65
C GLY A 141 -3.55 -9.44 -10.32
N LYS A 142 -2.46 -9.02 -10.97
CA LYS A 142 -1.82 -7.73 -10.70
C LYS A 142 -1.17 -7.71 -9.33
N ASN A 143 -0.27 -8.66 -9.10
CA ASN A 143 0.54 -8.70 -7.88
C ASN A 143 1.53 -7.54 -7.88
N ARG A 144 1.42 -6.69 -8.89
CA ARG A 144 2.24 -5.48 -9.03
C ARG A 144 2.17 -4.64 -7.75
N LEU A 145 1.15 -4.90 -6.91
CA LEU A 145 1.09 -4.30 -5.59
C LEU A 145 2.34 -4.71 -4.79
N GLY A 146 2.53 -6.02 -4.64
CA GLY A 146 3.72 -6.53 -3.99
C GLY A 146 4.99 -6.12 -4.72
N TYR A 147 4.88 -5.94 -6.03
CA TYR A 147 6.01 -5.48 -6.83
C TYR A 147 6.35 -4.04 -6.47
N LEU A 148 5.34 -3.21 -6.27
CA LEU A 148 5.54 -1.83 -5.84
C LEU A 148 6.08 -1.79 -4.42
N LEU A 149 5.65 -2.76 -3.61
CA LEU A 149 6.21 -2.93 -2.28
C LEU A 149 7.71 -3.21 -2.37
N MET A 150 8.10 -4.03 -3.35
CA MET A 150 9.50 -4.31 -3.63
C MET A 150 10.20 -3.00 -4.04
N GLU A 151 9.61 -2.33 -5.02
CA GLU A 151 10.13 -1.05 -5.52
C GLU A 151 10.47 -0.10 -4.38
N LEU A 152 9.48 0.14 -3.52
CA LEU A 152 9.64 1.06 -2.40
C LEU A 152 10.61 0.50 -1.36
N ARG A 153 10.52 -0.80 -1.11
CA ARG A 153 11.35 -1.45 -0.11
C ARG A 153 12.84 -1.26 -0.43
N GLU A 154 13.22 -1.55 -1.67
CA GLU A 154 14.61 -1.41 -2.10
C GLU A 154 15.05 0.06 -1.95
N GLN A 155 14.19 0.95 -2.41
CA GLN A 155 14.47 2.38 -2.39
C GLN A 155 14.70 2.89 -0.96
N LEU A 156 13.90 2.41 -0.02
CA LEU A 156 14.04 2.82 1.38
C LEU A 156 15.21 2.10 2.03
N ALA A 157 15.47 0.87 1.58
CA ALA A 157 16.56 0.07 2.13
C ALA A 157 17.91 0.71 1.86
N ILE A 158 18.11 1.18 0.64
CA ILE A 158 19.37 1.80 0.24
C ILE A 158 19.71 2.99 1.14
N GLU A 159 18.70 3.78 1.49
CA GLU A 159 18.93 4.94 2.37
C GLU A 159 19.01 4.53 3.83
N LYS A 160 18.72 3.27 4.11
CA LYS A 160 18.91 2.73 5.46
C LYS A 160 20.37 2.32 5.62
N LEU A 161 20.99 1.99 4.50
CA LEU A 161 22.43 1.71 4.46
C LEU A 161 23.20 3.01 4.68
N GLU A 162 22.51 4.13 4.53
CA GLU A 162 23.10 5.45 4.68
C GLU A 162 23.15 5.88 6.15
N HIS A 163 22.87 4.94 7.06
CA HIS A 163 22.92 5.23 8.49
C HIS A 163 24.36 5.30 9.01
N HIS A 164 25.30 5.56 8.11
CA HIS A 164 26.71 5.58 8.44
C HIS A 164 27.06 6.81 9.27
N HIS A 165 27.11 6.64 10.59
CA HIS A 165 27.55 7.70 11.50
C HIS A 165 28.41 7.11 12.61
N HIS A 166 29.69 7.48 12.63
CA HIS A 166 30.60 7.00 13.66
C HIS A 166 31.57 8.10 14.10
N HIS A 167 31.45 9.27 13.47
CA HIS A 167 32.29 10.41 13.83
C HIS A 167 31.43 11.60 14.23
N HIS A 168 31.78 12.21 15.36
CA HIS A 168 31.07 13.37 15.88
C HIS A 168 31.75 13.85 17.15
N MET A 1 -1.76 -4.25 19.20
CA MET A 1 -1.12 -3.72 17.97
C MET A 1 0.35 -3.39 18.22
N PRO A 2 1.18 -4.41 18.54
CA PRO A 2 2.60 -4.24 18.76
C PRO A 2 3.39 -4.39 17.47
N VAL A 3 3.89 -3.29 16.95
CA VAL A 3 4.55 -3.31 15.66
C VAL A 3 6.01 -3.72 15.81
N ARG A 4 6.21 -4.94 16.28
CA ARG A 4 7.55 -5.50 16.40
C ARG A 4 8.08 -5.94 15.03
N ALA A 5 8.58 -4.97 14.29
CA ALA A 5 9.10 -5.20 12.95
C ALA A 5 10.26 -6.19 12.96
N GLN A 6 11.28 -5.86 13.74
CA GLN A 6 12.48 -6.69 13.80
C GLN A 6 12.30 -7.84 14.78
N ARG A 7 11.66 -8.90 14.29
CA ARG A 7 11.46 -10.11 15.08
C ARG A 7 12.06 -11.33 14.39
N ILE A 8 12.14 -11.26 13.05
CA ILE A 8 12.71 -12.34 12.28
C ILE A 8 14.15 -11.99 11.91
N GLN A 9 15.09 -12.82 12.35
CA GLN A 9 16.51 -12.57 12.12
C GLN A 9 16.80 -12.65 10.62
N HIS A 10 16.52 -13.81 10.05
CA HIS A 10 16.63 -14.01 8.61
C HIS A 10 15.30 -14.51 8.06
N VAL A 11 14.83 -13.88 7.00
CA VAL A 11 13.63 -14.34 6.31
C VAL A 11 13.92 -15.59 5.48
N MET A 12 15.10 -16.15 5.69
CA MET A 12 15.54 -17.34 4.97
C MET A 12 15.80 -16.99 3.51
N GLN A 13 15.82 -18.00 2.65
CA GLN A 13 16.11 -17.80 1.25
C GLN A 13 15.03 -18.43 0.39
N ASP A 14 14.67 -17.76 -0.71
CA ASP A 14 13.61 -18.22 -1.60
C ASP A 14 12.28 -18.33 -0.85
N THR A 15 12.14 -17.51 0.18
CA THR A 15 10.97 -17.53 1.02
C THR A 15 9.92 -16.53 0.54
N ILE A 16 8.72 -17.04 0.29
CA ILE A 16 7.62 -16.19 -0.10
C ILE A 16 6.73 -15.94 1.11
N ILE A 17 6.63 -14.69 1.52
CA ILE A 17 5.76 -14.34 2.63
C ILE A 17 4.38 -14.00 2.10
N ASN A 18 3.51 -15.00 2.15
CA ASN A 18 2.16 -14.86 1.63
C ASN A 18 1.17 -14.63 2.76
N PHE A 19 0.35 -13.61 2.59
CA PHE A 19 -0.69 -13.28 3.55
C PHE A 19 -2.00 -13.06 2.82
N TYR A 20 -3.07 -12.80 3.55
CA TYR A 20 -4.34 -12.52 2.91
C TYR A 20 -5.06 -11.38 3.61
N SER A 21 -5.01 -10.22 2.97
CA SER A 21 -5.63 -9.01 3.50
C SER A 21 -4.97 -8.62 4.82
N THR A 22 -5.70 -7.89 5.65
CA THR A 22 -5.15 -7.41 6.91
C THR A 22 -5.05 -8.54 7.93
N SER A 23 -5.73 -9.65 7.68
CA SER A 23 -5.73 -10.82 8.56
C SER A 23 -5.96 -10.42 10.01
N ASP A 24 -4.87 -10.24 10.76
CA ASP A 24 -4.94 -9.74 12.13
C ASP A 24 -3.59 -9.23 12.58
N ASP A 25 -3.51 -7.93 12.83
CA ASP A 25 -2.30 -7.28 13.39
C ASP A 25 -1.14 -7.27 12.40
N TYR A 26 -0.59 -8.45 12.12
CA TYR A 26 0.59 -8.58 11.28
C TYR A 26 0.23 -8.47 9.79
N GLY A 27 -1.05 -8.31 9.53
CA GLY A 27 -1.54 -8.10 8.18
C GLY A 27 -1.23 -6.70 7.67
N ASP A 28 -0.59 -5.90 8.52
CA ASP A 28 -0.26 -4.49 8.24
C ASP A 28 0.34 -4.28 6.85
N PHE A 29 1.02 -5.31 6.33
CA PHE A 29 1.58 -5.26 4.98
C PHE A 29 0.54 -4.89 3.94
N SER A 30 -0.67 -5.41 4.11
CA SER A 30 -1.75 -5.20 3.16
C SER A 30 -2.10 -3.72 3.05
N ASN A 31 -2.43 -3.29 1.85
CA ASN A 31 -2.77 -1.90 1.58
C ASN A 31 -4.03 -1.47 2.32
N PHE A 32 -4.95 -2.43 2.50
CA PHE A 32 -6.24 -2.16 3.13
C PHE A 32 -6.09 -2.04 4.64
N ALA A 33 -4.86 -2.00 5.13
CA ALA A 33 -4.59 -1.85 6.55
C ALA A 33 -4.89 -0.43 7.01
N ALA A 34 -5.43 -0.30 8.21
CA ALA A 34 -5.87 0.97 8.74
C ALA A 34 -4.68 1.75 9.31
N TRP A 35 -3.76 2.07 8.43
CA TRP A 35 -2.62 2.92 8.77
C TRP A 35 -2.81 4.30 8.16
N PRO A 36 -3.23 5.29 8.99
CA PRO A 36 -3.48 6.65 8.53
C PRO A 36 -2.26 7.27 7.86
N ILE A 37 -2.48 7.84 6.68
CA ILE A 37 -1.40 8.45 5.92
C ILE A 37 -1.69 9.92 5.64
N LYS A 38 -0.73 10.76 6.00
CA LYS A 38 -0.81 12.18 5.70
C LYS A 38 -0.20 12.43 4.33
N VAL A 39 -1.05 12.64 3.33
CA VAL A 39 -0.59 12.76 1.95
C VAL A 39 -1.14 14.03 1.32
N ASP A 40 -0.23 14.85 0.79
CA ASP A 40 -0.60 16.08 0.08
C ASP A 40 -1.32 17.06 0.99
N GLY A 41 -1.10 16.92 2.29
CA GLY A 41 -1.75 17.79 3.24
C GLY A 41 -3.14 17.31 3.60
N LYS A 42 -3.46 16.08 3.22
CA LYS A 42 -4.75 15.49 3.52
C LYS A 42 -4.56 14.28 4.43
N THR A 43 -5.58 13.95 5.20
CA THR A 43 -5.50 12.79 6.09
C THR A 43 -6.31 11.63 5.53
N TRP A 44 -5.63 10.63 5.01
CA TRP A 44 -6.29 9.48 4.44
C TRP A 44 -6.17 8.29 5.39
N PRO A 45 -7.32 7.73 5.82
CA PRO A 45 -7.35 6.57 6.72
C PRO A 45 -6.63 5.35 6.14
N THR A 46 -6.73 5.19 4.83
CA THR A 46 -6.12 4.07 4.13
C THR A 46 -5.66 4.51 2.74
N SER A 47 -4.81 3.70 2.11
CA SER A 47 -4.29 4.01 0.78
C SER A 47 -5.41 4.05 -0.26
N GLU A 48 -6.46 3.26 -0.03
CA GLU A 48 -7.57 3.16 -0.96
C GLU A 48 -8.30 4.49 -1.07
N HIS A 49 -8.26 5.26 0.00
CA HIS A 49 -8.93 6.56 0.02
C HIS A 49 -8.28 7.50 -0.99
N TYR A 50 -6.95 7.56 -0.98
CA TYR A 50 -6.21 8.38 -1.93
C TYR A 50 -6.31 7.77 -3.32
N PHE A 51 -6.30 6.44 -3.36
CA PHE A 51 -6.44 5.69 -4.60
C PHE A 51 -7.75 6.04 -5.31
N GLN A 52 -8.82 6.17 -4.53
CA GLN A 52 -10.11 6.54 -5.10
C GLN A 52 -10.13 8.02 -5.45
N ALA A 53 -9.66 8.86 -4.53
CA ALA A 53 -9.67 10.31 -4.70
C ALA A 53 -8.92 10.74 -5.96
N GLN A 54 -7.81 10.07 -6.24
CA GLN A 54 -7.02 10.41 -7.41
C GLN A 54 -7.54 9.73 -8.66
N LYS A 55 -8.25 8.60 -8.49
CA LYS A 55 -8.93 7.96 -9.61
C LYS A 55 -9.96 8.91 -10.21
N PHE A 56 -10.68 9.60 -9.35
CA PHE A 56 -11.67 10.57 -9.78
C PHE A 56 -11.00 11.86 -10.22
N LEU A 57 -11.43 12.39 -11.35
CA LEU A 57 -10.92 13.67 -11.82
C LEU A 57 -11.89 14.78 -11.42
N ASP A 58 -12.81 14.43 -10.54
CA ASP A 58 -13.80 15.38 -10.03
C ASP A 58 -13.35 15.91 -8.67
N GLU A 59 -13.34 17.23 -8.54
CA GLU A 59 -12.84 17.85 -7.32
C GLU A 59 -13.78 17.63 -6.13
N LYS A 60 -15.07 17.59 -6.39
CA LYS A 60 -16.04 17.41 -5.31
C LYS A 60 -15.93 16.00 -4.72
N TYR A 61 -15.66 15.03 -5.58
CA TYR A 61 -15.51 13.65 -5.13
C TYR A 61 -14.15 13.41 -4.49
N ARG A 62 -13.14 14.18 -4.91
CA ARG A 62 -11.83 14.07 -4.28
C ARG A 62 -11.93 14.38 -2.79
N GLU A 63 -12.53 15.51 -2.47
CA GLU A 63 -12.68 15.93 -1.08
C GLU A 63 -13.78 15.11 -0.39
N GLU A 64 -14.65 14.51 -1.19
CA GLU A 64 -15.70 13.63 -0.67
C GLU A 64 -15.09 12.34 -0.13
N ILE A 65 -14.17 11.77 -0.90
CA ILE A 65 -13.49 10.55 -0.49
C ILE A 65 -12.48 10.85 0.62
N ARG A 66 -12.11 12.11 0.71
CA ARG A 66 -11.30 12.57 1.84
C ARG A 66 -12.15 12.63 3.11
N ARG A 67 -13.45 12.84 2.93
CA ARG A 67 -14.39 13.00 4.03
C ARG A 67 -14.74 11.65 4.64
N VAL A 68 -14.97 10.66 3.77
CA VAL A 68 -15.41 9.35 4.21
C VAL A 68 -14.36 8.65 5.07
N SER A 69 -14.74 8.31 6.29
CA SER A 69 -13.83 7.62 7.20
C SER A 69 -13.73 6.15 6.84
N SER A 70 -14.87 5.55 6.51
CA SER A 70 -14.93 4.12 6.22
C SER A 70 -14.26 3.79 4.89
N PRO A 71 -13.32 2.83 4.91
CA PRO A 71 -12.64 2.37 3.69
C PRO A 71 -13.59 1.66 2.74
N MET A 72 -14.61 1.00 3.31
CA MET A 72 -15.57 0.25 2.51
C MET A 72 -16.47 1.20 1.72
N VAL A 73 -16.83 2.32 2.32
CA VAL A 73 -17.63 3.32 1.63
C VAL A 73 -16.79 4.03 0.57
N ALA A 74 -15.50 4.18 0.84
CA ALA A 74 -14.57 4.71 -0.15
C ALA A 74 -14.45 3.76 -1.33
N ALA A 75 -14.44 2.47 -1.04
CA ALA A 75 -14.43 1.46 -2.08
C ALA A 75 -15.73 1.51 -2.88
N ARG A 76 -16.82 1.83 -2.18
CA ARG A 76 -18.13 1.97 -2.79
C ARG A 76 -18.13 3.09 -3.84
N MET A 77 -17.34 4.13 -3.57
CA MET A 77 -17.21 5.25 -4.50
C MET A 77 -16.64 4.77 -5.84
N GLY A 78 -15.54 4.04 -5.78
CA GLY A 78 -14.89 3.57 -6.99
C GLY A 78 -15.61 2.37 -7.61
N ARG A 79 -16.31 1.62 -6.78
CA ARG A 79 -17.03 0.42 -7.24
C ARG A 79 -18.39 0.80 -7.80
N ASP A 80 -18.69 2.09 -7.77
CA ASP A 80 -19.98 2.61 -8.23
C ASP A 80 -20.13 2.44 -9.74
N ARG A 81 -19.00 2.52 -10.43
CA ARG A 81 -18.91 2.29 -11.88
C ARG A 81 -19.46 3.48 -12.68
N SER A 82 -20.62 3.98 -12.29
CA SER A 82 -21.27 5.08 -12.98
C SER A 82 -20.68 6.43 -12.54
N LYS A 83 -19.37 6.46 -12.36
CA LYS A 83 -18.68 7.65 -11.93
C LYS A 83 -17.58 8.03 -12.94
N PRO A 84 -17.26 9.32 -13.05
CA PRO A 84 -16.26 9.78 -14.02
C PRO A 84 -14.83 9.38 -13.64
N LEU A 85 -14.31 8.40 -14.35
CA LEU A 85 -12.92 8.00 -14.19
C LEU A 85 -12.04 8.85 -15.08
N ARG A 86 -10.83 9.16 -14.63
CA ARG A 86 -9.95 10.06 -15.38
C ARG A 86 -9.36 9.37 -16.60
N LYS A 87 -8.82 10.17 -17.50
CA LYS A 87 -8.33 9.70 -18.80
C LYS A 87 -7.11 8.80 -18.66
N ASN A 88 -6.20 9.17 -17.76
CA ASN A 88 -4.92 8.48 -17.64
C ASN A 88 -4.92 7.51 -16.45
N TRP A 89 -6.10 7.07 -16.04
CA TRP A 89 -6.22 6.23 -14.86
C TRP A 89 -5.41 4.93 -15.00
N GLU A 90 -5.54 4.26 -16.14
CA GLU A 90 -4.88 2.98 -16.34
C GLU A 90 -3.36 3.08 -16.21
N SER A 91 -2.82 4.24 -16.52
CA SER A 91 -1.37 4.44 -16.49
C SER A 91 -0.89 4.91 -15.12
N VAL A 92 -1.77 5.53 -14.34
CA VAL A 92 -1.37 6.09 -13.05
C VAL A 92 -1.90 5.28 -11.87
N LYS A 93 -2.73 4.28 -12.17
CA LYS A 93 -3.34 3.45 -11.13
C LYS A 93 -2.30 2.93 -10.14
N GLU A 94 -1.26 2.31 -10.65
CA GLU A 94 -0.21 1.74 -9.81
C GLU A 94 0.64 2.84 -9.17
N GLN A 95 0.77 3.98 -9.85
CA GLN A 95 1.58 5.08 -9.34
C GLN A 95 0.91 5.74 -8.14
N VAL A 96 -0.40 5.95 -8.25
CA VAL A 96 -1.18 6.51 -7.14
C VAL A 96 -1.08 5.62 -5.92
N MET A 97 -1.26 4.32 -6.12
CA MET A 97 -1.17 3.35 -5.05
C MET A 97 0.25 3.31 -4.48
N ARG A 98 1.25 3.33 -5.37
CA ARG A 98 2.65 3.28 -4.95
C ARG A 98 3.03 4.53 -4.15
N LYS A 99 2.44 5.66 -4.50
CA LYS A 99 2.66 6.89 -3.75
C LYS A 99 2.05 6.77 -2.35
N ALA A 100 0.83 6.26 -2.29
CA ALA A 100 0.13 6.06 -1.04
C ALA A 100 0.89 5.07 -0.16
N LEU A 101 1.39 4.00 -0.77
CA LEU A 101 2.17 2.99 -0.06
C LEU A 101 3.48 3.58 0.44
N ARG A 102 4.04 4.54 -0.32
CA ARG A 102 5.28 5.19 0.07
C ARG A 102 5.06 5.98 1.36
N ALA A 103 3.95 6.70 1.41
CA ALA A 103 3.59 7.44 2.60
C ALA A 103 3.22 6.49 3.75
N LYS A 104 2.63 5.35 3.38
CA LYS A 104 2.22 4.35 4.35
C LYS A 104 3.43 3.77 5.09
N PHE A 105 4.46 3.40 4.34
CA PHE A 105 5.63 2.78 4.93
C PHE A 105 6.64 3.80 5.43
N GLU A 106 6.90 4.84 4.66
CA GLU A 106 7.94 5.80 5.02
C GLU A 106 7.55 6.62 6.25
N GLN A 107 6.29 7.08 6.29
CA GLN A 107 5.83 7.95 7.36
C GLN A 107 5.49 7.15 8.61
N HIS A 108 5.63 5.84 8.53
CA HIS A 108 5.52 4.97 9.70
C HIS A 108 6.81 4.17 9.82
N ALA A 109 7.72 4.65 10.65
CA ALA A 109 9.07 4.10 10.74
C ALA A 109 9.05 2.60 11.01
N GLU A 110 8.11 2.16 11.84
CA GLU A 110 7.96 0.75 12.15
C GLU A 110 7.73 -0.07 10.88
N LEU A 111 6.84 0.42 10.01
CA LEU A 111 6.51 -0.28 8.78
C LEU A 111 7.70 -0.25 7.83
N ARG A 112 8.36 0.90 7.74
CA ARG A 112 9.52 1.05 6.88
C ARG A 112 10.62 0.08 7.30
N ALA A 113 10.86 -0.02 8.60
CA ALA A 113 11.86 -0.94 9.13
C ALA A 113 11.46 -2.38 8.84
N LEU A 114 10.18 -2.68 9.03
CA LEU A 114 9.65 -4.01 8.77
C LEU A 114 9.81 -4.37 7.29
N LEU A 115 9.42 -3.46 6.42
CA LEU A 115 9.50 -3.66 4.98
C LEU A 115 10.94 -3.96 4.57
N LEU A 116 11.89 -3.21 5.12
CA LEU A 116 13.29 -3.39 4.76
C LEU A 116 13.81 -4.73 5.28
N ALA A 117 13.33 -5.14 6.44
CA ALA A 117 13.80 -6.36 7.08
C ALA A 117 13.23 -7.61 6.40
N THR A 118 12.18 -7.44 5.59
CA THR A 118 11.54 -8.60 4.97
C THR A 118 12.29 -9.05 3.72
N ALA A 119 13.09 -8.18 3.12
CA ALA A 119 13.91 -8.59 1.98
C ALA A 119 14.94 -9.64 2.42
N PRO A 120 15.30 -10.57 1.53
CA PRO A 120 14.81 -10.64 0.16
C PRO A 120 13.60 -11.57 -0.01
N ALA A 121 12.76 -11.67 1.01
CA ALA A 121 11.56 -12.48 0.92
C ALA A 121 10.54 -11.79 0.02
N LYS A 122 9.84 -12.59 -0.78
CA LYS A 122 8.89 -12.04 -1.74
C LYS A 122 7.52 -11.82 -1.09
N LEU A 123 7.08 -10.57 -1.09
CA LEU A 123 5.80 -10.22 -0.48
C LEU A 123 4.66 -10.56 -1.42
N VAL A 124 3.72 -11.37 -0.95
CA VAL A 124 2.60 -11.79 -1.78
C VAL A 124 1.27 -11.65 -1.04
N GLU A 125 0.42 -10.76 -1.56
CA GLU A 125 -0.97 -10.70 -1.16
C GLU A 125 -1.70 -11.83 -1.89
N HIS A 126 -2.24 -12.78 -1.15
CA HIS A 126 -2.82 -13.96 -1.78
C HIS A 126 -4.28 -13.69 -2.11
N THR A 127 -4.48 -12.93 -3.18
CA THR A 127 -5.81 -12.60 -3.62
C THR A 127 -6.44 -13.78 -4.33
N GLU A 128 -7.23 -14.53 -3.58
CA GLU A 128 -7.84 -15.74 -4.10
C GLU A 128 -9.22 -15.44 -4.64
N ASN A 129 -9.74 -14.28 -4.25
CA ASN A 129 -11.03 -13.80 -4.74
C ASN A 129 -10.96 -13.48 -6.24
N ASP A 130 -9.87 -12.82 -6.64
CA ASP A 130 -9.67 -12.43 -8.02
C ASP A 130 -8.21 -12.08 -8.23
N ALA A 131 -7.71 -12.22 -9.45
CA ALA A 131 -6.33 -11.86 -9.73
C ALA A 131 -6.19 -10.35 -9.89
N TYR A 132 -6.03 -9.66 -8.78
CA TYR A 132 -5.98 -8.21 -8.77
C TYR A 132 -5.07 -7.74 -7.63
N TRP A 133 -3.88 -7.28 -8.00
CA TRP A 133 -2.85 -6.85 -7.04
C TRP A 133 -2.34 -8.02 -6.20
N GLY A 134 -2.72 -9.23 -6.58
CA GLY A 134 -2.30 -10.41 -5.84
C GLY A 134 -1.74 -11.49 -6.75
N ASP A 135 -1.69 -12.70 -6.24
CA ASP A 135 -1.09 -13.81 -7.00
C ASP A 135 -2.14 -14.54 -7.83
N GLY A 136 -3.39 -14.17 -7.66
CA GLY A 136 -4.47 -14.77 -8.43
C GLY A 136 -4.84 -16.16 -7.98
N GLY A 137 -4.27 -16.59 -6.86
CA GLY A 137 -4.54 -17.91 -6.33
C GLY A 137 -3.72 -18.99 -7.01
N HIS A 138 -2.46 -18.71 -7.28
CA HIS A 138 -1.54 -19.68 -7.90
C HIS A 138 -0.14 -19.09 -8.08
N GLY A 139 -0.04 -17.77 -8.20
CA GLY A 139 1.28 -17.15 -8.28
C GLY A 139 1.40 -16.13 -9.40
N LYS A 140 0.46 -16.15 -10.34
CA LYS A 140 0.54 -15.25 -11.49
C LYS A 140 -0.81 -14.60 -11.73
N GLY A 141 -1.10 -13.55 -10.98
CA GLY A 141 -2.36 -12.86 -11.13
C GLY A 141 -2.17 -11.39 -11.44
N LYS A 142 -1.53 -10.68 -10.51
CA LYS A 142 -1.27 -9.27 -10.66
C LYS A 142 -0.42 -8.79 -9.49
N ASN A 143 0.65 -9.55 -9.22
CA ASN A 143 1.50 -9.39 -8.03
C ASN A 143 2.24 -8.05 -8.01
N ARG A 144 1.96 -7.18 -8.98
CA ARG A 144 2.63 -5.89 -9.07
C ARG A 144 2.49 -5.08 -7.77
N LEU A 145 1.49 -5.39 -6.95
CA LEU A 145 1.34 -4.76 -5.63
C LEU A 145 2.55 -5.09 -4.76
N GLY A 146 2.79 -6.37 -4.53
CA GLY A 146 3.95 -6.80 -3.77
C GLY A 146 5.24 -6.39 -4.46
N TYR A 147 5.19 -6.36 -5.78
CA TYR A 147 6.32 -5.92 -6.58
C TYR A 147 6.66 -4.46 -6.26
N LEU A 148 5.62 -3.62 -6.16
CA LEU A 148 5.81 -2.21 -5.81
C LEU A 148 6.31 -2.08 -4.37
N LEU A 149 5.83 -2.95 -3.50
CA LEU A 149 6.27 -2.97 -2.10
C LEU A 149 7.76 -3.24 -2.02
N MET A 150 8.23 -4.21 -2.79
CA MET A 150 9.65 -4.55 -2.82
C MET A 150 10.45 -3.49 -3.59
N GLU A 151 9.84 -2.93 -4.62
CA GLU A 151 10.44 -1.83 -5.39
C GLU A 151 10.71 -0.64 -4.46
N LEU A 152 9.68 -0.28 -3.69
CA LEU A 152 9.78 0.80 -2.72
C LEU A 152 10.76 0.46 -1.61
N ARG A 153 10.80 -0.82 -1.24
CA ARG A 153 11.69 -1.28 -0.18
C ARG A 153 13.15 -0.96 -0.52
N GLU A 154 13.50 -1.14 -1.78
CA GLU A 154 14.85 -0.81 -2.23
C GLU A 154 15.10 0.68 -2.13
N GLN A 155 14.08 1.48 -2.45
CA GLN A 155 14.20 2.93 -2.41
C GLN A 155 14.43 3.42 -0.98
N LEU A 156 13.69 2.87 -0.03
CA LEU A 156 13.79 3.29 1.36
C LEU A 156 15.12 2.85 1.96
N ALA A 157 15.64 1.73 1.48
CA ALA A 157 16.95 1.26 1.89
C ALA A 157 18.04 2.20 1.43
N ILE A 158 17.85 2.76 0.24
CA ILE A 158 18.81 3.71 -0.32
C ILE A 158 18.78 5.02 0.48
N GLU A 159 17.59 5.48 0.83
CA GLU A 159 17.48 6.70 1.64
C GLU A 159 18.04 6.48 3.04
N LYS A 160 17.82 5.30 3.59
CA LYS A 160 18.41 4.94 4.88
C LYS A 160 19.93 4.88 4.75
N LEU A 161 20.39 4.43 3.60
CA LEU A 161 21.82 4.33 3.31
C LEU A 161 22.46 5.72 3.31
N GLU A 162 21.65 6.71 2.92
CA GLU A 162 22.09 8.10 2.84
C GLU A 162 22.14 8.76 4.21
N HIS A 163 22.02 7.97 5.27
CA HIS A 163 22.15 8.49 6.62
C HIS A 163 23.55 9.09 6.81
N HIS A 164 23.62 10.41 6.88
CA HIS A 164 24.88 11.11 7.04
C HIS A 164 24.77 12.13 8.17
N HIS A 165 25.88 12.77 8.49
CA HIS A 165 25.91 13.76 9.56
C HIS A 165 25.22 15.05 9.11
N HIS A 166 23.91 15.10 9.27
CA HIS A 166 23.12 16.26 8.90
C HIS A 166 22.62 16.95 10.17
N HIS A 167 22.89 18.24 10.31
CA HIS A 167 22.57 18.95 11.53
C HIS A 167 21.07 19.14 11.69
N HIS A 168 20.43 19.67 10.67
CA HIS A 168 18.98 19.78 10.64
C HIS A 168 18.45 19.35 9.29
N MET A 1 -4.37 -1.73 20.37
CA MET A 1 -3.85 -2.86 19.55
C MET A 1 -2.36 -2.72 19.37
N PRO A 2 -1.59 -3.75 19.77
CA PRO A 2 -0.13 -3.73 19.71
C PRO A 2 0.40 -3.84 18.28
N VAL A 3 1.26 -2.91 17.90
CA VAL A 3 1.90 -2.95 16.60
C VAL A 3 3.07 -3.93 16.63
N ARG A 4 2.78 -5.18 16.33
CA ARG A 4 3.77 -6.23 16.40
C ARG A 4 4.53 -6.33 15.08
N ALA A 5 5.51 -5.46 14.90
CA ALA A 5 6.33 -5.45 13.69
C ALA A 5 7.48 -6.44 13.83
N GLN A 6 7.22 -7.54 14.51
CA GLN A 6 8.25 -8.55 14.77
C GLN A 6 7.62 -9.90 15.03
N ARG A 7 7.36 -10.64 13.97
CA ARG A 7 6.95 -12.03 14.05
C ARG A 7 8.03 -12.90 13.43
N ILE A 8 8.41 -12.52 12.21
CA ILE A 8 9.46 -13.20 11.49
C ILE A 8 10.71 -12.32 11.48
N GLN A 9 11.68 -12.69 12.29
CA GLN A 9 12.91 -11.93 12.41
C GLN A 9 13.99 -12.61 11.58
N HIS A 10 13.90 -13.92 11.49
CA HIS A 10 14.86 -14.72 10.76
C HIS A 10 14.24 -15.29 9.49
N VAL A 11 14.66 -14.78 8.34
CA VAL A 11 14.17 -15.30 7.07
C VAL A 11 15.02 -16.49 6.64
N MET A 12 14.45 -17.31 5.76
CA MET A 12 15.09 -18.53 5.31
C MET A 12 15.88 -18.29 4.02
N GLN A 13 16.18 -17.01 3.77
CA GLN A 13 16.90 -16.59 2.57
C GLN A 13 16.09 -16.84 1.30
N ASP A 14 15.73 -15.75 0.63
CA ASP A 14 14.94 -15.83 -0.61
C ASP A 14 13.68 -16.67 -0.41
N THR A 15 12.78 -16.16 0.42
CA THR A 15 11.56 -16.87 0.72
C THR A 15 10.35 -16.06 0.24
N ILE A 16 9.27 -16.73 -0.12
CA ILE A 16 8.09 -16.04 -0.59
C ILE A 16 7.07 -15.90 0.54
N ILE A 17 6.92 -14.69 1.04
CA ILE A 17 6.01 -14.44 2.15
C ILE A 17 4.63 -14.07 1.64
N ASN A 18 3.67 -14.98 1.84
CA ASN A 18 2.29 -14.73 1.47
C ASN A 18 1.54 -14.09 2.63
N PHE A 19 1.30 -12.79 2.54
CA PHE A 19 0.61 -12.07 3.60
C PHE A 19 -0.84 -11.86 3.24
N TYR A 20 -1.72 -12.06 4.21
CA TYR A 20 -3.12 -11.80 4.04
C TYR A 20 -3.75 -11.41 5.37
N SER A 21 -5.01 -10.95 5.31
CA SER A 21 -5.78 -10.60 6.50
C SER A 21 -5.34 -9.28 7.11
N THR A 22 -6.18 -8.27 6.97
CA THR A 22 -5.92 -6.97 7.57
C THR A 22 -6.30 -6.97 9.05
N SER A 23 -6.74 -8.13 9.53
CA SER A 23 -7.13 -8.29 10.91
C SER A 23 -5.93 -8.77 11.74
N ASP A 24 -4.83 -9.03 11.07
CA ASP A 24 -3.61 -9.48 11.73
C ASP A 24 -2.57 -8.38 11.75
N ASP A 25 -1.55 -8.56 12.57
CA ASP A 25 -0.51 -7.56 12.78
C ASP A 25 0.49 -7.51 11.62
N TYR A 26 0.47 -8.54 10.79
CA TYR A 26 1.32 -8.58 9.60
C TYR A 26 0.53 -8.22 8.35
N GLY A 27 -0.77 -7.97 8.53
CA GLY A 27 -1.63 -7.66 7.41
C GLY A 27 -1.45 -6.24 6.91
N ASP A 28 -0.54 -5.50 7.55
CA ASP A 28 -0.28 -4.10 7.20
C ASP A 28 0.13 -3.94 5.73
N PHE A 29 0.82 -4.95 5.21
CA PHE A 29 1.33 -4.91 3.84
C PHE A 29 0.19 -4.84 2.82
N SER A 30 -0.99 -5.25 3.23
CA SER A 30 -2.16 -5.21 2.37
C SER A 30 -2.57 -3.77 2.08
N ASN A 31 -3.05 -3.53 0.86
CA ASN A 31 -3.42 -2.19 0.41
C ASN A 31 -4.65 -1.67 1.16
N PHE A 32 -5.42 -2.58 1.74
CA PHE A 32 -6.65 -2.20 2.43
C PHE A 32 -6.40 -2.02 3.94
N ALA A 33 -5.14 -2.01 4.33
CA ALA A 33 -4.77 -1.85 5.74
C ALA A 33 -5.26 -0.51 6.29
N ALA A 34 -5.74 -0.55 7.52
CA ALA A 34 -6.30 0.63 8.17
C ALA A 34 -5.21 1.47 8.84
N TRP A 35 -4.26 1.90 8.04
CA TRP A 35 -3.15 2.71 8.54
C TRP A 35 -3.14 4.07 7.87
N PRO A 36 -3.33 5.14 8.68
CA PRO A 36 -3.37 6.51 8.18
C PRO A 36 -2.06 6.93 7.54
N ILE A 37 -2.16 7.46 6.32
CA ILE A 37 -0.99 7.91 5.58
C ILE A 37 -1.01 9.43 5.42
N LYS A 38 0.13 10.05 5.67
CA LYS A 38 0.25 11.50 5.57
C LYS A 38 0.77 11.88 4.19
N VAL A 39 -0.11 12.38 3.34
CA VAL A 39 0.24 12.69 1.96
C VAL A 39 -0.05 14.15 1.63
N ASP A 40 1.00 14.88 1.27
CA ASP A 40 0.88 16.28 0.84
C ASP A 40 0.23 17.14 1.93
N GLY A 41 0.42 16.73 3.18
CA GLY A 41 -0.13 17.49 4.29
C GLY A 41 -1.45 16.97 4.78
N LYS A 42 -2.03 16.03 4.06
CA LYS A 42 -3.35 15.52 4.42
C LYS A 42 -3.27 14.06 4.83
N THR A 43 -3.95 13.73 5.91
CA THR A 43 -3.89 12.40 6.48
C THR A 43 -5.05 11.54 5.99
N TRP A 44 -4.74 10.61 5.10
CA TRP A 44 -5.74 9.72 4.55
C TRP A 44 -5.84 8.46 5.39
N PRO A 45 -7.07 8.09 5.80
CA PRO A 45 -7.31 6.94 6.67
C PRO A 45 -6.71 5.63 6.14
N THR A 46 -6.74 5.47 4.82
CA THR A 46 -6.20 4.27 4.18
C THR A 46 -5.66 4.63 2.81
N SER A 47 -4.89 3.73 2.23
CA SER A 47 -4.34 3.92 0.89
C SER A 47 -5.46 4.17 -0.12
N GLU A 48 -6.55 3.40 0.01
CA GLU A 48 -7.67 3.49 -0.92
C GLU A 48 -8.49 4.77 -0.69
N HIS A 49 -8.13 5.58 0.29
CA HIS A 49 -8.76 6.90 0.41
C HIS A 49 -8.05 7.90 -0.50
N TYR A 50 -6.73 7.81 -0.53
CA TYR A 50 -5.94 8.62 -1.46
C TYR A 50 -6.09 8.08 -2.87
N PHE A 51 -6.18 6.76 -2.97
CA PHE A 51 -6.33 6.09 -4.25
C PHE A 51 -7.74 6.32 -4.82
N GLN A 52 -8.72 6.46 -3.93
CA GLN A 52 -10.09 6.70 -4.34
C GLN A 52 -10.24 8.11 -4.88
N ALA A 53 -9.69 9.08 -4.17
CA ALA A 53 -9.76 10.47 -4.57
C ALA A 53 -9.08 10.69 -5.92
N GLN A 54 -7.98 9.99 -6.14
CA GLN A 54 -7.23 10.11 -7.38
C GLN A 54 -7.75 9.16 -8.45
N LYS A 55 -8.64 8.26 -8.05
CA LYS A 55 -9.30 7.36 -9.00
C LYS A 55 -10.22 8.15 -9.90
N PHE A 56 -10.78 9.22 -9.37
CA PHE A 56 -11.71 10.05 -10.10
C PHE A 56 -11.14 11.45 -10.28
N LEU A 57 -11.86 12.28 -11.02
CA LEU A 57 -11.44 13.65 -11.25
C LEU A 57 -12.49 14.63 -10.76
N ASP A 58 -13.52 14.10 -10.10
CA ASP A 58 -14.61 14.92 -9.59
C ASP A 58 -14.18 15.67 -8.35
N GLU A 59 -14.36 16.99 -8.38
CA GLU A 59 -14.09 17.84 -7.23
C GLU A 59 -15.01 17.48 -6.07
N LYS A 60 -16.24 17.14 -6.39
CA LYS A 60 -17.22 16.72 -5.40
C LYS A 60 -16.78 15.41 -4.75
N TYR A 61 -16.41 14.44 -5.59
CA TYR A 61 -16.02 13.12 -5.11
C TYR A 61 -14.77 13.21 -4.24
N ARG A 62 -13.78 13.96 -4.71
CA ARG A 62 -12.55 14.14 -3.97
C ARG A 62 -12.83 14.66 -2.56
N GLU A 63 -13.75 15.61 -2.45
CA GLU A 63 -14.13 16.15 -1.16
C GLU A 63 -14.90 15.13 -0.33
N GLU A 64 -15.79 14.37 -0.97
CA GLU A 64 -16.58 13.37 -0.26
C GLU A 64 -15.70 12.27 0.31
N ILE A 65 -14.76 11.80 -0.48
CA ILE A 65 -13.84 10.75 -0.07
C ILE A 65 -12.90 11.26 1.03
N ARG A 66 -12.68 12.57 1.04
CA ARG A 66 -11.90 13.22 2.08
C ARG A 66 -12.72 13.38 3.37
N ARG A 67 -14.04 13.20 3.26
CA ARG A 67 -14.94 13.37 4.40
C ARG A 67 -15.25 12.03 5.05
N VAL A 68 -14.76 10.95 4.47
CA VAL A 68 -15.09 9.61 4.96
C VAL A 68 -13.89 8.93 5.60
N SER A 69 -14.10 8.37 6.78
CA SER A 69 -13.06 7.59 7.45
C SER A 69 -13.21 6.11 7.10
N SER A 70 -14.45 5.67 6.99
CA SER A 70 -14.76 4.28 6.69
C SER A 70 -14.23 3.89 5.31
N PRO A 71 -13.29 2.93 5.25
CA PRO A 71 -12.64 2.51 4.01
C PRO A 71 -13.61 1.85 3.03
N MET A 72 -14.49 1.00 3.57
CA MET A 72 -15.41 0.23 2.73
C MET A 72 -16.39 1.14 2.01
N VAL A 73 -16.81 2.21 2.68
CA VAL A 73 -17.72 3.17 2.07
C VAL A 73 -17.06 3.86 0.88
N ALA A 74 -15.80 4.25 1.07
CA ALA A 74 -15.03 4.88 0.00
C ALA A 74 -14.90 3.94 -1.19
N ALA A 75 -14.60 2.68 -0.91
CA ALA A 75 -14.48 1.66 -1.94
C ALA A 75 -15.79 1.49 -2.70
N ARG A 76 -16.89 1.49 -1.97
CA ARG A 76 -18.21 1.31 -2.57
C ARG A 76 -18.51 2.43 -3.57
N MET A 77 -18.29 3.68 -3.18
CA MET A 77 -18.59 4.80 -4.06
C MET A 77 -17.58 4.87 -5.20
N GLY A 78 -16.41 4.28 -5.00
CA GLY A 78 -15.41 4.22 -6.04
C GLY A 78 -15.70 3.15 -7.07
N ARG A 79 -16.53 2.19 -6.70
CA ARG A 79 -16.91 1.11 -7.61
C ARG A 79 -18.10 1.51 -8.48
N ASP A 80 -18.12 2.76 -8.91
CA ASP A 80 -19.18 3.25 -9.79
C ASP A 80 -18.63 3.54 -11.18
N ARG A 81 -19.01 2.71 -12.15
CA ARG A 81 -18.53 2.86 -13.52
C ARG A 81 -19.48 3.75 -14.32
N SER A 82 -20.52 4.23 -13.66
CA SER A 82 -21.55 5.05 -14.32
C SER A 82 -20.97 6.38 -14.78
N LYS A 83 -20.09 6.95 -13.97
CA LYS A 83 -19.49 8.24 -14.26
C LYS A 83 -18.26 8.06 -15.15
N PRO A 84 -17.91 9.10 -15.93
CA PRO A 84 -16.72 9.08 -16.77
C PRO A 84 -15.42 9.09 -15.96
N LEU A 85 -14.64 8.03 -16.09
CA LEU A 85 -13.37 7.94 -15.39
C LEU A 85 -12.33 8.86 -16.00
N ARG A 86 -11.17 8.93 -15.38
CA ARG A 86 -10.10 9.83 -15.82
C ARG A 86 -9.50 9.31 -17.12
N LYS A 87 -9.15 10.26 -17.99
CA LYS A 87 -8.56 9.97 -19.30
C LYS A 87 -7.42 8.95 -19.22
N ASN A 88 -6.56 9.14 -18.24
CA ASN A 88 -5.37 8.30 -18.11
C ASN A 88 -5.39 7.53 -16.80
N TRP A 89 -6.57 7.27 -16.26
CA TRP A 89 -6.70 6.56 -14.99
C TRP A 89 -6.04 5.18 -15.07
N GLU A 90 -6.26 4.48 -16.17
CA GLU A 90 -5.72 3.14 -16.35
C GLU A 90 -4.19 3.18 -16.40
N SER A 91 -3.63 4.36 -16.60
CA SER A 91 -2.19 4.55 -16.69
C SER A 91 -1.61 5.04 -15.35
N VAL A 92 -2.23 6.08 -14.79
CA VAL A 92 -1.73 6.70 -13.56
C VAL A 92 -2.06 5.85 -12.33
N LYS A 93 -2.88 4.84 -12.55
CA LYS A 93 -3.33 3.93 -11.48
C LYS A 93 -2.16 3.44 -10.64
N GLU A 94 -1.16 2.87 -11.30
CA GLU A 94 -0.02 2.28 -10.61
C GLU A 94 0.85 3.35 -9.96
N GLN A 95 0.77 4.58 -10.49
CA GLN A 95 1.55 5.68 -9.94
C GLN A 95 0.94 6.17 -8.64
N VAL A 96 -0.39 6.29 -8.65
CA VAL A 96 -1.12 6.77 -7.47
C VAL A 96 -0.90 5.86 -6.28
N MET A 97 -1.07 4.57 -6.48
CA MET A 97 -0.91 3.62 -5.37
C MET A 97 0.55 3.51 -4.95
N ARG A 98 1.47 3.65 -5.91
CA ARG A 98 2.90 3.60 -5.62
C ARG A 98 3.28 4.74 -4.67
N LYS A 99 2.73 5.93 -4.92
CA LYS A 99 2.98 7.08 -4.07
C LYS A 99 2.35 6.89 -2.69
N ALA A 100 1.16 6.31 -2.67
CA ALA A 100 0.46 6.04 -1.42
C ALA A 100 1.27 5.09 -0.54
N LEU A 101 1.76 4.02 -1.15
CA LEU A 101 2.60 3.06 -0.45
C LEU A 101 3.90 3.70 0.00
N ARG A 102 4.45 4.55 -0.86
CA ARG A 102 5.68 5.26 -0.56
C ARG A 102 5.53 6.08 0.71
N ALA A 103 4.44 6.81 0.80
CA ALA A 103 4.15 7.62 1.99
C ALA A 103 3.85 6.74 3.19
N LYS A 104 3.23 5.59 2.92
CA LYS A 104 2.88 4.62 3.96
C LYS A 104 4.11 4.19 4.75
N PHE A 105 5.08 3.63 4.05
CA PHE A 105 6.29 3.10 4.69
C PHE A 105 7.32 4.20 4.97
N GLU A 106 7.10 5.39 4.44
CA GLU A 106 8.00 6.50 4.71
C GLU A 106 7.58 7.24 5.96
N GLN A 107 6.28 7.33 6.18
CA GLN A 107 5.74 8.07 7.33
C GLN A 107 5.90 7.24 8.60
N HIS A 108 5.51 5.98 8.53
CA HIS A 108 5.59 5.10 9.69
C HIS A 108 6.91 4.34 9.68
N ALA A 109 7.79 4.71 10.60
CA ALA A 109 9.07 4.01 10.75
C ALA A 109 8.84 2.58 11.20
N GLU A 110 7.74 2.38 11.95
CA GLU A 110 7.33 1.05 12.38
C GLU A 110 7.18 0.14 11.18
N LEU A 111 6.47 0.63 10.19
CA LEU A 111 6.17 -0.15 8.99
C LEU A 111 7.41 -0.28 8.11
N ARG A 112 8.20 0.78 8.07
CA ARG A 112 9.46 0.78 7.31
C ARG A 112 10.39 -0.30 7.84
N ALA A 113 10.50 -0.39 9.17
CA ALA A 113 11.35 -1.39 9.80
C ALA A 113 10.84 -2.80 9.50
N LEU A 114 9.52 -2.95 9.51
CA LEU A 114 8.89 -4.22 9.20
C LEU A 114 9.13 -4.58 7.73
N LEU A 115 8.97 -3.60 6.86
CA LEU A 115 9.18 -3.80 5.42
C LEU A 115 10.61 -4.24 5.13
N LEU A 116 11.57 -3.49 5.64
CA LEU A 116 12.98 -3.77 5.37
C LEU A 116 13.41 -5.09 6.01
N ALA A 117 12.70 -5.52 7.04
CA ALA A 117 13.01 -6.77 7.72
C ALA A 117 12.72 -7.98 6.83
N THR A 118 11.85 -7.79 5.83
CA THR A 118 11.47 -8.90 4.94
C THR A 118 12.63 -9.26 4.01
N ALA A 119 13.38 -8.25 3.59
CA ALA A 119 14.52 -8.44 2.68
C ALA A 119 15.44 -9.56 3.17
N PRO A 120 15.88 -10.44 2.26
CA PRO A 120 15.53 -10.40 0.84
C PRO A 120 14.41 -11.38 0.45
N ALA A 121 13.33 -11.37 1.20
CA ALA A 121 12.18 -12.23 0.90
C ALA A 121 11.20 -11.54 -0.05
N LYS A 122 10.36 -12.34 -0.70
CA LYS A 122 9.35 -11.83 -1.61
C LYS A 122 8.08 -11.46 -0.87
N LEU A 123 7.40 -10.42 -1.34
CA LEU A 123 6.14 -10.00 -0.75
C LEU A 123 4.98 -10.34 -1.68
N VAL A 124 4.13 -11.27 -1.25
CA VAL A 124 3.01 -11.72 -2.06
C VAL A 124 1.71 -11.66 -1.27
N GLU A 125 0.72 -10.95 -1.80
CA GLU A 125 -0.58 -10.84 -1.16
C GLU A 125 -1.45 -12.01 -1.59
N HIS A 126 -1.84 -12.84 -0.64
CA HIS A 126 -2.50 -14.10 -0.94
C HIS A 126 -4.02 -13.98 -0.81
N THR A 127 -4.66 -13.42 -1.81
CA THR A 127 -6.11 -13.41 -1.86
C THR A 127 -6.57 -14.48 -2.85
N GLU A 128 -7.82 -14.87 -2.78
CA GLU A 128 -8.34 -15.84 -3.72
C GLU A 128 -9.75 -15.43 -4.14
N ASN A 129 -10.09 -14.19 -3.84
CA ASN A 129 -11.35 -13.62 -4.30
C ASN A 129 -11.19 -13.14 -5.74
N ASP A 130 -9.95 -12.82 -6.09
CA ASP A 130 -9.61 -12.33 -7.42
C ASP A 130 -8.10 -12.20 -7.53
N ALA A 131 -7.64 -11.65 -8.65
CA ALA A 131 -6.22 -11.38 -8.84
C ALA A 131 -6.04 -9.98 -9.43
N TYR A 132 -5.99 -8.99 -8.56
CA TYR A 132 -5.82 -7.59 -8.98
C TYR A 132 -5.07 -6.84 -7.89
N TRP A 133 -3.87 -6.35 -8.24
CA TRP A 133 -2.91 -5.81 -7.26
C TRP A 133 -2.27 -6.94 -6.47
N GLY A 134 -3.06 -7.96 -6.21
CA GLY A 134 -2.60 -9.12 -5.52
C GLY A 134 -2.75 -10.30 -6.45
N ASP A 135 -2.52 -11.49 -5.98
CA ASP A 135 -2.57 -12.62 -6.86
C ASP A 135 -3.74 -13.52 -6.56
N GLY A 136 -4.01 -14.45 -7.48
CA GLY A 136 -5.06 -15.43 -7.27
C GLY A 136 -4.59 -16.53 -6.36
N GLY A 137 -3.78 -16.15 -5.38
CA GLY A 137 -3.27 -17.08 -4.39
C GLY A 137 -1.98 -17.78 -4.79
N HIS A 138 -1.60 -17.72 -6.07
CA HIS A 138 -0.47 -18.52 -6.53
C HIS A 138 0.76 -17.69 -6.93
N GLY A 139 0.58 -16.71 -7.80
CA GLY A 139 1.72 -15.94 -8.28
C GLY A 139 1.75 -15.83 -9.79
N LYS A 140 0.64 -15.37 -10.37
CA LYS A 140 0.51 -15.23 -11.82
C LYS A 140 -0.80 -14.51 -12.16
N GLY A 141 -1.19 -13.54 -11.35
CA GLY A 141 -2.42 -12.80 -11.63
C GLY A 141 -2.20 -11.30 -11.74
N LYS A 142 -1.80 -10.65 -10.65
CA LYS A 142 -1.47 -9.22 -10.70
C LYS A 142 -0.88 -8.72 -9.36
N ASN A 143 -0.26 -9.62 -8.61
CA ASN A 143 0.50 -9.34 -7.38
C ASN A 143 1.56 -8.23 -7.53
N ARG A 144 1.61 -7.57 -8.69
CA ARG A 144 2.57 -6.49 -8.95
C ARG A 144 2.65 -5.49 -7.77
N LEU A 145 1.62 -5.45 -6.92
CA LEU A 145 1.64 -4.64 -5.71
C LEU A 145 2.83 -5.04 -4.82
N GLY A 146 3.02 -6.34 -4.65
CA GLY A 146 4.14 -6.84 -3.87
C GLY A 146 5.47 -6.45 -4.47
N TYR A 147 5.49 -6.35 -5.80
CA TYR A 147 6.68 -5.90 -6.50
C TYR A 147 6.94 -4.43 -6.18
N LEU A 148 5.87 -3.65 -6.10
CA LEU A 148 5.98 -2.25 -5.72
C LEU A 148 6.50 -2.14 -4.29
N LEU A 149 5.97 -2.99 -3.41
CA LEU A 149 6.40 -3.03 -2.01
C LEU A 149 7.88 -3.35 -1.92
N MET A 150 8.33 -4.35 -2.67
CA MET A 150 9.75 -4.73 -2.67
C MET A 150 10.60 -3.63 -3.29
N GLU A 151 10.10 -3.00 -4.34
CA GLU A 151 10.79 -1.89 -4.98
C GLU A 151 10.96 -0.73 -4.00
N LEU A 152 9.88 -0.42 -3.30
CA LEU A 152 9.91 0.62 -2.28
C LEU A 152 10.84 0.24 -1.13
N ARG A 153 10.82 -1.03 -0.78
CA ARG A 153 11.69 -1.55 0.27
C ARG A 153 13.14 -1.26 -0.06
N GLU A 154 13.54 -1.60 -1.28
CA GLU A 154 14.89 -1.38 -1.73
C GLU A 154 15.22 0.10 -1.74
N GLN A 155 14.24 0.93 -2.08
CA GLN A 155 14.41 2.38 -2.06
C GLN A 155 14.70 2.84 -0.64
N LEU A 156 13.81 2.51 0.29
CA LEU A 156 13.90 3.02 1.65
C LEU A 156 15.10 2.42 2.38
N ALA A 157 15.53 1.25 1.95
CA ALA A 157 16.73 0.63 2.46
C ALA A 157 17.95 1.51 2.16
N ILE A 158 18.08 1.86 0.89
CA ILE A 158 19.20 2.68 0.43
C ILE A 158 19.03 4.13 0.89
N GLU A 159 17.80 4.61 0.86
CA GLU A 159 17.47 5.96 1.31
C GLU A 159 17.89 6.16 2.76
N LYS A 160 17.55 5.20 3.60
CA LYS A 160 17.91 5.26 5.01
C LYS A 160 19.37 4.84 5.20
N LEU A 161 19.94 4.22 4.17
CA LEU A 161 21.31 3.76 4.23
C LEU A 161 22.28 4.93 4.06
N GLU A 162 21.76 6.02 3.49
CA GLU A 162 22.56 7.23 3.30
C GLU A 162 22.89 7.87 4.66
N HIS A 163 22.43 7.24 5.74
CA HIS A 163 22.85 7.64 7.08
C HIS A 163 24.35 7.45 7.26
N HIS A 164 24.94 6.67 6.35
CA HIS A 164 26.38 6.49 6.32
C HIS A 164 26.99 7.58 5.47
N HIS A 165 27.04 8.78 6.03
CA HIS A 165 27.42 9.98 5.29
C HIS A 165 28.90 9.98 4.95
N HIS A 166 29.19 10.14 3.66
CA HIS A 166 30.56 10.27 3.17
C HIS A 166 31.33 8.96 3.35
N HIS A 167 31.93 8.81 4.51
CA HIS A 167 32.76 7.65 4.86
C HIS A 167 33.38 7.92 6.21
N HIS A 168 34.01 9.08 6.29
CA HIS A 168 34.52 9.61 7.54
C HIS A 168 33.90 10.97 7.77
N MET A 1 4.71 -1.95 22.42
CA MET A 1 4.12 -0.88 21.60
C MET A 1 2.86 -1.39 20.93
N PRO A 2 1.82 -0.54 20.81
CA PRO A 2 0.55 -0.91 20.19
C PRO A 2 0.72 -1.27 18.72
N VAL A 3 1.02 -2.55 18.48
CA VAL A 3 1.29 -3.08 17.15
C VAL A 3 1.94 -4.45 17.27
N ARG A 4 2.67 -4.65 18.37
CA ARG A 4 3.41 -5.89 18.61
C ARG A 4 4.49 -6.11 17.55
N ALA A 5 5.64 -5.49 17.74
CA ALA A 5 6.70 -5.56 16.76
C ALA A 5 7.61 -6.76 17.02
N GLN A 6 7.13 -7.94 16.65
CA GLN A 6 7.93 -9.15 16.74
C GLN A 6 8.70 -9.36 15.45
N ARG A 7 9.98 -9.66 15.58
CA ARG A 7 10.84 -9.80 14.41
C ARG A 7 11.11 -11.26 14.07
N ILE A 8 10.83 -11.63 12.83
CA ILE A 8 11.29 -12.89 12.29
C ILE A 8 12.78 -12.77 12.00
N GLN A 9 13.58 -13.63 12.61
CA GLN A 9 15.03 -13.55 12.46
C GLN A 9 15.46 -13.92 11.04
N HIS A 10 15.45 -12.92 10.17
CA HIS A 10 15.80 -13.08 8.75
C HIS A 10 14.76 -13.91 8.00
N VAL A 11 14.40 -13.45 6.82
CA VAL A 11 13.41 -14.16 6.00
C VAL A 11 14.08 -15.26 5.18
N MET A 12 15.31 -15.62 5.58
CA MET A 12 16.06 -16.70 4.95
C MET A 12 16.43 -16.33 3.52
N GLN A 13 15.67 -16.85 2.56
CA GLN A 13 15.91 -16.59 1.13
C GLN A 13 14.88 -17.35 0.30
N ASP A 14 14.51 -16.77 -0.85
CA ASP A 14 13.58 -17.41 -1.79
C ASP A 14 12.20 -17.61 -1.16
N THR A 15 12.00 -17.02 0.00
CA THR A 15 10.75 -17.13 0.74
C THR A 15 9.73 -16.13 0.20
N ILE A 16 8.67 -16.64 -0.39
CA ILE A 16 7.61 -15.79 -0.90
C ILE A 16 6.49 -15.70 0.13
N ILE A 17 6.29 -14.51 0.67
CA ILE A 17 5.31 -14.31 1.72
C ILE A 17 3.98 -13.87 1.13
N ASN A 18 2.99 -14.77 1.20
CA ASN A 18 1.65 -14.46 0.73
C ASN A 18 0.78 -14.03 1.89
N PHE A 19 0.54 -12.74 1.98
CA PHE A 19 -0.20 -12.18 3.10
C PHE A 19 -1.58 -11.70 2.65
N TYR A 20 -2.61 -12.17 3.34
CA TYR A 20 -3.94 -11.63 3.15
C TYR A 20 -4.73 -11.76 4.45
N SER A 21 -4.81 -10.65 5.17
CA SER A 21 -5.47 -10.53 6.48
C SER A 21 -4.97 -9.26 7.16
N THR A 22 -5.76 -8.21 7.13
CA THR A 22 -5.35 -6.94 7.69
C THR A 22 -5.49 -6.92 9.20
N SER A 23 -6.69 -7.21 9.67
CA SER A 23 -7.04 -7.16 11.09
C SER A 23 -6.74 -5.78 11.66
N ASP A 24 -5.57 -5.60 12.27
CA ASP A 24 -5.17 -4.31 12.82
C ASP A 24 -3.75 -4.39 13.41
N ASP A 25 -2.98 -5.38 12.97
CA ASP A 25 -1.64 -5.57 13.51
C ASP A 25 -0.60 -5.88 12.42
N TYR A 26 -0.40 -7.16 12.11
CA TYR A 26 0.66 -7.57 11.18
C TYR A 26 0.14 -7.52 9.76
N GLY A 27 -1.15 -7.23 9.62
CA GLY A 27 -1.78 -7.14 8.32
C GLY A 27 -1.40 -5.89 7.56
N ASP A 28 -0.54 -5.07 8.17
CA ASP A 28 -0.11 -3.78 7.60
C ASP A 28 0.46 -3.93 6.19
N PHE A 29 0.96 -5.11 5.86
CA PHE A 29 1.50 -5.38 4.54
C PHE A 29 0.43 -5.29 3.46
N SER A 30 -0.80 -5.58 3.83
CA SER A 30 -1.92 -5.46 2.91
C SER A 30 -2.30 -3.98 2.79
N ASN A 31 -2.69 -3.57 1.60
CA ASN A 31 -2.96 -2.14 1.34
C ASN A 31 -4.10 -1.66 2.21
N PHE A 32 -5.03 -2.56 2.52
CA PHE A 32 -6.26 -2.24 3.22
C PHE A 32 -6.00 -2.01 4.72
N ALA A 33 -4.74 -1.89 5.09
CA ALA A 33 -4.37 -1.59 6.47
C ALA A 33 -4.66 -0.12 6.77
N ALA A 34 -5.72 0.12 7.54
CA ALA A 34 -6.25 1.45 7.77
C ALA A 34 -5.37 2.26 8.72
N TRP A 35 -4.14 2.45 8.32
CA TRP A 35 -3.23 3.34 9.03
C TRP A 35 -3.27 4.73 8.41
N PRO A 36 -3.54 5.76 9.23
CA PRO A 36 -3.63 7.14 8.76
C PRO A 36 -2.32 7.62 8.13
N ILE A 37 -2.40 8.10 6.91
CA ILE A 37 -1.24 8.59 6.18
C ILE A 37 -1.36 10.09 5.92
N LYS A 38 -0.25 10.79 6.02
CA LYS A 38 -0.22 12.22 5.79
C LYS A 38 0.30 12.49 4.38
N VAL A 39 -0.61 12.76 3.45
CA VAL A 39 -0.23 12.91 2.05
C VAL A 39 -0.70 14.26 1.50
N ASP A 40 0.25 14.99 0.91
CA ASP A 40 -0.02 16.30 0.26
C ASP A 40 -0.51 17.33 1.26
N GLY A 41 -0.50 16.99 2.55
CA GLY A 41 -0.91 17.93 3.57
C GLY A 41 -2.17 17.51 4.29
N LYS A 42 -2.78 16.40 3.87
CA LYS A 42 -4.00 15.92 4.51
C LYS A 42 -3.83 14.50 5.02
N THR A 43 -4.62 14.15 6.02
CA THR A 43 -4.57 12.82 6.60
C THR A 43 -5.61 11.91 5.96
N TRP A 44 -5.14 10.83 5.35
CA TRP A 44 -6.01 9.87 4.69
C TRP A 44 -6.05 8.58 5.51
N PRO A 45 -7.25 8.13 5.91
CA PRO A 45 -7.43 6.94 6.76
C PRO A 45 -7.24 5.61 6.02
N THR A 46 -6.14 5.53 5.26
CA THR A 46 -5.66 4.30 4.59
C THR A 46 -5.38 4.59 3.13
N SER A 47 -4.58 3.73 2.50
CA SER A 47 -4.19 3.91 1.11
C SER A 47 -5.40 3.98 0.19
N GLU A 48 -6.41 3.15 0.47
CA GLU A 48 -7.63 3.10 -0.31
C GLU A 48 -8.25 4.48 -0.47
N HIS A 49 -8.28 5.24 0.62
CA HIS A 49 -8.93 6.55 0.61
C HIS A 49 -8.20 7.50 -0.33
N TYR A 50 -6.88 7.46 -0.34
CA TYR A 50 -6.11 8.33 -1.21
C TYR A 50 -6.16 7.84 -2.65
N PHE A 51 -5.95 6.54 -2.83
CA PHE A 51 -5.94 5.92 -4.14
C PHE A 51 -7.29 6.11 -4.84
N GLN A 52 -8.35 5.79 -4.12
CA GLN A 52 -9.71 5.87 -4.65
C GLN A 52 -10.07 7.33 -4.96
N ALA A 53 -9.66 8.23 -4.09
CA ALA A 53 -9.96 9.65 -4.27
C ALA A 53 -9.21 10.25 -5.45
N GLN A 54 -7.99 9.77 -5.67
CA GLN A 54 -7.17 10.28 -6.77
C GLN A 54 -7.60 9.64 -8.09
N LYS A 55 -8.34 8.53 -7.98
CA LYS A 55 -8.80 7.80 -9.16
C LYS A 55 -9.82 8.61 -9.97
N PHE A 56 -10.46 9.58 -9.33
CA PHE A 56 -11.52 10.34 -9.98
C PHE A 56 -11.04 11.71 -10.43
N LEU A 57 -11.93 12.45 -11.06
CA LEU A 57 -11.59 13.75 -11.64
C LEU A 57 -12.27 14.87 -10.86
N ASP A 58 -13.49 14.63 -10.42
CA ASP A 58 -14.24 15.61 -9.64
C ASP A 58 -13.71 15.68 -8.21
N GLU A 59 -13.09 16.81 -7.91
CA GLU A 59 -12.40 17.04 -6.64
C GLU A 59 -13.36 16.94 -5.46
N LYS A 60 -14.60 17.36 -5.68
CA LYS A 60 -15.62 17.31 -4.63
C LYS A 60 -15.79 15.87 -4.15
N TYR A 61 -15.72 14.93 -5.08
CA TYR A 61 -15.87 13.52 -4.75
C TYR A 61 -14.60 13.00 -4.11
N ARG A 62 -13.45 13.51 -4.54
CA ARG A 62 -12.18 13.17 -3.91
C ARG A 62 -12.23 13.51 -2.43
N GLU A 63 -12.75 14.69 -2.14
CA GLU A 63 -12.85 15.17 -0.76
C GLU A 63 -13.87 14.35 0.01
N GLU A 64 -14.89 13.87 -0.69
CA GLU A 64 -15.91 13.00 -0.09
C GLU A 64 -15.31 11.64 0.24
N ILE A 65 -14.38 11.18 -0.58
CA ILE A 65 -13.71 9.91 -0.35
C ILE A 65 -12.73 10.02 0.83
N ARG A 66 -12.28 11.23 1.13
CA ARG A 66 -11.51 11.46 2.34
C ARG A 66 -12.46 11.67 3.53
N ARG A 67 -13.69 12.03 3.20
CA ARG A 67 -14.71 12.34 4.21
C ARG A 67 -15.23 11.04 4.82
N VAL A 68 -15.23 9.98 4.02
CA VAL A 68 -15.70 8.68 4.47
C VAL A 68 -14.64 7.99 5.33
N SER A 69 -15.06 7.53 6.50
CA SER A 69 -14.15 6.83 7.41
C SER A 69 -13.92 5.40 6.93
N SER A 70 -14.97 4.77 6.41
CA SER A 70 -14.90 3.39 5.98
C SER A 70 -14.19 3.26 4.63
N PRO A 71 -13.08 2.52 4.59
CA PRO A 71 -12.30 2.31 3.36
C PRO A 71 -13.08 1.53 2.30
N MET A 72 -13.85 0.55 2.76
CA MET A 72 -14.59 -0.32 1.84
C MET A 72 -15.64 0.46 1.08
N VAL A 73 -16.33 1.37 1.77
CA VAL A 73 -17.38 2.18 1.16
C VAL A 73 -16.84 3.02 0.01
N ALA A 74 -15.63 3.53 0.19
CA ALA A 74 -14.99 4.36 -0.83
C ALA A 74 -14.80 3.59 -2.14
N ALA A 75 -14.08 2.47 -2.06
CA ALA A 75 -13.85 1.63 -3.22
C ALA A 75 -15.18 1.09 -3.76
N ARG A 76 -16.10 0.76 -2.86
CA ARG A 76 -17.42 0.26 -3.24
C ARG A 76 -18.12 1.24 -4.16
N MET A 77 -18.16 2.52 -3.76
CA MET A 77 -18.89 3.52 -4.53
C MET A 77 -18.08 3.97 -5.75
N GLY A 78 -16.78 3.72 -5.71
CA GLY A 78 -15.93 4.03 -6.84
C GLY A 78 -15.75 2.84 -7.76
N ARG A 79 -16.37 1.73 -7.41
CA ARG A 79 -16.32 0.53 -8.23
C ARG A 79 -17.47 0.53 -9.22
N ASP A 80 -18.37 1.49 -9.02
CA ASP A 80 -19.59 1.60 -9.81
C ASP A 80 -19.28 2.27 -11.16
N ARG A 81 -20.22 2.15 -12.10
CA ARG A 81 -19.99 2.62 -13.46
C ARG A 81 -20.52 4.04 -13.65
N SER A 82 -21.20 4.56 -12.62
CA SER A 82 -21.77 5.91 -12.68
C SER A 82 -20.69 6.97 -12.61
N LYS A 83 -19.46 6.54 -12.33
CA LYS A 83 -18.35 7.46 -12.23
C LYS A 83 -17.36 7.28 -13.37
N PRO A 84 -17.09 8.34 -14.12
CA PRO A 84 -16.07 8.34 -15.17
C PRO A 84 -14.67 8.22 -14.57
N LEU A 85 -13.97 7.17 -14.93
CA LEU A 85 -12.64 6.93 -14.42
C LEU A 85 -11.60 7.62 -15.31
N ARG A 86 -10.43 7.91 -14.75
CA ARG A 86 -9.35 8.49 -15.53
C ARG A 86 -8.93 7.52 -16.63
N LYS A 87 -8.93 8.02 -17.86
CA LYS A 87 -8.66 7.20 -19.03
C LYS A 87 -7.33 6.47 -18.89
N ASN A 88 -6.31 7.17 -18.41
CA ASN A 88 -4.99 6.59 -18.24
C ASN A 88 -4.72 6.25 -16.78
N TRP A 89 -5.77 5.98 -16.02
CA TRP A 89 -5.60 5.62 -14.62
C TRP A 89 -4.72 4.39 -14.47
N GLU A 90 -4.94 3.37 -15.30
CA GLU A 90 -4.16 2.15 -15.21
C GLU A 90 -2.68 2.42 -15.47
N SER A 91 -2.38 3.51 -16.14
CA SER A 91 -0.99 3.90 -16.40
C SER A 91 -0.38 4.58 -15.18
N VAL A 92 -1.18 5.39 -14.49
CA VAL A 92 -0.69 6.15 -13.34
C VAL A 92 -1.01 5.45 -12.02
N LYS A 93 -1.63 4.28 -12.15
CA LYS A 93 -2.04 3.47 -11.00
C LYS A 93 -0.87 3.18 -10.08
N GLU A 94 0.17 2.60 -10.64
CA GLU A 94 1.36 2.27 -9.87
C GLU A 94 2.04 3.52 -9.30
N GLN A 95 1.89 4.65 -9.99
CA GLN A 95 2.50 5.90 -9.56
C GLN A 95 1.82 6.41 -8.29
N VAL A 96 0.49 6.51 -8.35
CA VAL A 96 -0.29 6.97 -7.20
C VAL A 96 -0.12 6.03 -6.02
N MET A 97 -0.08 4.72 -6.32
CA MET A 97 0.11 3.70 -5.30
C MET A 97 1.47 3.86 -4.64
N ARG A 98 2.48 4.11 -5.47
CA ARG A 98 3.85 4.30 -4.99
C ARG A 98 3.94 5.51 -4.07
N LYS A 99 3.24 6.58 -4.44
CA LYS A 99 3.21 7.79 -3.64
C LYS A 99 2.55 7.55 -2.29
N ALA A 100 1.37 6.95 -2.32
CA ALA A 100 0.60 6.70 -1.11
C ALA A 100 1.32 5.74 -0.18
N LEU A 101 1.85 4.66 -0.74
CA LEU A 101 2.51 3.63 0.06
C LEU A 101 3.78 4.16 0.71
N ARG A 102 4.53 5.00 0.02
CA ARG A 102 5.75 5.54 0.60
C ARG A 102 5.44 6.47 1.76
N ALA A 103 4.35 7.21 1.65
CA ALA A 103 3.92 8.09 2.72
C ALA A 103 3.50 7.26 3.94
N LYS A 104 2.97 6.09 3.67
CA LYS A 104 2.53 5.16 4.70
C LYS A 104 3.70 4.72 5.56
N PHE A 105 4.79 4.28 4.92
CA PHE A 105 5.94 3.77 5.64
C PHE A 105 6.87 4.88 6.14
N GLU A 106 6.97 5.98 5.40
CA GLU A 106 7.85 7.08 5.82
C GLU A 106 7.24 7.88 6.96
N GLN A 107 5.93 7.76 7.15
CA GLN A 107 5.27 8.44 8.26
C GLN A 107 5.33 7.59 9.51
N HIS A 108 5.02 6.30 9.36
CA HIS A 108 5.08 5.37 10.49
C HIS A 108 6.38 4.58 10.42
N ALA A 109 7.37 4.99 11.22
CA ALA A 109 8.71 4.43 11.16
C ALA A 109 8.73 2.95 11.51
N GLU A 110 7.83 2.52 12.38
CA GLU A 110 7.76 1.12 12.78
C GLU A 110 7.30 0.25 11.63
N LEU A 111 6.41 0.79 10.80
CA LEU A 111 5.94 0.07 9.62
C LEU A 111 7.04 0.03 8.57
N ARG A 112 7.80 1.12 8.50
CA ARG A 112 8.97 1.19 7.62
C ARG A 112 9.96 0.09 7.95
N ALA A 113 10.26 -0.06 9.23
CA ALA A 113 11.18 -1.09 9.70
C ALA A 113 10.63 -2.47 9.38
N LEU A 114 9.33 -2.63 9.55
CA LEU A 114 8.65 -3.89 9.26
C LEU A 114 8.79 -4.24 7.78
N LEU A 115 8.61 -3.25 6.92
CA LEU A 115 8.71 -3.44 5.48
C LEU A 115 10.12 -3.90 5.07
N LEU A 116 11.13 -3.11 5.43
CA LEU A 116 12.49 -3.41 5.03
C LEU A 116 13.00 -4.70 5.69
N ALA A 117 12.32 -5.14 6.74
CA ALA A 117 12.71 -6.35 7.44
C ALA A 117 12.33 -7.62 6.67
N THR A 118 11.48 -7.48 5.65
CA THR A 118 11.08 -8.64 4.87
C THR A 118 12.03 -8.90 3.72
N ALA A 119 12.83 -7.91 3.38
CA ALA A 119 13.84 -8.07 2.33
C ALA A 119 14.76 -9.25 2.65
N PRO A 120 15.13 -10.05 1.63
CA PRO A 120 14.69 -9.88 0.25
C PRO A 120 13.56 -10.85 -0.14
N ALA A 121 12.62 -11.09 0.76
CA ALA A 121 11.50 -11.98 0.49
C ALA A 121 10.52 -11.34 -0.50
N LYS A 122 9.80 -12.19 -1.23
CA LYS A 122 8.86 -11.73 -2.23
C LYS A 122 7.50 -11.47 -1.58
N LEU A 123 7.01 -10.24 -1.74
CA LEU A 123 5.73 -9.84 -1.12
C LEU A 123 4.59 -10.10 -2.10
N VAL A 124 3.59 -10.86 -1.65
CA VAL A 124 2.40 -11.14 -2.46
C VAL A 124 1.14 -11.05 -1.59
N GLU A 125 0.10 -10.45 -2.13
CA GLU A 125 -1.20 -10.44 -1.46
C GLU A 125 -2.14 -11.38 -2.21
N HIS A 126 -2.96 -12.11 -1.46
CA HIS A 126 -3.87 -13.04 -2.08
C HIS A 126 -5.29 -12.47 -2.05
N THR A 127 -5.54 -11.55 -2.97
CA THR A 127 -6.83 -10.90 -3.08
C THR A 127 -7.80 -11.82 -3.82
N GLU A 128 -8.45 -12.70 -3.08
CA GLU A 128 -9.31 -13.72 -3.69
C GLU A 128 -10.65 -13.12 -4.09
N ASN A 129 -11.04 -12.03 -3.45
CA ASN A 129 -12.34 -11.43 -3.68
C ASN A 129 -12.36 -10.51 -4.91
N ASP A 130 -11.18 -10.02 -5.30
CA ASP A 130 -11.10 -9.13 -6.47
C ASP A 130 -9.70 -9.19 -7.08
N ALA A 131 -9.64 -9.02 -8.39
CA ALA A 131 -8.39 -9.09 -9.12
C ALA A 131 -7.92 -7.71 -9.55
N TYR A 132 -7.17 -7.03 -8.67
CA TYR A 132 -6.72 -5.67 -8.97
C TYR A 132 -5.35 -5.37 -8.35
N TRP A 133 -5.11 -5.89 -7.15
CA TRP A 133 -3.87 -5.60 -6.44
C TRP A 133 -3.25 -6.86 -5.83
N GLY A 134 -3.41 -7.99 -6.47
CA GLY A 134 -2.89 -9.23 -5.91
C GLY A 134 -2.80 -10.33 -6.93
N ASP A 135 -3.36 -11.48 -6.61
CA ASP A 135 -3.40 -12.56 -7.59
C ASP A 135 -4.83 -12.73 -8.08
N GLY A 136 -5.76 -12.02 -7.47
CA GLY A 136 -7.15 -12.06 -7.89
C GLY A 136 -7.81 -13.38 -7.56
N GLY A 137 -7.09 -14.23 -6.86
CA GLY A 137 -7.59 -15.56 -6.53
C GLY A 137 -7.34 -16.55 -7.65
N HIS A 138 -6.53 -16.16 -8.63
CA HIS A 138 -6.26 -17.01 -9.78
C HIS A 138 -5.02 -16.53 -10.55
N GLY A 139 -4.10 -15.88 -9.84
CA GLY A 139 -2.87 -15.42 -10.47
C GLY A 139 -3.02 -14.10 -11.22
N LYS A 140 -4.02 -14.03 -12.09
CA LYS A 140 -4.23 -12.87 -12.95
C LYS A 140 -4.96 -11.76 -12.20
N GLY A 141 -4.36 -11.31 -11.12
CA GLY A 141 -4.96 -10.29 -10.29
C GLY A 141 -4.08 -9.07 -10.10
N LYS A 142 -3.05 -8.93 -10.93
CA LYS A 142 -2.13 -7.79 -10.87
C LYS A 142 -1.27 -7.83 -9.61
N ASN A 143 -0.24 -8.67 -9.63
CA ASN A 143 0.70 -8.81 -8.49
C ASN A 143 1.57 -7.56 -8.33
N ARG A 144 1.30 -6.55 -9.13
CA ARG A 144 2.09 -5.32 -9.12
C ARG A 144 2.10 -4.65 -7.76
N LEU A 145 1.15 -4.98 -6.88
CA LEU A 145 1.18 -4.44 -5.51
C LEU A 145 2.38 -4.97 -4.76
N GLY A 146 2.53 -6.30 -4.76
CA GLY A 146 3.67 -6.92 -4.13
C GLY A 146 4.96 -6.45 -4.73
N TYR A 147 4.96 -6.29 -6.05
CA TYR A 147 6.12 -5.78 -6.75
C TYR A 147 6.40 -4.34 -6.34
N LEU A 148 5.36 -3.52 -6.27
CA LEU A 148 5.49 -2.12 -5.88
C LEU A 148 6.06 -2.03 -4.47
N LEU A 149 5.53 -2.84 -3.57
CA LEU A 149 6.02 -2.89 -2.19
C LEU A 149 7.50 -3.20 -2.14
N MET A 150 7.94 -4.17 -2.96
CA MET A 150 9.33 -4.57 -2.99
C MET A 150 10.20 -3.51 -3.67
N GLU A 151 9.71 -2.97 -4.78
CA GLU A 151 10.44 -1.95 -5.53
C GLU A 151 10.54 -0.67 -4.71
N LEU A 152 9.46 -0.32 -4.02
CA LEU A 152 9.45 0.83 -3.14
C LEU A 152 10.40 0.60 -1.97
N ARG A 153 10.42 -0.64 -1.48
CA ARG A 153 11.34 -1.01 -0.42
C ARG A 153 12.79 -0.82 -0.86
N GLU A 154 13.07 -1.09 -2.13
CA GLU A 154 14.39 -0.84 -2.71
C GLU A 154 14.75 0.63 -2.56
N GLN A 155 13.83 1.50 -2.97
CA GLN A 155 14.02 2.94 -2.88
C GLN A 155 14.17 3.39 -1.42
N LEU A 156 13.30 2.87 -0.55
CA LEU A 156 13.34 3.23 0.86
C LEU A 156 14.63 2.74 1.51
N ALA A 157 15.13 1.60 1.01
CA ALA A 157 16.36 1.03 1.52
C ALA A 157 17.57 1.83 1.09
N ILE A 158 17.79 1.94 -0.22
CA ILE A 158 19.02 2.53 -0.75
C ILE A 158 19.25 3.96 -0.27
N GLU A 159 18.19 4.75 -0.17
CA GLU A 159 18.31 6.13 0.28
C GLU A 159 18.81 6.21 1.72
N LYS A 160 18.41 5.23 2.53
CA LYS A 160 18.82 5.17 3.92
C LYS A 160 20.06 4.30 4.07
N LEU A 161 20.30 3.45 3.08
CA LEU A 161 21.48 2.61 3.02
C LEU A 161 22.69 3.48 2.67
N GLU A 162 22.43 4.52 1.87
CA GLU A 162 23.42 5.54 1.54
C GLU A 162 24.07 6.01 2.83
N HIS A 163 23.22 6.41 3.78
CA HIS A 163 23.60 6.65 5.17
C HIS A 163 24.46 7.91 5.35
N HIS A 164 25.04 8.42 4.26
CA HIS A 164 25.84 9.63 4.32
C HIS A 164 24.95 10.84 4.51
N HIS A 165 23.68 10.69 4.16
CA HIS A 165 22.67 11.71 4.41
C HIS A 165 22.61 12.03 5.90
N HIS A 166 23.19 13.15 6.28
CA HIS A 166 23.24 13.54 7.68
C HIS A 166 22.49 14.83 7.89
N HIS A 167 21.48 14.79 8.75
CA HIS A 167 20.68 15.96 9.04
C HIS A 167 20.34 16.00 10.53
N HIS A 168 21.11 15.27 11.32
CA HIS A 168 20.95 15.24 12.77
C HIS A 168 22.31 15.26 13.44
N MET A 1 4.78 -1.81 22.52
CA MET A 1 3.95 -1.21 21.47
C MET A 1 2.94 -2.20 20.93
N PRO A 2 1.74 -1.74 20.52
CA PRO A 2 0.74 -2.59 19.88
C PRO A 2 1.26 -3.19 18.57
N VAL A 3 2.02 -2.39 17.83
CA VAL A 3 2.71 -2.87 16.65
C VAL A 3 4.16 -3.21 17.02
N ARG A 4 4.60 -4.40 16.68
CA ARG A 4 5.90 -4.88 17.13
C ARG A 4 6.80 -5.19 15.95
N ALA A 5 6.20 -5.74 14.89
CA ALA A 5 6.92 -6.14 13.69
C ALA A 5 7.87 -7.29 14.00
N GLN A 6 7.67 -7.91 15.16
CA GLN A 6 8.56 -8.96 15.65
C GLN A 6 7.98 -10.35 15.41
N ARG A 7 6.98 -10.45 14.53
CA ARG A 7 6.43 -11.75 14.15
C ARG A 7 7.48 -12.56 13.40
N ILE A 8 8.30 -11.86 12.62
CA ILE A 8 9.43 -12.48 11.93
C ILE A 8 10.67 -11.61 12.11
N GLN A 9 10.62 -10.40 11.54
CA GLN A 9 11.68 -9.40 11.67
C GLN A 9 12.90 -9.79 10.83
N HIS A 10 13.52 -10.91 11.17
CA HIS A 10 14.64 -11.41 10.39
C HIS A 10 14.17 -12.56 9.50
N VAL A 11 14.26 -12.36 8.20
CA VAL A 11 13.80 -13.36 7.25
C VAL A 11 14.90 -14.36 6.93
N MET A 12 14.62 -15.25 6.00
CA MET A 12 15.54 -16.34 5.68
C MET A 12 16.39 -16.00 4.47
N GLN A 13 15.85 -16.27 3.28
CA GLN A 13 16.52 -15.99 2.01
C GLN A 13 15.61 -16.37 0.86
N ASP A 14 15.20 -15.36 0.08
CA ASP A 14 14.33 -15.56 -1.07
C ASP A 14 13.02 -16.24 -0.65
N THR A 15 12.61 -15.95 0.57
CA THR A 15 11.40 -16.50 1.15
C THR A 15 10.18 -15.81 0.57
N ILE A 16 9.08 -16.52 0.41
CA ILE A 16 7.89 -15.92 -0.17
C ILE A 16 6.82 -15.76 0.90
N ILE A 17 6.59 -14.51 1.29
CA ILE A 17 5.66 -14.21 2.36
C ILE A 17 4.25 -14.01 1.83
N ASN A 18 3.42 -15.02 2.01
CA ASN A 18 2.00 -14.93 1.70
C ASN A 18 1.23 -14.63 2.97
N PHE A 19 0.86 -13.38 3.16
CA PHE A 19 0.20 -12.95 4.39
C PHE A 19 -1.30 -12.82 4.17
N TYR A 20 -2.06 -12.97 5.25
CA TYR A 20 -3.49 -12.79 5.19
C TYR A 20 -3.98 -12.30 6.54
N SER A 21 -5.22 -11.79 6.58
CA SER A 21 -5.83 -11.22 7.78
C SER A 21 -4.95 -10.13 8.40
N THR A 22 -5.32 -8.88 8.13
CA THR A 22 -4.56 -7.71 8.55
C THR A 22 -4.59 -7.49 10.07
N SER A 23 -5.24 -8.41 10.78
CA SER A 23 -5.42 -8.30 12.22
C SER A 23 -4.10 -8.15 12.99
N ASP A 24 -3.05 -8.83 12.55
CA ASP A 24 -1.76 -8.73 13.24
C ASP A 24 -0.91 -7.63 12.61
N ASP A 25 0.15 -7.24 13.31
CA ASP A 25 0.95 -6.08 12.92
C ASP A 25 1.98 -6.42 11.84
N TYR A 26 1.99 -7.67 11.38
CA TYR A 26 2.87 -8.05 10.29
C TYR A 26 2.07 -8.12 8.99
N GLY A 27 0.77 -7.92 9.10
CA GLY A 27 -0.12 -7.98 7.95
C GLY A 27 -0.35 -6.62 7.32
N ASP A 28 0.27 -5.59 7.89
CA ASP A 28 0.03 -4.20 7.49
C ASP A 28 0.32 -3.96 6.02
N PHE A 29 1.14 -4.84 5.42
CA PHE A 29 1.54 -4.70 4.02
C PHE A 29 0.35 -4.61 3.07
N SER A 30 -0.80 -5.09 3.53
CA SER A 30 -2.02 -5.04 2.74
C SER A 30 -2.41 -3.58 2.47
N ASN A 31 -2.90 -3.33 1.26
CA ASN A 31 -3.26 -1.97 0.86
C ASN A 31 -4.55 -1.54 1.55
N PHE A 32 -5.34 -2.51 2.00
CA PHE A 32 -6.61 -2.24 2.67
C PHE A 32 -6.40 -2.11 4.18
N ALA A 33 -5.14 -2.14 4.60
CA ALA A 33 -4.82 -2.04 6.02
C ALA A 33 -5.23 -0.69 6.57
N ALA A 34 -5.81 -0.70 7.78
CA ALA A 34 -6.32 0.51 8.41
C ALA A 34 -5.22 1.25 9.15
N TRP A 35 -4.20 1.63 8.42
CA TRP A 35 -3.11 2.41 8.99
C TRP A 35 -3.12 3.82 8.39
N PRO A 36 -3.40 4.82 9.24
CA PRO A 36 -3.53 6.22 8.81
C PRO A 36 -2.28 6.73 8.11
N ILE A 37 -2.48 7.26 6.91
CA ILE A 37 -1.39 7.81 6.12
C ILE A 37 -1.59 9.30 5.91
N LYS A 38 -0.49 10.04 5.85
CA LYS A 38 -0.53 11.46 5.64
C LYS A 38 -0.01 11.80 4.25
N VAL A 39 -0.92 12.09 3.33
CA VAL A 39 -0.55 12.33 1.95
C VAL A 39 -1.02 13.71 1.49
N ASP A 40 -0.07 14.51 1.00
CA ASP A 40 -0.35 15.85 0.49
C ASP A 40 -0.96 16.73 1.57
N GLY A 41 -0.69 16.39 2.82
CA GLY A 41 -1.24 17.16 3.93
C GLY A 41 -2.58 16.63 4.40
N LYS A 42 -3.11 15.62 3.72
CA LYS A 42 -4.40 15.06 4.08
C LYS A 42 -4.24 13.73 4.77
N THR A 43 -5.03 13.51 5.82
CA THR A 43 -4.98 12.29 6.59
C THR A 43 -5.97 11.26 6.02
N TRP A 44 -5.44 10.17 5.49
CA TRP A 44 -6.26 9.11 4.92
C TRP A 44 -6.21 7.89 5.83
N PRO A 45 -7.38 7.32 6.17
CA PRO A 45 -7.47 6.16 7.06
C PRO A 45 -6.85 4.91 6.45
N THR A 46 -6.87 4.83 5.12
CA THR A 46 -6.36 3.68 4.40
C THR A 46 -5.79 4.12 3.06
N SER A 47 -4.98 3.25 2.45
CA SER A 47 -4.40 3.54 1.15
C SER A 47 -5.49 3.59 0.07
N GLU A 48 -6.55 2.82 0.28
CA GLU A 48 -7.64 2.70 -0.68
C GLU A 48 -8.37 4.04 -0.86
N HIS A 49 -8.38 4.87 0.18
CA HIS A 49 -9.06 6.17 0.10
C HIS A 49 -8.34 7.09 -0.88
N TYR A 50 -7.01 7.09 -0.84
CA TYR A 50 -6.23 7.92 -1.74
C TYR A 50 -6.33 7.37 -3.16
N PHE A 51 -6.34 6.04 -3.26
CA PHE A 51 -6.50 5.34 -4.52
C PHE A 51 -7.85 5.69 -5.16
N GLN A 52 -8.87 5.77 -4.32
CA GLN A 52 -10.21 6.08 -4.77
C GLN A 52 -10.33 7.55 -5.17
N ALA A 53 -9.78 8.41 -4.32
CA ALA A 53 -9.85 9.86 -4.53
C ALA A 53 -9.08 10.30 -5.78
N GLN A 54 -7.93 9.68 -6.00
CA GLN A 54 -7.09 10.04 -7.14
C GLN A 54 -7.55 9.32 -8.42
N LYS A 55 -8.36 8.28 -8.25
CA LYS A 55 -8.98 7.60 -9.39
C LYS A 55 -9.81 8.58 -10.21
N PHE A 56 -10.48 9.49 -9.52
CA PHE A 56 -11.32 10.47 -10.18
C PHE A 56 -10.59 11.81 -10.30
N LEU A 57 -10.90 12.54 -11.34
CA LEU A 57 -10.32 13.86 -11.57
C LEU A 57 -11.26 14.94 -11.02
N ASP A 58 -12.37 14.50 -10.44
CA ASP A 58 -13.35 15.40 -9.88
C ASP A 58 -12.99 15.73 -8.43
N GLU A 59 -12.60 16.98 -8.20
CA GLU A 59 -12.17 17.41 -6.88
C GLU A 59 -13.30 17.26 -5.85
N LYS A 60 -14.53 17.44 -6.31
CA LYS A 60 -15.69 17.32 -5.43
C LYS A 60 -15.81 15.91 -4.88
N TYR A 61 -15.78 14.92 -5.76
CA TYR A 61 -15.88 13.52 -5.36
C TYR A 61 -14.65 13.10 -4.57
N ARG A 62 -13.52 13.73 -4.87
CA ARG A 62 -12.30 13.49 -4.13
C ARG A 62 -12.45 13.96 -2.68
N GLU A 63 -13.09 15.12 -2.51
CA GLU A 63 -13.43 15.65 -1.19
C GLU A 63 -14.38 14.71 -0.48
N GLU A 64 -15.27 14.11 -1.26
CA GLU A 64 -16.24 13.14 -0.74
C GLU A 64 -15.53 11.94 -0.13
N ILE A 65 -14.67 11.29 -0.90
CA ILE A 65 -13.94 10.11 -0.44
C ILE A 65 -13.04 10.45 0.76
N ARG A 66 -12.61 11.70 0.87
CA ARG A 66 -11.75 12.10 1.96
C ARG A 66 -12.50 12.14 3.29
N ARG A 67 -13.77 12.54 3.24
CA ARG A 67 -14.53 12.76 4.48
C ARG A 67 -15.18 11.47 4.95
N VAL A 68 -14.98 10.38 4.23
CA VAL A 68 -15.49 9.10 4.65
C VAL A 68 -14.42 8.32 5.40
N SER A 69 -14.66 8.03 6.66
CA SER A 69 -13.70 7.30 7.48
C SER A 69 -13.82 5.81 7.22
N SER A 70 -15.00 5.38 6.79
CA SER A 70 -15.25 3.99 6.49
C SER A 70 -14.63 3.61 5.14
N PRO A 71 -13.64 2.69 5.16
CA PRO A 71 -12.90 2.29 3.95
C PRO A 71 -13.79 1.72 2.85
N MET A 72 -14.56 0.69 3.21
CA MET A 72 -15.34 -0.06 2.23
C MET A 72 -16.44 0.81 1.62
N VAL A 73 -16.83 1.87 2.33
CA VAL A 73 -17.85 2.78 1.82
C VAL A 73 -17.28 3.63 0.69
N ALA A 74 -16.01 4.03 0.83
CA ALA A 74 -15.33 4.79 -0.20
C ALA A 74 -15.26 3.97 -1.48
N ALA A 75 -14.89 2.71 -1.34
CA ALA A 75 -14.87 1.79 -2.46
C ALA A 75 -16.27 1.62 -3.05
N ARG A 76 -17.26 1.49 -2.17
CA ARG A 76 -18.64 1.27 -2.58
C ARG A 76 -19.16 2.41 -3.45
N MET A 77 -19.09 3.63 -2.94
CA MET A 77 -19.61 4.78 -3.66
C MET A 77 -18.69 5.17 -4.82
N GLY A 78 -17.45 4.72 -4.76
CA GLY A 78 -16.51 5.00 -5.82
C GLY A 78 -16.47 3.87 -6.84
N ARG A 79 -17.28 2.84 -6.59
CA ARG A 79 -17.42 1.73 -7.51
C ARG A 79 -18.36 2.12 -8.66
N ASP A 80 -18.85 3.35 -8.60
CA ASP A 80 -19.75 3.88 -9.62
C ASP A 80 -18.98 4.24 -10.88
N ARG A 81 -19.44 3.72 -12.01
CA ARG A 81 -18.76 3.91 -13.27
C ARG A 81 -19.40 5.04 -14.07
N SER A 82 -20.32 5.76 -13.44
CA SER A 82 -21.01 6.87 -14.10
C SER A 82 -20.17 8.14 -14.01
N LYS A 83 -19.18 8.12 -13.14
CA LYS A 83 -18.28 9.24 -12.96
C LYS A 83 -17.23 9.26 -14.07
N PRO A 84 -16.75 10.45 -14.44
CA PRO A 84 -15.72 10.59 -15.47
C PRO A 84 -14.45 9.84 -15.13
N LEU A 85 -14.19 8.78 -15.88
CA LEU A 85 -13.00 7.96 -15.68
C LEU A 85 -11.84 8.57 -16.46
N ARG A 86 -10.78 8.91 -15.74
CA ARG A 86 -9.61 9.52 -16.36
C ARG A 86 -8.89 8.50 -17.25
N LYS A 87 -8.55 8.93 -18.45
CA LYS A 87 -8.02 8.02 -19.48
C LYS A 87 -6.63 7.52 -19.13
N ASN A 88 -5.88 8.33 -18.39
CA ASN A 88 -4.53 7.96 -17.99
C ASN A 88 -4.52 7.23 -16.66
N TRP A 89 -5.68 6.74 -16.24
CA TRP A 89 -5.77 5.92 -15.03
C TRP A 89 -4.88 4.68 -15.17
N GLU A 90 -4.80 4.20 -16.40
CA GLU A 90 -3.93 3.08 -16.73
C GLU A 90 -2.48 3.39 -16.34
N SER A 91 -2.07 4.61 -16.61
CA SER A 91 -0.70 5.05 -16.39
C SER A 91 -0.45 5.41 -14.93
N VAL A 92 -1.41 6.14 -14.34
CA VAL A 92 -1.20 6.74 -13.02
C VAL A 92 -1.58 5.79 -11.88
N LYS A 93 -2.11 4.61 -12.22
CA LYS A 93 -2.51 3.66 -11.18
C LYS A 93 -1.35 3.32 -10.26
N GLU A 94 -0.15 3.23 -10.82
CA GLU A 94 1.03 2.91 -10.04
C GLU A 94 1.51 4.15 -9.30
N GLN A 95 1.33 5.32 -9.91
CA GLN A 95 1.78 6.57 -9.31
C GLN A 95 1.03 6.81 -8.00
N VAL A 96 -0.27 6.57 -8.03
CA VAL A 96 -1.10 6.70 -6.84
C VAL A 96 -0.68 5.67 -5.79
N MET A 97 -0.56 4.41 -6.22
CA MET A 97 -0.18 3.33 -5.32
C MET A 97 1.20 3.55 -4.71
N ARG A 98 2.20 3.76 -5.56
CA ARG A 98 3.59 3.91 -5.11
C ARG A 98 3.77 5.14 -4.22
N LYS A 99 2.92 6.15 -4.44
CA LYS A 99 2.95 7.35 -3.60
C LYS A 99 2.28 7.07 -2.26
N ALA A 100 1.11 6.45 -2.31
CA ALA A 100 0.37 6.11 -1.10
C ALA A 100 1.16 5.12 -0.24
N LEU A 101 1.76 4.13 -0.89
CA LEU A 101 2.58 3.15 -0.19
C LEU A 101 3.80 3.81 0.43
N ARG A 102 4.38 4.79 -0.26
CA ARG A 102 5.52 5.51 0.28
C ARG A 102 5.10 6.27 1.53
N ALA A 103 3.95 6.93 1.47
CA ALA A 103 3.43 7.63 2.63
C ALA A 103 3.12 6.66 3.76
N LYS A 104 2.60 5.50 3.38
CA LYS A 104 2.30 4.43 4.32
C LYS A 104 3.53 4.06 5.16
N PHE A 105 4.62 3.71 4.49
CA PHE A 105 5.81 3.25 5.17
C PHE A 105 6.66 4.39 5.73
N GLU A 106 6.89 5.42 4.93
CA GLU A 106 7.77 6.52 5.34
C GLU A 106 7.18 7.31 6.51
N GLN A 107 5.86 7.23 6.70
CA GLN A 107 5.21 7.91 7.82
C GLN A 107 5.40 7.13 9.12
N HIS A 108 5.21 5.82 9.03
CA HIS A 108 5.29 4.96 10.21
C HIS A 108 6.64 4.27 10.28
N ALA A 109 7.43 4.64 11.28
CA ALA A 109 8.74 4.03 11.48
C ALA A 109 8.61 2.53 11.69
N GLU A 110 7.50 2.12 12.30
CA GLU A 110 7.19 0.71 12.52
C GLU A 110 7.17 -0.03 11.19
N LEU A 111 6.27 0.41 10.32
CA LEU A 111 6.04 -0.24 9.03
C LEU A 111 7.24 -0.03 8.11
N ARG A 112 7.85 1.14 8.23
CA ARG A 112 9.04 1.50 7.45
C ARG A 112 10.12 0.43 7.62
N ALA A 113 10.47 0.18 8.89
CA ALA A 113 11.48 -0.81 9.21
C ALA A 113 10.99 -2.21 8.89
N LEU A 114 9.70 -2.44 9.11
CA LEU A 114 9.07 -3.72 8.83
C LEU A 114 9.24 -4.10 7.35
N LEU A 115 8.94 -3.15 6.47
CA LEU A 115 9.09 -3.37 5.04
C LEU A 115 10.53 -3.71 4.69
N LEU A 116 11.46 -2.93 5.19
CA LEU A 116 12.87 -3.11 4.85
C LEU A 116 13.44 -4.39 5.46
N ALA A 117 12.75 -4.91 6.46
CA ALA A 117 13.19 -6.12 7.15
C ALA A 117 12.80 -7.38 6.37
N THR A 118 11.90 -7.23 5.41
CA THR A 118 11.44 -8.38 4.64
C THR A 118 12.49 -8.84 3.65
N ALA A 119 13.30 -7.91 3.15
CA ALA A 119 14.36 -8.24 2.21
C ALA A 119 15.33 -9.26 2.80
N PRO A 120 15.73 -10.27 2.01
CA PRO A 120 15.30 -10.46 0.64
C PRO A 120 14.19 -11.52 0.48
N ALA A 121 12.99 -11.19 0.92
CA ALA A 121 11.84 -12.07 0.73
C ALA A 121 10.85 -11.46 -0.27
N LYS A 122 10.03 -12.30 -0.88
CA LYS A 122 8.98 -11.85 -1.79
C LYS A 122 7.75 -11.43 -1.00
N LEU A 123 7.11 -10.36 -1.43
CA LEU A 123 5.91 -9.86 -0.76
C LEU A 123 4.68 -10.12 -1.64
N VAL A 124 3.78 -10.97 -1.16
CA VAL A 124 2.60 -11.32 -1.93
C VAL A 124 1.32 -11.15 -1.10
N GLU A 125 0.46 -10.23 -1.51
CA GLU A 125 -0.85 -10.09 -0.90
C GLU A 125 -1.77 -11.15 -1.49
N HIS A 126 -2.50 -11.85 -0.64
CA HIS A 126 -3.33 -12.95 -1.08
C HIS A 126 -4.79 -12.72 -0.72
N THR A 127 -5.62 -12.67 -1.73
CA THR A 127 -7.07 -12.66 -1.53
C THR A 127 -7.64 -13.86 -2.29
N GLU A 128 -8.88 -14.21 -2.03
CA GLU A 128 -9.53 -15.24 -2.81
C GLU A 128 -10.70 -14.66 -3.57
N ASN A 129 -10.86 -13.35 -3.47
CA ASN A 129 -11.92 -12.67 -4.18
C ASN A 129 -11.35 -11.56 -5.05
N ASP A 130 -11.45 -11.78 -6.36
CA ASP A 130 -11.02 -10.82 -7.38
C ASP A 130 -9.50 -10.73 -7.50
N ALA A 131 -9.01 -11.19 -8.63
CA ALA A 131 -7.59 -11.16 -8.93
C ALA A 131 -7.19 -9.81 -9.54
N TYR A 132 -6.40 -9.01 -8.82
CA TYR A 132 -6.04 -7.68 -9.32
C TYR A 132 -4.73 -7.20 -8.72
N TRP A 133 -4.70 -6.93 -7.43
CA TRP A 133 -3.49 -6.52 -6.74
C TRP A 133 -3.04 -7.63 -5.80
N GLY A 134 -2.80 -8.79 -6.38
CA GLY A 134 -2.55 -9.97 -5.58
C GLY A 134 -3.40 -11.11 -6.06
N ASP A 135 -2.97 -12.33 -5.78
CA ASP A 135 -3.64 -13.52 -6.31
C ASP A 135 -5.12 -13.52 -5.96
N GLY A 136 -5.95 -13.89 -6.93
CA GLY A 136 -7.39 -13.96 -6.72
C GLY A 136 -7.83 -15.30 -6.19
N GLY A 137 -6.94 -15.91 -5.42
CA GLY A 137 -7.23 -17.18 -4.77
C GLY A 137 -7.10 -18.37 -5.69
N HIS A 138 -5.95 -18.54 -6.35
CA HIS A 138 -5.70 -19.71 -7.21
C HIS A 138 -4.28 -19.75 -7.77
N GLY A 139 -3.71 -18.59 -8.10
CA GLY A 139 -2.40 -18.58 -8.74
C GLY A 139 -2.33 -17.63 -9.92
N LYS A 140 -3.19 -16.62 -9.91
CA LYS A 140 -3.25 -15.61 -10.95
C LYS A 140 -3.88 -14.35 -10.39
N GLY A 141 -3.08 -13.46 -9.87
CA GLY A 141 -3.63 -12.26 -9.28
C GLY A 141 -2.82 -11.01 -9.52
N LYS A 142 -1.74 -11.13 -10.26
CA LYS A 142 -0.84 -9.99 -10.51
C LYS A 142 -0.19 -9.55 -9.20
N ASN A 143 0.95 -10.16 -8.91
CA ASN A 143 1.75 -9.84 -7.72
C ASN A 143 2.34 -8.43 -7.79
N ARG A 144 1.98 -7.69 -8.83
CA ARG A 144 2.51 -6.35 -9.07
C ARG A 144 2.33 -5.42 -7.87
N LEU A 145 1.36 -5.69 -7.01
CA LEU A 145 1.19 -4.91 -5.78
C LEU A 145 2.39 -5.13 -4.87
N GLY A 146 2.67 -6.41 -4.59
CA GLY A 146 3.82 -6.75 -3.79
C GLY A 146 5.11 -6.41 -4.48
N TYR A 147 5.09 -6.42 -5.80
CA TYR A 147 6.23 -6.03 -6.61
C TYR A 147 6.53 -4.55 -6.38
N LEU A 148 5.47 -3.75 -6.24
CA LEU A 148 5.63 -2.33 -5.93
C LEU A 148 6.14 -2.15 -4.50
N LEU A 149 5.68 -3.03 -3.60
CA LEU A 149 6.14 -3.03 -2.22
C LEU A 149 7.64 -3.29 -2.17
N MET A 150 8.08 -4.28 -2.95
CA MET A 150 9.49 -4.63 -3.02
C MET A 150 10.27 -3.57 -3.79
N GLU A 151 9.61 -2.94 -4.75
CA GLU A 151 10.20 -1.83 -5.50
C GLU A 151 10.51 -0.69 -4.54
N LEU A 152 9.48 -0.28 -3.81
CA LEU A 152 9.62 0.78 -2.82
C LEU A 152 10.61 0.39 -1.74
N ARG A 153 10.57 -0.88 -1.33
CA ARG A 153 11.48 -1.38 -0.31
C ARG A 153 12.93 -1.08 -0.65
N GLU A 154 13.36 -1.50 -1.83
CA GLU A 154 14.72 -1.28 -2.28
C GLU A 154 15.00 0.21 -2.39
N GLN A 155 14.01 0.96 -2.87
CA GLN A 155 14.13 2.40 -3.02
C GLN A 155 14.36 3.07 -1.67
N LEU A 156 13.58 2.65 -0.67
CA LEU A 156 13.70 3.22 0.66
C LEU A 156 15.05 2.90 1.26
N ALA A 157 15.47 1.64 1.11
CA ALA A 157 16.74 1.19 1.66
C ALA A 157 17.91 1.97 1.06
N ILE A 158 17.97 2.04 -0.26
CA ILE A 158 19.03 2.77 -0.95
C ILE A 158 19.08 4.22 -0.46
N GLU A 159 17.92 4.83 -0.29
CA GLU A 159 17.82 6.19 0.22
C GLU A 159 18.43 6.28 1.62
N LYS A 160 18.04 5.35 2.49
CA LYS A 160 18.50 5.36 3.88
C LYS A 160 19.99 5.09 3.95
N LEU A 161 20.48 4.23 3.06
CA LEU A 161 21.90 3.88 3.00
C LEU A 161 22.76 5.10 2.71
N GLU A 162 22.16 6.11 2.09
CA GLU A 162 22.89 7.30 1.68
C GLU A 162 23.10 8.29 2.82
N HIS A 163 22.70 7.93 4.04
CA HIS A 163 22.90 8.81 5.18
C HIS A 163 24.39 8.87 5.57
N HIS A 164 25.11 9.78 4.94
CA HIS A 164 26.53 9.98 5.23
C HIS A 164 26.80 11.42 5.59
N HIS A 165 27.65 11.63 6.58
CA HIS A 165 27.99 12.97 7.03
C HIS A 165 29.23 13.48 6.31
N HIS A 166 29.04 13.98 5.10
CA HIS A 166 30.13 14.57 4.34
C HIS A 166 29.80 16.03 4.03
N HIS A 167 28.97 16.63 4.89
CA HIS A 167 28.56 18.02 4.71
C HIS A 167 29.67 18.97 5.15
N HIS A 168 30.71 19.03 4.33
CA HIS A 168 31.84 19.92 4.56
C HIS A 168 32.60 20.06 3.26
N MET A 1 -1.14 1.47 19.81
CA MET A 1 -1.44 0.05 19.54
C MET A 1 -0.15 -0.73 19.34
N PRO A 2 0.06 -1.80 20.12
CA PRO A 2 1.24 -2.65 20.00
C PRO A 2 1.30 -3.34 18.65
N VAL A 3 2.15 -2.84 17.76
CA VAL A 3 2.33 -3.43 16.44
C VAL A 3 3.05 -4.76 16.56
N ARG A 4 2.45 -5.81 16.02
CA ARG A 4 3.00 -7.15 16.12
C ARG A 4 3.39 -7.68 14.74
N ALA A 5 3.40 -6.78 13.77
CA ALA A 5 3.73 -7.14 12.39
C ALA A 5 5.19 -7.51 12.25
N GLN A 6 6.03 -6.99 13.16
CA GLN A 6 7.46 -7.23 13.11
C GLN A 6 7.83 -8.57 13.73
N ARG A 7 6.98 -9.58 13.54
CA ARG A 7 7.20 -10.88 14.15
C ARG A 7 8.35 -11.60 13.46
N ILE A 8 8.36 -11.57 12.13
CA ILE A 8 9.46 -12.13 11.36
C ILE A 8 10.52 -11.05 11.15
N GLN A 9 11.45 -10.98 12.09
CA GLN A 9 12.46 -9.93 12.10
C GLN A 9 13.63 -10.28 11.18
N HIS A 10 13.53 -11.40 10.48
CA HIS A 10 14.56 -11.82 9.53
C HIS A 10 14.02 -12.95 8.66
N VAL A 11 14.37 -12.92 7.39
CA VAL A 11 13.93 -13.96 6.47
C VAL A 11 15.08 -14.91 6.16
N MET A 12 14.78 -15.96 5.39
CA MET A 12 15.75 -17.00 5.12
C MET A 12 16.40 -16.80 3.76
N GLN A 13 15.88 -17.49 2.74
CA GLN A 13 16.45 -17.44 1.40
C GLN A 13 15.36 -17.57 0.35
N ASP A 14 15.17 -16.51 -0.45
CA ASP A 14 14.16 -16.49 -1.51
C ASP A 14 12.80 -16.95 -1.02
N THR A 15 12.48 -16.60 0.22
CA THR A 15 11.24 -17.01 0.84
C THR A 15 10.07 -16.19 0.30
N ILE A 16 9.05 -16.86 -0.22
CA ILE A 16 7.85 -16.18 -0.66
C ILE A 16 6.91 -16.00 0.52
N ILE A 17 6.65 -14.75 0.86
CA ILE A 17 5.78 -14.43 1.98
C ILE A 17 4.37 -14.15 1.47
N ASN A 18 3.52 -15.15 1.56
CA ASN A 18 2.12 -14.97 1.16
C ASN A 18 1.32 -14.44 2.34
N PHE A 19 1.05 -13.15 2.31
CA PHE A 19 0.24 -12.54 3.35
C PHE A 19 -1.15 -12.27 2.81
N TYR A 20 -2.14 -12.38 3.67
CA TYR A 20 -3.51 -12.19 3.25
C TYR A 20 -4.35 -11.64 4.40
N SER A 21 -5.27 -10.73 4.06
CA SER A 21 -6.22 -10.14 5.00
C SER A 21 -5.55 -9.40 6.14
N THR A 22 -5.83 -8.11 6.23
CA THR A 22 -5.28 -7.27 7.29
C THR A 22 -5.62 -7.87 8.65
N SER A 23 -6.91 -7.90 8.95
CA SER A 23 -7.45 -8.54 10.15
C SER A 23 -6.66 -8.18 11.42
N ASP A 24 -5.72 -9.04 11.79
CA ASP A 24 -4.92 -8.86 13.00
C ASP A 24 -3.66 -9.73 12.87
N ASP A 25 -3.18 -9.84 11.65
CA ASP A 25 -2.04 -10.70 11.35
C ASP A 25 -0.98 -9.88 10.62
N TYR A 26 -0.26 -10.50 9.68
CA TYR A 26 0.77 -9.81 8.90
C TYR A 26 0.15 -8.85 7.88
N GLY A 27 -1.18 -8.81 7.86
CA GLY A 27 -1.91 -7.98 6.93
C GLY A 27 -1.63 -6.48 7.06
N ASP A 28 -0.77 -6.09 7.99
CA ASP A 28 -0.36 -4.69 8.11
C ASP A 28 0.21 -4.17 6.79
N PHE A 29 0.72 -5.08 5.96
CA PHE A 29 1.19 -4.72 4.63
C PHE A 29 0.02 -4.26 3.75
N SER A 30 -1.13 -4.91 3.93
CA SER A 30 -2.32 -4.66 3.12
C SER A 30 -2.73 -3.19 3.18
N ASN A 31 -3.25 -2.68 2.07
CA ASN A 31 -3.62 -1.28 1.96
C ASN A 31 -4.97 -0.99 2.59
N PHE A 32 -5.50 -1.96 3.32
CA PHE A 32 -6.75 -1.77 4.04
C PHE A 32 -6.45 -1.62 5.54
N ALA A 33 -5.16 -1.56 5.87
CA ALA A 33 -4.73 -1.36 7.24
C ALA A 33 -5.02 0.06 7.70
N ALA A 34 -5.42 0.20 8.94
CA ALA A 34 -5.80 1.50 9.49
C ALA A 34 -4.58 2.31 9.93
N TRP A 35 -3.64 2.46 9.02
CA TRP A 35 -2.45 3.26 9.27
C TRP A 35 -2.51 4.55 8.47
N PRO A 36 -2.77 5.69 9.14
CA PRO A 36 -2.90 6.99 8.50
C PRO A 36 -1.67 7.37 7.69
N ILE A 37 -1.90 7.95 6.53
CA ILE A 37 -0.83 8.33 5.63
C ILE A 37 -0.83 9.83 5.37
N LYS A 38 0.33 10.45 5.50
CA LYS A 38 0.46 11.88 5.26
C LYS A 38 0.94 12.12 3.83
N VAL A 39 0.02 12.32 2.92
CA VAL A 39 0.35 12.47 1.51
C VAL A 39 0.28 13.93 1.10
N ASP A 40 1.40 14.42 0.57
CA ASP A 40 1.49 15.79 0.05
C ASP A 40 1.18 16.81 1.15
N GLY A 41 1.38 16.41 2.39
CA GLY A 41 1.21 17.30 3.51
C GLY A 41 -0.14 17.19 4.18
N LYS A 42 -0.98 16.26 3.74
CA LYS A 42 -2.30 16.11 4.36
C LYS A 42 -2.56 14.69 4.80
N THR A 43 -3.40 14.56 5.81
CA THR A 43 -3.62 13.28 6.46
C THR A 43 -4.79 12.52 5.84
N TRP A 44 -4.49 11.40 5.21
CA TRP A 44 -5.52 10.51 4.71
C TRP A 44 -5.66 9.34 5.69
N PRO A 45 -6.89 9.06 6.13
CA PRO A 45 -7.16 8.01 7.11
C PRO A 45 -6.59 6.66 6.70
N THR A 46 -6.69 6.36 5.41
CA THR A 46 -6.24 5.09 4.87
C THR A 46 -5.83 5.27 3.40
N SER A 47 -5.22 4.24 2.82
CA SER A 47 -4.66 4.32 1.48
C SER A 47 -5.72 4.45 0.38
N GLU A 48 -6.78 3.65 0.49
CA GLU A 48 -7.81 3.62 -0.55
C GLU A 48 -8.50 4.98 -0.71
N HIS A 49 -8.62 5.72 0.39
CA HIS A 49 -9.24 7.04 0.36
C HIS A 49 -8.58 7.96 -0.66
N TYR A 50 -7.25 7.93 -0.74
CA TYR A 50 -6.55 8.73 -1.72
C TYR A 50 -6.72 8.16 -3.12
N PHE A 51 -6.67 6.83 -3.21
CA PHE A 51 -6.82 6.15 -4.49
C PHE A 51 -8.20 6.42 -5.10
N GLN A 52 -9.23 6.19 -4.31
CA GLN A 52 -10.62 6.35 -4.77
C GLN A 52 -10.88 7.80 -5.17
N ALA A 53 -10.36 8.74 -4.39
CA ALA A 53 -10.55 10.16 -4.67
C ALA A 53 -9.84 10.57 -5.96
N GLN A 54 -8.78 9.86 -6.31
CA GLN A 54 -8.01 10.20 -7.49
C GLN A 54 -8.64 9.57 -8.73
N LYS A 55 -9.47 8.55 -8.52
CA LYS A 55 -10.18 7.89 -9.61
C LYS A 55 -11.17 8.83 -10.30
N PHE A 56 -12.03 9.46 -9.50
CA PHE A 56 -13.17 10.19 -10.03
C PHE A 56 -12.77 11.47 -10.74
N LEU A 57 -13.62 11.88 -11.69
CA LEU A 57 -13.46 13.16 -12.37
C LEU A 57 -14.38 14.17 -11.72
N ASP A 58 -15.12 13.70 -10.72
CA ASP A 58 -16.00 14.55 -9.93
C ASP A 58 -15.22 15.16 -8.79
N GLU A 59 -15.00 16.47 -8.86
CA GLU A 59 -14.27 17.19 -7.82
C GLU A 59 -15.01 17.04 -6.48
N LYS A 60 -16.33 17.04 -6.55
CA LYS A 60 -17.16 16.87 -5.37
C LYS A 60 -16.93 15.52 -4.73
N TYR A 61 -16.80 14.49 -5.56
CA TYR A 61 -16.66 13.12 -5.07
C TYR A 61 -15.36 12.93 -4.29
N ARG A 62 -14.25 13.44 -4.82
CA ARG A 62 -12.98 13.29 -4.11
C ARG A 62 -13.00 14.08 -2.80
N GLU A 63 -13.72 15.20 -2.78
CA GLU A 63 -13.88 15.95 -1.54
C GLU A 63 -14.76 15.17 -0.57
N GLU A 64 -15.75 14.47 -1.12
CA GLU A 64 -16.62 13.60 -0.32
C GLU A 64 -15.81 12.46 0.27
N ILE A 65 -14.90 11.91 -0.52
CA ILE A 65 -14.03 10.84 -0.07
C ILE A 65 -12.98 11.37 0.92
N ARG A 66 -12.75 12.68 0.87
CA ARG A 66 -11.88 13.34 1.85
C ARG A 66 -12.62 13.53 3.17
N ARG A 67 -13.92 13.29 3.15
CA ARG A 67 -14.77 13.47 4.32
C ARG A 67 -15.26 12.13 4.86
N VAL A 68 -15.40 11.14 3.98
CA VAL A 68 -15.92 9.85 4.37
C VAL A 68 -15.01 9.15 5.39
N SER A 69 -15.57 8.85 6.54
CA SER A 69 -14.81 8.23 7.62
C SER A 69 -14.73 6.72 7.46
N SER A 70 -15.55 6.18 6.57
CA SER A 70 -15.60 4.74 6.36
C SER A 70 -14.85 4.33 5.10
N PRO A 71 -13.86 3.42 5.25
CA PRO A 71 -13.09 2.90 4.11
C PRO A 71 -13.97 2.11 3.14
N MET A 72 -14.97 1.42 3.68
CA MET A 72 -15.85 0.59 2.86
C MET A 72 -16.69 1.44 1.92
N VAL A 73 -17.12 2.60 2.40
CA VAL A 73 -17.91 3.51 1.56
C VAL A 73 -17.06 4.08 0.43
N ALA A 74 -15.83 4.43 0.75
CA ALA A 74 -14.90 4.93 -0.26
C ALA A 74 -14.61 3.86 -1.30
N ALA A 75 -14.36 2.64 -0.83
CA ALA A 75 -14.14 1.50 -1.71
C ALA A 75 -15.37 1.27 -2.60
N ARG A 76 -16.54 1.37 -2.00
CA ARG A 76 -17.80 1.16 -2.74
C ARG A 76 -17.94 2.17 -3.87
N MET A 77 -17.65 3.44 -3.58
CA MET A 77 -17.73 4.50 -4.57
C MET A 77 -16.83 4.18 -5.76
N GLY A 78 -15.58 3.86 -5.48
CA GLY A 78 -14.62 3.59 -6.53
C GLY A 78 -14.85 2.25 -7.20
N ARG A 79 -15.67 1.40 -6.59
CA ARG A 79 -15.95 0.07 -7.11
C ARG A 79 -16.86 0.16 -8.34
N ASP A 80 -17.73 1.17 -8.35
CA ASP A 80 -18.69 1.33 -9.43
C ASP A 80 -18.00 1.62 -10.76
N ARG A 81 -18.49 0.98 -11.82
CA ARG A 81 -17.89 1.11 -13.13
C ARG A 81 -18.75 1.97 -14.04
N SER A 82 -19.82 2.52 -13.48
CA SER A 82 -20.75 3.36 -14.24
C SER A 82 -20.22 4.78 -14.33
N LYS A 83 -19.52 5.19 -13.27
CA LYS A 83 -18.89 6.50 -13.22
C LYS A 83 -17.80 6.63 -14.27
N PRO A 84 -17.62 7.84 -14.82
CA PRO A 84 -16.58 8.12 -15.83
C PRO A 84 -15.17 7.82 -15.32
N LEU A 85 -14.30 7.41 -16.23
CA LEU A 85 -12.92 7.10 -15.89
C LEU A 85 -11.98 8.12 -16.54
N ARG A 86 -10.78 8.23 -16.00
CA ARG A 86 -9.79 9.17 -16.52
C ARG A 86 -9.06 8.57 -17.71
N LYS A 87 -8.56 9.41 -18.60
CA LYS A 87 -7.81 8.95 -19.78
C LYS A 87 -6.48 8.35 -19.36
N ASN A 88 -5.90 8.89 -18.31
CA ASN A 88 -4.61 8.42 -17.81
C ASN A 88 -4.78 7.52 -16.60
N TRP A 89 -6.01 7.10 -16.35
CA TRP A 89 -6.29 6.22 -15.23
C TRP A 89 -5.62 4.87 -15.45
N GLU A 90 -5.25 4.60 -16.70
CA GLU A 90 -4.54 3.38 -17.02
C GLU A 90 -3.15 3.34 -16.37
N SER A 91 -2.47 4.47 -16.34
CA SER A 91 -1.12 4.53 -15.80
C SER A 91 -1.08 5.05 -14.35
N VAL A 92 -1.86 6.10 -14.07
CA VAL A 92 -1.71 6.84 -12.82
C VAL A 92 -2.13 6.03 -11.59
N LYS A 93 -2.81 4.91 -11.80
CA LYS A 93 -3.23 4.06 -10.68
C LYS A 93 -2.05 3.71 -9.77
N GLU A 94 -0.94 3.37 -10.40
CA GLU A 94 0.23 2.91 -9.66
C GLU A 94 1.02 4.07 -9.09
N GLN A 95 0.91 5.25 -9.71
CA GLN A 95 1.54 6.44 -9.17
C GLN A 95 0.81 6.88 -7.91
N VAL A 96 -0.51 6.79 -7.95
CA VAL A 96 -1.36 7.12 -6.82
C VAL A 96 -1.10 6.17 -5.65
N MET A 97 -1.08 4.88 -5.94
CA MET A 97 -0.88 3.87 -4.91
C MET A 97 0.56 3.90 -4.39
N ARG A 98 1.51 4.26 -5.26
CA ARG A 98 2.90 4.36 -4.84
C ARG A 98 3.06 5.46 -3.80
N LYS A 99 2.32 6.55 -3.96
CA LYS A 99 2.32 7.64 -2.99
C LYS A 99 1.74 7.18 -1.67
N ALA A 100 0.64 6.43 -1.75
CA ALA A 100 0.00 5.88 -0.55
C ALA A 100 0.94 4.94 0.18
N LEU A 101 1.55 4.03 -0.55
CA LEU A 101 2.51 3.08 0.02
C LEU A 101 3.71 3.82 0.60
N ARG A 102 4.24 4.75 -0.17
CA ARG A 102 5.41 5.50 0.25
C ARG A 102 5.13 6.26 1.55
N ALA A 103 4.04 7.01 1.56
CA ALA A 103 3.66 7.78 2.75
C ALA A 103 3.38 6.85 3.94
N LYS A 104 2.90 5.65 3.63
CA LYS A 104 2.60 4.66 4.66
C LYS A 104 3.87 4.24 5.40
N PHE A 105 4.89 3.82 4.65
CA PHE A 105 6.13 3.36 5.24
C PHE A 105 7.01 4.54 5.70
N GLU A 106 6.81 5.71 5.12
CA GLU A 106 7.54 6.90 5.55
C GLU A 106 7.04 7.38 6.91
N GLN A 107 5.73 7.52 7.04
CA GLN A 107 5.13 8.06 8.25
C GLN A 107 5.22 7.07 9.41
N HIS A 108 5.29 5.79 9.10
CA HIS A 108 5.38 4.77 10.13
C HIS A 108 6.71 4.03 10.02
N ALA A 109 7.64 4.38 10.88
CA ALA A 109 8.99 3.84 10.84
C ALA A 109 9.02 2.33 11.10
N GLU A 110 8.10 1.86 11.93
CA GLU A 110 8.04 0.44 12.26
C GLU A 110 7.57 -0.36 11.06
N LEU A 111 6.74 0.24 10.22
CA LEU A 111 6.30 -0.40 9.00
C LEU A 111 7.43 -0.41 7.98
N ARG A 112 8.19 0.68 7.95
CA ARG A 112 9.34 0.78 7.05
C ARG A 112 10.38 -0.26 7.42
N ALA A 113 10.63 -0.39 8.72
CA ALA A 113 11.57 -1.38 9.22
C ALA A 113 11.08 -2.79 8.88
N LEU A 114 9.78 -3.02 9.08
CA LEU A 114 9.16 -4.28 8.72
C LEU A 114 9.36 -4.59 7.24
N LEU A 115 9.07 -3.60 6.40
CA LEU A 115 9.23 -3.74 4.96
C LEU A 115 10.66 -4.12 4.60
N LEU A 116 11.62 -3.44 5.21
CA LEU A 116 13.03 -3.68 4.93
C LEU A 116 13.48 -5.05 5.44
N ALA A 117 12.84 -5.51 6.51
CA ALA A 117 13.19 -6.79 7.13
C ALA A 117 12.80 -7.96 6.24
N THR A 118 11.92 -7.73 5.27
CA THR A 118 11.49 -8.79 4.39
C THR A 118 12.60 -9.16 3.40
N ALA A 119 13.36 -8.15 2.98
CA ALA A 119 14.45 -8.35 2.02
C ALA A 119 15.38 -9.49 2.45
N PRO A 120 15.74 -10.40 1.52
CA PRO A 120 15.31 -10.37 0.13
C PRO A 120 14.15 -11.32 -0.17
N ALA A 121 13.21 -11.45 0.75
CA ALA A 121 12.06 -12.32 0.55
C ALA A 121 11.05 -11.70 -0.42
N LYS A 122 10.23 -12.55 -1.02
CA LYS A 122 9.32 -12.16 -2.06
C LYS A 122 7.94 -11.85 -1.49
N LEU A 123 7.44 -10.65 -1.71
CA LEU A 123 6.18 -10.22 -1.13
C LEU A 123 5.01 -10.56 -2.04
N VAL A 124 4.09 -11.37 -1.54
CA VAL A 124 2.92 -11.78 -2.29
C VAL A 124 1.66 -11.75 -1.43
N GLU A 125 0.69 -10.92 -1.82
CA GLU A 125 -0.61 -10.95 -1.17
C GLU A 125 -1.54 -11.80 -2.01
N HIS A 126 -2.03 -12.89 -1.45
CA HIS A 126 -2.74 -13.87 -2.24
C HIS A 126 -4.21 -13.50 -2.31
N THR A 127 -4.52 -12.52 -3.15
CA THR A 127 -5.88 -12.06 -3.33
C THR A 127 -6.58 -12.91 -4.38
N GLU A 128 -7.50 -13.74 -3.93
CA GLU A 128 -8.23 -14.64 -4.82
C GLU A 128 -9.64 -14.13 -5.04
N ASN A 129 -10.16 -13.41 -4.06
CA ASN A 129 -11.48 -12.79 -4.14
C ASN A 129 -11.59 -11.89 -5.36
N ASP A 130 -10.55 -11.10 -5.61
CA ASP A 130 -10.56 -10.15 -6.71
C ASP A 130 -9.21 -10.13 -7.41
N ALA A 131 -9.23 -10.11 -8.73
CA ALA A 131 -8.00 -10.10 -9.51
C ALA A 131 -7.68 -8.69 -10.00
N TYR A 132 -6.98 -7.93 -9.18
CA TYR A 132 -6.59 -6.57 -9.55
C TYR A 132 -5.22 -6.26 -8.93
N TRP A 133 -5.09 -6.62 -7.65
CA TRP A 133 -3.82 -6.49 -6.94
C TRP A 133 -3.51 -7.79 -6.22
N GLY A 134 -2.55 -8.54 -6.74
CA GLY A 134 -2.16 -9.78 -6.11
C GLY A 134 -2.13 -10.93 -7.10
N ASP A 135 -2.40 -12.13 -6.63
CA ASP A 135 -2.42 -13.31 -7.49
C ASP A 135 -3.63 -13.32 -8.39
N GLY A 136 -4.72 -12.73 -7.93
CA GLY A 136 -5.99 -12.91 -8.61
C GLY A 136 -6.49 -14.32 -8.41
N GLY A 137 -5.82 -15.03 -7.51
CA GLY A 137 -6.16 -16.40 -7.20
C GLY A 137 -5.39 -17.42 -8.03
N HIS A 138 -4.71 -16.97 -9.08
CA HIS A 138 -4.05 -17.91 -10.00
C HIS A 138 -2.72 -17.38 -10.55
N GLY A 139 -2.34 -16.17 -10.15
CA GLY A 139 -1.08 -15.61 -10.60
C GLY A 139 -1.25 -14.43 -11.53
N LYS A 140 -2.08 -14.61 -12.55
CA LYS A 140 -2.37 -13.53 -13.50
C LYS A 140 -3.42 -12.59 -12.93
N GLY A 141 -3.08 -11.98 -11.81
CA GLY A 141 -3.93 -10.99 -11.19
C GLY A 141 -3.18 -9.74 -10.82
N LYS A 142 -1.97 -9.60 -11.38
CA LYS A 142 -1.10 -8.44 -11.15
C LYS A 142 -0.53 -8.44 -9.73
N ASN A 143 0.50 -9.24 -9.51
CA ASN A 143 1.20 -9.30 -8.23
C ASN A 143 2.13 -8.11 -8.07
N ARG A 144 2.07 -7.19 -9.03
CA ARG A 144 2.94 -6.03 -9.05
C ARG A 144 2.70 -5.13 -7.83
N LEU A 145 1.65 -5.42 -7.06
CA LEU A 145 1.49 -4.78 -5.76
C LEU A 145 2.60 -5.24 -4.82
N GLY A 146 2.81 -6.55 -4.77
CA GLY A 146 3.93 -7.11 -4.03
C GLY A 146 5.24 -6.59 -4.56
N TYR A 147 5.31 -6.43 -5.88
CA TYR A 147 6.49 -5.85 -6.52
C TYR A 147 6.70 -4.41 -6.08
N LEU A 148 5.62 -3.61 -6.07
CA LEU A 148 5.71 -2.22 -5.63
C LEU A 148 6.25 -2.14 -4.21
N LEU A 149 5.78 -3.06 -3.37
CA LEU A 149 6.27 -3.16 -2.00
C LEU A 149 7.76 -3.43 -1.96
N MET A 150 8.21 -4.38 -2.79
CA MET A 150 9.63 -4.73 -2.85
C MET A 150 10.45 -3.62 -3.51
N GLU A 151 9.86 -2.98 -4.52
CA GLU A 151 10.52 -1.90 -5.25
C GLU A 151 10.79 -0.72 -4.31
N LEU A 152 9.77 -0.32 -3.57
CA LEU A 152 9.91 0.77 -2.61
C LEU A 152 10.84 0.36 -1.47
N ARG A 153 10.80 -0.92 -1.13
CA ARG A 153 11.67 -1.48 -0.09
C ARG A 153 13.12 -1.19 -0.40
N GLU A 154 13.54 -1.45 -1.63
CA GLU A 154 14.92 -1.24 -2.05
C GLU A 154 15.31 0.23 -1.89
N GLN A 155 14.36 1.11 -2.23
CA GLN A 155 14.59 2.55 -2.12
C GLN A 155 14.80 2.95 -0.66
N LEU A 156 14.02 2.33 0.23
CA LEU A 156 14.08 2.63 1.65
C LEU A 156 15.29 1.95 2.30
N ALA A 157 15.87 0.99 1.59
CA ALA A 157 17.09 0.34 2.05
C ALA A 157 18.29 1.23 1.74
N ILE A 158 18.32 1.76 0.52
CA ILE A 158 19.37 2.67 0.08
C ILE A 158 19.38 3.92 0.96
N GLU A 159 18.20 4.26 1.48
CA GLU A 159 18.01 5.35 2.43
C GLU A 159 19.04 5.27 3.57
N LYS A 160 19.10 4.12 4.21
CA LYS A 160 19.92 3.94 5.38
C LYS A 160 21.37 3.68 5.01
N LEU A 161 21.63 3.43 3.74
CA LEU A 161 22.99 3.28 3.26
C LEU A 161 23.69 4.62 3.17
N GLU A 162 22.89 5.69 3.10
CA GLU A 162 23.42 7.04 3.03
C GLU A 162 23.80 7.58 4.40
N HIS A 163 23.69 6.73 5.43
CA HIS A 163 24.00 7.14 6.79
C HIS A 163 25.48 7.52 6.92
N HIS A 164 26.30 7.00 6.02
CA HIS A 164 27.73 7.25 6.06
C HIS A 164 28.16 7.95 4.77
N HIS A 165 27.22 8.65 4.16
CA HIS A 165 27.49 9.39 2.94
C HIS A 165 27.12 10.85 3.13
N HIS A 166 27.13 11.61 2.02
CA HIS A 166 26.83 13.04 2.02
C HIS A 166 28.02 13.83 2.57
N HIS A 167 28.23 13.75 3.88
CA HIS A 167 29.32 14.47 4.53
C HIS A 167 29.73 13.77 5.82
N HIS A 168 30.89 14.15 6.34
CA HIS A 168 31.37 13.62 7.61
C HIS A 168 32.02 14.74 8.41
N MET A 1 -4.98 -1.08 19.35
CA MET A 1 -4.13 -2.29 19.46
C MET A 1 -2.68 -1.88 19.73
N PRO A 2 -1.90 -2.75 20.36
CA PRO A 2 -0.47 -2.54 20.56
C PRO A 2 0.30 -2.75 19.27
N VAL A 3 0.77 -1.67 18.67
CA VAL A 3 1.54 -1.73 17.43
C VAL A 3 2.75 -2.63 17.60
N ARG A 4 2.80 -3.70 16.83
CA ARG A 4 3.86 -4.68 16.96
C ARG A 4 4.72 -4.74 15.71
N ALA A 5 5.84 -4.04 15.72
CA ALA A 5 6.80 -4.15 14.64
C ALA A 5 7.47 -5.51 14.71
N GLN A 6 6.94 -6.45 13.95
CA GLN A 6 7.40 -7.83 13.99
C GLN A 6 8.87 -7.94 13.62
N ARG A 7 9.63 -8.54 14.52
CA ARG A 7 11.05 -8.74 14.30
C ARG A 7 11.32 -10.12 13.71
N ILE A 8 11.51 -10.16 12.41
CA ILE A 8 11.85 -11.41 11.74
C ILE A 8 13.32 -11.72 11.97
N GLN A 9 13.58 -12.83 12.66
CA GLN A 9 14.95 -13.22 13.00
C GLN A 9 15.78 -13.42 11.74
N HIS A 10 15.32 -14.29 10.85
CA HIS A 10 16.04 -14.57 9.63
C HIS A 10 15.09 -15.04 8.55
N VAL A 11 15.22 -14.48 7.35
CA VAL A 11 14.40 -14.91 6.21
C VAL A 11 14.91 -16.21 5.63
N MET A 12 14.09 -16.83 4.81
CA MET A 12 14.38 -18.14 4.25
C MET A 12 14.99 -17.99 2.87
N GLN A 13 16.03 -17.14 2.78
CA GLN A 13 16.66 -16.81 1.50
C GLN A 13 15.66 -16.14 0.55
N ASP A 14 15.04 -16.92 -0.31
CA ASP A 14 14.04 -16.40 -1.23
C ASP A 14 12.70 -17.01 -0.92
N THR A 15 12.12 -16.52 0.16
CA THR A 15 10.81 -17.00 0.60
C THR A 15 9.73 -16.09 0.05
N ILE A 16 8.53 -16.60 -0.10
CA ILE A 16 7.41 -15.82 -0.61
C ILE A 16 6.39 -15.58 0.50
N ILE A 17 6.11 -14.32 0.75
CA ILE A 17 5.16 -13.95 1.78
C ILE A 17 3.83 -13.57 1.16
N ASN A 18 2.85 -14.46 1.29
CA ASN A 18 1.52 -14.20 0.79
C ASN A 18 0.64 -13.68 1.91
N PHE A 19 0.05 -12.52 1.71
CA PHE A 19 -0.78 -11.90 2.74
C PHE A 19 -2.26 -12.04 2.40
N TYR A 20 -3.08 -12.16 3.43
CA TYR A 20 -4.52 -12.35 3.24
C TYR A 20 -5.30 -11.31 4.04
N SER A 21 -6.01 -10.44 3.33
CA SER A 21 -6.82 -9.41 3.96
C SER A 21 -5.96 -8.56 4.90
N THR A 22 -6.55 -8.03 5.96
CA THR A 22 -5.77 -7.33 6.97
C THR A 22 -5.33 -8.32 8.04
N SER A 23 -6.31 -9.03 8.62
CA SER A 23 -6.06 -10.11 9.58
C SER A 23 -5.45 -9.63 10.89
N ASP A 24 -4.19 -9.20 10.84
CA ASP A 24 -3.41 -8.95 12.05
C ASP A 24 -2.78 -7.57 11.98
N ASP A 25 -2.03 -7.21 13.02
CA ASP A 25 -1.28 -5.95 13.06
C ASP A 25 -0.09 -6.09 12.10
N TYR A 26 0.34 -7.33 11.93
CA TYR A 26 1.36 -7.69 10.94
C TYR A 26 0.77 -7.63 9.52
N GLY A 27 -0.54 -7.41 9.46
CA GLY A 27 -1.24 -7.37 8.19
C GLY A 27 -1.10 -6.03 7.49
N ASP A 28 -0.36 -5.12 8.12
CA ASP A 28 -0.14 -3.75 7.61
C ASP A 28 0.26 -3.71 6.14
N PHE A 29 0.79 -4.81 5.61
CA PHE A 29 1.16 -4.90 4.20
C PHE A 29 -0.06 -4.67 3.31
N SER A 30 -1.24 -4.88 3.85
CA SER A 30 -2.47 -4.62 3.13
C SER A 30 -2.81 -3.13 3.21
N ASN A 31 -3.08 -2.53 2.05
CA ASN A 31 -3.38 -1.10 2.00
C ASN A 31 -4.81 -0.81 2.44
N PHE A 32 -5.51 -1.85 2.89
CA PHE A 32 -6.84 -1.68 3.44
C PHE A 32 -6.76 -1.50 4.95
N ALA A 33 -5.53 -1.58 5.47
CA ALA A 33 -5.28 -1.35 6.89
C ALA A 33 -5.49 0.12 7.22
N ALA A 34 -6.16 0.38 8.34
CA ALA A 34 -6.54 1.73 8.71
C ALA A 34 -5.38 2.48 9.35
N TRP A 35 -4.32 2.63 8.59
CA TRP A 35 -3.16 3.39 9.00
C TRP A 35 -3.14 4.75 8.32
N PRO A 36 -3.15 5.83 9.12
CA PRO A 36 -3.13 7.20 8.61
C PRO A 36 -1.84 7.53 7.86
N ILE A 37 -1.99 7.96 6.62
CA ILE A 37 -0.85 8.36 5.79
C ILE A 37 -0.90 9.86 5.52
N LYS A 38 0.25 10.44 5.22
CA LYS A 38 0.34 11.87 4.99
C LYS A 38 0.64 12.16 3.54
N VAL A 39 -0.39 12.45 2.77
CA VAL A 39 -0.27 12.62 1.34
C VAL A 39 -0.70 14.02 0.92
N ASP A 40 0.23 14.72 0.26
CA ASP A 40 -0.02 16.07 -0.25
C ASP A 40 -0.39 17.02 0.89
N GLY A 41 0.14 16.73 2.07
CA GLY A 41 -0.13 17.55 3.23
C GLY A 41 -1.45 17.23 3.90
N LYS A 42 -2.02 16.09 3.56
CA LYS A 42 -3.30 15.69 4.14
C LYS A 42 -3.19 14.30 4.74
N THR A 43 -3.88 14.10 5.85
CA THR A 43 -3.88 12.81 6.53
C THR A 43 -5.03 11.95 6.03
N TRP A 44 -4.70 10.84 5.39
CA TRP A 44 -5.70 9.92 4.86
C TRP A 44 -5.78 8.68 5.76
N PRO A 45 -7.00 8.25 6.12
CA PRO A 45 -7.23 7.11 7.01
C PRO A 45 -6.90 5.77 6.36
N THR A 46 -6.70 5.78 5.05
CA THR A 46 -6.38 4.57 4.31
C THR A 46 -5.85 4.93 2.93
N SER A 47 -4.94 4.12 2.42
CA SER A 47 -4.37 4.34 1.09
C SER A 47 -5.47 4.35 0.02
N GLU A 48 -6.45 3.47 0.18
CA GLU A 48 -7.53 3.36 -0.80
C GLU A 48 -8.33 4.66 -0.91
N HIS A 49 -8.37 5.44 0.16
CA HIS A 49 -9.10 6.72 0.14
C HIS A 49 -8.48 7.68 -0.86
N TYR A 50 -7.15 7.78 -0.84
CA TYR A 50 -6.46 8.66 -1.76
C TYR A 50 -6.45 8.06 -3.16
N PHE A 51 -6.33 6.74 -3.20
CA PHE A 51 -6.32 6.00 -4.47
C PHE A 51 -7.64 6.19 -5.21
N GLN A 52 -8.75 6.05 -4.48
CA GLN A 52 -10.07 6.19 -5.08
C GLN A 52 -10.36 7.65 -5.42
N ALA A 53 -9.79 8.56 -4.63
CA ALA A 53 -9.97 9.98 -4.87
C ALA A 53 -9.32 10.40 -6.17
N GLN A 54 -8.09 9.96 -6.40
CA GLN A 54 -7.36 10.28 -7.62
C GLN A 54 -7.86 9.44 -8.79
N LYS A 55 -8.60 8.39 -8.47
CA LYS A 55 -9.20 7.52 -9.48
C LYS A 55 -10.21 8.27 -10.34
N PHE A 56 -10.91 9.22 -9.73
CA PHE A 56 -11.93 10.00 -10.43
C PHE A 56 -11.44 11.42 -10.66
N LEU A 57 -11.99 12.08 -11.66
CA LEU A 57 -11.55 13.43 -12.02
C LEU A 57 -12.62 14.46 -11.63
N ASP A 58 -13.61 14.04 -10.86
CA ASP A 58 -14.64 14.96 -10.39
C ASP A 58 -14.30 15.46 -9.00
N GLU A 59 -14.16 16.77 -8.87
CA GLU A 59 -13.71 17.39 -7.62
C GLU A 59 -14.61 17.02 -6.45
N LYS A 60 -15.92 17.06 -6.67
CA LYS A 60 -16.89 16.82 -5.62
C LYS A 60 -16.78 15.39 -5.11
N TYR A 61 -16.93 14.43 -6.03
CA TYR A 61 -16.90 13.01 -5.67
C TYR A 61 -15.54 12.66 -5.06
N ARG A 62 -14.50 13.30 -5.57
CA ARG A 62 -13.14 13.14 -5.06
C ARG A 62 -13.08 13.51 -3.57
N GLU A 63 -13.68 14.65 -3.23
CA GLU A 63 -13.63 15.13 -1.86
C GLU A 63 -14.70 14.47 -0.98
N GLU A 64 -15.58 13.71 -1.59
CA GLU A 64 -16.50 12.87 -0.83
C GLU A 64 -15.75 11.67 -0.29
N ILE A 65 -14.84 11.13 -1.11
CA ILE A 65 -13.97 10.05 -0.69
C ILE A 65 -12.95 10.57 0.32
N ARG A 66 -12.66 11.86 0.23
CA ARG A 66 -11.84 12.55 1.21
C ARG A 66 -12.60 12.74 2.52
N ARG A 67 -13.93 12.86 2.41
CA ARG A 67 -14.78 13.14 3.56
C ARG A 67 -15.05 11.86 4.35
N VAL A 68 -15.21 10.75 3.64
CA VAL A 68 -15.54 9.49 4.27
C VAL A 68 -14.35 8.93 5.06
N SER A 69 -14.55 8.74 6.35
CA SER A 69 -13.51 8.20 7.21
C SER A 69 -13.46 6.67 7.09
N SER A 70 -14.63 6.06 6.93
CA SER A 70 -14.75 4.61 6.82
C SER A 70 -14.15 4.12 5.50
N PRO A 71 -13.18 3.19 5.57
CA PRO A 71 -12.49 2.66 4.38
C PRO A 71 -13.41 1.86 3.46
N MET A 72 -14.23 0.99 4.05
CA MET A 72 -15.07 0.08 3.28
C MET A 72 -16.11 0.84 2.45
N VAL A 73 -16.47 2.04 2.91
CA VAL A 73 -17.42 2.87 2.17
C VAL A 73 -16.77 3.44 0.91
N ALA A 74 -15.49 3.78 1.02
CA ALA A 74 -14.73 4.27 -0.11
C ALA A 74 -14.61 3.18 -1.16
N ALA A 75 -14.30 1.97 -0.69
CA ALA A 75 -14.29 0.80 -1.56
C ALA A 75 -15.65 0.60 -2.22
N ARG A 76 -16.70 0.66 -1.41
CA ARG A 76 -18.07 0.45 -1.88
C ARG A 76 -18.40 1.34 -3.08
N MET A 77 -18.39 2.66 -2.87
CA MET A 77 -18.78 3.58 -3.94
C MET A 77 -17.63 3.82 -4.91
N GLY A 78 -16.48 3.25 -4.59
CA GLY A 78 -15.34 3.31 -5.50
C GLY A 78 -15.38 2.19 -6.53
N ARG A 79 -16.04 1.09 -6.19
CA ARG A 79 -16.19 -0.03 -7.11
C ARG A 79 -17.45 0.14 -7.96
N ASP A 80 -18.11 1.28 -7.77
CA ASP A 80 -19.36 1.58 -8.48
C ASP A 80 -19.14 1.57 -9.99
N ARG A 81 -18.03 2.18 -10.42
CA ARG A 81 -17.59 2.16 -11.82
C ARG A 81 -18.48 3.03 -12.72
N SER A 82 -19.65 3.39 -12.24
CA SER A 82 -20.59 4.16 -13.04
C SER A 82 -20.37 5.65 -12.82
N LYS A 83 -19.16 6.01 -12.42
CA LYS A 83 -18.79 7.41 -12.23
C LYS A 83 -17.80 7.81 -13.32
N PRO A 84 -17.61 9.11 -13.55
CA PRO A 84 -16.65 9.58 -14.56
C PRO A 84 -15.22 9.14 -14.26
N LEU A 85 -14.68 8.29 -15.14
CA LEU A 85 -13.36 7.72 -14.94
C LEU A 85 -12.28 8.67 -15.46
N ARG A 86 -11.09 8.55 -14.90
CA ARG A 86 -9.97 9.39 -15.29
C ARG A 86 -9.30 8.82 -16.54
N LYS A 87 -8.81 9.71 -17.41
CA LYS A 87 -8.24 9.30 -18.69
C LYS A 87 -6.91 8.57 -18.49
N ASN A 88 -6.01 9.18 -17.74
CA ASN A 88 -4.69 8.60 -17.50
C ASN A 88 -4.71 7.64 -16.32
N TRP A 89 -5.87 7.05 -16.07
CA TRP A 89 -6.04 6.08 -14.99
C TRP A 89 -5.15 4.87 -15.21
N GLU A 90 -4.78 4.63 -16.46
CA GLU A 90 -3.91 3.51 -16.80
C GLU A 90 -2.46 3.82 -16.43
N SER A 91 -2.16 5.09 -16.24
CA SER A 91 -0.80 5.51 -15.94
C SER A 91 -0.61 5.77 -14.43
N VAL A 92 -1.71 5.97 -13.70
CA VAL A 92 -1.59 6.46 -12.34
C VAL A 92 -1.98 5.45 -11.27
N LYS A 93 -2.32 4.21 -11.66
CA LYS A 93 -2.71 3.21 -10.66
C LYS A 93 -1.56 2.96 -9.68
N GLU A 94 -0.45 2.52 -10.23
CA GLU A 94 0.73 2.18 -9.43
C GLU A 94 1.48 3.45 -9.03
N GLN A 95 1.21 4.55 -9.72
CA GLN A 95 1.86 5.82 -9.41
C GLN A 95 1.24 6.46 -8.16
N VAL A 96 -0.08 6.52 -8.13
CA VAL A 96 -0.80 7.03 -6.96
C VAL A 96 -0.55 6.11 -5.77
N MET A 97 -0.58 4.80 -6.03
CA MET A 97 -0.32 3.81 -5.00
C MET A 97 1.09 3.99 -4.44
N ARG A 98 2.04 4.33 -5.30
CA ARG A 98 3.43 4.50 -4.88
C ARG A 98 3.57 5.66 -3.90
N LYS A 99 2.87 6.76 -4.16
CA LYS A 99 2.90 7.90 -3.26
C LYS A 99 2.32 7.51 -1.90
N ALA A 100 1.19 6.84 -1.93
CA ALA A 100 0.53 6.38 -0.72
C ALA A 100 1.42 5.40 0.04
N LEU A 101 2.04 4.49 -0.69
CA LEU A 101 2.94 3.52 -0.11
C LEU A 101 4.13 4.19 0.58
N ARG A 102 4.78 5.12 -0.12
CA ARG A 102 5.92 5.78 0.46
C ARG A 102 5.51 6.61 1.67
N ALA A 103 4.43 7.37 1.54
CA ALA A 103 3.95 8.20 2.65
C ALA A 103 3.60 7.34 3.86
N LYS A 104 3.20 6.10 3.58
CA LYS A 104 2.85 5.16 4.62
C LYS A 104 4.08 4.72 5.41
N PHE A 105 5.10 4.24 4.70
CA PHE A 105 6.31 3.73 5.33
C PHE A 105 7.34 4.85 5.59
N GLU A 106 7.00 6.08 5.22
CA GLU A 106 7.83 7.24 5.57
C GLU A 106 7.38 7.86 6.88
N GLN A 107 6.07 7.95 7.06
CA GLN A 107 5.52 8.53 8.28
C GLN A 107 5.74 7.62 9.48
N HIS A 108 5.60 6.32 9.25
CA HIS A 108 5.71 5.36 10.34
C HIS A 108 6.99 4.55 10.23
N ALA A 109 7.91 4.79 11.16
CA ALA A 109 9.15 4.04 11.22
C ALA A 109 8.88 2.61 11.66
N GLU A 110 7.76 2.42 12.35
CA GLU A 110 7.32 1.10 12.79
C GLU A 110 7.12 0.21 11.57
N LEU A 111 6.32 0.69 10.63
CA LEU A 111 5.97 -0.06 9.43
C LEU A 111 7.18 -0.19 8.52
N ARG A 112 8.00 0.86 8.49
CA ARG A 112 9.22 0.86 7.68
C ARG A 112 10.12 -0.32 8.06
N ALA A 113 10.33 -0.49 9.36
CA ALA A 113 11.16 -1.58 9.86
C ALA A 113 10.56 -2.93 9.50
N LEU A 114 9.24 -3.02 9.61
CA LEU A 114 8.51 -4.23 9.27
C LEU A 114 8.71 -4.59 7.79
N LEU A 115 8.55 -3.59 6.93
CA LEU A 115 8.73 -3.77 5.49
C LEU A 115 10.16 -4.19 5.17
N LEU A 116 11.13 -3.50 5.77
CA LEU A 116 12.54 -3.77 5.49
C LEU A 116 12.97 -5.14 6.02
N ALA A 117 12.19 -5.69 6.95
CA ALA A 117 12.51 -6.99 7.53
C ALA A 117 12.14 -8.15 6.60
N THR A 118 11.48 -7.85 5.49
CA THR A 118 11.05 -8.89 4.57
C THR A 118 12.17 -9.24 3.58
N ALA A 119 12.98 -8.25 3.22
CA ALA A 119 14.06 -8.44 2.25
C ALA A 119 14.92 -9.66 2.58
N PRO A 120 15.27 -10.47 1.57
CA PRO A 120 14.86 -10.29 0.18
C PRO A 120 13.69 -11.18 -0.24
N ALA A 121 12.76 -11.42 0.69
CA ALA A 121 11.61 -12.27 0.41
C ALA A 121 10.68 -11.63 -0.62
N LYS A 122 10.00 -12.46 -1.40
CA LYS A 122 9.07 -11.97 -2.41
C LYS A 122 7.75 -11.58 -1.79
N LEU A 123 7.32 -10.35 -2.04
CA LEU A 123 6.03 -9.87 -1.56
C LEU A 123 4.96 -10.14 -2.60
N VAL A 124 4.19 -11.20 -2.38
CA VAL A 124 3.21 -11.64 -3.37
C VAL A 124 1.86 -11.92 -2.71
N GLU A 125 0.81 -11.32 -3.23
CA GLU A 125 -0.53 -11.60 -2.76
C GLU A 125 -1.05 -12.84 -3.47
N HIS A 126 -1.69 -13.73 -2.72
CA HIS A 126 -2.37 -14.86 -3.32
C HIS A 126 -3.76 -15.03 -2.71
N THR A 127 -4.69 -14.19 -3.12
CA THR A 127 -6.06 -14.34 -2.66
C THR A 127 -6.95 -14.74 -3.83
N GLU A 128 -7.73 -15.77 -3.62
CA GLU A 128 -8.55 -16.32 -4.68
C GLU A 128 -9.89 -15.61 -4.75
N ASN A 129 -9.97 -14.48 -4.04
CA ASN A 129 -11.21 -13.71 -3.97
C ASN A 129 -11.26 -12.64 -5.06
N ASP A 130 -10.11 -12.06 -5.40
CA ASP A 130 -10.06 -11.00 -6.39
C ASP A 130 -8.70 -10.96 -7.08
N ALA A 131 -8.73 -10.83 -8.40
CA ALA A 131 -7.51 -10.79 -9.19
C ALA A 131 -7.30 -9.39 -9.76
N TYR A 132 -6.56 -8.53 -9.05
CA TYR A 132 -6.35 -7.17 -9.52
C TYR A 132 -5.05 -6.57 -8.99
N TRP A 133 -4.64 -6.98 -7.79
CA TRP A 133 -3.40 -6.48 -7.20
C TRP A 133 -2.59 -7.59 -6.55
N GLY A 134 -2.59 -8.76 -7.16
CA GLY A 134 -1.85 -9.88 -6.61
C GLY A 134 -1.85 -11.10 -7.51
N ASP A 135 -2.45 -12.17 -7.02
CA ASP A 135 -2.46 -13.43 -7.76
C ASP A 135 -3.85 -13.76 -8.26
N GLY A 136 -4.86 -13.38 -7.49
CA GLY A 136 -6.23 -13.60 -7.90
C GLY A 136 -6.66 -15.05 -7.76
N GLY A 137 -5.79 -15.85 -7.19
CA GLY A 137 -6.08 -17.25 -6.99
C GLY A 137 -5.89 -18.08 -8.25
N HIS A 138 -4.83 -17.78 -9.01
CA HIS A 138 -4.53 -18.49 -10.25
C HIS A 138 -3.24 -17.99 -10.90
N GLY A 139 -2.84 -16.77 -10.58
CA GLY A 139 -1.56 -16.26 -11.07
C GLY A 139 -1.68 -14.93 -11.78
N LYS A 140 -2.69 -14.81 -12.62
CA LYS A 140 -2.89 -13.60 -13.41
C LYS A 140 -3.79 -12.66 -12.64
N GLY A 141 -3.26 -12.14 -11.57
CA GLY A 141 -3.99 -11.22 -10.74
C GLY A 141 -3.29 -9.89 -10.57
N LYS A 142 -2.28 -9.64 -11.40
CA LYS A 142 -1.59 -8.35 -11.45
C LYS A 142 -0.91 -8.03 -10.12
N ASN A 143 0.16 -8.78 -9.82
CA ASN A 143 0.87 -8.68 -8.54
C ASN A 143 1.71 -7.41 -8.43
N ARG A 144 1.59 -6.52 -9.42
CA ARG A 144 2.38 -5.28 -9.44
C ARG A 144 2.33 -4.53 -8.09
N LEU A 145 1.28 -4.77 -7.31
CA LEU A 145 1.19 -4.22 -5.96
C LEU A 145 2.38 -4.65 -5.11
N GLY A 146 2.60 -5.97 -5.01
CA GLY A 146 3.72 -6.50 -4.27
C GLY A 146 5.04 -6.10 -4.91
N TYR A 147 5.03 -5.94 -6.22
CA TYR A 147 6.22 -5.54 -6.96
C TYR A 147 6.63 -4.13 -6.55
N LEU A 148 5.64 -3.25 -6.41
CA LEU A 148 5.86 -1.89 -5.93
C LEU A 148 6.43 -1.92 -4.51
N LEU A 149 5.89 -2.81 -3.70
CA LEU A 149 6.35 -2.98 -2.33
C LEU A 149 7.81 -3.42 -2.28
N MET A 150 8.20 -4.29 -3.21
CA MET A 150 9.59 -4.74 -3.32
C MET A 150 10.50 -3.56 -3.58
N GLU A 151 10.16 -2.77 -4.60
CA GLU A 151 10.96 -1.63 -4.99
C GLU A 151 11.00 -0.58 -3.88
N LEU A 152 9.85 -0.35 -3.25
CA LEU A 152 9.75 0.60 -2.15
C LEU A 152 10.64 0.16 -0.99
N ARG A 153 10.62 -1.14 -0.70
CA ARG A 153 11.43 -1.70 0.36
C ARG A 153 12.91 -1.44 0.10
N GLU A 154 13.39 -1.88 -1.05
CA GLU A 154 14.79 -1.67 -1.42
C GLU A 154 15.13 -0.18 -1.46
N GLN A 155 14.16 0.64 -1.84
CA GLN A 155 14.35 2.09 -1.87
C GLN A 155 14.61 2.63 -0.46
N LEU A 156 13.87 2.10 0.53
CA LEU A 156 14.04 2.53 1.92
C LEU A 156 15.29 1.91 2.53
N ALA A 157 15.72 0.79 1.96
CA ALA A 157 16.96 0.16 2.38
C ALA A 157 18.16 0.98 1.90
N ILE A 158 18.15 1.31 0.61
CA ILE A 158 19.20 2.13 0.01
C ILE A 158 19.20 3.53 0.61
N GLU A 159 18.03 3.95 1.08
CA GLU A 159 17.88 5.24 1.76
C GLU A 159 18.89 5.38 2.90
N LYS A 160 19.10 4.29 3.64
CA LYS A 160 20.03 4.29 4.75
C LYS A 160 21.48 4.26 4.24
N LEU A 161 21.67 3.64 3.08
CA LEU A 161 23.00 3.56 2.46
C LEU A 161 23.40 4.94 1.93
N GLU A 162 22.43 5.70 1.48
CA GLU A 162 22.67 7.08 1.06
C GLU A 162 22.74 7.98 2.27
N HIS A 163 21.94 7.65 3.30
CA HIS A 163 21.84 8.43 4.54
C HIS A 163 21.84 9.93 4.26
N HIS A 164 20.98 10.31 3.33
CA HIS A 164 20.80 11.70 2.96
C HIS A 164 19.36 11.90 2.49
N HIS A 165 18.48 12.15 3.45
CA HIS A 165 17.06 12.23 3.17
C HIS A 165 16.70 13.60 2.62
N HIS A 166 15.48 13.73 2.11
CA HIS A 166 15.00 15.01 1.59
C HIS A 166 14.95 16.04 2.71
N HIS A 167 15.25 17.29 2.37
CA HIS A 167 15.28 18.38 3.34
C HIS A 167 13.90 18.63 3.93
N HIS A 168 12.87 18.33 3.15
CA HIS A 168 11.48 18.39 3.61
C HIS A 168 10.72 17.23 3.02
N MET A 1 -2.15 -8.43 19.47
CA MET A 1 -2.30 -7.16 18.73
C MET A 1 -2.71 -7.45 17.29
N PRO A 2 -3.48 -6.54 16.67
CA PRO A 2 -3.79 -6.62 15.24
C PRO A 2 -2.57 -6.32 14.39
N VAL A 3 -1.69 -5.50 14.95
CA VAL A 3 -0.44 -5.13 14.30
C VAL A 3 0.62 -6.21 14.54
N ARG A 4 1.37 -6.54 13.51
CA ARG A 4 2.42 -7.53 13.65
C ARG A 4 3.74 -6.97 13.12
N ALA A 5 4.10 -5.79 13.59
CA ALA A 5 5.38 -5.18 13.27
C ALA A 5 6.50 -5.86 14.05
N GLN A 6 6.62 -7.17 13.84
CA GLN A 6 7.59 -7.98 14.54
C GLN A 6 8.90 -7.97 13.77
N ARG A 7 10.00 -7.68 14.47
CA ARG A 7 11.30 -7.59 13.84
C ARG A 7 11.74 -8.94 13.29
N ILE A 8 11.69 -9.08 11.97
CA ILE A 8 12.19 -10.27 11.32
C ILE A 8 13.68 -10.12 11.05
N GLN A 9 14.48 -10.46 12.03
CA GLN A 9 15.93 -10.37 11.92
C GLN A 9 16.54 -11.71 11.56
N HIS A 10 15.68 -12.65 11.19
CA HIS A 10 16.12 -13.96 10.75
C HIS A 10 15.30 -14.42 9.55
N VAL A 11 15.82 -14.17 8.36
CA VAL A 11 15.20 -14.68 7.15
C VAL A 11 15.94 -15.92 6.68
N MET A 12 15.39 -16.62 5.72
CA MET A 12 16.01 -17.83 5.19
C MET A 12 17.23 -17.45 4.36
N GLN A 13 16.96 -16.93 3.17
CA GLN A 13 17.98 -16.54 2.20
C GLN A 13 17.28 -15.91 1.02
N ASP A 14 16.37 -16.67 0.46
CA ASP A 14 15.44 -16.17 -0.53
C ASP A 14 14.04 -16.51 -0.06
N THR A 15 13.62 -15.78 0.96
CA THR A 15 12.39 -16.08 1.69
C THR A 15 11.18 -15.63 0.89
N ILE A 16 10.04 -16.26 1.13
CA ILE A 16 8.80 -15.89 0.45
C ILE A 16 7.79 -15.37 1.46
N ILE A 17 7.31 -14.15 1.25
CA ILE A 17 6.31 -13.55 2.13
C ILE A 17 4.96 -13.53 1.44
N ASN A 18 4.09 -14.46 1.80
CA ASN A 18 2.75 -14.51 1.25
C ASN A 18 1.76 -13.90 2.23
N PHE A 19 1.33 -12.69 1.95
CA PHE A 19 0.39 -11.99 2.81
C PHE A 19 -0.91 -11.71 2.08
N TYR A 20 -2.03 -11.92 2.77
CA TYR A 20 -3.33 -11.61 2.21
C TYR A 20 -4.31 -11.23 3.30
N SER A 21 -5.26 -10.35 2.96
CA SER A 21 -6.33 -9.87 3.85
C SER A 21 -5.78 -9.02 5.00
N THR A 22 -6.61 -8.14 5.52
CA THR A 22 -6.22 -7.28 6.62
C THR A 22 -6.65 -7.94 7.95
N SER A 23 -7.27 -9.10 7.83
CA SER A 23 -7.73 -9.85 8.99
C SER A 23 -6.55 -10.51 9.69
N ASP A 24 -5.55 -10.89 8.92
CA ASP A 24 -4.34 -11.48 9.46
C ASP A 24 -3.41 -10.41 10.00
N ASP A 25 -2.50 -10.82 10.86
CA ASP A 25 -1.57 -9.90 11.51
C ASP A 25 -0.61 -9.29 10.51
N TYR A 26 -0.39 -10.01 9.41
CA TYR A 26 0.44 -9.51 8.32
C TYR A 26 -0.33 -8.48 7.48
N GLY A 27 -1.58 -8.24 7.87
CA GLY A 27 -2.42 -7.30 7.17
C GLY A 27 -1.94 -5.87 7.28
N ASP A 28 -0.88 -5.64 8.04
CA ASP A 28 -0.26 -4.32 8.11
C ASP A 28 0.25 -3.90 6.75
N PHE A 29 0.65 -4.88 5.94
CA PHE A 29 1.12 -4.62 4.57
C PHE A 29 -0.05 -4.24 3.67
N SER A 30 -1.25 -4.66 4.05
CA SER A 30 -2.44 -4.45 3.25
C SER A 30 -2.69 -2.96 3.01
N ASN A 31 -3.08 -2.63 1.79
CA ASN A 31 -3.41 -1.27 1.42
C ASN A 31 -4.74 -0.86 2.02
N PHE A 32 -5.52 -1.85 2.45
CA PHE A 32 -6.83 -1.62 3.03
C PHE A 32 -6.71 -1.46 4.56
N ALA A 33 -5.50 -1.67 5.08
CA ALA A 33 -5.26 -1.56 6.51
C ALA A 33 -5.48 -0.14 6.99
N ALA A 34 -5.95 0.01 8.22
CA ALA A 34 -6.33 1.31 8.77
C ALA A 34 -5.11 2.09 9.25
N TRP A 35 -4.20 2.34 8.35
CA TRP A 35 -3.04 3.17 8.62
C TRP A 35 -3.14 4.50 7.89
N PRO A 36 -3.38 5.60 8.62
CA PRO A 36 -3.51 6.94 8.02
C PRO A 36 -2.23 7.40 7.33
N ILE A 37 -2.38 8.02 6.17
CA ILE A 37 -1.23 8.45 5.38
C ILE A 37 -1.30 9.94 5.08
N LYS A 38 -0.17 10.61 5.18
CA LYS A 38 -0.08 12.04 4.87
C LYS A 38 0.43 12.22 3.45
N VAL A 39 -0.45 12.61 2.54
CA VAL A 39 -0.09 12.70 1.13
C VAL A 39 -0.41 14.07 0.56
N ASP A 40 0.59 14.70 -0.04
CA ASP A 40 0.42 15.97 -0.77
C ASP A 40 -0.21 17.04 0.10
N GLY A 41 -0.08 16.90 1.41
CA GLY A 41 -0.55 17.91 2.32
C GLY A 41 -1.77 17.48 3.13
N LYS A 42 -2.41 16.40 2.73
CA LYS A 42 -3.65 16.00 3.40
C LYS A 42 -3.54 14.59 3.97
N THR A 43 -4.30 14.33 5.01
CA THR A 43 -4.25 13.06 5.70
C THR A 43 -5.38 12.16 5.24
N TRP A 44 -5.03 11.14 4.49
CA TRP A 44 -6.00 10.21 3.95
C TRP A 44 -6.07 8.97 4.84
N PRO A 45 -7.28 8.50 5.16
CA PRO A 45 -7.48 7.28 5.94
C PRO A 45 -7.14 6.02 5.15
N THR A 46 -5.90 5.97 4.68
CA THR A 46 -5.28 4.80 4.03
C THR A 46 -5.42 4.83 2.51
N SER A 47 -4.70 3.91 1.87
CA SER A 47 -4.55 3.85 0.43
C SER A 47 -5.89 3.92 -0.30
N GLU A 48 -6.86 3.13 0.14
CA GLU A 48 -8.16 3.04 -0.53
C GLU A 48 -8.81 4.43 -0.69
N HIS A 49 -8.58 5.32 0.27
CA HIS A 49 -9.15 6.66 0.21
C HIS A 49 -8.39 7.52 -0.81
N TYR A 50 -7.07 7.43 -0.78
CA TYR A 50 -6.25 8.18 -1.74
C TYR A 50 -6.41 7.58 -3.14
N PHE A 51 -6.73 6.30 -3.19
CA PHE A 51 -6.99 5.60 -4.44
C PHE A 51 -8.20 6.23 -5.13
N GLN A 52 -9.30 6.33 -4.41
CA GLN A 52 -10.50 7.00 -4.91
C GLN A 52 -10.20 8.48 -5.16
N ALA A 53 -9.34 9.05 -4.32
CA ALA A 53 -8.97 10.45 -4.43
C ALA A 53 -8.20 10.74 -5.71
N GLN A 54 -7.48 9.73 -6.20
CA GLN A 54 -6.73 9.88 -7.44
C GLN A 54 -7.44 9.14 -8.58
N LYS A 55 -8.59 8.57 -8.26
CA LYS A 55 -9.44 7.95 -9.27
C LYS A 55 -10.31 8.99 -9.95
N PHE A 56 -11.10 9.70 -9.16
CA PHE A 56 -12.00 10.71 -9.69
C PHE A 56 -11.27 12.04 -9.76
N LEU A 57 -11.55 12.82 -10.80
CA LEU A 57 -10.83 14.06 -11.02
C LEU A 57 -11.64 15.28 -10.59
N ASP A 58 -12.77 15.03 -9.93
CA ASP A 58 -13.60 16.12 -9.44
C ASP A 58 -13.17 16.53 -8.04
N GLU A 59 -12.81 17.81 -7.90
CA GLU A 59 -12.31 18.34 -6.64
C GLU A 59 -13.32 18.18 -5.51
N LYS A 60 -14.57 18.49 -5.81
CA LYS A 60 -15.62 18.49 -4.79
C LYS A 60 -15.93 17.08 -4.30
N TYR A 61 -16.21 16.17 -5.23
CA TYR A 61 -16.56 14.80 -4.86
C TYR A 61 -15.35 14.08 -4.25
N ARG A 62 -14.15 14.46 -4.68
CA ARG A 62 -12.94 13.87 -4.13
C ARG A 62 -12.77 14.32 -2.67
N GLU A 63 -13.18 15.56 -2.41
CA GLU A 63 -13.16 16.08 -1.05
C GLU A 63 -14.18 15.33 -0.18
N GLU A 64 -15.22 14.82 -0.84
CA GLU A 64 -16.23 14.01 -0.17
C GLU A 64 -15.66 12.62 0.17
N ILE A 65 -14.71 12.17 -0.63
CA ILE A 65 -14.07 10.89 -0.40
C ILE A 65 -13.04 11.01 0.74
N ARG A 66 -12.57 12.23 0.99
CA ARG A 66 -11.76 12.47 2.17
C ARG A 66 -12.66 12.54 3.41
N ARG A 67 -13.95 12.77 3.19
CA ARG A 67 -14.91 12.88 4.28
C ARG A 67 -15.24 11.49 4.83
N VAL A 68 -15.44 10.53 3.93
CA VAL A 68 -15.77 9.18 4.33
C VAL A 68 -14.62 8.55 5.12
N SER A 69 -14.89 8.17 6.35
CA SER A 69 -13.87 7.62 7.21
C SER A 69 -13.73 6.12 6.98
N SER A 70 -14.84 5.49 6.63
CA SER A 70 -14.85 4.05 6.37
C SER A 70 -14.15 3.74 5.04
N PRO A 71 -13.12 2.87 5.09
CA PRO A 71 -12.41 2.44 3.88
C PRO A 71 -13.29 1.58 2.99
N MET A 72 -14.17 0.79 3.61
CA MET A 72 -15.05 -0.11 2.89
C MET A 72 -16.06 0.68 2.07
N VAL A 73 -16.69 1.67 2.72
CA VAL A 73 -17.68 2.51 2.05
C VAL A 73 -17.02 3.34 0.95
N ALA A 74 -15.79 3.79 1.21
CA ALA A 74 -15.03 4.55 0.23
C ALA A 74 -14.84 3.75 -1.05
N ALA A 75 -14.42 2.49 -0.89
CA ALA A 75 -14.25 1.60 -2.03
C ALA A 75 -15.61 1.29 -2.66
N ARG A 76 -16.60 1.08 -1.81
CA ARG A 76 -17.94 0.73 -2.25
C ARG A 76 -18.49 1.76 -3.24
N MET A 77 -18.47 3.02 -2.84
CA MET A 77 -18.99 4.08 -3.71
C MET A 77 -17.97 4.48 -4.77
N GLY A 78 -16.70 4.21 -4.48
CA GLY A 78 -15.65 4.52 -5.43
C GLY A 78 -15.56 3.51 -6.56
N ARG A 79 -16.32 2.43 -6.46
CA ARG A 79 -16.38 1.44 -7.54
C ARG A 79 -17.48 1.79 -8.54
N ASP A 80 -18.27 2.81 -8.20
CA ASP A 80 -19.32 3.27 -9.11
C ASP A 80 -18.69 4.00 -10.28
N ARG A 81 -19.03 3.56 -11.48
CA ARG A 81 -18.42 4.08 -12.69
C ARG A 81 -19.32 5.16 -13.31
N SER A 82 -20.27 5.65 -12.53
CA SER A 82 -21.16 6.71 -12.98
C SER A 82 -20.59 8.07 -12.60
N LYS A 83 -19.52 8.05 -11.82
CA LYS A 83 -18.81 9.25 -11.44
C LYS A 83 -17.74 9.57 -12.47
N PRO A 84 -17.23 10.81 -12.50
CA PRO A 84 -16.22 11.21 -13.49
C PRO A 84 -14.88 10.52 -13.26
N LEU A 85 -14.63 9.50 -14.06
CA LEU A 85 -13.35 8.82 -14.05
C LEU A 85 -12.36 9.55 -14.94
N ARG A 86 -11.09 9.48 -14.61
CA ARG A 86 -10.07 10.05 -15.47
C ARG A 86 -9.75 9.06 -16.59
N LYS A 87 -9.48 9.58 -17.77
CA LYS A 87 -9.36 8.76 -18.98
C LYS A 87 -8.28 7.69 -18.87
N ASN A 88 -7.23 7.98 -18.11
CA ASN A 88 -6.11 7.06 -18.01
C ASN A 88 -6.11 6.32 -16.67
N TRP A 89 -7.28 6.26 -16.05
CA TRP A 89 -7.39 5.62 -14.72
C TRP A 89 -6.93 4.17 -14.76
N GLU A 90 -7.42 3.42 -15.73
CA GLU A 90 -7.12 1.99 -15.85
C GLU A 90 -5.62 1.72 -15.92
N SER A 91 -4.84 2.72 -16.33
CA SER A 91 -3.40 2.53 -16.49
C SER A 91 -2.60 3.09 -15.31
N VAL A 92 -3.22 3.96 -14.50
CA VAL A 92 -2.48 4.63 -13.44
C VAL A 92 -2.81 4.07 -12.05
N LYS A 93 -3.58 3.00 -12.01
CA LYS A 93 -3.96 2.36 -10.74
C LYS A 93 -2.72 1.93 -9.95
N GLU A 94 -1.76 1.35 -10.65
CA GLU A 94 -0.51 0.90 -10.04
C GLU A 94 0.37 2.08 -9.66
N GLN A 95 0.18 3.20 -10.34
CA GLN A 95 0.93 4.41 -10.04
C GLN A 95 0.45 5.02 -8.73
N VAL A 96 -0.87 5.05 -8.55
CA VAL A 96 -1.46 5.56 -7.31
C VAL A 96 -1.02 4.69 -6.13
N MET A 97 -0.95 3.39 -6.37
CA MET A 97 -0.47 2.45 -5.35
C MET A 97 0.95 2.79 -4.92
N ARG A 98 1.78 3.20 -5.88
CA ARG A 98 3.16 3.60 -5.57
C ARG A 98 3.17 4.78 -4.60
N LYS A 99 2.30 5.76 -4.87
CA LYS A 99 2.21 6.96 -4.05
C LYS A 99 1.69 6.62 -2.65
N ALA A 100 0.60 5.88 -2.61
CA ALA A 100 -0.07 5.54 -1.35
C ALA A 100 0.78 4.60 -0.51
N LEU A 101 1.30 3.56 -1.13
CA LEU A 101 2.09 2.55 -0.40
C LEU A 101 3.37 3.15 0.17
N ARG A 102 3.98 4.07 -0.56
CA ARG A 102 5.19 4.70 -0.06
C ARG A 102 4.85 5.51 1.18
N ALA A 103 3.88 6.42 1.06
CA ALA A 103 3.46 7.26 2.18
C ALA A 103 3.03 6.41 3.37
N LYS A 104 2.46 5.25 3.07
CA LYS A 104 2.07 4.27 4.08
C LYS A 104 3.26 3.91 4.98
N PHE A 105 4.37 3.51 4.35
CA PHE A 105 5.55 3.14 5.10
C PHE A 105 6.40 4.35 5.52
N GLU A 106 6.36 5.40 4.71
CA GLU A 106 7.10 6.63 5.03
C GLU A 106 6.59 7.28 6.32
N GLN A 107 5.28 7.45 6.43
CA GLN A 107 4.70 8.14 7.57
C GLN A 107 4.73 7.29 8.84
N HIS A 108 4.85 5.98 8.66
CA HIS A 108 4.84 5.07 9.80
C HIS A 108 6.16 4.35 9.93
N ALA A 109 6.97 4.76 10.89
CA ALA A 109 8.24 4.10 11.17
C ALA A 109 8.01 2.65 11.58
N GLU A 110 6.84 2.41 12.18
CA GLU A 110 6.42 1.07 12.55
C GLU A 110 6.42 0.17 11.32
N LEU A 111 5.77 0.64 10.27
CA LEU A 111 5.62 -0.13 9.04
C LEU A 111 6.93 -0.17 8.27
N ARG A 112 7.65 0.94 8.26
CA ARG A 112 8.92 1.02 7.56
C ARG A 112 9.90 -0.03 8.08
N ALA A 113 9.96 -0.15 9.40
CA ALA A 113 10.84 -1.12 10.03
C ALA A 113 10.41 -2.55 9.69
N LEU A 114 9.10 -2.79 9.70
CA LEU A 114 8.56 -4.09 9.35
C LEU A 114 8.89 -4.44 7.90
N LEU A 115 8.77 -3.46 7.01
CA LEU A 115 9.08 -3.64 5.60
C LEU A 115 10.56 -3.95 5.41
N LEU A 116 11.41 -3.25 6.16
CA LEU A 116 12.85 -3.45 6.03
C LEU A 116 13.30 -4.67 6.82
N ALA A 117 12.38 -5.27 7.57
CA ALA A 117 12.68 -6.48 8.32
C ALA A 117 12.49 -7.72 7.45
N THR A 118 11.55 -7.67 6.51
CA THR A 118 11.28 -8.80 5.65
C THR A 118 12.39 -9.01 4.63
N ALA A 119 13.15 -7.94 4.36
CA ALA A 119 14.27 -8.00 3.42
C ALA A 119 15.23 -9.14 3.76
N PRO A 120 15.73 -9.87 2.74
CA PRO A 120 15.42 -9.64 1.34
C PRO A 120 14.36 -10.61 0.79
N ALA A 121 13.33 -10.90 1.58
CA ALA A 121 12.30 -11.84 1.18
C ALA A 121 11.48 -11.33 0.00
N LYS A 122 10.90 -12.27 -0.75
CA LYS A 122 10.08 -11.96 -1.91
C LYS A 122 8.67 -11.63 -1.44
N LEU A 123 8.21 -10.43 -1.73
CA LEU A 123 6.91 -9.97 -1.29
C LEU A 123 5.82 -10.38 -2.29
N VAL A 124 4.95 -11.28 -1.87
CA VAL A 124 3.90 -11.79 -2.74
C VAL A 124 2.53 -11.69 -2.07
N GLU A 125 1.57 -11.08 -2.75
CA GLU A 125 0.21 -11.04 -2.28
C GLU A 125 -0.58 -12.14 -2.95
N HIS A 126 -1.29 -12.94 -2.17
CA HIS A 126 -2.08 -14.00 -2.74
C HIS A 126 -3.49 -13.49 -3.00
N THR A 127 -3.63 -12.73 -4.07
CA THR A 127 -4.90 -12.13 -4.43
C THR A 127 -5.80 -13.18 -5.06
N GLU A 128 -6.52 -13.91 -4.22
CA GLU A 128 -7.35 -15.02 -4.69
C GLU A 128 -8.64 -14.50 -5.32
N ASN A 129 -8.97 -13.25 -5.04
CA ASN A 129 -10.20 -12.65 -5.52
C ASN A 129 -10.00 -11.96 -6.86
N ASP A 130 -8.80 -11.45 -7.09
CA ASP A 130 -8.54 -10.64 -8.28
C ASP A 130 -7.11 -10.87 -8.80
N ALA A 131 -6.97 -10.95 -10.12
CA ALA A 131 -5.65 -11.11 -10.72
C ALA A 131 -5.15 -9.77 -11.24
N TYR A 132 -4.52 -8.99 -10.36
CA TYR A 132 -4.03 -7.66 -10.70
C TYR A 132 -2.81 -7.28 -9.88
N TRP A 133 -2.78 -7.72 -8.63
CA TRP A 133 -1.76 -7.29 -7.69
C TRP A 133 -0.89 -8.44 -7.17
N GLY A 134 -1.17 -9.66 -7.60
CA GLY A 134 -0.50 -10.80 -7.01
C GLY A 134 -0.45 -12.01 -7.93
N ASP A 135 -1.00 -13.11 -7.48
CA ASP A 135 -1.01 -14.33 -8.29
C ASP A 135 -2.41 -14.58 -8.87
N GLY A 136 -3.39 -13.82 -8.41
CA GLY A 136 -4.71 -13.89 -8.99
C GLY A 136 -5.47 -15.16 -8.64
N GLY A 137 -4.95 -15.90 -7.68
CA GLY A 137 -5.57 -17.16 -7.29
C GLY A 137 -5.22 -18.30 -8.23
N HIS A 138 -4.15 -18.14 -9.00
CA HIS A 138 -3.71 -19.19 -9.93
C HIS A 138 -2.27 -18.98 -10.40
N GLY A 139 -1.50 -18.20 -9.65
CA GLY A 139 -0.08 -18.05 -9.95
C GLY A 139 0.22 -17.09 -11.09
N LYS A 140 -0.80 -16.49 -11.68
CA LYS A 140 -0.63 -15.58 -12.80
C LYS A 140 -1.55 -14.37 -12.65
N GLY A 141 -1.23 -13.51 -11.71
CA GLY A 141 -2.12 -12.42 -11.36
C GLY A 141 -1.43 -11.07 -11.35
N LYS A 142 -0.24 -10.99 -11.93
CA LYS A 142 0.50 -9.75 -12.00
C LYS A 142 0.98 -9.32 -10.61
N ASN A 143 2.07 -9.95 -10.18
CA ASN A 143 2.67 -9.78 -8.85
C ASN A 143 3.31 -8.40 -8.71
N ARG A 144 3.13 -7.57 -9.74
CA ARG A 144 3.75 -6.24 -9.82
C ARG A 144 3.56 -5.43 -8.53
N LEU A 145 2.50 -5.71 -7.77
CA LEU A 145 2.28 -5.01 -6.50
C LEU A 145 3.40 -5.34 -5.52
N GLY A 146 3.70 -6.63 -5.39
CA GLY A 146 4.78 -7.05 -4.53
C GLY A 146 6.11 -6.57 -5.05
N TYR A 147 6.22 -6.39 -6.37
CA TYR A 147 7.42 -5.85 -6.98
C TYR A 147 7.56 -4.36 -6.63
N LEU A 148 6.44 -3.65 -6.62
CA LEU A 148 6.43 -2.25 -6.20
C LEU A 148 6.96 -2.15 -4.77
N LEU A 149 6.41 -2.99 -3.90
CA LEU A 149 6.84 -3.05 -2.50
C LEU A 149 8.27 -3.53 -2.40
N MET A 150 8.67 -4.39 -3.33
CA MET A 150 10.02 -4.92 -3.35
C MET A 150 11.04 -3.81 -3.54
N GLU A 151 10.83 -3.00 -4.57
CA GLU A 151 11.72 -1.88 -4.85
C GLU A 151 11.57 -0.80 -3.79
N LEU A 152 10.35 -0.64 -3.27
CA LEU A 152 10.10 0.29 -2.18
C LEU A 152 10.93 -0.11 -0.96
N ARG A 153 10.90 -1.39 -0.65
CA ARG A 153 11.68 -1.93 0.46
C ARG A 153 13.16 -1.67 0.27
N GLU A 154 13.68 -1.99 -0.91
CA GLU A 154 15.09 -1.84 -1.17
C GLU A 154 15.51 -0.39 -1.30
N GLN A 155 14.63 0.47 -1.79
CA GLN A 155 14.96 1.89 -1.92
C GLN A 155 15.01 2.55 -0.56
N LEU A 156 14.18 2.08 0.38
CA LEU A 156 14.20 2.61 1.74
C LEU A 156 15.43 2.09 2.46
N ALA A 157 15.93 0.94 2.02
CA ALA A 157 17.18 0.39 2.52
C ALA A 157 18.35 1.21 2.00
N ILE A 158 18.31 1.55 0.72
CA ILE A 158 19.32 2.42 0.11
C ILE A 158 19.29 3.79 0.77
N GLU A 159 18.07 4.30 0.98
CA GLU A 159 17.86 5.57 1.69
C GLU A 159 18.48 5.50 3.09
N LYS A 160 18.48 4.30 3.67
CA LYS A 160 19.08 4.08 4.97
C LYS A 160 20.58 4.25 4.89
N LEU A 161 21.17 3.77 3.81
CA LEU A 161 22.61 3.92 3.57
C LEU A 161 22.96 5.39 3.32
N GLU A 162 21.97 6.15 2.89
CA GLU A 162 22.15 7.57 2.61
C GLU A 162 21.97 8.41 3.87
N HIS A 163 21.92 7.76 5.03
CA HIS A 163 21.72 8.46 6.31
C HIS A 163 22.79 9.54 6.53
N HIS A 164 22.35 10.75 6.82
CA HIS A 164 23.25 11.85 7.10
C HIS A 164 22.54 12.94 7.89
N HIS A 165 21.21 12.99 7.78
CA HIS A 165 20.41 13.97 8.51
C HIS A 165 19.33 13.32 9.36
N HIS A 166 19.71 12.82 10.53
CA HIS A 166 18.76 12.32 11.51
C HIS A 166 19.48 11.84 12.77
N HIS A 167 19.64 10.54 12.89
CA HIS A 167 20.30 9.92 14.04
C HIS A 167 20.84 8.58 13.62
N HIS A 168 19.94 7.68 13.28
CA HIS A 168 20.28 6.40 12.68
C HIS A 168 19.49 6.25 11.39
N MET A 1 -3.87 -1.08 22.10
CA MET A 1 -3.49 -2.04 21.05
C MET A 1 -2.11 -1.72 20.50
N PRO A 2 -1.14 -2.62 20.70
CA PRO A 2 0.20 -2.46 20.15
C PRO A 2 0.21 -2.71 18.64
N VAL A 3 1.26 -2.27 17.96
CA VAL A 3 1.39 -2.50 16.54
C VAL A 3 1.81 -3.95 16.31
N ARG A 4 2.60 -4.46 17.27
CA ARG A 4 3.08 -5.84 17.24
C ARG A 4 3.90 -6.08 15.98
N ALA A 5 4.91 -5.23 15.78
CA ALA A 5 5.79 -5.35 14.62
C ALA A 5 6.79 -6.46 14.84
N GLN A 6 6.34 -7.69 14.66
CA GLN A 6 7.18 -8.86 14.84
C GLN A 6 8.11 -9.01 13.65
N ARG A 7 9.40 -8.92 13.89
CA ARG A 7 10.38 -9.00 12.83
C ARG A 7 11.00 -10.38 12.78
N ILE A 8 11.13 -10.93 11.58
CA ILE A 8 11.82 -12.18 11.37
C ILE A 8 13.30 -12.02 11.78
N GLN A 9 13.90 -13.07 12.32
CA GLN A 9 15.28 -13.01 12.77
C GLN A 9 16.17 -12.59 11.61
N HIS A 10 16.06 -13.32 10.52
CA HIS A 10 16.74 -13.01 9.27
C HIS A 10 16.15 -13.87 8.18
N VAL A 11 15.96 -13.29 6.99
CA VAL A 11 15.38 -14.02 5.87
C VAL A 11 16.23 -15.23 5.50
N MET A 12 15.56 -16.27 5.06
CA MET A 12 16.21 -17.55 4.74
C MET A 12 16.57 -17.61 3.26
N GLN A 13 16.70 -16.43 2.65
CA GLN A 13 16.90 -16.28 1.21
C GLN A 13 15.66 -16.71 0.44
N ASP A 14 15.39 -18.00 0.46
CA ASP A 14 14.24 -18.59 -0.23
C ASP A 14 12.97 -18.37 0.57
N THR A 15 12.79 -17.16 1.06
CA THR A 15 11.62 -16.81 1.84
C THR A 15 10.57 -16.13 0.97
N ILE A 16 9.45 -16.81 0.78
CA ILE A 16 8.34 -16.23 0.04
C ILE A 16 7.18 -15.96 0.99
N ILE A 17 6.98 -14.70 1.30
CA ILE A 17 6.01 -14.32 2.30
C ILE A 17 4.66 -14.02 1.66
N ASN A 18 3.76 -14.98 1.77
CA ASN A 18 2.41 -14.83 1.25
C ASN A 18 1.45 -14.55 2.40
N PHE A 19 0.58 -13.57 2.19
CA PHE A 19 -0.32 -13.12 3.24
C PHE A 19 -1.70 -12.81 2.67
N TYR A 20 -2.72 -13.15 3.42
CA TYR A 20 -4.05 -12.62 3.16
C TYR A 20 -4.85 -12.53 4.44
N SER A 21 -4.91 -11.30 4.98
CA SER A 21 -5.64 -10.96 6.20
C SER A 21 -4.90 -9.79 6.87
N THR A 22 -5.53 -8.63 6.86
CA THR A 22 -4.91 -7.45 7.46
C THR A 22 -4.97 -7.55 8.99
N SER A 23 -6.18 -7.42 9.52
CA SER A 23 -6.45 -7.58 10.96
C SER A 23 -5.46 -6.82 11.85
N ASP A 24 -4.40 -7.50 12.26
CA ASP A 24 -3.39 -6.93 13.15
C ASP A 24 -2.08 -7.69 12.98
N ASP A 25 -1.90 -8.27 11.80
CA ASP A 25 -0.77 -9.15 11.53
C ASP A 25 0.11 -8.55 10.43
N TYR A 26 0.83 -9.41 9.70
CA TYR A 26 1.67 -8.98 8.59
C TYR A 26 0.83 -8.42 7.44
N GLY A 27 -0.48 -8.44 7.62
CA GLY A 27 -1.41 -7.92 6.64
C GLY A 27 -1.29 -6.42 6.45
N ASP A 28 -0.39 -5.77 7.18
CA ASP A 28 -0.13 -4.33 7.01
C ASP A 28 0.27 -4.01 5.57
N PHE A 29 0.84 -4.99 4.88
CA PHE A 29 1.21 -4.83 3.48
C PHE A 29 -0.03 -4.66 2.61
N SER A 30 -1.15 -5.19 3.09
CA SER A 30 -2.43 -5.00 2.42
C SER A 30 -2.86 -3.54 2.56
N ASN A 31 -3.20 -2.93 1.44
CA ASN A 31 -3.47 -1.49 1.40
C ASN A 31 -4.83 -1.13 1.98
N PHE A 32 -5.48 -2.07 2.63
CA PHE A 32 -6.73 -1.81 3.31
C PHE A 32 -6.47 -1.51 4.78
N ALA A 33 -5.19 -1.50 5.16
CA ALA A 33 -4.78 -1.20 6.52
C ALA A 33 -5.17 0.23 6.90
N ALA A 34 -5.81 0.37 8.05
CA ALA A 34 -6.35 1.65 8.48
C ALA A 34 -5.30 2.45 9.23
N TRP A 35 -4.23 2.78 8.53
CA TRP A 35 -3.19 3.63 9.09
C TRP A 35 -3.32 5.04 8.56
N PRO A 36 -3.39 6.03 9.48
CA PRO A 36 -3.41 7.44 9.11
C PRO A 36 -2.13 7.83 8.37
N ILE A 37 -2.27 8.23 7.13
CA ILE A 37 -1.13 8.61 6.30
C ILE A 37 -1.21 10.08 5.91
N LYS A 38 -0.11 10.79 6.07
CA LYS A 38 -0.05 12.19 5.68
C LYS A 38 0.45 12.31 4.24
N VAL A 39 -0.46 12.59 3.33
CA VAL A 39 -0.12 12.66 1.92
C VAL A 39 -0.46 14.02 1.36
N ASP A 40 0.58 14.75 0.94
CA ASP A 40 0.43 16.06 0.29
C ASP A 40 -0.18 17.09 1.24
N GLY A 41 -0.20 16.77 2.53
CA GLY A 41 -0.71 17.69 3.51
C GLY A 41 -1.96 17.20 4.20
N LYS A 42 -2.57 16.14 3.67
CA LYS A 42 -3.81 15.63 4.24
C LYS A 42 -3.60 14.29 4.90
N THR A 43 -4.31 14.07 5.99
CA THR A 43 -4.26 12.80 6.71
C THR A 43 -5.35 11.86 6.23
N TRP A 44 -4.97 10.89 5.42
CA TRP A 44 -5.90 9.91 4.91
C TRP A 44 -5.96 8.71 5.85
N PRO A 45 -7.17 8.24 6.19
CA PRO A 45 -7.35 7.11 7.13
C PRO A 45 -7.04 5.76 6.49
N THR A 46 -6.68 5.78 5.20
CA THR A 46 -6.38 4.56 4.47
C THR A 46 -5.76 4.90 3.12
N SER A 47 -4.91 4.01 2.61
CA SER A 47 -4.32 4.18 1.29
C SER A 47 -5.41 4.29 0.23
N GLU A 48 -6.45 3.46 0.38
CA GLU A 48 -7.56 3.43 -0.56
C GLU A 48 -8.23 4.80 -0.69
N HIS A 49 -8.23 5.58 0.39
CA HIS A 49 -8.86 6.91 0.36
C HIS A 49 -8.13 7.84 -0.61
N TYR A 50 -6.80 7.82 -0.57
CA TYR A 50 -6.02 8.64 -1.49
C TYR A 50 -6.11 8.04 -2.89
N PHE A 51 -6.14 6.72 -2.95
CA PHE A 51 -6.29 6.00 -4.20
C PHE A 51 -7.60 6.41 -4.87
N GLN A 52 -8.68 6.43 -4.10
CA GLN A 52 -9.99 6.87 -4.56
C GLN A 52 -9.94 8.30 -5.09
N ALA A 53 -9.28 9.17 -4.33
CA ALA A 53 -9.21 10.58 -4.66
C ALA A 53 -8.58 10.79 -6.03
N GLN A 54 -7.64 9.94 -6.40
CA GLN A 54 -6.95 10.06 -7.67
C GLN A 54 -7.64 9.26 -8.77
N LYS A 55 -8.53 8.35 -8.37
CA LYS A 55 -9.28 7.53 -9.33
C LYS A 55 -10.25 8.37 -10.14
N PHE A 56 -10.87 9.34 -9.49
CA PHE A 56 -11.90 10.15 -10.11
C PHE A 56 -11.42 11.57 -10.33
N LEU A 57 -11.77 12.12 -11.48
CA LEU A 57 -11.30 13.45 -11.86
C LEU A 57 -12.24 14.55 -11.38
N ASP A 58 -13.39 14.16 -10.84
CA ASP A 58 -14.37 15.13 -10.40
C ASP A 58 -13.92 15.82 -9.12
N GLU A 59 -14.15 17.12 -9.06
CA GLU A 59 -13.69 17.94 -7.94
C GLU A 59 -14.49 17.66 -6.66
N LYS A 60 -15.79 17.49 -6.82
CA LYS A 60 -16.67 17.34 -5.67
C LYS A 60 -16.66 15.90 -5.16
N TYR A 61 -16.57 14.96 -6.08
CA TYR A 61 -16.52 13.55 -5.72
C TYR A 61 -15.23 13.24 -4.96
N ARG A 62 -14.14 13.88 -5.37
CA ARG A 62 -12.86 13.76 -4.67
C ARG A 62 -12.97 14.41 -3.29
N GLU A 63 -13.71 15.51 -3.25
CA GLU A 63 -13.98 16.21 -2.00
C GLU A 63 -14.81 15.32 -1.07
N GLU A 64 -15.66 14.50 -1.66
CA GLU A 64 -16.48 13.54 -0.91
C GLU A 64 -15.60 12.45 -0.33
N ILE A 65 -14.56 12.07 -1.09
CA ILE A 65 -13.59 11.08 -0.64
C ILE A 65 -12.88 11.58 0.62
N ARG A 66 -12.67 12.89 0.70
CA ARG A 66 -12.09 13.50 1.89
C ARG A 66 -13.03 13.35 3.09
N ARG A 67 -14.32 13.37 2.84
CA ARG A 67 -15.33 13.40 3.90
C ARG A 67 -15.59 12.01 4.46
N VAL A 68 -15.51 10.99 3.62
CA VAL A 68 -15.82 9.63 4.03
C VAL A 68 -14.78 9.09 5.01
N SER A 69 -15.20 8.87 6.25
CA SER A 69 -14.32 8.37 7.29
C SER A 69 -13.99 6.91 7.06
N SER A 70 -14.98 6.13 6.64
CA SER A 70 -14.84 4.69 6.53
C SER A 70 -14.15 4.29 5.23
N PRO A 71 -13.16 3.38 5.30
CA PRO A 71 -12.41 2.90 4.14
C PRO A 71 -13.27 2.07 3.19
N MET A 72 -14.08 1.17 3.74
CA MET A 72 -14.85 0.22 2.94
C MET A 72 -15.93 0.95 2.13
N VAL A 73 -16.52 1.97 2.73
CA VAL A 73 -17.54 2.76 2.06
C VAL A 73 -16.95 3.46 0.83
N ALA A 74 -15.74 4.01 1.00
CA ALA A 74 -15.04 4.65 -0.10
C ALA A 74 -14.68 3.65 -1.17
N ALA A 75 -14.20 2.49 -0.74
CA ALA A 75 -13.82 1.42 -1.65
C ALA A 75 -15.03 0.92 -2.43
N ARG A 76 -16.18 0.82 -1.75
CA ARG A 76 -17.41 0.35 -2.38
C ARG A 76 -17.82 1.28 -3.51
N MET A 77 -17.94 2.57 -3.22
CA MET A 77 -18.41 3.53 -4.22
C MET A 77 -17.33 3.82 -5.25
N GLY A 78 -16.09 3.45 -4.93
CA GLY A 78 -15.01 3.60 -5.87
C GLY A 78 -14.77 2.32 -6.66
N ARG A 79 -15.49 1.26 -6.31
CA ARG A 79 -15.44 0.02 -7.05
C ARG A 79 -16.62 -0.06 -8.00
N ASP A 80 -17.50 0.94 -7.87
CA ASP A 80 -18.69 1.05 -8.71
C ASP A 80 -18.35 1.68 -10.06
N ARG A 81 -18.58 0.92 -11.13
CA ARG A 81 -18.28 1.42 -12.46
C ARG A 81 -19.52 2.08 -13.08
N SER A 82 -19.91 3.19 -12.49
CA SER A 82 -20.90 4.07 -13.10
C SER A 82 -20.48 5.52 -12.90
N LYS A 83 -19.26 5.68 -12.38
CA LYS A 83 -18.70 6.99 -12.10
C LYS A 83 -17.74 7.38 -13.21
N PRO A 84 -17.44 8.68 -13.36
CA PRO A 84 -16.46 9.15 -14.35
C PRO A 84 -15.05 8.66 -14.02
N LEU A 85 -14.61 7.62 -14.72
CA LEU A 85 -13.29 7.07 -14.51
C LEU A 85 -12.25 7.94 -15.17
N ARG A 86 -11.14 8.18 -14.48
CA ARG A 86 -10.06 8.99 -15.02
C ARG A 86 -9.41 8.27 -16.19
N LYS A 87 -9.23 8.99 -17.30
CA LYS A 87 -8.78 8.37 -18.54
C LYS A 87 -7.39 7.76 -18.41
N ASN A 88 -6.44 8.55 -17.92
CA ASN A 88 -5.05 8.08 -17.81
C ASN A 88 -4.81 7.40 -16.46
N TRP A 89 -5.89 6.98 -15.81
CA TRP A 89 -5.76 6.28 -14.53
C TRP A 89 -4.93 5.01 -14.70
N GLU A 90 -5.06 4.39 -15.87
CA GLU A 90 -4.32 3.18 -16.19
C GLU A 90 -2.81 3.43 -16.04
N SER A 91 -2.35 4.59 -16.50
CA SER A 91 -0.93 4.88 -16.52
C SER A 91 -0.42 5.45 -15.19
N VAL A 92 -1.34 5.78 -14.28
CA VAL A 92 -0.94 6.39 -13.00
C VAL A 92 -1.35 5.54 -11.80
N LYS A 93 -2.08 4.45 -12.06
CA LYS A 93 -2.62 3.59 -11.00
C LYS A 93 -1.52 3.14 -10.04
N GLU A 94 -0.38 2.74 -10.59
CA GLU A 94 0.70 2.20 -9.79
C GLU A 94 1.56 3.29 -9.20
N GLN A 95 1.49 4.48 -9.78
CA GLN A 95 2.23 5.62 -9.27
C GLN A 95 1.56 6.17 -8.02
N VAL A 96 0.24 6.26 -8.06
CA VAL A 96 -0.54 6.71 -6.91
C VAL A 96 -0.39 5.71 -5.76
N MET A 97 -0.43 4.43 -6.11
CA MET A 97 -0.21 3.36 -5.14
C MET A 97 1.16 3.49 -4.49
N ARG A 98 2.18 3.70 -5.32
CA ARG A 98 3.56 3.81 -4.84
C ARG A 98 3.72 4.99 -3.89
N LYS A 99 3.10 6.12 -4.25
CA LYS A 99 3.15 7.33 -3.44
C LYS A 99 2.43 7.13 -2.10
N ALA A 100 1.25 6.53 -2.15
CA ALA A 100 0.47 6.28 -0.96
C ALA A 100 1.18 5.27 -0.05
N LEU A 101 1.75 4.24 -0.65
CA LEU A 101 2.52 3.24 0.08
C LEU A 101 3.68 3.87 0.82
N ARG A 102 4.45 4.69 0.13
CA ARG A 102 5.61 5.32 0.74
C ARG A 102 5.21 6.16 1.95
N ALA A 103 4.10 6.87 1.83
CA ALA A 103 3.61 7.71 2.91
C ALA A 103 3.29 6.88 4.15
N LYS A 104 2.76 5.68 3.94
CA LYS A 104 2.40 4.81 5.05
C LYS A 104 3.65 4.37 5.82
N PHE A 105 4.70 4.01 5.09
CA PHE A 105 5.93 3.54 5.70
C PHE A 105 6.82 4.71 6.17
N GLU A 106 6.66 5.88 5.58
CA GLU A 106 7.43 7.04 6.02
C GLU A 106 6.84 7.63 7.29
N GLN A 107 5.52 7.69 7.36
CA GLN A 107 4.87 8.32 8.50
C GLN A 107 4.73 7.36 9.66
N HIS A 108 5.00 6.08 9.42
CA HIS A 108 5.03 5.09 10.48
C HIS A 108 6.33 4.28 10.40
N ALA A 109 7.25 4.58 11.31
CA ALA A 109 8.59 4.00 11.30
C ALA A 109 8.55 2.49 11.57
N GLU A 110 7.58 2.04 12.35
CA GLU A 110 7.46 0.63 12.68
C GLU A 110 7.07 -0.17 11.45
N LEU A 111 6.25 0.43 10.60
CA LEU A 111 5.84 -0.21 9.36
C LEU A 111 7.00 -0.23 8.38
N ARG A 112 7.76 0.86 8.37
CA ARG A 112 8.93 0.97 7.50
C ARG A 112 9.93 -0.14 7.81
N ALA A 113 10.19 -0.34 9.10
CA ALA A 113 11.11 -1.38 9.55
C ALA A 113 10.61 -2.75 9.15
N LEU A 114 9.30 -2.97 9.29
CA LEU A 114 8.68 -4.21 8.87
C LEU A 114 8.93 -4.48 7.39
N LEU A 115 8.63 -3.48 6.57
CA LEU A 115 8.82 -3.57 5.13
C LEU A 115 10.27 -3.88 4.77
N LEU A 116 11.19 -3.10 5.31
CA LEU A 116 12.60 -3.22 4.94
C LEU A 116 13.21 -4.53 5.43
N ALA A 117 12.59 -5.11 6.44
CA ALA A 117 13.10 -6.35 7.03
C ALA A 117 12.74 -7.57 6.19
N THR A 118 11.86 -7.39 5.22
CA THR A 118 11.44 -8.50 4.38
C THR A 118 12.47 -8.76 3.28
N ALA A 119 13.17 -7.70 2.87
CA ALA A 119 14.17 -7.80 1.80
C ALA A 119 15.17 -8.93 2.05
N PRO A 120 15.47 -9.74 1.01
CA PRO A 120 14.93 -9.58 -0.33
C PRO A 120 13.78 -10.57 -0.63
N ALA A 121 13.08 -10.99 0.41
CA ALA A 121 12.00 -11.97 0.28
C ALA A 121 10.91 -11.49 -0.67
N LYS A 122 10.25 -12.44 -1.32
CA LYS A 122 9.22 -12.12 -2.30
C LYS A 122 7.88 -11.95 -1.62
N LEU A 123 7.32 -10.75 -1.72
CA LEU A 123 6.03 -10.43 -1.11
C LEU A 123 4.90 -10.77 -2.06
N VAL A 124 3.94 -11.55 -1.58
CA VAL A 124 2.81 -11.96 -2.40
C VAL A 124 1.53 -12.00 -1.58
N GLU A 125 0.55 -11.19 -1.97
CA GLU A 125 -0.75 -11.22 -1.33
C GLU A 125 -1.65 -12.19 -2.06
N HIS A 126 -2.33 -13.06 -1.33
CA HIS A 126 -3.19 -14.02 -1.99
C HIS A 126 -4.58 -13.45 -2.07
N THR A 127 -4.77 -12.55 -3.01
CA THR A 127 -6.05 -11.91 -3.21
C THR A 127 -6.97 -12.84 -3.98
N GLU A 128 -7.65 -13.73 -3.27
CA GLU A 128 -8.50 -14.73 -3.89
C GLU A 128 -9.88 -14.15 -4.16
N ASN A 129 -10.17 -13.03 -3.51
CA ASN A 129 -11.46 -12.36 -3.64
C ASN A 129 -11.47 -11.49 -4.90
N ASP A 130 -10.29 -11.05 -5.32
CA ASP A 130 -10.17 -10.15 -6.44
C ASP A 130 -8.83 -10.33 -7.14
N ALA A 131 -8.87 -10.49 -8.45
CA ALA A 131 -7.66 -10.71 -9.24
C ALA A 131 -7.20 -9.43 -9.91
N TYR A 132 -6.43 -8.62 -9.18
CA TYR A 132 -5.97 -7.34 -9.72
C TYR A 132 -4.73 -6.82 -8.99
N TRP A 133 -4.55 -7.20 -7.72
CA TRP A 133 -3.41 -6.73 -6.95
C TRP A 133 -2.67 -7.86 -6.23
N GLY A 134 -2.81 -9.09 -6.70
CA GLY A 134 -2.17 -10.20 -6.01
C GLY A 134 -2.17 -11.48 -6.80
N ASP A 135 -2.52 -12.57 -6.13
CA ASP A 135 -2.56 -13.89 -6.76
C ASP A 135 -3.80 -14.03 -7.65
N GLY A 136 -4.90 -13.42 -7.22
CA GLY A 136 -6.13 -13.48 -7.99
C GLY A 136 -6.87 -14.78 -7.77
N GLY A 137 -6.27 -15.66 -6.98
CA GLY A 137 -6.90 -16.93 -6.68
C GLY A 137 -6.61 -17.99 -7.73
N HIS A 138 -5.69 -17.67 -8.64
CA HIS A 138 -5.35 -18.58 -9.73
C HIS A 138 -4.09 -18.12 -10.46
N GLY A 139 -3.25 -17.34 -9.78
CA GLY A 139 -2.00 -16.90 -10.38
C GLY A 139 -2.12 -15.61 -11.16
N LYS A 140 -3.08 -15.56 -12.08
CA LYS A 140 -3.27 -14.39 -12.94
C LYS A 140 -4.12 -13.35 -12.23
N GLY A 141 -3.60 -12.85 -11.13
CA GLY A 141 -4.29 -11.82 -10.38
C GLY A 141 -3.45 -10.57 -10.19
N LYS A 142 -2.39 -10.47 -10.99
CA LYS A 142 -1.56 -9.25 -11.05
C LYS A 142 -0.88 -8.97 -9.72
N ASN A 143 0.10 -9.80 -9.37
CA ASN A 143 0.83 -9.69 -8.10
C ASN A 143 1.75 -8.47 -8.11
N ARG A 144 1.67 -7.67 -9.16
CA ARG A 144 2.50 -6.48 -9.32
C ARG A 144 2.49 -5.58 -8.09
N LEU A 145 1.45 -5.69 -7.25
CA LEU A 145 1.40 -4.94 -6.00
C LEU A 145 2.60 -5.29 -5.11
N GLY A 146 2.89 -6.59 -5.00
CA GLY A 146 4.05 -7.03 -4.25
C GLY A 146 5.34 -6.53 -4.85
N TYR A 147 5.35 -6.38 -6.16
CA TYR A 147 6.51 -5.85 -6.86
C TYR A 147 6.68 -4.37 -6.57
N LEU A 148 5.55 -3.67 -6.48
CA LEU A 148 5.56 -2.26 -6.08
C LEU A 148 6.12 -2.12 -4.68
N LEU A 149 5.80 -3.09 -3.83
CA LEU A 149 6.34 -3.15 -2.49
C LEU A 149 7.85 -3.37 -2.55
N MET A 150 8.30 -4.20 -3.49
CA MET A 150 9.72 -4.45 -3.68
C MET A 150 10.43 -3.17 -4.12
N GLU A 151 9.82 -2.49 -5.09
CA GLU A 151 10.33 -1.22 -5.58
C GLU A 151 10.46 -0.21 -4.44
N LEU A 152 9.39 -0.06 -3.68
CA LEU A 152 9.39 0.88 -2.56
C LEU A 152 10.40 0.46 -1.49
N ARG A 153 10.37 -0.82 -1.13
CA ARG A 153 11.26 -1.36 -0.13
C ARG A 153 12.72 -1.14 -0.53
N GLU A 154 13.01 -1.32 -1.80
CA GLU A 154 14.36 -1.15 -2.31
C GLU A 154 14.84 0.27 -2.09
N GLN A 155 14.03 1.23 -2.55
CA GLN A 155 14.39 2.63 -2.50
C GLN A 155 14.51 3.13 -1.05
N LEU A 156 13.66 2.62 -0.17
CA LEU A 156 13.69 3.01 1.23
C LEU A 156 14.92 2.41 1.92
N ALA A 157 15.28 1.21 1.50
CA ALA A 157 16.47 0.55 2.04
C ALA A 157 17.72 1.26 1.59
N ILE A 158 17.82 1.55 0.30
CA ILE A 158 18.97 2.27 -0.25
C ILE A 158 19.08 3.66 0.37
N GLU A 159 17.95 4.30 0.60
CA GLU A 159 17.91 5.61 1.24
C GLU A 159 18.45 5.52 2.66
N LYS A 160 18.24 4.37 3.29
CA LYS A 160 18.69 4.11 4.65
C LYS A 160 20.17 3.67 4.65
N LEU A 161 20.68 3.35 3.47
CA LEU A 161 22.09 2.97 3.32
C LEU A 161 22.92 4.18 2.89
N GLU A 162 22.34 5.03 2.06
CA GLU A 162 23.03 6.19 1.52
C GLU A 162 23.50 7.12 2.62
N HIS A 163 22.68 7.25 3.67
CA HIS A 163 22.96 8.21 4.74
C HIS A 163 24.10 7.73 5.64
N HIS A 164 24.68 6.57 5.34
CA HIS A 164 25.81 6.05 6.11
C HIS A 164 26.99 7.02 6.00
N HIS A 165 27.09 7.68 4.86
CA HIS A 165 28.12 8.69 4.64
C HIS A 165 27.45 10.05 4.43
N HIS A 166 26.73 10.14 3.33
CA HIS A 166 26.08 11.38 2.91
C HIS A 166 24.79 11.61 3.69
N HIS A 167 24.88 12.43 4.74
CA HIS A 167 23.74 12.78 5.57
C HIS A 167 24.18 13.70 6.71
N HIS A 168 25.44 13.56 7.11
CA HIS A 168 25.98 14.38 8.19
C HIS A 168 26.75 15.55 7.58
N MET A 1 -2.73 0.04 20.25
CA MET A 1 -2.29 -1.04 19.34
C MET A 1 -0.89 -1.50 19.69
N PRO A 2 -0.77 -2.67 20.32
CA PRO A 2 0.54 -3.26 20.63
C PRO A 2 1.20 -3.82 19.39
N VAL A 3 2.06 -3.02 18.77
CA VAL A 3 2.68 -3.37 17.50
C VAL A 3 3.41 -4.71 17.56
N ARG A 4 2.90 -5.68 16.82
CA ARG A 4 3.56 -6.96 16.68
C ARG A 4 4.62 -6.86 15.60
N ALA A 5 5.81 -6.42 16.00
CA ALA A 5 6.89 -6.17 15.07
C ALA A 5 7.65 -7.45 14.76
N GLN A 6 7.07 -8.30 13.94
CA GLN A 6 7.73 -9.52 13.51
C GLN A 6 8.61 -9.23 12.31
N ARG A 7 9.81 -8.77 12.59
CA ARG A 7 10.77 -8.45 11.55
C ARG A 7 11.70 -9.63 11.32
N ILE A 8 11.48 -10.32 10.21
CA ILE A 8 12.16 -11.57 9.94
C ILE A 8 13.58 -11.34 9.43
N GLN A 9 14.51 -11.13 10.35
CA GLN A 9 15.92 -10.98 9.99
C GLN A 9 16.48 -12.32 9.54
N HIS A 10 15.80 -13.40 9.91
CA HIS A 10 16.23 -14.74 9.54
C HIS A 10 15.32 -15.32 8.47
N VAL A 11 15.41 -14.81 7.25
CA VAL A 11 14.73 -15.41 6.12
C VAL A 11 15.56 -16.56 5.57
N MET A 12 14.89 -17.55 5.02
CA MET A 12 15.56 -18.73 4.51
C MET A 12 16.43 -18.38 3.32
N GLN A 13 15.80 -18.25 2.17
CA GLN A 13 16.47 -17.79 0.96
C GLN A 13 15.43 -17.50 -0.11
N ASP A 14 14.85 -16.31 -0.03
CA ASP A 14 13.73 -15.92 -0.88
C ASP A 14 12.52 -16.82 -0.60
N THR A 15 11.59 -16.31 0.18
CA THR A 15 10.37 -17.05 0.46
C THR A 15 9.17 -16.24 0.01
N ILE A 16 8.11 -16.91 -0.43
CA ILE A 16 6.93 -16.22 -0.91
C ILE A 16 6.01 -15.87 0.25
N ILE A 17 6.00 -14.61 0.64
CA ILE A 17 5.15 -14.17 1.72
C ILE A 17 3.81 -13.73 1.17
N ASN A 18 2.88 -14.67 1.08
CA ASN A 18 1.52 -14.34 0.75
C ASN A 18 0.81 -13.93 2.04
N PHE A 19 0.65 -12.63 2.20
CA PHE A 19 0.15 -12.08 3.44
C PHE A 19 -1.33 -11.74 3.35
N TYR A 20 -2.06 -12.08 4.40
CA TYR A 20 -3.45 -11.74 4.53
C TYR A 20 -3.79 -11.59 6.00
N SER A 21 -5.04 -11.30 6.31
CA SER A 21 -5.49 -11.07 7.68
C SER A 21 -4.86 -9.80 8.25
N THR A 22 -5.57 -8.70 8.12
CA THR A 22 -5.09 -7.38 8.51
C THR A 22 -5.27 -7.17 10.03
N SER A 23 -5.75 -8.23 10.70
CA SER A 23 -6.08 -8.18 12.12
C SER A 23 -5.00 -7.52 12.98
N ASP A 24 -3.74 -7.90 12.78
CA ASP A 24 -2.66 -7.31 13.57
C ASP A 24 -1.70 -6.50 12.69
N ASP A 25 -0.64 -6.00 13.30
CA ASP A 25 0.28 -5.06 12.65
C ASP A 25 1.02 -5.72 11.48
N TYR A 26 1.19 -7.03 11.55
CA TYR A 26 1.89 -7.77 10.49
C TYR A 26 1.03 -7.80 9.22
N GLY A 27 -0.24 -7.48 9.38
CA GLY A 27 -1.16 -7.45 8.25
C GLY A 27 -1.15 -6.11 7.55
N ASP A 28 -0.35 -5.18 8.05
CA ASP A 28 -0.28 -3.82 7.48
C ASP A 28 0.13 -3.85 6.02
N PHE A 29 0.86 -4.90 5.62
CA PHE A 29 1.30 -5.04 4.24
C PHE A 29 0.14 -5.00 3.26
N SER A 30 -1.05 -5.39 3.73
CA SER A 30 -2.24 -5.35 2.91
C SER A 30 -2.67 -3.91 2.64
N ASN A 31 -3.14 -3.65 1.43
CA ASN A 31 -3.53 -2.31 1.00
C ASN A 31 -4.63 -1.75 1.91
N PHE A 32 -5.49 -2.65 2.39
CA PHE A 32 -6.67 -2.26 3.15
C PHE A 32 -6.35 -2.09 4.64
N ALA A 33 -5.07 -1.89 4.95
CA ALA A 33 -4.63 -1.69 6.34
C ALA A 33 -5.11 -0.34 6.86
N ALA A 34 -5.56 -0.33 8.11
CA ALA A 34 -6.15 0.85 8.73
C ALA A 34 -5.10 1.63 9.52
N TRP A 35 -4.12 2.15 8.81
CA TRP A 35 -3.12 3.02 9.40
C TRP A 35 -3.19 4.40 8.77
N PRO A 36 -3.39 5.45 9.60
CA PRO A 36 -3.52 6.83 9.12
C PRO A 36 -2.29 7.30 8.37
N ILE A 37 -2.50 7.81 7.17
CA ILE A 37 -1.41 8.32 6.35
C ILE A 37 -1.66 9.78 5.95
N LYS A 38 -0.59 10.57 5.93
CA LYS A 38 -0.68 11.95 5.51
C LYS A 38 -0.14 12.08 4.10
N VAL A 39 -1.01 11.89 3.13
CA VAL A 39 -0.60 11.85 1.74
C VAL A 39 -1.06 13.08 1.01
N ASP A 40 -0.13 13.72 0.29
CA ASP A 40 -0.44 14.87 -0.55
C ASP A 40 -0.92 16.04 0.31
N GLY A 41 -0.48 16.05 1.56
CA GLY A 41 -0.88 17.08 2.49
C GLY A 41 -2.29 16.86 3.02
N LYS A 42 -2.79 15.65 2.83
CA LYS A 42 -4.16 15.32 3.22
C LYS A 42 -4.16 14.09 4.13
N THR A 43 -5.10 14.02 5.05
CA THR A 43 -5.17 12.91 5.99
C THR A 43 -6.08 11.80 5.48
N TRP A 44 -5.56 10.58 5.42
CA TRP A 44 -6.34 9.44 4.97
C TRP A 44 -6.31 8.34 6.02
N PRO A 45 -7.47 7.75 6.34
CA PRO A 45 -7.57 6.65 7.31
C PRO A 45 -6.99 5.35 6.77
N THR A 46 -7.06 5.17 5.46
CA THR A 46 -6.59 3.96 4.81
C THR A 46 -6.00 4.29 3.44
N SER A 47 -5.34 3.31 2.83
CA SER A 47 -4.61 3.52 1.58
C SER A 47 -5.57 3.77 0.41
N GLU A 48 -6.63 2.97 0.30
CA GLU A 48 -7.52 3.04 -0.85
C GLU A 48 -8.30 4.36 -0.90
N HIS A 49 -8.32 5.10 0.22
CA HIS A 49 -8.93 6.41 0.23
C HIS A 49 -8.18 7.35 -0.71
N TYR A 50 -6.86 7.44 -0.56
CA TYR A 50 -6.07 8.30 -1.43
C TYR A 50 -6.11 7.75 -2.85
N PHE A 51 -6.10 6.43 -2.95
CA PHE A 51 -6.19 5.76 -4.25
C PHE A 51 -7.43 6.21 -5.00
N GLN A 52 -8.58 6.19 -4.32
CA GLN A 52 -9.85 6.61 -4.90
C GLN A 52 -9.89 8.12 -5.12
N ALA A 53 -9.30 8.86 -4.19
CA ALA A 53 -9.35 10.32 -4.23
C ALA A 53 -8.67 10.89 -5.46
N GLN A 54 -7.42 10.51 -5.68
CA GLN A 54 -6.66 11.01 -6.82
C GLN A 54 -7.16 10.35 -8.10
N LYS A 55 -7.70 9.16 -7.97
CA LYS A 55 -8.36 8.46 -9.07
C LYS A 55 -9.47 9.33 -9.64
N PHE A 56 -10.27 9.91 -8.76
CA PHE A 56 -11.33 10.82 -9.17
C PHE A 56 -10.73 12.17 -9.56
N LEU A 57 -11.02 12.61 -10.77
CA LEU A 57 -10.52 13.88 -11.25
C LEU A 57 -11.38 15.04 -10.73
N ASP A 58 -12.57 14.70 -10.24
CA ASP A 58 -13.48 15.70 -9.69
C ASP A 58 -13.02 16.10 -8.29
N GLU A 59 -12.85 17.39 -8.07
CA GLU A 59 -12.28 17.89 -6.83
C GLU A 59 -13.22 17.65 -5.65
N LYS A 60 -14.51 17.80 -5.87
CA LYS A 60 -15.48 17.67 -4.79
C LYS A 60 -15.85 16.23 -4.52
N TYR A 61 -15.73 15.36 -5.51
CA TYR A 61 -15.94 13.95 -5.25
C TYR A 61 -14.69 13.34 -4.64
N ARG A 62 -13.55 13.97 -4.88
CA ARG A 62 -12.34 13.65 -4.15
C ARG A 62 -12.50 14.11 -2.70
N GLU A 63 -13.20 15.23 -2.54
CA GLU A 63 -13.55 15.76 -1.23
C GLU A 63 -14.50 14.80 -0.52
N GLU A 64 -15.39 14.17 -1.29
CA GLU A 64 -16.27 13.12 -0.78
C GLU A 64 -15.44 11.96 -0.21
N ILE A 65 -14.39 11.59 -0.93
CA ILE A 65 -13.51 10.51 -0.50
C ILE A 65 -12.87 10.83 0.86
N ARG A 66 -12.53 12.09 1.07
CA ARG A 66 -12.00 12.52 2.37
C ARG A 66 -13.10 12.53 3.42
N ARG A 67 -14.32 12.82 2.98
CA ARG A 67 -15.47 12.95 3.88
C ARG A 67 -15.88 11.60 4.45
N VAL A 68 -15.59 10.54 3.71
CA VAL A 68 -15.90 9.20 4.17
C VAL A 68 -14.77 8.64 5.02
N SER A 69 -15.07 8.28 6.24
CA SER A 69 -14.11 7.60 7.10
C SER A 69 -14.13 6.12 6.79
N SER A 70 -15.15 5.69 6.06
CA SER A 70 -15.35 4.30 5.73
C SER A 70 -14.56 3.88 4.48
N PRO A 71 -13.61 2.95 4.63
CA PRO A 71 -12.78 2.47 3.53
C PRO A 71 -13.59 1.60 2.55
N MET A 72 -14.37 0.68 3.11
CA MET A 72 -15.15 -0.26 2.30
C MET A 72 -16.18 0.46 1.44
N VAL A 73 -16.69 1.57 1.95
CA VAL A 73 -17.66 2.37 1.19
C VAL A 73 -16.97 3.05 0.01
N ALA A 74 -15.79 3.59 0.27
CA ALA A 74 -15.00 4.27 -0.75
C ALA A 74 -14.58 3.28 -1.84
N ALA A 75 -14.22 2.07 -1.42
CA ALA A 75 -13.84 1.02 -2.34
C ALA A 75 -15.01 0.62 -3.24
N ARG A 76 -16.18 0.44 -2.63
CA ARG A 76 -17.37 0.04 -3.38
C ARG A 76 -17.76 1.09 -4.41
N MET A 77 -17.82 2.36 -4.00
CA MET A 77 -18.19 3.42 -4.94
C MET A 77 -17.01 3.73 -5.86
N GLY A 78 -15.84 3.19 -5.53
CA GLY A 78 -14.72 3.21 -6.44
C GLY A 78 -14.95 2.27 -7.62
N ARG A 79 -15.66 1.17 -7.37
CA ARG A 79 -16.04 0.24 -8.43
C ARG A 79 -17.44 0.53 -8.93
N ASP A 80 -17.99 1.66 -8.52
CA ASP A 80 -19.38 2.02 -8.84
C ASP A 80 -19.57 2.28 -10.33
N ARG A 81 -18.47 2.54 -11.03
CA ARG A 81 -18.45 2.77 -12.49
C ARG A 81 -19.02 4.13 -12.86
N SER A 82 -20.09 4.54 -12.21
CA SER A 82 -20.76 5.81 -12.49
C SER A 82 -20.07 6.98 -11.77
N LYS A 83 -18.75 6.87 -11.62
CA LYS A 83 -17.97 7.88 -10.93
C LYS A 83 -16.87 8.39 -11.86
N PRO A 84 -16.33 9.59 -11.58
CA PRO A 84 -15.27 10.19 -12.41
C PRO A 84 -14.01 9.31 -12.48
N LEU A 85 -13.85 8.63 -13.60
CA LEU A 85 -12.70 7.77 -13.81
C LEU A 85 -11.72 8.43 -14.78
N ARG A 86 -10.45 8.07 -14.69
CA ARG A 86 -9.44 8.63 -15.57
C ARG A 86 -9.14 7.68 -16.72
N LYS A 87 -9.04 8.23 -17.92
CA LYS A 87 -8.66 7.47 -19.10
C LYS A 87 -7.26 6.87 -18.94
N ASN A 88 -6.41 7.60 -18.25
CA ASN A 88 -5.02 7.20 -18.07
C ASN A 88 -4.82 6.45 -16.76
N TRP A 89 -5.92 6.09 -16.11
CA TRP A 89 -5.85 5.49 -14.78
C TRP A 89 -5.13 4.15 -14.81
N GLU A 90 -5.27 3.41 -15.91
CA GLU A 90 -4.64 2.10 -16.02
C GLU A 90 -3.11 2.24 -16.05
N SER A 91 -2.63 3.40 -16.45
CA SER A 91 -1.21 3.65 -16.53
C SER A 91 -0.67 4.25 -15.23
N VAL A 92 -1.38 5.25 -14.70
CA VAL A 92 -0.91 5.96 -13.51
C VAL A 92 -1.37 5.28 -12.23
N LYS A 93 -2.07 4.15 -12.37
CA LYS A 93 -2.58 3.39 -11.24
C LYS A 93 -1.45 3.02 -10.29
N GLU A 94 -0.41 2.40 -10.84
CA GLU A 94 0.75 2.00 -10.06
C GLU A 94 1.46 3.21 -9.45
N GLN A 95 1.46 4.31 -10.19
CA GLN A 95 2.15 5.52 -9.77
C GLN A 95 1.48 6.12 -8.54
N VAL A 96 0.16 6.31 -8.61
CA VAL A 96 -0.60 6.83 -7.48
C VAL A 96 -0.54 5.86 -6.31
N MET A 97 -0.65 4.58 -6.61
CA MET A 97 -0.59 3.53 -5.61
C MET A 97 0.74 3.59 -4.85
N ARG A 98 1.83 3.66 -5.60
CA ARG A 98 3.17 3.70 -5.02
C ARG A 98 3.36 4.95 -4.15
N LYS A 99 2.76 6.06 -4.57
CA LYS A 99 2.84 7.30 -3.82
C LYS A 99 2.17 7.15 -2.45
N ALA A 100 0.98 6.54 -2.47
CA ALA A 100 0.24 6.28 -1.25
C ALA A 100 1.00 5.29 -0.38
N LEU A 101 1.54 4.25 -1.01
CA LEU A 101 2.31 3.24 -0.29
C LEU A 101 3.55 3.84 0.36
N ARG A 102 4.16 4.81 -0.31
CA ARG A 102 5.35 5.44 0.22
C ARG A 102 5.03 6.14 1.53
N ALA A 103 3.97 6.94 1.53
CA ALA A 103 3.58 7.68 2.73
C ALA A 103 3.14 6.72 3.81
N LYS A 104 2.59 5.60 3.39
CA LYS A 104 2.15 4.54 4.29
C LYS A 104 3.30 4.02 5.13
N PHE A 105 4.33 3.50 4.47
CA PHE A 105 5.46 2.89 5.16
C PHE A 105 6.45 3.93 5.69
N GLU A 106 6.71 4.97 4.90
CA GLU A 106 7.75 5.93 5.25
C GLU A 106 7.33 6.79 6.45
N GLN A 107 6.05 7.14 6.53
CA GLN A 107 5.57 8.01 7.60
C GLN A 107 5.69 7.30 8.95
N HIS A 108 5.47 5.99 8.94
CA HIS A 108 5.55 5.21 10.17
C HIS A 108 6.79 4.32 10.12
N ALA A 109 7.85 4.75 10.83
CA ALA A 109 9.13 4.06 10.82
C ALA A 109 8.99 2.58 11.16
N GLU A 110 8.04 2.26 12.04
CA GLU A 110 7.77 0.87 12.42
C GLU A 110 7.42 0.04 11.19
N LEU A 111 6.56 0.59 10.35
CA LEU A 111 6.08 -0.11 9.16
C LEU A 111 7.17 -0.17 8.11
N ARG A 112 7.93 0.92 7.97
CA ARG A 112 9.02 0.97 7.00
C ARG A 112 10.07 -0.08 7.32
N ALA A 113 10.48 -0.13 8.58
CA ALA A 113 11.46 -1.13 9.02
C ALA A 113 10.90 -2.54 8.84
N LEU A 114 9.60 -2.67 9.05
CA LEU A 114 8.92 -3.96 8.85
C LEU A 114 9.02 -4.39 7.39
N LEU A 115 8.84 -3.43 6.49
CA LEU A 115 8.94 -3.69 5.05
C LEU A 115 10.36 -4.12 4.67
N LEU A 116 11.37 -3.38 5.12
CA LEU A 116 12.75 -3.70 4.78
C LEU A 116 13.20 -5.01 5.42
N ALA A 117 12.48 -5.46 6.44
CA ALA A 117 12.82 -6.68 7.15
C ALA A 117 12.22 -7.92 6.49
N THR A 118 11.69 -7.78 5.28
CA THR A 118 11.18 -8.92 4.54
C THR A 118 12.17 -9.36 3.47
N ALA A 119 12.99 -8.42 3.03
CA ALA A 119 13.99 -8.68 1.99
C ALA A 119 14.85 -9.90 2.30
N PRO A 120 15.11 -10.75 1.29
CA PRO A 120 14.66 -10.58 -0.08
C PRO A 120 13.41 -11.42 -0.41
N ALA A 121 12.57 -11.66 0.58
CA ALA A 121 11.38 -12.49 0.39
C ALA A 121 10.40 -11.82 -0.58
N LYS A 122 9.58 -12.64 -1.23
CA LYS A 122 8.58 -12.13 -2.17
C LYS A 122 7.37 -11.62 -1.42
N LEU A 123 6.89 -10.45 -1.80
CA LEU A 123 5.73 -9.85 -1.18
C LEU A 123 4.50 -10.04 -2.06
N VAL A 124 3.55 -10.83 -1.60
CA VAL A 124 2.35 -11.11 -2.37
C VAL A 124 1.10 -10.92 -1.52
N GLU A 125 0.26 -9.96 -1.87
CA GLU A 125 -1.01 -9.80 -1.19
C GLU A 125 -1.98 -10.84 -1.72
N HIS A 126 -2.35 -11.78 -0.87
CA HIS A 126 -3.23 -12.85 -1.29
C HIS A 126 -4.67 -12.44 -1.00
N THR A 127 -5.21 -11.58 -1.85
CA THR A 127 -6.59 -11.18 -1.70
C THR A 127 -7.48 -12.21 -2.37
N GLU A 128 -7.92 -13.18 -1.57
CA GLU A 128 -8.75 -14.25 -2.05
C GLU A 128 -10.18 -13.77 -2.17
N ASN A 129 -10.35 -12.73 -2.98
CA ASN A 129 -11.63 -12.08 -3.17
C ASN A 129 -11.76 -11.63 -4.62
N ASP A 130 -10.75 -10.91 -5.09
CA ASP A 130 -10.74 -10.40 -6.45
C ASP A 130 -9.30 -10.20 -6.94
N ALA A 131 -8.99 -10.75 -8.10
CA ALA A 131 -7.66 -10.64 -8.66
C ALA A 131 -7.42 -9.26 -9.26
N TYR A 132 -6.64 -8.42 -8.59
CA TYR A 132 -6.41 -7.06 -9.07
C TYR A 132 -5.04 -6.52 -8.63
N TRP A 133 -4.70 -6.70 -7.37
CA TRP A 133 -3.45 -6.16 -6.82
C TRP A 133 -2.60 -7.23 -6.14
N GLY A 134 -2.61 -8.45 -6.66
CA GLY A 134 -1.86 -9.49 -6.01
C GLY A 134 -1.82 -10.77 -6.80
N ASP A 135 -2.28 -11.86 -6.21
CA ASP A 135 -2.36 -13.12 -6.92
C ASP A 135 -3.81 -13.44 -7.23
N GLY A 136 -4.71 -12.76 -6.54
CA GLY A 136 -6.13 -12.94 -6.76
C GLY A 136 -6.61 -14.34 -6.40
N GLY A 137 -5.81 -15.03 -5.59
CA GLY A 137 -6.15 -16.38 -5.18
C GLY A 137 -5.70 -17.44 -6.17
N HIS A 138 -4.88 -17.06 -7.15
CA HIS A 138 -4.42 -18.02 -8.16
C HIS A 138 -3.20 -17.50 -8.94
N GLY A 139 -2.45 -16.58 -8.33
CA GLY A 139 -1.23 -16.09 -8.97
C GLY A 139 -1.48 -15.00 -10.01
N LYS A 140 -2.40 -15.26 -10.93
CA LYS A 140 -2.68 -14.36 -12.04
C LYS A 140 -3.61 -13.23 -11.58
N GLY A 141 -3.12 -12.48 -10.62
CA GLY A 141 -3.90 -11.37 -10.07
C GLY A 141 -3.17 -10.04 -10.11
N LYS A 142 -2.08 -9.98 -10.90
CA LYS A 142 -1.27 -8.76 -11.02
C LYS A 142 -0.47 -8.51 -9.74
N ASN A 143 0.62 -9.24 -9.60
CA ASN A 143 1.48 -9.18 -8.42
C ASN A 143 2.27 -7.85 -8.37
N ARG A 144 1.98 -6.97 -9.31
CA ARG A 144 2.69 -5.69 -9.42
C ARG A 144 2.66 -4.90 -8.12
N LEU A 145 1.60 -5.06 -7.33
CA LEU A 145 1.52 -4.38 -6.04
C LEU A 145 2.66 -4.81 -5.13
N GLY A 146 2.85 -6.11 -5.00
CA GLY A 146 3.93 -6.65 -4.20
C GLY A 146 5.28 -6.22 -4.73
N TYR A 147 5.38 -6.06 -6.06
CA TYR A 147 6.63 -5.60 -6.64
C TYR A 147 6.85 -4.11 -6.36
N LEU A 148 5.76 -3.34 -6.35
CA LEU A 148 5.84 -1.93 -5.97
C LEU A 148 6.37 -1.82 -4.55
N LEU A 149 5.94 -2.76 -3.72
CA LEU A 149 6.43 -2.85 -2.35
C LEU A 149 7.93 -3.18 -2.34
N MET A 150 8.36 -4.06 -3.23
CA MET A 150 9.77 -4.42 -3.35
C MET A 150 10.58 -3.20 -3.80
N GLU A 151 10.10 -2.57 -4.87
CA GLU A 151 10.77 -1.42 -5.45
C GLU A 151 10.85 -0.29 -4.42
N LEU A 152 9.75 -0.08 -3.71
CA LEU A 152 9.69 0.93 -2.67
C LEU A 152 10.63 0.58 -1.53
N ARG A 153 10.68 -0.70 -1.17
CA ARG A 153 11.57 -1.17 -0.12
C ARG A 153 13.02 -0.82 -0.44
N GLU A 154 13.42 -1.03 -1.69
CA GLU A 154 14.78 -0.73 -2.10
C GLU A 154 14.99 0.77 -2.18
N GLN A 155 13.96 1.50 -2.61
CA GLN A 155 14.00 2.95 -2.66
C GLN A 155 14.21 3.52 -1.26
N LEU A 156 13.50 2.97 -0.29
CA LEU A 156 13.62 3.40 1.09
C LEU A 156 14.95 2.95 1.68
N ALA A 157 15.47 1.84 1.19
CA ALA A 157 16.78 1.34 1.60
C ALA A 157 17.86 2.34 1.21
N ILE A 158 17.72 2.94 0.03
CA ILE A 158 18.64 3.96 -0.45
C ILE A 158 18.71 5.12 0.53
N GLU A 159 17.55 5.54 1.02
CA GLU A 159 17.47 6.62 2.00
C GLU A 159 18.21 6.21 3.28
N LYS A 160 18.05 4.95 3.66
CA LYS A 160 18.67 4.42 4.87
C LYS A 160 20.18 4.26 4.69
N LEU A 161 20.61 4.15 3.44
CA LEU A 161 22.03 4.02 3.12
C LEU A 161 22.73 5.37 3.16
N GLU A 162 22.06 6.40 2.67
CA GLU A 162 22.61 7.76 2.71
C GLU A 162 22.30 8.42 4.04
N HIS A 163 21.31 7.88 4.74
CA HIS A 163 20.88 8.37 6.05
C HIS A 163 20.31 9.78 5.95
N HIS A 164 20.00 10.20 4.73
CA HIS A 164 19.49 11.55 4.51
C HIS A 164 18.05 11.67 5.00
N HIS A 165 17.80 12.64 5.85
CA HIS A 165 16.48 12.83 6.44
C HIS A 165 15.69 13.89 5.68
N HIS A 166 14.38 13.83 5.81
CA HIS A 166 13.49 14.75 5.10
C HIS A 166 12.20 14.94 5.89
N HIS A 167 11.44 15.98 5.56
CA HIS A 167 10.23 16.29 6.30
C HIS A 167 9.01 15.58 5.70
N HIS A 168 8.97 15.51 4.38
CA HIS A 168 7.86 14.86 3.69
C HIS A 168 8.40 13.94 2.61
N MET A 1 0.64 -4.16 23.21
CA MET A 1 1.01 -4.10 21.78
C MET A 1 -0.21 -3.78 20.91
N PRO A 2 -0.29 -2.53 20.42
CA PRO A 2 -1.35 -2.10 19.50
C PRO A 2 -1.16 -2.70 18.11
N VAL A 3 0.09 -2.86 17.71
CA VAL A 3 0.41 -3.43 16.42
C VAL A 3 1.58 -4.42 16.55
N ARG A 4 1.46 -5.57 15.90
CA ARG A 4 2.55 -6.54 15.87
C ARG A 4 3.49 -6.23 14.70
N ALA A 5 4.48 -5.39 14.96
CA ALA A 5 5.41 -4.99 13.92
C ALA A 5 6.63 -5.89 13.88
N GLN A 6 7.44 -5.84 14.93
CA GLN A 6 8.66 -6.63 14.99
C GLN A 6 8.31 -8.11 15.16
N ARG A 7 8.52 -8.87 14.09
CA ARG A 7 8.24 -10.30 14.12
C ARG A 7 9.32 -11.08 13.36
N ILE A 8 10.23 -10.36 12.71
CA ILE A 8 11.24 -11.00 11.89
C ILE A 8 12.61 -10.90 12.55
N GLN A 9 13.02 -11.98 13.19
CA GLN A 9 14.32 -12.03 13.82
C GLN A 9 15.39 -12.38 12.80
N HIS A 10 15.04 -13.23 11.84
CA HIS A 10 15.96 -13.64 10.80
C HIS A 10 15.24 -14.46 9.75
N VAL A 11 15.26 -14.01 8.50
CA VAL A 11 14.67 -14.77 7.41
C VAL A 11 15.52 -16.00 7.08
N MET A 12 14.87 -17.13 6.90
CA MET A 12 15.54 -18.40 6.64
C MET A 12 15.99 -18.53 5.19
N GLN A 13 15.97 -17.40 4.47
CA GLN A 13 16.37 -17.33 3.06
C GLN A 13 15.36 -18.05 2.16
N ASP A 14 15.37 -17.71 0.86
CA ASP A 14 14.42 -18.27 -0.11
C ASP A 14 12.99 -18.12 0.39
N THR A 15 12.76 -17.08 1.18
CA THR A 15 11.49 -16.88 1.81
C THR A 15 10.52 -16.11 0.91
N ILE A 16 9.37 -16.69 0.67
CA ILE A 16 8.29 -15.99 0.00
C ILE A 16 7.17 -15.75 0.99
N ILE A 17 6.91 -14.50 1.29
CA ILE A 17 5.92 -14.15 2.29
C ILE A 17 4.56 -14.01 1.65
N ASN A 18 3.71 -15.00 1.88
CA ASN A 18 2.38 -15.03 1.31
C ASN A 18 1.35 -14.73 2.38
N PHE A 19 0.49 -13.76 2.13
CA PHE A 19 -0.52 -13.36 3.09
C PHE A 19 -1.91 -13.33 2.46
N TYR A 20 -2.90 -12.88 3.23
CA TYR A 20 -4.28 -12.86 2.78
C TYR A 20 -5.00 -11.62 3.27
N SER A 21 -5.21 -10.67 2.36
CA SER A 21 -5.96 -9.43 2.63
C SER A 21 -5.43 -8.68 3.85
N THR A 22 -6.20 -7.73 4.35
CA THR A 22 -5.81 -6.96 5.52
C THR A 22 -6.15 -7.74 6.79
N SER A 23 -7.42 -8.06 6.95
CA SER A 23 -7.90 -8.87 8.07
C SER A 23 -7.56 -8.22 9.42
N ASP A 24 -6.45 -8.65 10.02
CA ASP A 24 -6.10 -8.19 11.36
C ASP A 24 -4.59 -8.03 11.52
N ASP A 25 -3.88 -9.17 11.49
CA ASP A 25 -2.49 -9.23 11.93
C ASP A 25 -1.50 -8.75 10.86
N TYR A 26 -1.20 -9.63 9.91
CA TYR A 26 -0.13 -9.37 8.94
C TYR A 26 -0.66 -8.62 7.72
N GLY A 27 -1.94 -8.35 7.70
CA GLY A 27 -2.58 -7.73 6.56
C GLY A 27 -2.15 -6.30 6.30
N ASP A 28 -1.26 -5.77 7.13
CA ASP A 28 -0.75 -4.41 6.97
C ASP A 28 -0.24 -4.16 5.55
N PHE A 29 0.29 -5.20 4.92
CA PHE A 29 0.89 -5.08 3.60
C PHE A 29 -0.16 -4.88 2.51
N SER A 30 -1.43 -5.10 2.83
CA SER A 30 -2.49 -4.86 1.86
C SER A 30 -2.76 -3.37 1.74
N ASN A 31 -2.72 -2.88 0.50
CA ASN A 31 -2.87 -1.45 0.20
C ASN A 31 -4.11 -0.83 0.84
N PHE A 32 -5.09 -1.66 1.16
CA PHE A 32 -6.27 -1.21 1.88
C PHE A 32 -5.87 -0.69 3.27
N ALA A 33 -5.31 -1.61 4.07
CA ALA A 33 -4.91 -1.36 5.46
C ALA A 33 -5.81 -0.34 6.19
N ALA A 34 -5.20 0.39 7.13
CA ALA A 34 -5.90 1.43 7.87
C ALA A 34 -4.90 2.32 8.63
N TRP A 35 -4.09 3.05 7.87
CA TRP A 35 -3.09 3.92 8.47
C TRP A 35 -3.15 5.31 7.86
N PRO A 36 -3.38 6.34 8.68
CA PRO A 36 -3.44 7.73 8.23
C PRO A 36 -2.15 8.18 7.56
N ILE A 37 -2.29 8.70 6.35
CA ILE A 37 -1.15 9.19 5.59
C ILE A 37 -1.33 10.68 5.28
N LYS A 38 -0.23 11.36 5.02
CA LYS A 38 -0.26 12.79 4.76
C LYS A 38 0.28 13.08 3.36
N VAL A 39 -0.64 13.21 2.40
CA VAL A 39 -0.27 13.41 1.01
C VAL A 39 -1.07 14.57 0.44
N ASP A 40 -0.42 15.37 -0.42
CA ASP A 40 -1.04 16.53 -1.05
C ASP A 40 -1.35 17.59 0.02
N GLY A 41 -0.71 17.44 1.17
CA GLY A 41 -1.00 18.29 2.30
C GLY A 41 -2.34 17.96 2.91
N LYS A 42 -2.81 16.74 2.67
CA LYS A 42 -4.12 16.32 3.13
C LYS A 42 -3.99 15.11 4.02
N THR A 43 -4.89 14.97 4.98
CA THR A 43 -4.89 13.83 5.88
C THR A 43 -5.82 12.74 5.36
N TRP A 44 -5.25 11.62 4.98
CA TRP A 44 -6.02 10.49 4.47
C TRP A 44 -6.00 9.35 5.48
N PRO A 45 -7.17 8.89 5.93
CA PRO A 45 -7.28 7.83 6.94
C PRO A 45 -6.61 6.51 6.53
N THR A 46 -6.24 6.39 5.26
CA THR A 46 -5.49 5.24 4.76
C THR A 46 -5.28 5.39 3.25
N SER A 47 -4.44 4.52 2.69
CA SER A 47 -4.05 4.60 1.30
C SER A 47 -5.26 4.49 0.35
N GLU A 48 -6.19 3.59 0.69
CA GLU A 48 -7.43 3.43 -0.08
C GLU A 48 -8.10 4.78 -0.36
N HIS A 49 -8.15 5.65 0.64
CA HIS A 49 -8.83 6.94 0.49
C HIS A 49 -8.14 7.82 -0.56
N TYR A 50 -6.81 7.83 -0.54
CA TYR A 50 -6.06 8.63 -1.50
C TYR A 50 -6.18 8.03 -2.89
N PHE A 51 -6.07 6.71 -2.96
CA PHE A 51 -6.20 5.98 -4.22
C PHE A 51 -7.59 6.19 -4.82
N GLN A 52 -8.59 6.14 -3.95
CA GLN A 52 -9.97 6.31 -4.38
C GLN A 52 -10.23 7.74 -4.83
N ALA A 53 -9.76 8.70 -4.05
CA ALA A 53 -9.98 10.11 -4.32
C ALA A 53 -9.28 10.54 -5.61
N GLN A 54 -8.01 10.17 -5.76
CA GLN A 54 -7.23 10.57 -6.92
C GLN A 54 -7.62 9.76 -8.15
N LYS A 55 -8.35 8.67 -7.95
CA LYS A 55 -8.94 7.92 -9.05
C LYS A 55 -9.86 8.82 -9.88
N PHE A 56 -10.51 9.75 -9.21
CA PHE A 56 -11.48 10.63 -9.86
C PHE A 56 -10.93 12.03 -10.01
N LEU A 57 -11.60 12.84 -10.82
CA LEU A 57 -11.13 14.20 -11.10
C LEU A 57 -12.14 15.23 -10.56
N ASP A 58 -13.08 14.77 -9.76
CA ASP A 58 -14.08 15.66 -9.18
C ASP A 58 -13.68 16.06 -7.78
N GLU A 59 -13.57 17.36 -7.54
CA GLU A 59 -13.07 17.89 -6.28
C GLU A 59 -14.02 17.60 -5.12
N LYS A 60 -15.32 17.72 -5.37
CA LYS A 60 -16.32 17.44 -4.34
C LYS A 60 -16.21 16.00 -3.87
N TYR A 61 -16.26 15.08 -4.82
CA TYR A 61 -16.21 13.66 -4.52
C TYR A 61 -14.86 13.28 -3.93
N ARG A 62 -13.81 13.96 -4.37
CA ARG A 62 -12.46 13.71 -3.87
C ARG A 62 -12.41 13.98 -2.37
N GLU A 63 -12.91 15.12 -1.96
CA GLU A 63 -12.88 15.51 -0.55
C GLU A 63 -14.00 14.78 0.21
N GLU A 64 -14.94 14.22 -0.53
CA GLU A 64 -16.01 13.43 0.06
C GLU A 64 -15.46 12.07 0.48
N ILE A 65 -14.59 11.52 -0.36
CA ILE A 65 -13.89 10.28 -0.04
C ILE A 65 -12.85 10.53 1.06
N ARG A 66 -12.39 11.77 1.15
CA ARG A 66 -11.49 12.16 2.23
C ARG A 66 -12.27 12.35 3.53
N ARG A 67 -13.57 12.59 3.38
CA ARG A 67 -14.44 12.86 4.52
C ARG A 67 -14.85 11.57 5.21
N VAL A 68 -14.94 10.49 4.44
CA VAL A 68 -15.35 9.20 5.00
C VAL A 68 -14.22 8.57 5.79
N SER A 69 -14.51 8.21 7.03
CA SER A 69 -13.52 7.61 7.90
C SER A 69 -13.26 6.16 7.49
N SER A 70 -14.33 5.45 7.16
CA SER A 70 -14.22 4.05 6.76
C SER A 70 -13.55 3.92 5.40
N PRO A 71 -12.54 3.06 5.30
CA PRO A 71 -11.89 2.75 4.02
C PRO A 71 -12.78 1.88 3.15
N MET A 72 -13.66 1.12 3.78
CA MET A 72 -14.53 0.20 3.07
C MET A 72 -15.58 0.97 2.27
N VAL A 73 -16.15 1.99 2.90
CA VAL A 73 -17.12 2.84 2.23
C VAL A 73 -16.46 3.58 1.06
N ALA A 74 -15.18 3.91 1.22
CA ALA A 74 -14.42 4.56 0.16
C ALA A 74 -14.29 3.65 -1.04
N ALA A 75 -13.89 2.40 -0.79
CA ALA A 75 -13.78 1.40 -1.85
C ALA A 75 -15.13 1.17 -2.51
N ARG A 76 -16.19 1.20 -1.70
CA ARG A 76 -17.55 1.04 -2.18
C ARG A 76 -17.92 2.16 -3.16
N MET A 77 -17.39 3.35 -2.91
CA MET A 77 -17.66 4.51 -3.75
C MET A 77 -17.09 4.33 -5.16
N GLY A 78 -15.82 3.96 -5.22
CA GLY A 78 -15.16 3.88 -6.52
C GLY A 78 -15.17 2.50 -7.13
N ARG A 79 -15.86 1.57 -6.48
CA ARG A 79 -15.96 0.21 -6.99
C ARG A 79 -16.85 0.15 -8.24
N ASP A 80 -17.77 1.11 -8.37
CA ASP A 80 -18.62 1.17 -9.54
C ASP A 80 -18.09 2.20 -10.52
N ARG A 81 -17.99 1.82 -11.78
CA ARG A 81 -17.34 2.64 -12.78
C ARG A 81 -18.37 3.38 -13.64
N SER A 82 -19.52 3.67 -13.06
CA SER A 82 -20.54 4.47 -13.73
C SER A 82 -20.20 5.96 -13.58
N LYS A 83 -18.95 6.23 -13.26
CA LYS A 83 -18.44 7.58 -13.10
C LYS A 83 -17.94 8.11 -14.45
N PRO A 84 -17.63 9.41 -14.54
CA PRO A 84 -16.95 9.98 -15.72
C PRO A 84 -15.59 9.33 -15.96
N LEU A 85 -14.96 8.88 -14.86
CA LEU A 85 -13.70 8.15 -14.89
C LEU A 85 -12.53 9.04 -15.34
N ARG A 86 -11.37 8.43 -15.51
CA ARG A 86 -10.16 9.16 -15.86
C ARG A 86 -9.43 8.44 -16.99
N LYS A 87 -8.85 9.21 -17.90
CA LYS A 87 -8.21 8.66 -19.10
C LYS A 87 -6.99 7.81 -18.72
N ASN A 88 -5.94 8.45 -18.23
CA ASN A 88 -4.68 7.78 -17.97
C ASN A 88 -4.70 7.05 -16.62
N TRP A 89 -5.90 6.67 -16.18
CA TRP A 89 -6.04 5.92 -14.95
C TRP A 89 -5.29 4.60 -15.05
N GLU A 90 -5.28 4.05 -16.26
CA GLU A 90 -4.64 2.76 -16.53
C GLU A 90 -3.17 2.74 -16.12
N SER A 91 -2.48 3.86 -16.27
CA SER A 91 -1.04 3.89 -16.03
C SER A 91 -0.70 4.48 -14.65
N VAL A 92 -1.70 5.03 -13.96
CA VAL A 92 -1.43 5.70 -12.68
C VAL A 92 -1.95 4.90 -11.48
N LYS A 93 -2.53 3.73 -11.74
CA LYS A 93 -3.04 2.88 -10.66
C LYS A 93 -1.94 2.59 -9.64
N GLU A 94 -0.86 2.02 -10.13
CA GLU A 94 0.28 1.66 -9.30
C GLU A 94 1.13 2.88 -8.96
N GLN A 95 0.91 3.97 -9.70
CA GLN A 95 1.61 5.23 -9.43
C GLN A 95 1.06 5.86 -8.17
N VAL A 96 -0.27 6.02 -8.13
CA VAL A 96 -0.95 6.57 -6.96
C VAL A 96 -0.66 5.70 -5.74
N MET A 97 -0.67 4.39 -5.95
CA MET A 97 -0.33 3.43 -4.90
C MET A 97 1.09 3.64 -4.41
N ARG A 98 2.00 3.94 -5.33
CA ARG A 98 3.41 4.13 -4.96
C ARG A 98 3.58 5.30 -3.99
N LYS A 99 2.81 6.36 -4.19
CA LYS A 99 2.84 7.50 -3.27
C LYS A 99 2.18 7.13 -1.94
N ALA A 100 1.00 6.53 -2.03
CA ALA A 100 0.22 6.18 -0.83
C ALA A 100 0.97 5.17 0.03
N LEU A 101 1.57 4.18 -0.61
CA LEU A 101 2.31 3.15 0.11
C LEU A 101 3.55 3.72 0.76
N ARG A 102 4.24 4.64 0.07
CA ARG A 102 5.42 5.25 0.65
C ARG A 102 5.06 6.04 1.89
N ALA A 103 4.02 6.85 1.79
CA ALA A 103 3.56 7.62 2.93
C ALA A 103 3.16 6.70 4.07
N LYS A 104 2.56 5.57 3.72
CA LYS A 104 2.15 4.58 4.71
C LYS A 104 3.36 4.02 5.46
N PHE A 105 4.36 3.55 4.73
CA PHE A 105 5.50 2.88 5.34
C PHE A 105 6.54 3.87 5.87
N GLU A 106 6.83 4.93 5.12
CA GLU A 106 7.90 5.84 5.50
C GLU A 106 7.47 6.73 6.66
N GLN A 107 6.23 7.20 6.64
CA GLN A 107 5.74 8.10 7.68
C GLN A 107 5.48 7.33 8.98
N HIS A 108 5.11 6.06 8.85
CA HIS A 108 4.93 5.20 10.02
C HIS A 108 6.16 4.32 10.16
N ALA A 109 7.07 4.74 11.03
CA ALA A 109 8.39 4.11 11.16
C ALA A 109 8.31 2.61 11.44
N GLU A 110 7.30 2.20 12.22
CA GLU A 110 7.16 0.78 12.56
C GLU A 110 6.80 -0.04 11.34
N LEU A 111 6.06 0.55 10.41
CA LEU A 111 5.70 -0.13 9.17
C LEU A 111 6.92 -0.18 8.25
N ARG A 112 7.70 0.88 8.26
CA ARG A 112 8.93 0.94 7.48
C ARG A 112 9.86 -0.19 7.88
N ALA A 113 10.08 -0.32 9.18
CA ALA A 113 10.95 -1.35 9.70
C ALA A 113 10.41 -2.74 9.39
N LEU A 114 9.10 -2.89 9.49
CA LEU A 114 8.44 -4.15 9.15
C LEU A 114 8.71 -4.52 7.70
N LEU A 115 8.50 -3.57 6.80
CA LEU A 115 8.73 -3.78 5.38
C LEU A 115 10.20 -4.08 5.11
N LEU A 116 11.10 -3.39 5.80
CA LEU A 116 12.52 -3.56 5.60
C LEU A 116 13.04 -4.85 6.26
N ALA A 117 12.23 -5.43 7.14
CA ALA A 117 12.63 -6.66 7.82
C ALA A 117 12.35 -7.88 6.96
N THR A 118 11.50 -7.72 5.96
CA THR A 118 11.15 -8.83 5.09
C THR A 118 12.31 -9.18 4.16
N ALA A 119 13.06 -8.17 3.74
CA ALA A 119 14.20 -8.36 2.85
C ALA A 119 15.14 -9.46 3.35
N PRO A 120 15.64 -10.32 2.45
CA PRO A 120 15.39 -10.24 1.01
C PRO A 120 14.25 -11.14 0.53
N ALA A 121 13.28 -11.39 1.41
CA ALA A 121 12.15 -12.26 1.08
C ALA A 121 11.26 -11.63 0.01
N LYS A 122 10.57 -12.47 -0.74
CA LYS A 122 9.72 -12.02 -1.83
C LYS A 122 8.28 -11.82 -1.33
N LEU A 123 7.68 -10.71 -1.71
CA LEU A 123 6.33 -10.39 -1.26
C LEU A 123 5.28 -10.77 -2.31
N VAL A 124 4.51 -11.81 -2.02
CA VAL A 124 3.50 -12.31 -2.95
C VAL A 124 2.23 -12.68 -2.20
N GLU A 125 1.10 -12.08 -2.56
CA GLU A 125 -0.17 -12.44 -1.95
C GLU A 125 -0.97 -13.36 -2.86
N HIS A 126 -1.24 -14.57 -2.39
CA HIS A 126 -2.11 -15.49 -3.11
C HIS A 126 -3.54 -15.27 -2.64
N THR A 127 -4.19 -14.27 -3.19
CA THR A 127 -5.55 -13.95 -2.81
C THR A 127 -6.48 -14.03 -4.02
N GLU A 128 -7.69 -14.50 -3.79
CA GLU A 128 -8.70 -14.55 -4.83
C GLU A 128 -9.90 -13.67 -4.45
N ASN A 129 -9.73 -12.91 -3.37
CA ASN A 129 -10.75 -11.97 -2.94
C ASN A 129 -10.97 -10.92 -4.02
N ASP A 130 -9.89 -10.60 -4.72
CA ASP A 130 -9.93 -9.72 -5.87
C ASP A 130 -8.74 -10.04 -6.74
N ALA A 131 -8.96 -10.48 -7.97
CA ALA A 131 -7.87 -10.89 -8.83
C ALA A 131 -7.19 -9.67 -9.47
N TYR A 132 -6.26 -9.10 -8.72
CA TYR A 132 -5.39 -8.03 -9.17
C TYR A 132 -4.48 -7.64 -8.01
N TRP A 133 -3.30 -7.11 -8.34
CA TRP A 133 -2.29 -6.69 -7.36
C TRP A 133 -1.52 -7.89 -6.80
N GLY A 134 -2.07 -9.08 -6.95
CA GLY A 134 -1.44 -10.25 -6.35
C GLY A 134 -1.46 -11.44 -7.27
N ASP A 135 -1.44 -12.63 -6.69
CA ASP A 135 -1.49 -13.86 -7.46
C ASP A 135 -2.83 -14.01 -8.18
N GLY A 136 -3.86 -13.38 -7.62
CA GLY A 136 -5.18 -13.43 -8.23
C GLY A 136 -5.84 -14.79 -8.07
N GLY A 137 -5.22 -15.64 -7.28
CA GLY A 137 -5.77 -16.95 -7.00
C GLY A 137 -5.33 -18.00 -8.02
N HIS A 138 -4.72 -17.56 -9.11
CA HIS A 138 -4.38 -18.48 -10.19
C HIS A 138 -3.29 -17.90 -11.10
N GLY A 139 -2.41 -17.08 -10.54
CA GLY A 139 -1.30 -16.53 -11.30
C GLY A 139 -1.68 -15.27 -12.08
N LYS A 140 -2.77 -15.36 -12.84
CA LYS A 140 -3.26 -14.24 -13.65
C LYS A 140 -3.95 -13.17 -12.80
N GLY A 141 -3.24 -12.68 -11.80
CA GLY A 141 -3.77 -11.63 -10.96
C GLY A 141 -2.87 -10.40 -10.91
N LYS A 142 -1.70 -10.48 -11.56
CA LYS A 142 -0.75 -9.37 -11.60
C LYS A 142 -0.27 -8.98 -10.18
N ASN A 143 0.75 -9.70 -9.71
CA ASN A 143 1.34 -9.51 -8.38
C ASN A 143 2.07 -8.18 -8.27
N ARG A 144 1.96 -7.37 -9.32
CA ARG A 144 2.51 -6.00 -9.39
C ARG A 144 2.52 -5.27 -8.02
N LEU A 145 1.55 -5.57 -7.16
CA LEU A 145 1.48 -4.91 -5.85
C LEU A 145 2.65 -5.33 -4.96
N GLY A 146 2.87 -6.63 -4.86
CA GLY A 146 3.98 -7.14 -4.10
C GLY A 146 5.29 -6.66 -4.65
N TYR A 147 5.34 -6.48 -5.97
CA TYR A 147 6.51 -5.94 -6.63
C TYR A 147 6.67 -4.46 -6.27
N LEU A 148 5.55 -3.74 -6.27
CA LEU A 148 5.52 -2.34 -5.85
C LEU A 148 6.06 -2.22 -4.44
N LEU A 149 5.55 -3.08 -3.55
CA LEU A 149 5.99 -3.11 -2.17
C LEU A 149 7.48 -3.39 -2.08
N MET A 150 7.96 -4.33 -2.90
CA MET A 150 9.38 -4.68 -2.90
C MET A 150 10.24 -3.54 -3.44
N GLU A 151 9.73 -2.84 -4.46
CA GLU A 151 10.43 -1.67 -4.99
C GLU A 151 10.58 -0.61 -3.90
N LEU A 152 9.46 -0.28 -3.25
CA LEU A 152 9.45 0.69 -2.17
C LEU A 152 10.36 0.23 -1.04
N ARG A 153 10.26 -1.05 -0.72
CA ARG A 153 11.07 -1.70 0.29
C ARG A 153 12.56 -1.43 0.07
N GLU A 154 13.06 -1.79 -1.10
CA GLU A 154 14.47 -1.62 -1.41
C GLU A 154 14.81 -0.15 -1.63
N GLN A 155 13.80 0.64 -1.99
CA GLN A 155 13.97 2.08 -2.13
C GLN A 155 14.19 2.71 -0.75
N LEU A 156 13.48 2.23 0.25
CA LEU A 156 13.63 2.74 1.62
C LEU A 156 15.00 2.38 2.16
N ALA A 157 15.51 1.23 1.71
CA ALA A 157 16.85 0.82 2.07
C ALA A 157 17.88 1.74 1.43
N ILE A 158 17.70 2.05 0.15
CA ILE A 158 18.60 2.94 -0.57
C ILE A 158 18.51 4.37 -0.01
N GLU A 159 17.31 4.76 0.43
CA GLU A 159 17.12 6.06 1.08
C GLU A 159 17.99 6.15 2.33
N LYS A 160 18.17 5.01 3.01
CA LYS A 160 18.99 4.96 4.21
C LYS A 160 20.47 4.92 3.85
N LEU A 161 20.76 4.55 2.60
CA LEU A 161 22.14 4.53 2.12
C LEU A 161 22.61 5.93 1.77
N GLU A 162 21.65 6.80 1.45
CA GLU A 162 21.94 8.18 1.14
C GLU A 162 22.06 9.03 2.40
N HIS A 163 22.12 8.37 3.55
CA HIS A 163 22.39 9.05 4.82
C HIS A 163 23.76 9.71 4.77
N HIS A 164 23.77 10.97 4.40
CA HIS A 164 25.02 11.69 4.20
C HIS A 164 25.28 12.63 5.37
N HIS A 165 25.01 12.13 6.57
CA HIS A 165 25.18 12.91 7.80
C HIS A 165 26.66 12.97 8.20
N HIS A 166 27.54 12.60 7.26
CA HIS A 166 28.98 12.60 7.49
C HIS A 166 29.36 11.51 8.49
N HIS A 167 30.64 11.54 8.89
CA HIS A 167 31.13 10.66 9.93
C HIS A 167 32.20 11.40 10.74
N HIS A 168 31.81 11.84 11.92
CA HIS A 168 32.66 12.67 12.74
C HIS A 168 32.63 12.18 14.18
#